data_1WIX
#
_entry.id   1WIX
#
_entity_poly.entity_id   1
_entity_poly.type   'polypeptide(L)'
_entity_poly.pdbx_seq_one_letter_code
;GSSGSSGLPLCDSLIIWLQTFKTASPCQDVKQLTNGVTMAQVLHQIDVAWFSESWLSRIKDDVGDNWRIKASNLKKVLHG
ITSYYHEFLGQQISEELIPDLNQITECADPVELGRLLQLILGCAVNCEKKQEHIKNIMTLEESVQHVVMTAIQELMSKSG
PSSG
;
_entity_poly.pdbx_strand_id   A
#
# COMPACT_ATOMS: atom_id res chain seq x y z
N GLY A 1 -0.29 23.15 4.33
CA GLY A 1 -1.41 22.22 4.21
C GLY A 1 -2.50 22.49 5.22
N SER A 2 -3.46 21.58 5.30
CA SER A 2 -4.58 21.73 6.23
C SER A 2 -5.11 20.37 6.67
N SER A 3 -5.95 20.37 7.70
CA SER A 3 -6.53 19.13 8.21
C SER A 3 -7.91 18.89 7.60
N GLY A 4 -8.14 17.66 7.15
CA GLY A 4 -9.42 17.32 6.54
C GLY A 4 -9.39 15.98 5.85
N SER A 5 -10.52 15.27 5.90
CA SER A 5 -10.62 13.95 5.28
C SER A 5 -11.27 14.05 3.89
N SER A 6 -11.10 13.00 3.10
CA SER A 6 -11.66 12.97 1.75
C SER A 6 -11.52 11.58 1.14
N GLY A 7 -12.63 11.06 0.60
CA GLY A 7 -12.61 9.75 0.00
C GLY A 7 -13.08 8.66 0.94
N LEU A 8 -13.37 7.48 0.39
CA LEU A 8 -13.83 6.36 1.19
C LEU A 8 -12.94 6.16 2.42
N PRO A 9 -13.41 5.32 3.37
CA PRO A 9 -12.67 5.03 4.59
C PRO A 9 -11.42 4.19 4.33
N LEU A 10 -11.60 3.09 3.61
CA LEU A 10 -10.50 2.21 3.28
C LEU A 10 -9.25 3.00 2.88
N CYS A 11 -9.48 4.17 2.30
CA CYS A 11 -8.39 5.04 1.86
C CYS A 11 -8.23 6.23 2.80
N ASP A 12 -9.35 6.74 3.28
CA ASP A 12 -9.34 7.89 4.19
C ASP A 12 -8.62 7.55 5.48
N SER A 13 -8.33 6.26 5.68
CA SER A 13 -7.66 5.81 6.88
C SER A 13 -6.28 5.24 6.55
N LEU A 14 -6.23 4.41 5.51
CA LEU A 14 -4.98 3.79 5.09
C LEU A 14 -3.88 4.84 4.96
N ILE A 15 -4.22 5.99 4.41
CA ILE A 15 -3.27 7.07 4.24
C ILE A 15 -2.63 7.46 5.56
N ILE A 16 -3.45 7.63 6.60
CA ILE A 16 -2.96 7.99 7.91
C ILE A 16 -1.91 7.01 8.40
N TRP A 17 -2.02 5.75 7.97
CA TRP A 17 -1.08 4.72 8.36
C TRP A 17 0.24 4.87 7.61
N LEU A 18 0.14 5.06 6.29
CA LEU A 18 1.32 5.21 5.46
C LEU A 18 2.08 6.49 5.81
N GLN A 19 1.41 7.39 6.52
CA GLN A 19 2.02 8.65 6.92
C GLN A 19 3.21 8.41 7.84
N THR A 20 3.16 7.31 8.60
CA THR A 20 4.23 6.97 9.51
C THR A 20 5.58 6.92 8.80
N PHE A 21 5.54 6.64 7.49
CA PHE A 21 6.75 6.56 6.70
C PHE A 21 7.06 7.89 6.03
N LYS A 22 8.04 8.61 6.56
CA LYS A 22 8.43 9.91 6.03
C LYS A 22 9.39 9.73 4.86
N THR A 23 9.23 8.65 4.10
CA THR A 23 10.08 8.38 2.95
C THR A 23 10.31 9.64 2.13
N ALA A 24 11.27 9.56 1.22
CA ALA A 24 11.59 10.70 0.35
C ALA A 24 10.32 11.38 -0.14
N SER A 25 9.25 10.61 -0.28
CA SER A 25 7.98 11.14 -0.76
C SER A 25 6.90 11.00 0.31
N PRO A 26 6.31 12.14 0.70
CA PRO A 26 5.26 12.19 1.72
C PRO A 26 3.96 11.55 1.23
N CYS A 27 2.99 11.42 2.14
CA CYS A 27 1.71 10.83 1.80
C CYS A 27 0.56 11.66 2.39
N GLN A 28 0.03 12.58 1.59
CA GLN A 28 -1.07 13.43 2.04
C GLN A 28 -2.38 13.00 1.40
N ASP A 29 -2.55 13.32 0.12
CA ASP A 29 -3.77 12.97 -0.60
C ASP A 29 -3.50 11.84 -1.60
N VAL A 30 -4.56 11.16 -2.01
CA VAL A 30 -4.44 10.06 -2.97
C VAL A 30 -3.72 10.52 -4.23
N LYS A 31 -3.97 11.76 -4.62
CA LYS A 31 -3.34 12.31 -5.82
C LYS A 31 -1.83 12.44 -5.65
N GLN A 32 -1.38 12.30 -4.41
CA GLN A 32 0.04 12.41 -4.10
C GLN A 32 0.69 11.03 -4.05
N LEU A 33 -0.12 10.00 -3.80
CA LEU A 33 0.38 8.63 -3.73
C LEU A 33 0.33 7.96 -5.10
N THR A 34 -0.63 8.39 -5.92
CA THR A 34 -0.77 7.83 -7.26
C THR A 34 0.58 7.61 -7.92
N ASN A 35 1.55 8.46 -7.58
CA ASN A 35 2.89 8.36 -8.13
C ASN A 35 3.42 6.93 -8.00
N GLY A 36 3.41 6.40 -6.78
CA GLY A 36 3.89 5.05 -6.54
C GLY A 36 5.17 5.04 -5.72
N VAL A 37 5.96 6.09 -5.85
CA VAL A 37 7.22 6.19 -5.11
C VAL A 37 6.99 6.03 -3.61
N THR A 38 6.06 6.82 -3.08
CA THR A 38 5.74 6.77 -1.65
C THR A 38 5.54 5.33 -1.18
N MET A 39 4.61 4.63 -1.83
CA MET A 39 4.31 3.25 -1.49
C MET A 39 5.56 2.39 -1.57
N ALA A 40 6.19 2.37 -2.75
CA ALA A 40 7.40 1.59 -2.96
C ALA A 40 8.39 1.80 -1.83
N GLN A 41 8.68 3.06 -1.52
CA GLN A 41 9.61 3.39 -0.45
C GLN A 41 9.21 2.71 0.86
N VAL A 42 7.90 2.62 1.09
CA VAL A 42 7.39 1.99 2.30
C VAL A 42 7.66 0.49 2.30
N LEU A 43 7.50 -0.13 1.14
CA LEU A 43 7.72 -1.57 1.01
C LEU A 43 9.12 -1.94 1.48
N HIS A 44 10.11 -1.16 1.09
CA HIS A 44 11.49 -1.40 1.48
C HIS A 44 11.64 -1.36 2.99
N GLN A 45 10.82 -0.56 3.65
CA GLN A 45 10.86 -0.42 5.10
C GLN A 45 10.31 -1.68 5.78
N ILE A 46 9.28 -2.26 5.16
CA ILE A 46 8.66 -3.46 5.71
C ILE A 46 9.63 -4.63 5.74
N ASP A 47 10.31 -4.85 4.62
CA ASP A 47 11.27 -5.94 4.51
C ASP A 47 12.19 -5.74 3.30
N VAL A 48 13.49 -5.61 3.56
CA VAL A 48 14.46 -5.41 2.50
C VAL A 48 14.73 -6.70 1.75
N ALA A 49 14.42 -7.83 2.39
CA ALA A 49 14.63 -9.14 1.77
C ALA A 49 13.92 -9.22 0.43
N TRP A 50 12.74 -8.64 0.35
CA TRP A 50 11.96 -8.65 -0.89
C TRP A 50 11.96 -7.27 -1.55
N PHE A 51 12.20 -6.24 -0.75
CA PHE A 51 12.23 -4.87 -1.26
C PHE A 51 13.53 -4.18 -0.88
N SER A 52 14.60 -4.51 -1.60
CA SER A 52 15.92 -3.92 -1.34
C SER A 52 16.17 -2.72 -2.25
N GLU A 53 17.15 -1.91 -1.89
CA GLU A 53 17.49 -0.73 -2.67
C GLU A 53 17.55 -1.06 -4.16
N SER A 54 17.93 -2.30 -4.47
CA SER A 54 18.03 -2.74 -5.85
C SER A 54 16.69 -2.60 -6.57
N TRP A 55 15.61 -2.94 -5.87
CA TRP A 55 14.27 -2.85 -6.43
C TRP A 55 13.77 -1.42 -6.43
N LEU A 56 13.82 -0.78 -5.25
CA LEU A 56 13.36 0.59 -5.11
C LEU A 56 14.15 1.52 -6.02
N SER A 57 15.27 1.03 -6.53
CA SER A 57 16.13 1.81 -7.41
C SER A 57 15.52 1.92 -8.82
N ARG A 58 14.47 1.14 -9.05
CA ARG A 58 13.79 1.14 -10.34
C ARG A 58 12.63 2.14 -10.34
N ILE A 59 12.28 2.63 -9.16
CA ILE A 59 11.18 3.58 -9.03
C ILE A 59 11.67 5.01 -9.24
N LYS A 60 10.87 5.81 -9.92
CA LYS A 60 11.22 7.20 -10.18
C LYS A 60 10.20 8.14 -9.56
N ASP A 61 10.60 9.39 -9.34
CA ASP A 61 9.72 10.39 -8.75
C ASP A 61 9.40 11.49 -9.76
N ASP A 62 10.19 11.56 -10.83
CA ASP A 62 9.99 12.57 -11.87
C ASP A 62 8.53 12.62 -12.30
N VAL A 63 7.79 11.55 -12.00
CA VAL A 63 6.38 11.48 -12.36
C VAL A 63 5.69 12.82 -12.17
N GLY A 64 6.20 13.62 -11.24
CA GLY A 64 5.63 14.93 -10.98
C GLY A 64 5.04 15.56 -12.22
N ASP A 65 5.85 15.63 -13.29
CA ASP A 65 5.41 16.21 -14.54
C ASP A 65 5.13 15.13 -15.58
N ASN A 66 5.39 13.89 -15.21
CA ASN A 66 5.17 12.76 -16.10
C ASN A 66 4.12 11.80 -15.54
N TRP A 67 3.13 11.47 -16.36
CA TRP A 67 2.07 10.56 -15.95
C TRP A 67 2.40 9.12 -16.32
N ARG A 68 3.24 8.96 -17.34
CA ARG A 68 3.63 7.63 -17.79
C ARG A 68 4.56 6.96 -16.79
N ILE A 69 5.47 7.75 -16.21
CA ILE A 69 6.41 7.23 -15.22
C ILE A 69 5.68 6.70 -13.99
N LYS A 70 4.49 7.23 -13.73
CA LYS A 70 3.70 6.79 -12.59
C LYS A 70 3.35 5.31 -12.70
N ALA A 71 2.63 4.95 -13.75
CA ALA A 71 2.24 3.57 -13.97
C ALA A 71 3.43 2.62 -13.82
N SER A 72 4.51 2.92 -14.54
CA SER A 72 5.71 2.11 -14.50
C SER A 72 6.04 1.71 -13.06
N ASN A 73 5.91 2.66 -12.14
CA ASN A 73 6.20 2.42 -10.73
C ASN A 73 5.08 1.61 -10.08
N LEU A 74 3.87 2.16 -10.10
CA LEU A 74 2.71 1.49 -9.52
C LEU A 74 2.74 0.00 -9.80
N LYS A 75 3.23 -0.36 -10.99
CA LYS A 75 3.32 -1.76 -11.39
C LYS A 75 4.25 -2.54 -10.47
N LYS A 76 5.50 -2.08 -10.38
CA LYS A 76 6.49 -2.72 -9.53
C LYS A 76 6.00 -2.81 -8.09
N VAL A 77 5.41 -1.73 -7.61
CA VAL A 77 4.88 -1.68 -6.24
C VAL A 77 3.91 -2.84 -5.99
N LEU A 78 2.96 -3.01 -6.91
CA LEU A 78 1.97 -4.07 -6.78
C LEU A 78 2.62 -5.44 -6.94
N HIS A 79 3.32 -5.63 -8.05
CA HIS A 79 3.99 -6.90 -8.33
C HIS A 79 4.87 -7.31 -7.15
N GLY A 80 5.46 -6.32 -6.47
CA GLY A 80 6.31 -6.61 -5.34
C GLY A 80 5.54 -7.21 -4.17
N ILE A 81 4.28 -6.84 -4.04
CA ILE A 81 3.44 -7.34 -2.96
C ILE A 81 2.82 -8.68 -3.34
N THR A 82 2.05 -8.70 -4.42
CA THR A 82 1.40 -9.91 -4.89
C THR A 82 2.31 -11.12 -4.72
N SER A 83 3.48 -11.06 -5.36
CA SER A 83 4.44 -12.16 -5.29
C SER A 83 4.77 -12.50 -3.84
N TYR A 84 4.75 -11.49 -2.98
CA TYR A 84 5.05 -11.69 -1.56
C TYR A 84 3.94 -12.49 -0.88
N TYR A 85 2.80 -12.60 -1.55
CA TYR A 85 1.67 -13.34 -1.02
C TYR A 85 1.64 -14.77 -1.56
N HIS A 86 2.14 -14.95 -2.77
CA HIS A 86 2.18 -16.27 -3.41
C HIS A 86 3.53 -16.93 -3.18
N GLU A 87 4.55 -16.13 -2.88
CA GLU A 87 5.88 -16.65 -2.64
C GLU A 87 6.14 -16.85 -1.15
N PHE A 88 6.23 -15.74 -0.41
CA PHE A 88 6.47 -15.79 1.02
C PHE A 88 5.35 -16.56 1.73
N LEU A 89 4.17 -15.95 1.78
CA LEU A 89 3.02 -16.57 2.43
C LEU A 89 2.52 -17.76 1.62
N GLY A 90 2.44 -17.59 0.31
CA GLY A 90 1.98 -18.66 -0.55
C GLY A 90 0.58 -18.43 -1.06
N GLN A 91 -0.23 -17.73 -0.26
CA GLN A 91 -1.61 -17.45 -0.64
C GLN A 91 -1.67 -16.55 -1.87
N GLN A 92 -2.88 -16.14 -2.24
CA GLN A 92 -3.07 -15.28 -3.40
C GLN A 92 -3.89 -14.05 -3.03
N ILE A 93 -4.16 -13.21 -4.02
CA ILE A 93 -4.94 -11.99 -3.80
C ILE A 93 -6.19 -11.98 -4.66
N SER A 94 -7.32 -11.66 -4.04
CA SER A 94 -8.60 -11.62 -4.75
C SER A 94 -8.72 -10.34 -5.56
N GLU A 95 -9.40 -10.43 -6.71
CA GLU A 95 -9.58 -9.28 -7.58
C GLU A 95 -10.13 -8.09 -6.80
N GLU A 96 -10.65 -8.36 -5.61
CA GLU A 96 -11.22 -7.31 -4.77
C GLU A 96 -10.12 -6.43 -4.20
N LEU A 97 -8.95 -7.02 -3.94
CA LEU A 97 -7.81 -6.28 -3.39
C LEU A 97 -6.92 -5.76 -4.52
N ILE A 98 -6.94 -6.46 -5.64
CA ILE A 98 -6.12 -6.05 -6.79
C ILE A 98 -6.34 -4.58 -7.14
N PRO A 99 -5.33 -3.76 -6.82
CA PRO A 99 -5.38 -2.31 -7.09
C PRO A 99 -5.32 -2.00 -8.58
N ASP A 100 -6.29 -1.23 -9.07
CA ASP A 100 -6.33 -0.85 -10.48
C ASP A 100 -5.41 0.33 -10.75
N LEU A 101 -4.14 0.03 -11.03
CA LEU A 101 -3.16 1.07 -11.31
C LEU A 101 -3.62 1.97 -12.45
N ASN A 102 -4.11 1.36 -13.52
CA ASN A 102 -4.60 2.10 -14.68
C ASN A 102 -5.66 3.11 -14.27
N GLN A 103 -6.47 2.74 -13.27
CA GLN A 103 -7.52 3.61 -12.78
C GLN A 103 -6.99 4.58 -11.73
N ILE A 104 -5.77 4.34 -11.26
CA ILE A 104 -5.15 5.18 -10.25
C ILE A 104 -4.22 6.21 -10.89
N THR A 105 -3.73 5.89 -12.10
CA THR A 105 -2.83 6.79 -12.80
C THR A 105 -3.59 7.65 -13.81
N GLU A 106 -4.68 7.11 -14.35
CA GLU A 106 -5.50 7.83 -15.31
C GLU A 106 -6.69 8.50 -14.63
N CYS A 107 -7.23 7.85 -13.61
CA CYS A 107 -8.36 8.38 -12.87
C CYS A 107 -7.94 8.82 -11.47
N ALA A 108 -7.08 8.03 -10.83
CA ALA A 108 -6.60 8.34 -9.50
C ALA A 108 -7.73 8.24 -8.47
N ASP A 109 -8.72 7.42 -8.77
CA ASP A 109 -9.86 7.23 -7.87
C ASP A 109 -9.39 6.82 -6.48
N PRO A 110 -10.06 7.34 -5.45
CA PRO A 110 -9.73 7.04 -4.06
C PRO A 110 -10.07 5.61 -3.67
N VAL A 111 -11.12 5.07 -4.28
CA VAL A 111 -11.55 3.70 -4.00
C VAL A 111 -10.49 2.69 -4.44
N GLU A 112 -9.79 3.02 -5.52
CA GLU A 112 -8.75 2.14 -6.03
C GLU A 112 -7.43 2.37 -5.28
N LEU A 113 -7.02 3.62 -5.19
CA LEU A 113 -5.78 3.98 -4.51
C LEU A 113 -5.70 3.31 -3.14
N GLY A 114 -6.83 3.32 -2.42
CA GLY A 114 -6.87 2.70 -1.11
C GLY A 114 -6.50 1.23 -1.14
N ARG A 115 -6.90 0.55 -2.22
CA ARG A 115 -6.62 -0.87 -2.37
C ARG A 115 -5.12 -1.13 -2.36
N LEU A 116 -4.38 -0.38 -3.17
CA LEU A 116 -2.93 -0.54 -3.25
C LEU A 116 -2.29 -0.45 -1.87
N LEU A 117 -2.75 0.51 -1.08
CA LEU A 117 -2.23 0.71 0.28
C LEU A 117 -2.53 -0.51 1.15
N GLN A 118 -3.68 -1.14 0.93
CA GLN A 118 -4.07 -2.31 1.69
C GLN A 118 -3.04 -3.43 1.54
N LEU A 119 -2.65 -3.70 0.30
CA LEU A 119 -1.67 -4.74 0.03
C LEU A 119 -0.40 -4.53 0.85
N ILE A 120 0.05 -3.29 0.92
CA ILE A 120 1.26 -2.95 1.66
C ILE A 120 1.06 -3.18 3.16
N LEU A 121 -0.12 -2.81 3.66
CA LEU A 121 -0.45 -2.97 5.07
C LEU A 121 -0.59 -4.45 5.42
N GLY A 122 -1.09 -5.24 4.48
CA GLY A 122 -1.27 -6.65 4.71
C GLY A 122 0.04 -7.39 4.87
N CYS A 123 1.01 -7.04 4.04
CA CYS A 123 2.32 -7.67 4.08
C CYS A 123 3.09 -7.25 5.33
N ALA A 124 2.73 -6.08 5.86
CA ALA A 124 3.39 -5.55 7.06
C ALA A 124 2.80 -6.18 8.32
N VAL A 125 1.76 -6.98 8.15
CA VAL A 125 1.10 -7.64 9.27
C VAL A 125 1.27 -9.15 9.21
N ASN A 126 2.11 -9.60 8.28
CA ASN A 126 2.35 -11.04 8.11
C ASN A 126 3.85 -11.32 7.99
N CYS A 127 4.66 -10.46 8.60
CA CYS A 127 6.11 -10.63 8.56
C CYS A 127 6.68 -10.71 9.97
N GLU A 128 8.02 -10.75 10.05
CA GLU A 128 8.69 -10.85 11.34
C GLU A 128 8.61 -9.53 12.10
N LYS A 129 8.97 -8.45 11.43
CA LYS A 129 8.94 -7.13 12.03
C LYS A 129 7.51 -6.59 12.11
N LYS A 130 6.59 -7.33 11.50
CA LYS A 130 5.18 -6.93 11.49
C LYS A 130 4.81 -6.22 12.79
N GLN A 131 5.21 -6.80 13.92
CA GLN A 131 4.92 -6.22 15.22
C GLN A 131 5.36 -4.76 15.28
N GLU A 132 6.57 -4.48 14.80
CA GLU A 132 7.10 -3.13 14.79
C GLU A 132 6.11 -2.15 14.16
N HIS A 133 5.26 -2.68 13.28
CA HIS A 133 4.26 -1.86 12.61
C HIS A 133 2.94 -1.88 13.35
N ILE A 134 2.51 -3.07 13.74
CA ILE A 134 1.25 -3.24 14.47
C ILE A 134 1.09 -2.14 15.53
N LYS A 135 2.19 -1.79 16.18
CA LYS A 135 2.16 -0.76 17.22
C LYS A 135 1.85 0.60 16.62
N ASN A 136 2.35 0.85 15.41
CA ASN A 136 2.12 2.12 14.73
C ASN A 136 0.63 2.34 14.49
N ILE A 137 -0.14 1.24 14.50
CA ILE A 137 -1.57 1.32 14.28
C ILE A 137 -2.30 1.76 15.56
N MET A 138 -2.00 1.08 16.66
CA MET A 138 -2.61 1.39 17.95
C MET A 138 -2.38 2.85 18.31
N THR A 139 -1.35 3.45 17.73
CA THR A 139 -1.02 4.85 18.00
C THR A 139 -1.93 5.79 17.22
N LEU A 140 -2.40 5.33 16.08
CA LEU A 140 -3.29 6.13 15.24
C LEU A 140 -4.57 6.49 15.99
N GLU A 141 -5.47 7.21 15.32
CA GLU A 141 -6.73 7.61 15.92
C GLU A 141 -7.71 6.44 15.97
N GLU A 142 -8.38 6.29 17.11
CA GLU A 142 -9.34 5.21 17.28
C GLU A 142 -10.05 4.89 15.97
N SER A 143 -10.82 5.85 15.46
CA SER A 143 -11.56 5.67 14.22
C SER A 143 -10.65 5.09 13.14
N VAL A 144 -9.41 5.58 13.08
CA VAL A 144 -8.45 5.11 12.09
C VAL A 144 -8.07 3.65 12.35
N GLN A 145 -7.63 3.36 13.57
CA GLN A 145 -7.23 2.02 13.95
C GLN A 145 -8.24 0.99 13.44
N HIS A 146 -9.52 1.36 13.46
CA HIS A 146 -10.58 0.48 13.00
C HIS A 146 -10.36 0.08 11.55
N VAL A 147 -10.43 1.05 10.65
CA VAL A 147 -10.24 0.79 9.23
C VAL A 147 -8.91 0.09 8.97
N VAL A 148 -7.85 0.61 9.57
CA VAL A 148 -6.52 0.04 9.40
C VAL A 148 -6.48 -1.40 9.89
N MET A 149 -7.24 -1.69 10.94
CA MET A 149 -7.30 -3.04 11.49
C MET A 149 -8.19 -3.94 10.65
N THR A 150 -9.25 -3.36 10.10
CA THR A 150 -10.19 -4.11 9.26
C THR A 150 -9.49 -4.68 8.03
N ALA A 151 -8.73 -3.84 7.34
CA ALA A 151 -8.02 -4.26 6.15
C ALA A 151 -7.37 -5.63 6.35
N ILE A 152 -6.58 -5.76 7.42
CA ILE A 152 -5.91 -7.01 7.72
C ILE A 152 -6.88 -8.19 7.66
N GLN A 153 -7.98 -8.08 8.40
CA GLN A 153 -8.99 -9.13 8.43
C GLN A 153 -9.48 -9.46 7.02
N GLU A 154 -9.72 -8.41 6.23
CA GLU A 154 -10.19 -8.59 4.87
C GLU A 154 -9.12 -9.26 4.00
N LEU A 155 -7.86 -9.09 4.38
CA LEU A 155 -6.76 -9.67 3.64
C LEU A 155 -6.68 -11.18 3.88
N MET A 156 -7.17 -11.61 5.04
CA MET A 156 -7.15 -13.03 5.39
C MET A 156 -8.39 -13.73 4.85
N SER A 157 -9.49 -12.98 4.73
CA SER A 157 -10.73 -13.54 4.23
C SER A 157 -10.69 -13.70 2.71
N LYS A 158 -10.21 -12.67 2.02
CA LYS A 158 -10.11 -12.70 0.57
C LYS A 158 -9.09 -13.74 0.12
N SER A 159 -8.02 -13.87 0.88
CA SER A 159 -6.96 -14.83 0.56
C SER A 159 -7.55 -16.17 0.14
N GLY A 160 -6.80 -16.92 -0.67
CA GLY A 160 -7.28 -18.22 -1.12
C GLY A 160 -6.16 -19.23 -1.21
N PRO A 161 -6.45 -20.47 -0.80
CA PRO A 161 -5.47 -21.57 -0.82
C PRO A 161 -5.14 -22.02 -2.25
N SER A 162 -4.11 -22.84 -2.38
CA SER A 162 -3.69 -23.34 -3.69
C SER A 162 -4.16 -24.78 -3.89
N SER A 163 -3.71 -25.67 -3.01
CA SER A 163 -4.07 -27.08 -3.10
C SER A 163 -3.86 -27.78 -1.76
N GLY A 164 -4.85 -28.59 -1.36
CA GLY A 164 -4.75 -29.30 -0.10
C GLY A 164 -5.59 -28.66 0.99
N GLY A 1 -7.94 23.95 9.70
CA GLY A 1 -9.00 22.96 9.52
C GLY A 1 -8.89 21.82 10.52
N SER A 2 -10.01 21.16 10.78
CA SER A 2 -10.05 20.05 11.73
C SER A 2 -10.30 18.73 11.01
N SER A 3 -11.47 18.63 10.38
CA SER A 3 -11.84 17.41 9.66
C SER A 3 -11.09 17.31 8.33
N GLY A 4 -10.26 16.28 8.21
CA GLY A 4 -9.49 16.09 6.99
C GLY A 4 -9.98 14.92 6.18
N SER A 5 -11.29 14.67 6.22
CA SER A 5 -11.88 13.56 5.48
C SER A 5 -11.71 13.76 3.98
N SER A 6 -11.38 12.68 3.28
CA SER A 6 -11.18 12.74 1.84
C SER A 6 -11.34 11.36 1.21
N GLY A 7 -12.41 11.17 0.46
CA GLY A 7 -12.66 9.89 -0.19
C GLY A 7 -13.21 8.86 0.77
N LEU A 8 -13.21 7.60 0.35
CA LEU A 8 -13.73 6.51 1.18
C LEU A 8 -12.83 6.28 2.39
N PRO A 9 -13.31 5.48 3.35
CA PRO A 9 -12.57 5.16 4.56
C PRO A 9 -11.37 4.25 4.29
N LEU A 10 -11.62 3.15 3.59
CA LEU A 10 -10.56 2.20 3.25
C LEU A 10 -9.30 2.92 2.80
N CYS A 11 -9.48 4.11 2.23
CA CYS A 11 -8.35 4.91 1.76
C CYS A 11 -8.10 6.09 2.68
N ASP A 12 -9.18 6.68 3.20
CA ASP A 12 -9.07 7.82 4.09
C ASP A 12 -8.35 7.44 5.38
N SER A 13 -8.25 6.14 5.63
CA SER A 13 -7.58 5.63 6.83
C SER A 13 -6.17 5.16 6.50
N LEU A 14 -6.07 4.21 5.57
CA LEU A 14 -4.78 3.67 5.18
C LEU A 14 -3.73 4.78 5.05
N ILE A 15 -4.17 5.94 4.58
CA ILE A 15 -3.27 7.08 4.41
C ILE A 15 -2.63 7.47 5.73
N ILE A 16 -3.46 7.60 6.77
CA ILE A 16 -2.96 7.96 8.09
C ILE A 16 -1.85 7.03 8.54
N TRP A 17 -1.97 5.75 8.19
CA TRP A 17 -0.98 4.75 8.57
C TRP A 17 0.31 4.96 7.79
N LEU A 18 0.19 5.20 6.49
CA LEU A 18 1.35 5.42 5.63
C LEU A 18 2.09 6.69 6.04
N GLN A 19 1.37 7.62 6.65
CA GLN A 19 1.98 8.87 7.09
C GLN A 19 3.19 8.62 7.98
N THR A 20 3.19 7.47 8.65
CA THR A 20 4.29 7.11 9.53
C THR A 20 5.62 7.15 8.80
N PHE A 21 5.59 6.83 7.51
CA PHE A 21 6.79 6.83 6.69
C PHE A 21 7.04 8.21 6.08
N LYS A 22 7.99 8.94 6.65
CA LYS A 22 8.32 10.27 6.15
C LYS A 22 9.29 10.20 4.98
N THR A 23 9.25 9.09 4.25
CA THR A 23 10.13 8.90 3.10
C THR A 23 10.21 10.17 2.26
N ALA A 24 11.19 10.20 1.35
CA ALA A 24 11.38 11.34 0.48
C ALA A 24 10.05 11.86 -0.06
N SER A 25 9.09 10.96 -0.22
CA SER A 25 7.77 11.32 -0.72
C SER A 25 6.71 11.20 0.37
N PRO A 26 6.09 12.35 0.71
CA PRO A 26 5.06 12.40 1.74
C PRO A 26 3.77 11.71 1.31
N CYS A 27 2.83 11.56 2.24
CA CYS A 27 1.56 10.91 1.96
C CYS A 27 0.40 11.73 2.52
N GLN A 28 -0.09 12.68 1.74
CA GLN A 28 -1.20 13.54 2.17
C GLN A 28 -2.51 13.05 1.56
N ASP A 29 -2.70 13.33 0.27
CA ASP A 29 -3.92 12.93 -0.42
C ASP A 29 -3.63 11.80 -1.41
N VAL A 30 -4.68 11.08 -1.81
CA VAL A 30 -4.54 9.98 -2.75
C VAL A 30 -3.82 10.43 -4.02
N LYS A 31 -4.11 11.64 -4.46
CA LYS A 31 -3.50 12.19 -5.67
C LYS A 31 -1.99 12.34 -5.49
N GLN A 32 -1.53 12.25 -4.24
CA GLN A 32 -0.12 12.37 -3.93
C GLN A 32 0.55 10.99 -3.85
N LEU A 33 -0.26 9.97 -3.58
CA LEU A 33 0.24 8.62 -3.48
C LEU A 33 0.27 7.94 -4.84
N THR A 34 -0.66 8.32 -5.71
CA THR A 34 -0.74 7.76 -7.05
C THR A 34 0.65 7.67 -7.69
N ASN A 35 1.55 8.54 -7.26
CA ASN A 35 2.91 8.56 -7.79
C ASN A 35 3.52 7.15 -7.76
N GLY A 36 3.30 6.44 -6.66
CA GLY A 36 3.84 5.11 -6.53
C GLY A 36 5.20 5.09 -5.86
N VAL A 37 5.76 6.27 -5.65
CA VAL A 37 7.07 6.38 -5.01
C VAL A 37 6.97 6.12 -3.51
N THR A 38 6.12 6.89 -2.84
CA THR A 38 5.94 6.74 -1.40
C THR A 38 5.77 5.28 -1.02
N MET A 39 4.85 4.59 -1.69
CA MET A 39 4.60 3.18 -1.43
C MET A 39 5.88 2.37 -1.51
N ALA A 40 6.52 2.40 -2.68
CA ALA A 40 7.76 1.67 -2.90
C ALA A 40 8.78 1.97 -1.80
N GLN A 41 8.94 3.25 -1.49
CA GLN A 41 9.89 3.66 -0.45
C GLN A 41 9.50 3.06 0.91
N VAL A 42 8.21 2.80 1.08
CA VAL A 42 7.71 2.23 2.33
C VAL A 42 7.93 0.72 2.36
N LEU A 43 7.71 0.08 1.22
CA LEU A 43 7.87 -1.37 1.11
C LEU A 43 9.28 -1.79 1.51
N HIS A 44 10.26 -0.94 1.21
CA HIS A 44 11.65 -1.21 1.55
C HIS A 44 11.84 -1.27 3.06
N GLN A 45 11.07 -0.47 3.78
CA GLN A 45 11.16 -0.42 5.23
C GLN A 45 10.53 -1.67 5.85
N ILE A 46 9.47 -2.16 5.23
CA ILE A 46 8.78 -3.35 5.73
C ILE A 46 9.71 -4.55 5.76
N ASP A 47 10.42 -4.77 4.66
CA ASP A 47 11.34 -5.90 4.56
C ASP A 47 12.36 -5.67 3.45
N VAL A 48 13.63 -5.52 3.82
CA VAL A 48 14.70 -5.29 2.86
C VAL A 48 15.03 -6.58 2.10
N ALA A 49 14.58 -7.70 2.63
CA ALA A 49 14.83 -9.00 2.00
C ALA A 49 14.08 -9.12 0.68
N TRP A 50 12.87 -8.57 0.64
CA TRP A 50 12.05 -8.61 -0.57
C TRP A 50 12.05 -7.26 -1.27
N PHE A 51 12.27 -6.20 -0.50
CA PHE A 51 12.27 -4.84 -1.05
C PHE A 51 13.58 -4.13 -0.72
N SER A 52 14.67 -4.57 -1.35
CA SER A 52 15.98 -3.98 -1.12
C SER A 52 16.22 -2.81 -2.07
N GLU A 53 17.09 -1.89 -1.64
CA GLU A 53 17.40 -0.72 -2.46
C GLU A 53 17.36 -1.04 -3.94
N SER A 54 17.83 -2.24 -4.29
CA SER A 54 17.87 -2.68 -5.68
C SER A 54 16.48 -2.55 -6.31
N TRP A 55 15.48 -3.16 -5.69
CA TRP A 55 14.12 -3.11 -6.20
C TRP A 55 13.64 -1.67 -6.30
N LEU A 56 13.78 -0.91 -5.22
CA LEU A 56 13.36 0.48 -5.18
C LEU A 56 14.19 1.32 -6.15
N SER A 57 15.37 0.82 -6.51
CA SER A 57 16.25 1.53 -7.43
C SER A 57 15.64 1.61 -8.82
N ARG A 58 14.54 0.88 -9.02
CA ARG A 58 13.85 0.87 -10.31
C ARG A 58 12.71 1.88 -10.32
N ILE A 59 12.33 2.35 -9.13
CA ILE A 59 11.24 3.31 -9.02
C ILE A 59 11.75 4.74 -9.22
N LYS A 60 10.96 5.55 -9.91
CA LYS A 60 11.32 6.94 -10.17
C LYS A 60 10.31 7.90 -9.55
N ASP A 61 10.73 9.13 -9.31
CA ASP A 61 9.86 10.13 -8.73
C ASP A 61 9.53 11.23 -9.73
N ASP A 62 10.30 11.28 -10.83
CA ASP A 62 10.09 12.28 -11.86
C ASP A 62 8.61 12.37 -12.23
N VAL A 63 7.86 11.33 -11.91
CA VAL A 63 6.43 11.30 -12.20
C VAL A 63 5.79 12.67 -12.00
N GLY A 64 6.34 13.43 -11.06
CA GLY A 64 5.82 14.76 -10.78
C GLY A 64 5.24 15.43 -12.01
N ASP A 65 6.02 15.47 -13.08
CA ASP A 65 5.58 16.09 -14.33
C ASP A 65 5.23 15.03 -15.37
N ASN A 66 5.46 13.77 -15.01
CA ASN A 66 5.18 12.65 -15.91
C ASN A 66 4.08 11.75 -15.34
N TRP A 67 3.05 11.50 -16.14
CA TRP A 67 1.94 10.66 -15.72
C TRP A 67 2.20 9.20 -16.08
N ARG A 68 3.02 8.97 -17.10
CA ARG A 68 3.35 7.63 -17.54
C ARG A 68 4.26 6.93 -16.55
N ILE A 69 5.26 7.66 -16.06
CA ILE A 69 6.20 7.12 -15.09
C ILE A 69 5.48 6.58 -13.85
N LYS A 70 4.31 7.15 -13.57
CA LYS A 70 3.52 6.73 -12.42
C LYS A 70 3.11 5.27 -12.55
N ALA A 71 2.45 4.92 -13.65
CA ALA A 71 2.02 3.56 -13.89
C ALA A 71 3.18 2.58 -13.79
N SER A 72 4.30 2.94 -14.42
CA SER A 72 5.48 2.09 -14.41
C SER A 72 5.83 1.66 -12.99
N ASN A 73 5.69 2.59 -12.05
CA ASN A 73 5.99 2.31 -10.64
C ASN A 73 4.88 1.50 -10.00
N LEU A 74 3.67 2.06 -9.99
CA LEU A 74 2.53 1.38 -9.40
C LEU A 74 2.55 -0.11 -9.72
N LYS A 75 2.96 -0.44 -10.94
CA LYS A 75 3.03 -1.84 -11.36
C LYS A 75 4.02 -2.62 -10.50
N LYS A 76 5.22 -2.08 -10.35
CA LYS A 76 6.25 -2.73 -9.54
C LYS A 76 5.82 -2.83 -8.09
N VAL A 77 5.28 -1.74 -7.56
CA VAL A 77 4.81 -1.71 -6.17
C VAL A 77 3.83 -2.84 -5.90
N LEU A 78 2.85 -2.99 -6.77
CA LEU A 78 1.84 -4.03 -6.63
C LEU A 78 2.48 -5.41 -6.68
N HIS A 79 3.14 -5.70 -7.80
CA HIS A 79 3.80 -6.99 -7.99
C HIS A 79 4.68 -7.33 -6.79
N GLY A 80 5.02 -6.31 -6.01
CA GLY A 80 5.86 -6.53 -4.84
C GLY A 80 5.11 -7.24 -3.72
N ILE A 81 3.81 -6.98 -3.61
CA ILE A 81 2.99 -7.60 -2.58
C ILE A 81 2.45 -8.94 -3.05
N THR A 82 1.78 -8.95 -4.19
CA THR A 82 1.22 -10.17 -4.74
C THR A 82 2.23 -11.32 -4.71
N SER A 83 3.42 -11.05 -5.24
CA SER A 83 4.48 -12.06 -5.27
C SER A 83 4.88 -12.46 -3.85
N TYR A 84 4.74 -11.53 -2.91
CA TYR A 84 5.09 -11.79 -1.53
C TYR A 84 4.05 -12.68 -0.85
N TYR A 85 2.87 -12.74 -1.44
CA TYR A 85 1.79 -13.56 -0.90
C TYR A 85 1.83 -14.97 -1.47
N HIS A 86 2.29 -15.09 -2.71
CA HIS A 86 2.39 -16.38 -3.38
C HIS A 86 3.74 -17.03 -3.12
N GLU A 87 4.74 -16.20 -2.82
CA GLU A 87 6.09 -16.69 -2.55
C GLU A 87 6.33 -16.86 -1.05
N PHE A 88 6.41 -15.73 -0.35
CA PHE A 88 6.63 -15.76 1.10
C PHE A 88 5.57 -16.60 1.79
N LEU A 89 4.35 -16.08 1.84
CA LEU A 89 3.24 -16.79 2.48
C LEU A 89 2.81 -17.99 1.66
N GLY A 90 2.61 -17.78 0.36
CA GLY A 90 2.20 -18.86 -0.51
C GLY A 90 0.77 -18.71 -0.98
N GLN A 91 -0.01 -17.92 -0.25
CA GLN A 91 -1.41 -17.70 -0.60
C GLN A 91 -1.55 -16.71 -1.75
N GLN A 92 -2.68 -16.75 -2.44
CA GLN A 92 -2.92 -15.85 -3.56
C GLN A 92 -3.77 -14.66 -3.13
N ILE A 93 -4.18 -13.85 -4.11
CA ILE A 93 -5.00 -12.68 -3.83
C ILE A 93 -6.20 -12.62 -4.76
N SER A 94 -7.36 -12.31 -4.20
CA SER A 94 -8.60 -12.22 -4.98
C SER A 94 -8.64 -10.92 -5.77
N GLU A 95 -9.23 -10.98 -6.96
CA GLU A 95 -9.33 -9.80 -7.82
C GLU A 95 -9.97 -8.64 -7.06
N GLU A 96 -10.61 -8.94 -5.93
CA GLU A 96 -11.24 -7.92 -5.11
C GLU A 96 -10.21 -7.01 -4.47
N LEU A 97 -9.02 -7.56 -4.20
CA LEU A 97 -7.94 -6.80 -3.58
C LEU A 97 -7.04 -6.18 -4.64
N ILE A 98 -6.93 -6.85 -5.78
CA ILE A 98 -6.10 -6.37 -6.87
C ILE A 98 -6.41 -4.91 -7.21
N PRO A 99 -5.49 -4.00 -6.82
CA PRO A 99 -5.64 -2.58 -7.07
C PRO A 99 -5.52 -2.21 -8.54
N ASP A 100 -6.44 -1.39 -9.02
CA ASP A 100 -6.43 -0.98 -10.43
C ASP A 100 -5.51 0.22 -10.63
N LEU A 101 -4.27 -0.06 -11.00
CA LEU A 101 -3.28 0.98 -11.23
C LEU A 101 -3.68 1.86 -12.42
N ASN A 102 -4.16 1.22 -13.48
CA ASN A 102 -4.57 1.94 -14.68
C ASN A 102 -5.64 2.98 -14.34
N GLN A 103 -6.52 2.64 -13.40
CA GLN A 103 -7.59 3.55 -13.00
C GLN A 103 -7.10 4.50 -11.90
N ILE A 104 -5.94 4.19 -11.34
CA ILE A 104 -5.36 5.02 -10.29
C ILE A 104 -4.44 6.08 -10.86
N THR A 105 -3.90 5.81 -12.05
CA THR A 105 -3.00 6.75 -12.72
C THR A 105 -3.76 7.67 -13.65
N GLU A 106 -4.87 7.18 -14.19
CA GLU A 106 -5.69 7.98 -15.11
C GLU A 106 -6.85 8.64 -14.36
N CYS A 107 -7.40 7.93 -13.37
CA CYS A 107 -8.50 8.46 -12.59
C CYS A 107 -8.05 8.80 -11.17
N ALA A 108 -7.22 7.93 -10.60
CA ALA A 108 -6.71 8.15 -9.24
C ALA A 108 -7.84 8.08 -8.22
N ASP A 109 -8.91 7.37 -8.57
CA ASP A 109 -10.05 7.24 -7.68
C ASP A 109 -9.61 6.82 -6.28
N PRO A 110 -10.28 7.36 -5.25
CA PRO A 110 -9.97 7.06 -3.86
C PRO A 110 -10.35 5.63 -3.47
N VAL A 111 -11.27 5.05 -4.23
CA VAL A 111 -11.72 3.69 -3.97
C VAL A 111 -10.69 2.67 -4.43
N GLU A 112 -10.05 2.95 -5.56
CA GLU A 112 -9.03 2.06 -6.11
C GLU A 112 -7.69 2.27 -5.42
N LEU A 113 -7.30 3.54 -5.26
CA LEU A 113 -6.04 3.88 -4.61
C LEU A 113 -5.92 3.19 -3.26
N GLY A 114 -6.96 3.32 -2.44
CA GLY A 114 -6.95 2.71 -1.12
C GLY A 114 -6.56 1.24 -1.17
N ARG A 115 -6.97 0.56 -2.24
CA ARG A 115 -6.67 -0.87 -2.41
C ARG A 115 -5.16 -1.09 -2.50
N LEU A 116 -4.48 -0.18 -3.19
CA LEU A 116 -3.04 -0.28 -3.36
C LEU A 116 -2.33 -0.27 -2.01
N LEU A 117 -2.71 0.68 -1.15
CA LEU A 117 -2.11 0.80 0.17
C LEU A 117 -2.38 -0.45 1.01
N GLN A 118 -3.51 -1.10 0.75
CA GLN A 118 -3.89 -2.30 1.47
C GLN A 118 -2.86 -3.41 1.26
N LEU A 119 -2.56 -3.69 0.00
CA LEU A 119 -1.60 -4.73 -0.33
C LEU A 119 -0.33 -4.59 0.51
N ILE A 120 0.20 -3.37 0.58
CA ILE A 120 1.40 -3.11 1.35
C ILE A 120 1.22 -3.51 2.81
N LEU A 121 0.22 -2.93 3.46
CA LEU A 121 -0.06 -3.23 4.86
C LEU A 121 -0.18 -4.74 5.08
N GLY A 122 -0.73 -5.43 4.09
CA GLY A 122 -0.89 -6.87 4.20
C GLY A 122 0.42 -7.58 4.46
N CYS A 123 1.51 -7.02 3.96
CA CYS A 123 2.83 -7.61 4.15
C CYS A 123 3.46 -7.12 5.46
N ALA A 124 3.08 -5.92 5.88
CA ALA A 124 3.60 -5.34 7.11
C ALA A 124 3.01 -6.02 8.33
N VAL A 125 2.00 -6.85 8.10
CA VAL A 125 1.34 -7.57 9.19
C VAL A 125 1.58 -9.06 9.08
N ASN A 126 2.41 -9.47 8.13
CA ASN A 126 2.73 -10.87 7.92
C ASN A 126 4.23 -11.09 7.80
N CYS A 127 4.99 -10.24 8.47
CA CYS A 127 6.46 -10.33 8.45
C CYS A 127 7.02 -10.48 9.85
N GLU A 128 8.34 -10.51 9.96
CA GLU A 128 9.00 -10.66 11.25
C GLU A 128 8.91 -9.37 12.05
N LYS A 129 9.28 -8.25 11.43
CA LYS A 129 9.24 -6.95 12.09
C LYS A 129 7.82 -6.42 12.14
N LYS A 130 6.90 -7.13 11.49
CA LYS A 130 5.49 -6.73 11.46
C LYS A 130 5.09 -6.04 12.77
N GLN A 131 5.50 -6.65 13.88
CA GLN A 131 5.18 -6.10 15.20
C GLN A 131 5.59 -4.63 15.29
N GLU A 132 6.82 -4.34 14.86
CA GLU A 132 7.34 -2.98 14.90
C GLU A 132 6.38 -2.01 14.22
N HIS A 133 5.58 -2.53 13.29
CA HIS A 133 4.62 -1.71 12.56
C HIS A 133 3.24 -1.76 13.24
N ILE A 134 2.84 -2.95 13.65
CA ILE A 134 1.56 -3.13 14.32
C ILE A 134 1.32 -2.04 15.35
N LYS A 135 2.26 -1.91 16.28
CA LYS A 135 2.17 -0.90 17.33
C LYS A 135 1.90 0.48 16.75
N ASN A 136 2.33 0.68 15.50
CA ASN A 136 2.14 1.95 14.82
C ASN A 136 0.66 2.23 14.56
N ILE A 137 -0.11 1.15 14.39
CA ILE A 137 -1.54 1.27 14.14
C ILE A 137 -2.28 1.68 15.40
N MET A 138 -1.98 1.01 16.51
CA MET A 138 -2.63 1.32 17.78
C MET A 138 -2.37 2.76 18.19
N THR A 139 -1.23 3.30 17.77
CA THR A 139 -0.87 4.67 18.10
C THR A 139 -1.69 5.67 17.29
N LEU A 140 -2.27 5.19 16.20
CA LEU A 140 -3.09 6.03 15.33
C LEU A 140 -4.39 6.42 16.02
N GLU A 141 -5.26 7.10 15.29
CA GLU A 141 -6.54 7.53 15.83
C GLU A 141 -7.47 6.34 16.03
N GLU A 142 -8.52 6.53 16.81
CA GLU A 142 -9.50 5.47 17.09
C GLU A 142 -10.19 5.03 15.80
N SER A 143 -10.87 5.97 15.16
CA SER A 143 -11.58 5.67 13.92
C SER A 143 -10.67 5.01 12.90
N VAL A 144 -9.60 5.71 12.53
CA VAL A 144 -8.64 5.19 11.56
C VAL A 144 -8.19 3.79 11.94
N GLN A 145 -7.86 3.61 13.22
CA GLN A 145 -7.41 2.32 13.71
C GLN A 145 -8.35 1.20 13.26
N HIS A 146 -9.64 1.44 13.40
CA HIS A 146 -10.66 0.46 13.00
C HIS A 146 -10.46 0.04 11.55
N VAL A 147 -10.50 1.02 10.65
CA VAL A 147 -10.33 0.75 9.23
C VAL A 147 -9.00 0.06 8.95
N VAL A 148 -7.93 0.60 9.51
CA VAL A 148 -6.60 0.03 9.31
C VAL A 148 -6.57 -1.44 9.73
N MET A 149 -7.22 -1.74 10.84
CA MET A 149 -7.27 -3.11 11.34
C MET A 149 -8.18 -3.97 10.49
N THR A 150 -9.26 -3.38 9.98
CA THR A 150 -10.21 -4.09 9.14
C THR A 150 -9.54 -4.61 7.87
N ALA A 151 -8.67 -3.79 7.29
CA ALA A 151 -7.97 -4.17 6.07
C ALA A 151 -7.33 -5.55 6.21
N ILE A 152 -6.62 -5.76 7.31
CA ILE A 152 -5.96 -7.03 7.57
C ILE A 152 -6.94 -8.19 7.46
N GLN A 153 -8.06 -8.08 8.17
CA GLN A 153 -9.09 -9.12 8.15
C GLN A 153 -9.58 -9.37 6.73
N GLU A 154 -9.72 -8.29 5.95
CA GLU A 154 -10.19 -8.40 4.58
C GLU A 154 -9.13 -9.05 3.69
N LEU A 155 -7.87 -8.78 4.01
CA LEU A 155 -6.76 -9.33 3.23
C LEU A 155 -6.72 -10.86 3.36
N MET A 156 -7.06 -11.36 4.54
CA MET A 156 -7.06 -12.79 4.79
C MET A 156 -8.36 -13.43 4.31
N SER A 157 -9.45 -12.66 4.40
CA SER A 157 -10.76 -13.16 3.98
C SER A 157 -10.86 -13.18 2.46
N LYS A 158 -10.10 -12.31 1.80
CA LYS A 158 -10.10 -12.24 0.35
C LYS A 158 -9.02 -13.14 -0.25
N SER A 159 -8.39 -13.94 0.61
CA SER A 159 -7.34 -14.85 0.17
C SER A 159 -7.90 -16.25 -0.10
N GLY A 160 -9.03 -16.30 -0.80
CA GLY A 160 -9.64 -17.58 -1.11
C GLY A 160 -8.75 -18.45 -1.96
N PRO A 161 -8.39 -19.63 -1.43
CA PRO A 161 -7.52 -20.59 -2.11
C PRO A 161 -8.23 -21.24 -3.30
N SER A 162 -8.14 -20.59 -4.47
CA SER A 162 -8.76 -21.11 -5.67
C SER A 162 -8.22 -22.49 -6.03
N SER A 163 -6.89 -22.59 -6.11
CA SER A 163 -6.24 -23.86 -6.44
C SER A 163 -5.84 -24.60 -5.17
N GLY A 164 -5.89 -23.92 -4.03
CA GLY A 164 -5.53 -24.53 -2.78
C GLY A 164 -4.32 -25.43 -2.89
N GLY A 1 -14.13 20.59 11.34
CA GLY A 1 -13.60 20.22 12.63
C GLY A 1 -13.28 18.75 12.72
N SER A 2 -14.15 17.97 13.34
CA SER A 2 -13.95 16.54 13.50
C SER A 2 -13.92 15.85 12.13
N SER A 3 -15.02 15.95 11.40
CA SER A 3 -15.12 15.34 10.08
C SER A 3 -14.43 16.19 9.03
N GLY A 4 -13.68 15.55 8.13
CA GLY A 4 -12.99 16.28 7.09
C GLY A 4 -12.09 15.39 6.25
N SER A 5 -12.66 14.77 5.22
CA SER A 5 -11.91 13.88 4.36
C SER A 5 -12.28 14.10 2.89
N SER A 6 -11.49 13.52 1.98
CA SER A 6 -11.73 13.67 0.56
C SER A 6 -11.71 12.30 -0.14
N GLY A 7 -12.33 11.31 0.50
CA GLY A 7 -12.36 9.97 -0.07
C GLY A 7 -12.88 8.94 0.92
N LEU A 8 -13.21 7.76 0.42
CA LEU A 8 -13.73 6.69 1.26
C LEU A 8 -12.82 6.46 2.47
N PRO A 9 -13.30 5.67 3.44
CA PRO A 9 -12.57 5.36 4.65
C PRO A 9 -11.38 4.43 4.39
N LEU A 10 -11.63 3.33 3.69
CA LEU A 10 -10.59 2.37 3.37
C LEU A 10 -9.32 3.08 2.92
N CYS A 11 -9.48 4.25 2.32
CA CYS A 11 -8.34 5.04 1.84
C CYS A 11 -8.10 6.23 2.74
N ASP A 12 -9.17 6.83 3.24
CA ASP A 12 -9.07 7.99 4.12
C ASP A 12 -8.38 7.62 5.43
N SER A 13 -8.17 6.32 5.64
CA SER A 13 -7.53 5.83 6.86
C SER A 13 -6.16 5.25 6.54
N LEU A 14 -6.13 4.31 5.59
CA LEU A 14 -4.88 3.66 5.21
C LEU A 14 -3.77 4.69 5.02
N ILE A 15 -4.11 5.82 4.41
CA ILE A 15 -3.13 6.88 4.18
C ILE A 15 -2.49 7.33 5.50
N ILE A 16 -3.31 7.56 6.50
CA ILE A 16 -2.83 7.99 7.81
C ILE A 16 -1.78 7.03 8.35
N TRP A 17 -1.91 5.75 7.99
CA TRP A 17 -0.97 4.74 8.44
C TRP A 17 0.34 4.85 7.69
N LEU A 18 0.26 5.00 6.37
CA LEU A 18 1.45 5.12 5.54
C LEU A 18 2.24 6.38 5.89
N GLN A 19 1.59 7.29 6.61
CA GLN A 19 2.24 8.54 7.00
C GLN A 19 3.41 8.28 7.94
N THR A 20 3.30 7.20 8.71
CA THR A 20 4.35 6.84 9.67
C THR A 20 5.72 6.81 8.98
N PHE A 21 5.72 6.49 7.70
CA PHE A 21 6.97 6.43 6.92
C PHE A 21 7.26 7.76 6.26
N LYS A 22 8.20 8.51 6.82
CA LYS A 22 8.59 9.80 6.29
C LYS A 22 9.58 9.64 5.13
N THR A 23 9.41 8.60 4.35
CA THR A 23 10.29 8.33 3.22
C THR A 23 10.53 9.60 2.40
N ALA A 24 11.59 9.59 1.61
CA ALA A 24 11.93 10.73 0.77
C ALA A 24 10.69 11.32 0.11
N SER A 25 9.69 10.48 -0.10
CA SER A 25 8.45 10.91 -0.74
C SER A 25 7.37 11.18 0.31
N PRO A 26 6.68 12.33 0.17
CA PRO A 26 5.62 12.73 1.09
C PRO A 26 4.38 11.85 0.97
N CYS A 27 3.36 12.17 1.75
CA CYS A 27 2.11 11.41 1.73
C CYS A 27 0.99 12.19 2.40
N GLN A 28 0.06 12.69 1.58
CA GLN A 28 -1.07 13.46 2.09
C GLN A 28 -2.39 12.97 1.49
N ASP A 29 -2.60 13.30 0.22
CA ASP A 29 -3.81 12.90 -0.48
C ASP A 29 -3.55 11.68 -1.37
N VAL A 30 -4.57 11.28 -2.13
CA VAL A 30 -4.44 10.14 -3.02
C VAL A 30 -3.73 10.52 -4.31
N LYS A 31 -3.86 11.78 -4.70
CA LYS A 31 -3.23 12.28 -5.92
C LYS A 31 -1.71 12.35 -5.75
N GLN A 32 -1.26 12.41 -4.50
CA GLN A 32 0.16 12.48 -4.20
C GLN A 32 0.77 11.08 -4.11
N LEU A 33 -0.04 10.11 -3.71
CA LEU A 33 0.42 8.74 -3.58
C LEU A 33 0.17 7.96 -4.86
N THR A 34 -0.83 8.39 -5.63
CA THR A 34 -1.18 7.73 -6.88
C THR A 34 0.07 7.34 -7.67
N ASN A 35 1.12 8.16 -7.53
CA ASN A 35 2.38 7.88 -8.23
C ASN A 35 2.87 6.47 -7.94
N GLY A 36 3.26 6.23 -6.69
CA GLY A 36 3.75 4.92 -6.31
C GLY A 36 5.02 4.99 -5.49
N VAL A 37 5.90 5.91 -5.86
CA VAL A 37 7.17 6.08 -5.15
C VAL A 37 6.99 5.91 -3.65
N THR A 38 6.27 6.84 -3.03
CA THR A 38 6.02 6.80 -1.60
C THR A 38 5.77 5.37 -1.13
N MET A 39 4.80 4.71 -1.74
CA MET A 39 4.47 3.33 -1.39
C MET A 39 5.69 2.44 -1.50
N ALA A 40 6.36 2.48 -2.64
CA ALA A 40 7.56 1.67 -2.86
C ALA A 40 8.55 1.84 -1.73
N GLN A 41 8.92 3.09 -1.45
CA GLN A 41 9.88 3.38 -0.39
C GLN A 41 9.46 2.73 0.91
N VAL A 42 8.15 2.66 1.15
CA VAL A 42 7.62 2.05 2.36
C VAL A 42 7.82 0.54 2.35
N LEU A 43 7.60 -0.07 1.18
CA LEU A 43 7.76 -1.51 1.03
C LEU A 43 9.16 -1.96 1.42
N HIS A 44 10.16 -1.14 1.08
CA HIS A 44 11.54 -1.44 1.39
C HIS A 44 11.77 -1.46 2.90
N GLN A 45 10.80 -0.93 3.64
CA GLN A 45 10.90 -0.89 5.10
C GLN A 45 10.29 -2.15 5.72
N ILE A 46 9.12 -2.53 5.23
CA ILE A 46 8.44 -3.71 5.74
C ILE A 46 9.34 -4.94 5.68
N ASP A 47 9.68 -5.36 4.46
CA ASP A 47 10.55 -6.51 4.26
C ASP A 47 11.71 -6.17 3.35
N VAL A 48 12.76 -5.59 3.92
CA VAL A 48 13.94 -5.21 3.15
C VAL A 48 14.50 -6.40 2.39
N ALA A 49 14.20 -7.60 2.87
CA ALA A 49 14.69 -8.82 2.24
C ALA A 49 14.11 -8.98 0.84
N TRP A 50 12.80 -8.77 0.70
CA TRP A 50 12.13 -8.89 -0.58
C TRP A 50 12.14 -7.55 -1.32
N PHE A 51 12.30 -6.47 -0.57
CA PHE A 51 12.33 -5.13 -1.15
C PHE A 51 13.62 -4.41 -0.80
N SER A 52 14.69 -4.72 -1.53
CA SER A 52 15.99 -4.09 -1.29
C SER A 52 16.22 -2.94 -2.25
N GLU A 53 17.13 -2.04 -1.87
CA GLU A 53 17.44 -0.88 -2.69
C GLU A 53 17.45 -1.24 -4.17
N SER A 54 17.79 -2.50 -4.46
CA SER A 54 17.85 -2.98 -5.83
C SER A 54 16.50 -2.79 -6.52
N TRP A 55 15.43 -3.19 -5.84
CA TRP A 55 14.09 -3.08 -6.39
C TRP A 55 13.66 -1.62 -6.45
N LEU A 56 13.68 -0.94 -5.30
CA LEU A 56 13.29 0.46 -5.23
C LEU A 56 14.15 1.31 -6.16
N SER A 57 15.37 0.86 -6.41
CA SER A 57 16.29 1.58 -7.28
C SER A 57 15.72 1.71 -8.69
N ARG A 58 14.64 0.98 -8.96
CA ARG A 58 13.99 1.02 -10.27
C ARG A 58 12.84 2.01 -10.28
N ILE A 59 12.33 2.33 -9.09
CA ILE A 59 11.22 3.28 -8.97
C ILE A 59 11.69 4.71 -9.22
N LYS A 60 10.91 5.45 -9.99
CA LYS A 60 11.24 6.84 -10.29
C LYS A 60 10.26 7.80 -9.62
N ASP A 61 10.72 9.00 -9.33
CA ASP A 61 9.88 10.02 -8.70
C ASP A 61 9.61 11.19 -9.65
N ASP A 62 10.32 11.19 -10.77
CA ASP A 62 10.16 12.25 -11.76
C ASP A 62 8.68 12.43 -12.13
N VAL A 63 7.87 11.44 -11.79
CA VAL A 63 6.44 11.47 -12.08
C VAL A 63 5.88 12.88 -11.88
N GLY A 64 6.50 13.64 -10.99
CA GLY A 64 6.06 14.99 -10.72
C GLY A 64 5.46 15.66 -11.94
N ASP A 65 6.23 15.67 -13.04
CA ASP A 65 5.77 16.28 -14.28
C ASP A 65 5.38 15.21 -15.30
N ASN A 66 5.56 13.95 -14.93
CA ASN A 66 5.23 12.84 -15.81
C ASN A 66 4.15 11.96 -15.19
N TRP A 67 3.12 11.66 -15.98
CA TRP A 67 2.01 10.83 -15.52
C TRP A 67 2.22 9.38 -15.92
N ARG A 68 2.94 9.16 -17.01
CA ARG A 68 3.21 7.82 -17.50
C ARG A 68 4.15 7.08 -16.55
N ILE A 69 5.09 7.82 -15.96
CA ILE A 69 6.05 7.23 -15.04
C ILE A 69 5.35 6.71 -13.78
N LYS A 70 4.23 7.33 -13.43
CA LYS A 70 3.47 6.94 -12.25
C LYS A 70 3.05 5.48 -12.35
N ALA A 71 2.30 5.14 -13.38
CA ALA A 71 1.84 3.78 -13.59
C ALA A 71 2.99 2.79 -13.51
N SER A 72 4.10 3.13 -14.16
CA SER A 72 5.29 2.27 -14.17
C SER A 72 5.63 1.81 -12.76
N ASN A 73 5.49 2.72 -11.79
CA ASN A 73 5.80 2.41 -10.40
C ASN A 73 4.68 1.59 -9.77
N LEU A 74 3.45 2.10 -9.84
CA LEU A 74 2.30 1.40 -9.29
C LEU A 74 2.34 -0.08 -9.63
N LYS A 75 2.73 -0.40 -10.86
CA LYS A 75 2.81 -1.78 -11.31
C LYS A 75 3.85 -2.55 -10.50
N LYS A 76 5.06 -2.02 -10.43
CA LYS A 76 6.15 -2.66 -9.69
C LYS A 76 5.77 -2.81 -8.22
N VAL A 77 5.06 -1.83 -7.69
CA VAL A 77 4.63 -1.86 -6.29
C VAL A 77 3.54 -2.91 -6.07
N LEU A 78 2.68 -3.08 -7.06
CA LEU A 78 1.59 -4.04 -6.99
C LEU A 78 2.13 -5.47 -7.02
N HIS A 79 2.93 -5.77 -8.03
CA HIS A 79 3.51 -7.09 -8.18
C HIS A 79 4.41 -7.43 -7.00
N GLY A 80 5.17 -6.44 -6.55
CA GLY A 80 6.06 -6.66 -5.42
C GLY A 80 5.35 -7.24 -4.21
N ILE A 81 4.12 -6.80 -3.99
CA ILE A 81 3.33 -7.29 -2.86
C ILE A 81 2.72 -8.66 -3.16
N THR A 82 2.01 -8.75 -4.29
CA THR A 82 1.39 -10.00 -4.69
C THR A 82 2.38 -11.15 -4.65
N SER A 83 3.60 -10.88 -5.11
CA SER A 83 4.64 -11.91 -5.13
C SER A 83 5.01 -12.34 -3.71
N TYR A 84 5.03 -11.38 -2.80
CA TYR A 84 5.37 -11.66 -1.40
C TYR A 84 4.31 -12.56 -0.76
N TYR A 85 3.14 -12.61 -1.37
CA TYR A 85 2.04 -13.42 -0.87
C TYR A 85 2.07 -14.83 -1.47
N HIS A 86 2.60 -14.93 -2.68
CA HIS A 86 2.69 -16.21 -3.38
C HIS A 86 4.02 -16.89 -3.09
N GLU A 87 5.05 -16.09 -2.78
CA GLU A 87 6.37 -16.62 -2.48
C GLU A 87 6.57 -16.76 -0.98
N PHE A 88 6.67 -15.62 -0.28
CA PHE A 88 6.87 -15.63 1.16
C PHE A 88 5.77 -16.43 1.86
N LEU A 89 4.56 -15.88 1.85
CA LEU A 89 3.42 -16.54 2.49
C LEU A 89 3.00 -17.78 1.71
N GLY A 90 2.88 -17.64 0.39
CA GLY A 90 2.50 -18.76 -0.45
C GLY A 90 1.08 -18.63 -0.98
N GLN A 91 0.28 -17.80 -0.32
CA GLN A 91 -1.10 -17.59 -0.74
C GLN A 91 -1.18 -16.64 -1.93
N GLN A 92 -2.39 -16.37 -2.39
CA GLN A 92 -2.61 -15.47 -3.51
C GLN A 92 -3.51 -14.31 -3.13
N ILE A 93 -3.85 -13.47 -4.11
CA ILE A 93 -4.71 -12.32 -3.88
C ILE A 93 -5.91 -12.34 -4.80
N SER A 94 -7.09 -12.08 -4.23
CA SER A 94 -8.33 -12.05 -5.01
C SER A 94 -8.47 -10.74 -5.76
N GLU A 95 -9.10 -10.81 -6.94
CA GLU A 95 -9.30 -9.63 -7.77
C GLU A 95 -9.95 -8.50 -6.96
N GLU A 96 -10.52 -8.86 -5.81
CA GLU A 96 -11.18 -7.89 -4.95
C GLU A 96 -10.16 -6.95 -4.31
N LEU A 97 -8.96 -7.48 -4.06
CA LEU A 97 -7.90 -6.69 -3.45
C LEU A 97 -7.00 -6.06 -4.51
N ILE A 98 -6.93 -6.70 -5.67
CA ILE A 98 -6.11 -6.21 -6.77
C ILE A 98 -6.40 -4.73 -7.05
N PRO A 99 -5.45 -3.86 -6.69
CA PRO A 99 -5.58 -2.42 -6.89
C PRO A 99 -5.52 -2.04 -8.36
N ASP A 100 -6.53 -1.32 -8.83
CA ASP A 100 -6.59 -0.88 -10.22
C ASP A 100 -5.68 0.32 -10.45
N LEU A 101 -4.45 0.06 -10.86
CA LEU A 101 -3.47 1.12 -11.11
C LEU A 101 -3.92 1.99 -12.29
N ASN A 102 -4.37 1.35 -13.35
CA ASN A 102 -4.82 2.07 -14.54
C ASN A 102 -5.85 3.14 -14.16
N GLN A 103 -6.71 2.81 -13.21
CA GLN A 103 -7.74 3.74 -12.77
C GLN A 103 -7.18 4.70 -11.72
N ILE A 104 -5.99 4.39 -11.22
CA ILE A 104 -5.36 5.22 -10.20
C ILE A 104 -4.38 6.22 -10.83
N THR A 105 -3.88 5.86 -12.01
CA THR A 105 -2.94 6.74 -12.72
C THR A 105 -3.67 7.64 -13.70
N GLU A 106 -4.80 7.18 -14.21
CA GLU A 106 -5.60 7.96 -15.15
C GLU A 106 -6.71 8.72 -14.43
N CYS A 107 -7.30 8.08 -13.42
CA CYS A 107 -8.38 8.69 -12.66
C CYS A 107 -7.89 9.08 -11.26
N ALA A 108 -7.16 8.18 -10.61
CA ALA A 108 -6.63 8.44 -9.28
C ALA A 108 -7.73 8.33 -8.23
N ASP A 109 -8.77 7.57 -8.55
CA ASP A 109 -9.90 7.38 -7.64
C ASP A 109 -9.41 6.96 -6.25
N PRO A 110 -10.06 7.49 -5.20
CA PRO A 110 -9.70 7.19 -3.81
C PRO A 110 -10.06 5.75 -3.43
N VAL A 111 -11.06 5.20 -4.10
CA VAL A 111 -11.50 3.83 -3.83
C VAL A 111 -10.46 2.82 -4.32
N GLU A 112 -9.83 3.13 -5.44
CA GLU A 112 -8.82 2.24 -6.02
C GLU A 112 -7.48 2.43 -5.32
N LEU A 113 -7.05 3.69 -5.22
CA LEU A 113 -5.78 4.01 -4.58
C LEU A 113 -5.60 3.21 -3.29
N GLY A 114 -6.61 3.24 -2.43
CA GLY A 114 -6.55 2.52 -1.18
C GLY A 114 -6.24 1.05 -1.37
N ARG A 115 -6.79 0.47 -2.43
CA ARG A 115 -6.56 -0.95 -2.73
C ARG A 115 -5.08 -1.31 -2.61
N LEU A 116 -4.24 -0.48 -3.22
CA LEU A 116 -2.80 -0.71 -3.19
C LEU A 116 -2.26 -0.58 -1.77
N LEU A 117 -2.67 0.47 -1.08
CA LEU A 117 -2.23 0.71 0.29
C LEU A 117 -2.58 -0.47 1.19
N GLN A 118 -3.70 -1.14 0.88
CA GLN A 118 -4.14 -2.28 1.66
C GLN A 118 -3.15 -3.44 1.54
N LEU A 119 -2.70 -3.70 0.31
CA LEU A 119 -1.75 -4.78 0.07
C LEU A 119 -0.45 -4.53 0.81
N ILE A 120 0.05 -3.30 0.76
CA ILE A 120 1.29 -2.94 1.43
C ILE A 120 1.18 -3.19 2.93
N LEU A 121 0.02 -2.90 3.50
CA LEU A 121 -0.20 -3.09 4.93
C LEU A 121 -0.19 -4.57 5.28
N GLY A 122 -0.83 -5.38 4.44
CA GLY A 122 -0.87 -6.81 4.68
C GLY A 122 0.50 -7.42 4.90
N CYS A 123 1.39 -7.22 3.93
CA CYS A 123 2.74 -7.74 4.03
C CYS A 123 3.45 -7.21 5.26
N ALA A 124 2.91 -6.15 5.85
CA ALA A 124 3.48 -5.54 7.03
C ALA A 124 2.89 -6.14 8.30
N VAL A 125 1.79 -6.87 8.15
CA VAL A 125 1.13 -7.49 9.29
C VAL A 125 1.33 -9.01 9.27
N ASN A 126 2.16 -9.49 8.35
CA ASN A 126 2.43 -10.91 8.23
C ASN A 126 3.93 -11.17 8.10
N CYS A 127 4.73 -10.29 8.69
CA CYS A 127 6.19 -10.42 8.65
C CYS A 127 6.77 -10.54 10.06
N GLU A 128 8.08 -10.62 10.14
CA GLU A 128 8.77 -10.75 11.42
C GLU A 128 8.68 -9.45 12.21
N LYS A 129 8.98 -8.34 11.55
CA LYS A 129 8.93 -7.03 12.18
C LYS A 129 7.51 -6.51 12.28
N LYS A 130 6.57 -7.26 11.69
CA LYS A 130 5.17 -6.88 11.71
C LYS A 130 4.82 -6.14 13.00
N GLN A 131 5.19 -6.73 14.13
CA GLN A 131 4.92 -6.14 15.43
C GLN A 131 5.32 -4.66 15.45
N GLU A 132 6.53 -4.38 14.99
CA GLU A 132 7.04 -3.02 14.95
C GLU A 132 6.06 -2.09 14.24
N HIS A 133 5.22 -2.67 13.39
CA HIS A 133 4.23 -1.89 12.65
C HIS A 133 2.89 -1.88 13.39
N ILE A 134 2.44 -3.05 13.81
CA ILE A 134 1.17 -3.17 14.54
C ILE A 134 1.00 -2.03 15.53
N LYS A 135 2.09 -1.65 16.19
CA LYS A 135 2.06 -0.57 17.16
C LYS A 135 1.72 0.75 16.50
N ASN A 136 2.23 0.95 15.29
CA ASN A 136 1.99 2.18 14.54
C ASN A 136 0.50 2.38 14.30
N ILE A 137 -0.24 1.28 14.21
CA ILE A 137 -1.68 1.33 14.00
C ILE A 137 -2.41 1.79 15.26
N MET A 138 -1.94 1.32 16.41
CA MET A 138 -2.56 1.68 17.68
C MET A 138 -2.43 3.17 17.93
N THR A 139 -1.32 3.76 17.50
CA THR A 139 -1.07 5.18 17.69
C THR A 139 -2.02 6.01 16.83
N LEU A 140 -2.54 5.41 15.76
CA LEU A 140 -3.46 6.10 14.87
C LEU A 140 -4.77 6.42 15.58
N GLU A 141 -5.53 7.34 15.00
CA GLU A 141 -6.81 7.74 15.57
C GLU A 141 -7.75 6.54 15.72
N GLU A 142 -8.74 6.68 16.58
CA GLU A 142 -9.71 5.61 16.82
C GLU A 142 -10.34 5.15 15.51
N SER A 143 -10.93 6.09 14.78
CA SER A 143 -11.58 5.78 13.52
C SER A 143 -10.60 5.12 12.54
N VAL A 144 -9.32 5.47 12.67
CA VAL A 144 -8.29 4.93 11.81
C VAL A 144 -7.97 3.48 12.19
N GLN A 145 -7.68 3.25 13.46
CA GLN A 145 -7.37 1.91 13.95
C GLN A 145 -8.38 0.89 13.44
N HIS A 146 -9.63 1.33 13.28
CA HIS A 146 -10.69 0.46 12.81
C HIS A 146 -10.43 0.04 11.36
N VAL A 147 -10.51 1.02 10.45
CA VAL A 147 -10.29 0.76 9.02
C VAL A 147 -8.95 0.06 8.80
N VAL A 148 -7.90 0.61 9.38
CA VAL A 148 -6.56 0.04 9.25
C VAL A 148 -6.54 -1.42 9.68
N MET A 149 -7.22 -1.71 10.79
CA MET A 149 -7.27 -3.07 11.32
C MET A 149 -8.17 -3.95 10.44
N THR A 150 -9.23 -3.37 9.91
CA THR A 150 -10.16 -4.09 9.06
C THR A 150 -9.46 -4.66 7.83
N ALA A 151 -8.68 -3.82 7.16
CA ALA A 151 -7.95 -4.24 5.97
C ALA A 151 -7.30 -5.61 6.18
N ILE A 152 -6.67 -5.79 7.33
CA ILE A 152 -6.02 -7.06 7.65
C ILE A 152 -7.00 -8.22 7.58
N GLN A 153 -8.13 -8.08 8.26
CA GLN A 153 -9.16 -9.11 8.27
C GLN A 153 -9.59 -9.46 6.85
N GLU A 154 -9.62 -8.46 5.99
CA GLU A 154 -10.02 -8.67 4.60
C GLU A 154 -8.88 -9.29 3.78
N LEU A 155 -7.64 -9.04 4.23
CA LEU A 155 -6.47 -9.57 3.54
C LEU A 155 -6.30 -11.06 3.83
N MET A 156 -6.86 -11.51 4.96
CA MET A 156 -6.76 -12.91 5.35
C MET A 156 -7.92 -13.71 4.76
N SER A 157 -9.10 -13.10 4.71
CA SER A 157 -10.28 -13.75 4.17
C SER A 157 -10.16 -13.95 2.66
N LYS A 158 -9.71 -12.90 1.97
CA LYS A 158 -9.54 -12.96 0.52
C LYS A 158 -8.43 -13.92 0.14
N SER A 159 -7.34 -13.89 0.89
CA SER A 159 -6.20 -14.77 0.63
C SER A 159 -6.61 -16.23 0.74
N GLY A 160 -6.75 -16.88 -0.41
CA GLY A 160 -7.14 -18.28 -0.44
C GLY A 160 -5.95 -19.21 -0.58
N PRO A 161 -6.01 -20.38 0.06
CA PRO A 161 -4.94 -21.38 0.01
C PRO A 161 -4.82 -22.03 -1.37
N SER A 162 -3.79 -22.85 -1.54
CA SER A 162 -3.56 -23.53 -2.82
C SER A 162 -2.88 -24.87 -2.59
N SER A 163 -2.74 -25.64 -3.67
CA SER A 163 -2.11 -26.96 -3.59
C SER A 163 -0.60 -26.83 -3.44
N GLY A 164 -0.08 -27.38 -2.34
CA GLY A 164 1.35 -27.31 -2.10
C GLY A 164 1.76 -28.10 -0.87
N GLY A 1 -20.76 22.56 11.47
CA GLY A 1 -19.34 22.32 11.33
C GLY A 1 -19.00 21.54 10.07
N SER A 2 -17.73 21.25 9.88
CA SER A 2 -17.27 20.52 8.71
C SER A 2 -16.70 19.16 9.09
N SER A 3 -17.53 18.12 8.98
CA SER A 3 -17.12 16.77 9.33
C SER A 3 -17.23 15.84 8.12
N GLY A 4 -16.23 15.89 7.25
CA GLY A 4 -16.23 15.05 6.07
C GLY A 4 -15.01 15.28 5.20
N SER A 5 -14.71 14.30 4.34
CA SER A 5 -13.56 14.39 3.46
C SER A 5 -13.75 13.51 2.22
N SER A 6 -13.57 14.11 1.05
CA SER A 6 -13.73 13.38 -0.20
C SER A 6 -12.84 12.13 -0.23
N GLY A 7 -13.47 10.97 -0.29
CA GLY A 7 -12.72 9.73 -0.32
C GLY A 7 -13.26 8.71 0.68
N LEU A 8 -13.38 7.46 0.23
CA LEU A 8 -13.88 6.40 1.09
C LEU A 8 -12.97 6.19 2.30
N PRO A 9 -13.46 5.42 3.29
CA PRO A 9 -12.71 5.14 4.51
C PRO A 9 -11.51 4.23 4.25
N LEU A 10 -11.75 3.11 3.59
CA LEU A 10 -10.68 2.16 3.28
C LEU A 10 -9.42 2.89 2.81
N CYS A 11 -9.61 4.05 2.21
CA CYS A 11 -8.49 4.85 1.72
C CYS A 11 -8.25 6.06 2.61
N ASP A 12 -9.34 6.65 3.09
CA ASP A 12 -9.25 7.83 3.96
C ASP A 12 -8.57 7.48 5.28
N SER A 13 -8.35 6.19 5.50
CA SER A 13 -7.70 5.72 6.72
C SER A 13 -6.29 5.23 6.44
N LEU A 14 -6.15 4.38 5.42
CA LEU A 14 -4.85 3.84 5.05
C LEU A 14 -3.82 4.94 4.91
N ILE A 15 -4.22 6.06 4.32
CA ILE A 15 -3.33 7.20 4.14
C ILE A 15 -2.64 7.58 5.44
N ILE A 16 -3.43 7.70 6.50
CA ILE A 16 -2.89 8.06 7.81
C ILE A 16 -1.84 7.05 8.27
N TRP A 17 -2.04 5.79 7.90
CA TRP A 17 -1.11 4.73 8.27
C TRP A 17 0.21 4.87 7.50
N LEU A 18 0.10 5.08 6.19
CA LEU A 18 1.28 5.23 5.34
C LEU A 18 2.09 6.44 5.75
N GLN A 19 1.42 7.46 6.29
CA GLN A 19 2.09 8.68 6.72
C GLN A 19 3.24 8.36 7.67
N THR A 20 3.06 7.32 8.48
CA THR A 20 4.08 6.91 9.44
C THR A 20 5.45 6.83 8.77
N PHE A 21 5.46 6.60 7.46
CA PHE A 21 6.71 6.50 6.71
C PHE A 21 7.10 7.85 6.13
N LYS A 22 8.08 8.51 6.74
CA LYS A 22 8.55 9.81 6.28
C LYS A 22 9.54 9.66 5.14
N THR A 23 9.33 8.64 4.30
CA THR A 23 10.21 8.39 3.17
C THR A 23 10.44 9.66 2.36
N ALA A 24 11.45 9.62 1.49
CA ALA A 24 11.77 10.77 0.65
C ALA A 24 10.52 11.34 -0.02
N SER A 25 9.51 10.50 -0.18
CA SER A 25 8.26 10.92 -0.80
C SER A 25 7.17 11.13 0.25
N PRO A 26 6.52 12.31 0.20
CA PRO A 26 5.46 12.66 1.15
C PRO A 26 4.19 11.85 0.91
N CYS A 27 3.18 12.10 1.73
CA CYS A 27 1.91 11.40 1.62
C CYS A 27 0.78 12.18 2.28
N GLN A 28 -0.06 12.80 1.47
CA GLN A 28 -1.17 13.59 1.98
C GLN A 28 -2.51 13.02 1.51
N ASP A 29 -2.77 13.15 0.22
CA ASP A 29 -4.01 12.65 -0.36
C ASP A 29 -3.74 11.48 -1.29
N VAL A 30 -4.81 10.92 -1.87
CA VAL A 30 -4.68 9.80 -2.78
C VAL A 30 -3.95 10.19 -4.06
N LYS A 31 -4.04 11.47 -4.42
CA LYS A 31 -3.38 11.97 -5.61
C LYS A 31 -1.88 12.12 -5.38
N GLN A 32 -1.48 12.15 -4.12
CA GLN A 32 -0.07 12.28 -3.77
C GLN A 32 0.61 10.92 -3.72
N LEU A 33 -0.18 9.88 -3.48
CA LEU A 33 0.34 8.52 -3.41
C LEU A 33 0.16 7.79 -4.74
N THR A 34 -0.86 8.18 -5.49
CA THR A 34 -1.14 7.57 -6.78
C THR A 34 0.14 7.30 -7.55
N ASN A 35 1.18 8.06 -7.24
CA ASN A 35 2.47 7.90 -7.91
C ASN A 35 3.05 6.51 -7.63
N GLY A 36 3.16 6.17 -6.35
CA GLY A 36 3.70 4.87 -5.98
C GLY A 36 5.01 4.98 -5.22
N VAL A 37 5.88 5.88 -5.68
CA VAL A 37 7.17 6.08 -5.04
C VAL A 37 7.06 5.95 -3.52
N THR A 38 6.12 6.68 -2.94
CA THR A 38 5.91 6.66 -1.49
C THR A 38 5.64 5.23 -1.02
N MET A 39 4.78 4.51 -1.74
CA MET A 39 4.45 3.15 -1.38
C MET A 39 5.66 2.24 -1.51
N ALA A 40 6.36 2.35 -2.64
CA ALA A 40 7.54 1.53 -2.89
C ALA A 40 8.56 1.69 -1.77
N GLN A 41 8.92 2.94 -1.48
CA GLN A 41 9.90 3.22 -0.42
C GLN A 41 9.49 2.56 0.89
N VAL A 42 8.18 2.44 1.09
CA VAL A 42 7.66 1.83 2.31
C VAL A 42 7.87 0.32 2.30
N LEU A 43 7.53 -0.32 1.18
CA LEU A 43 7.68 -1.76 1.05
C LEU A 43 9.11 -2.19 1.36
N HIS A 44 10.07 -1.32 1.07
CA HIS A 44 11.47 -1.61 1.32
C HIS A 44 11.74 -1.71 2.81
N GLN A 45 10.91 -1.05 3.61
CA GLN A 45 11.06 -1.07 5.06
C GLN A 45 10.40 -2.31 5.66
N ILE A 46 9.27 -2.70 5.09
CA ILE A 46 8.54 -3.87 5.57
C ILE A 46 9.39 -5.14 5.45
N ASP A 47 9.79 -5.47 4.23
CA ASP A 47 10.61 -6.64 3.99
C ASP A 47 11.81 -6.30 3.12
N VAL A 48 12.84 -5.72 3.73
CA VAL A 48 14.04 -5.33 3.01
C VAL A 48 14.61 -6.50 2.22
N ALA A 49 14.19 -7.71 2.58
CA ALA A 49 14.64 -8.92 1.90
C ALA A 49 14.07 -8.99 0.49
N TRP A 50 12.77 -8.84 0.36
CA TRP A 50 12.10 -8.89 -0.93
C TRP A 50 12.17 -7.54 -1.63
N PHE A 51 11.96 -6.47 -0.87
CA PHE A 51 11.99 -5.12 -1.42
C PHE A 51 13.32 -4.42 -1.07
N SER A 52 14.37 -4.78 -1.79
CA SER A 52 15.69 -4.19 -1.55
C SER A 52 15.94 -3.04 -2.50
N GLU A 53 16.95 -2.22 -2.19
CA GLU A 53 17.31 -1.08 -3.03
C GLU A 53 17.29 -1.46 -4.51
N SER A 54 17.80 -2.65 -4.80
CA SER A 54 17.85 -3.13 -6.18
C SER A 54 16.49 -2.98 -6.86
N TRP A 55 15.43 -3.28 -6.12
CA TRP A 55 14.07 -3.18 -6.65
C TRP A 55 13.59 -1.74 -6.64
N LEU A 56 13.73 -1.08 -5.49
CA LEU A 56 13.31 0.30 -5.34
C LEU A 56 14.07 1.21 -6.30
N SER A 57 15.19 0.71 -6.82
CA SER A 57 16.01 1.47 -7.74
C SER A 57 15.32 1.61 -9.09
N ARG A 58 14.24 0.86 -9.28
CA ARG A 58 13.48 0.89 -10.53
C ARG A 58 12.36 1.93 -10.46
N ILE A 59 12.11 2.43 -9.26
CA ILE A 59 11.06 3.43 -9.05
C ILE A 59 11.60 4.84 -9.25
N LYS A 60 10.79 5.68 -9.89
CA LYS A 60 11.18 7.06 -10.14
C LYS A 60 10.21 8.04 -9.48
N ASP A 61 10.72 9.17 -9.04
CA ASP A 61 9.90 10.19 -8.38
C ASP A 61 9.64 11.37 -9.32
N ASP A 62 10.36 11.38 -10.44
CA ASP A 62 10.21 12.45 -11.42
C ASP A 62 8.75 12.64 -11.82
N VAL A 63 7.93 11.64 -11.50
CA VAL A 63 6.51 11.68 -11.82
C VAL A 63 5.94 13.08 -11.60
N GLY A 64 6.56 13.82 -10.70
CA GLY A 64 6.10 15.17 -10.41
C GLY A 64 5.45 15.83 -11.61
N ASP A 65 6.18 15.89 -12.72
CA ASP A 65 5.66 16.49 -13.94
C ASP A 65 5.29 15.43 -14.97
N ASN A 66 5.52 14.17 -14.61
CA ASN A 66 5.22 13.06 -15.50
C ASN A 66 4.15 12.16 -14.89
N TRP A 67 3.12 11.85 -15.68
CA TRP A 67 2.04 10.99 -15.22
C TRP A 67 2.26 9.55 -15.64
N ARG A 68 2.99 9.36 -16.73
CA ARG A 68 3.28 8.03 -17.24
C ARG A 68 4.23 7.29 -16.31
N ILE A 69 5.22 8.01 -15.79
CA ILE A 69 6.20 7.42 -14.88
C ILE A 69 5.52 6.84 -13.65
N LYS A 70 4.39 7.42 -13.28
CA LYS A 70 3.64 6.95 -12.11
C LYS A 70 3.25 5.48 -12.27
N ALA A 71 2.54 5.18 -13.34
CA ALA A 71 2.10 3.81 -13.61
C ALA A 71 3.28 2.85 -13.57
N SER A 72 4.39 3.25 -14.18
CA SER A 72 5.58 2.41 -14.22
C SER A 72 5.97 1.95 -12.83
N ASN A 73 5.68 2.79 -11.83
CA ASN A 73 6.01 2.47 -10.45
C ASN A 73 4.92 1.59 -9.83
N LEU A 74 3.69 2.07 -9.85
CA LEU A 74 2.56 1.33 -9.29
C LEU A 74 2.62 -0.14 -9.70
N LYS A 75 2.97 -0.38 -10.96
CA LYS A 75 3.06 -1.74 -11.48
C LYS A 75 4.04 -2.57 -10.64
N LYS A 76 5.22 -2.01 -10.39
CA LYS A 76 6.23 -2.70 -9.61
C LYS A 76 5.77 -2.86 -8.15
N VAL A 77 5.20 -1.81 -7.59
CA VAL A 77 4.73 -1.83 -6.22
C VAL A 77 3.74 -2.97 -6.00
N LEU A 78 2.78 -3.10 -6.90
CA LEU A 78 1.77 -4.14 -6.81
C LEU A 78 2.41 -5.53 -6.93
N HIS A 79 3.08 -5.75 -8.06
CA HIS A 79 3.74 -7.04 -8.30
C HIS A 79 4.62 -7.43 -7.11
N GLY A 80 5.32 -6.45 -6.54
CA GLY A 80 6.17 -6.70 -5.40
C GLY A 80 5.43 -7.32 -4.24
N ILE A 81 4.21 -6.84 -4.00
CA ILE A 81 3.40 -7.35 -2.91
C ILE A 81 2.79 -8.71 -3.25
N THR A 82 2.22 -8.81 -4.45
CA THR A 82 1.61 -10.05 -4.89
C THR A 82 2.58 -11.22 -4.79
N SER A 83 3.72 -11.11 -5.47
CA SER A 83 4.74 -12.15 -5.45
C SER A 83 5.09 -12.52 -4.02
N TYR A 84 4.93 -11.57 -3.10
CA TYR A 84 5.25 -11.79 -1.69
C TYR A 84 4.19 -12.67 -1.03
N TYR A 85 2.97 -12.60 -1.56
CA TYR A 85 1.86 -13.38 -1.01
C TYR A 85 1.89 -14.81 -1.54
N HIS A 86 2.45 -14.98 -2.74
CA HIS A 86 2.54 -16.30 -3.36
C HIS A 86 3.90 -16.93 -3.08
N GLU A 87 4.90 -16.10 -2.81
CA GLU A 87 6.24 -16.58 -2.51
C GLU A 87 6.46 -16.70 -1.00
N PHE A 88 6.55 -15.55 -0.34
CA PHE A 88 6.77 -15.52 1.10
C PHE A 88 5.72 -16.35 1.82
N LEU A 89 4.50 -15.85 1.85
CA LEU A 89 3.40 -16.56 2.51
C LEU A 89 2.97 -17.78 1.72
N GLY A 90 2.73 -17.59 0.42
CA GLY A 90 2.32 -18.68 -0.43
C GLY A 90 0.91 -18.52 -0.95
N GLN A 91 0.10 -17.77 -0.23
CA GLN A 91 -1.29 -17.54 -0.63
C GLN A 91 -1.35 -16.67 -1.88
N GLN A 92 -2.56 -16.36 -2.32
CA GLN A 92 -2.77 -15.54 -3.51
C GLN A 92 -3.62 -14.32 -3.19
N ILE A 93 -3.95 -13.56 -4.22
CA ILE A 93 -4.76 -12.35 -4.06
C ILE A 93 -5.99 -12.38 -4.96
N SER A 94 -7.14 -12.01 -4.41
CA SER A 94 -8.39 -12.00 -5.17
C SER A 94 -8.53 -10.69 -5.94
N GLU A 95 -9.23 -10.76 -7.07
CA GLU A 95 -9.45 -9.58 -7.90
C GLU A 95 -10.06 -8.44 -7.09
N GLU A 96 -10.58 -8.77 -5.91
CA GLU A 96 -11.18 -7.79 -5.03
C GLU A 96 -10.11 -6.88 -4.41
N LEU A 97 -8.91 -7.41 -4.26
CA LEU A 97 -7.81 -6.66 -3.68
C LEU A 97 -6.94 -6.03 -4.77
N ILE A 98 -6.87 -6.70 -5.91
CA ILE A 98 -6.08 -6.21 -7.03
C ILE A 98 -6.32 -4.73 -7.27
N PRO A 99 -5.36 -3.89 -6.86
CA PRO A 99 -5.45 -2.44 -7.01
C PRO A 99 -5.34 -2.00 -8.47
N ASP A 100 -6.40 -1.39 -8.99
CA ASP A 100 -6.42 -0.93 -10.37
C ASP A 100 -5.47 0.26 -10.56
N LEU A 101 -4.23 -0.03 -10.96
CA LEU A 101 -3.24 1.01 -11.18
C LEU A 101 -3.65 1.93 -12.31
N ASN A 102 -4.20 1.35 -13.37
CA ASN A 102 -4.64 2.12 -14.52
C ASN A 102 -5.69 3.16 -14.12
N GLN A 103 -6.51 2.81 -13.14
CA GLN A 103 -7.54 3.72 -12.66
C GLN A 103 -7.01 4.63 -11.56
N ILE A 104 -5.81 4.32 -11.07
CA ILE A 104 -5.19 5.11 -10.02
C ILE A 104 -4.21 6.14 -10.60
N THR A 105 -3.72 5.86 -11.81
CA THR A 105 -2.78 6.74 -12.48
C THR A 105 -3.50 7.69 -13.44
N GLU A 106 -4.59 7.20 -14.03
CA GLU A 106 -5.37 8.00 -14.96
C GLU A 106 -6.55 8.68 -14.26
N CYS A 107 -7.14 7.96 -13.31
CA CYS A 107 -8.28 8.48 -12.56
C CYS A 107 -7.87 8.86 -11.13
N ALA A 108 -7.00 8.05 -10.55
CA ALA A 108 -6.54 8.29 -9.19
C ALA A 108 -7.69 8.18 -8.18
N ASP A 109 -8.69 7.40 -8.53
CA ASP A 109 -9.85 7.21 -7.66
C ASP A 109 -9.42 6.80 -6.26
N PRO A 110 -10.11 7.33 -5.24
CA PRO A 110 -9.80 7.03 -3.84
C PRO A 110 -10.17 5.59 -3.46
N VAL A 111 -11.19 5.06 -4.13
CA VAL A 111 -11.64 3.69 -3.88
C VAL A 111 -10.59 2.67 -4.30
N GLU A 112 -9.92 2.96 -5.42
CA GLU A 112 -8.88 2.08 -5.94
C GLU A 112 -7.58 2.27 -5.20
N LEU A 113 -7.19 3.52 -5.00
CA LEU A 113 -5.94 3.83 -4.29
C LEU A 113 -5.87 3.09 -2.96
N GLY A 114 -6.95 3.18 -2.18
CA GLY A 114 -6.99 2.51 -0.90
C GLY A 114 -6.64 1.04 -0.99
N ARG A 115 -7.01 0.41 -2.10
CA ARG A 115 -6.72 -1.01 -2.30
C ARG A 115 -5.22 -1.25 -2.36
N LEU A 116 -4.51 -0.39 -3.09
CA LEU A 116 -3.06 -0.52 -3.24
C LEU A 116 -2.38 -0.48 -1.89
N LEU A 117 -2.85 0.43 -1.03
CA LEU A 117 -2.28 0.58 0.32
C LEU A 117 -2.58 -0.65 1.17
N GLN A 118 -3.78 -1.20 1.01
CA GLN A 118 -4.19 -2.37 1.77
C GLN A 118 -3.16 -3.49 1.64
N LEU A 119 -2.90 -3.90 0.41
CA LEU A 119 -1.93 -4.96 0.15
C LEU A 119 -0.64 -4.74 0.96
N ILE A 120 -0.10 -3.53 0.86
CA ILE A 120 1.13 -3.19 1.57
C ILE A 120 0.97 -3.42 3.07
N LEU A 121 -0.23 -3.15 3.59
CA LEU A 121 -0.51 -3.34 5.01
C LEU A 121 -0.54 -4.83 5.37
N GLY A 122 -1.24 -5.60 4.56
CA GLY A 122 -1.34 -7.03 4.81
C GLY A 122 0.02 -7.70 4.87
N CYS A 123 1.00 -7.11 4.20
CA CYS A 123 2.35 -7.66 4.18
C CYS A 123 3.16 -7.15 5.37
N ALA A 124 2.70 -6.07 5.97
CA ALA A 124 3.38 -5.49 7.12
C ALA A 124 2.85 -6.08 8.43
N VAL A 125 1.84 -6.93 8.32
CA VAL A 125 1.24 -7.56 9.49
C VAL A 125 1.47 -9.07 9.48
N ASN A 126 2.26 -9.53 8.51
CA ASN A 126 2.57 -10.95 8.39
C ASN A 126 4.07 -11.17 8.24
N CYS A 127 4.86 -10.31 8.88
CA CYS A 127 6.31 -10.40 8.81
C CYS A 127 6.91 -10.44 10.21
N GLU A 128 8.24 -10.45 10.28
CA GLU A 128 8.94 -10.48 11.56
C GLU A 128 8.82 -9.13 12.27
N LYS A 129 9.11 -8.05 11.54
CA LYS A 129 9.04 -6.71 12.11
C LYS A 129 7.59 -6.23 12.19
N LYS A 130 6.67 -7.05 11.68
CA LYS A 130 5.25 -6.71 11.70
C LYS A 130 4.91 -5.92 12.96
N GLN A 131 5.33 -6.43 14.11
CA GLN A 131 5.06 -5.76 15.38
C GLN A 131 5.48 -4.29 15.33
N GLU A 132 6.68 -4.04 14.82
CA GLU A 132 7.19 -2.69 14.72
C GLU A 132 6.19 -1.77 14.03
N HIS A 133 5.35 -2.36 13.18
CA HIS A 133 4.33 -1.60 12.45
C HIS A 133 3.02 -1.58 13.22
N ILE A 134 2.61 -2.75 13.70
CA ILE A 134 1.36 -2.87 14.46
C ILE A 134 1.18 -1.70 15.40
N LYS A 135 2.27 -1.28 16.05
CA LYS A 135 2.24 -0.17 16.98
C LYS A 135 1.87 1.13 16.27
N ASN A 136 2.36 1.30 15.05
CA ASN A 136 2.07 2.49 14.26
C ASN A 136 0.58 2.63 14.01
N ILE A 137 -0.14 1.51 14.07
CA ILE A 137 -1.58 1.50 13.85
C ILE A 137 -2.33 1.94 15.11
N MET A 138 -1.89 1.44 16.26
CA MET A 138 -2.52 1.77 17.53
C MET A 138 -2.36 3.25 17.84
N THR A 139 -1.28 3.84 17.32
CA THR A 139 -1.00 5.26 17.56
C THR A 139 -1.81 6.13 16.62
N LEU A 140 -2.74 5.52 15.89
CA LEU A 140 -3.59 6.24 14.94
C LEU A 140 -4.90 6.66 15.61
N GLU A 141 -5.70 7.45 14.89
CA GLU A 141 -6.97 7.91 15.41
C GLU A 141 -7.96 6.76 15.53
N GLU A 142 -8.66 6.69 16.67
CA GLU A 142 -9.63 5.64 16.91
C GLU A 142 -10.29 5.21 15.61
N SER A 143 -11.15 6.08 15.06
CA SER A 143 -11.85 5.78 13.82
C SER A 143 -10.91 5.13 12.81
N VAL A 144 -9.71 5.67 12.70
CA VAL A 144 -8.72 5.15 11.76
C VAL A 144 -8.31 3.73 12.13
N GLN A 145 -7.77 3.57 13.34
CA GLN A 145 -7.34 2.26 13.82
C GLN A 145 -8.28 1.17 13.33
N HIS A 146 -9.57 1.47 13.28
CA HIS A 146 -10.58 0.52 12.82
C HIS A 146 -10.33 0.11 11.38
N VAL A 147 -10.43 1.08 10.47
CA VAL A 147 -10.22 0.83 9.05
C VAL A 147 -8.86 0.18 8.80
N VAL A 148 -7.82 0.75 9.41
CA VAL A 148 -6.47 0.23 9.26
C VAL A 148 -6.40 -1.24 9.69
N MET A 149 -7.14 -1.58 10.74
CA MET A 149 -7.16 -2.96 11.24
C MET A 149 -8.05 -3.83 10.38
N THR A 150 -9.11 -3.25 9.82
CA THR A 150 -10.03 -3.99 8.97
C THR A 150 -9.34 -4.53 7.73
N ALA A 151 -8.56 -3.66 7.07
CA ALA A 151 -7.84 -4.06 5.87
C ALA A 151 -7.16 -5.41 6.06
N ILE A 152 -6.39 -5.55 7.13
CA ILE A 152 -5.69 -6.79 7.42
C ILE A 152 -6.65 -7.97 7.41
N GLN A 153 -7.72 -7.85 8.18
CA GLN A 153 -8.72 -8.92 8.26
C GLN A 153 -9.21 -9.32 6.87
N GLU A 154 -9.56 -8.32 6.07
CA GLU A 154 -10.04 -8.57 4.71
C GLU A 154 -8.99 -9.29 3.88
N LEU A 155 -7.73 -8.97 4.14
CA LEU A 155 -6.63 -9.59 3.40
C LEU A 155 -6.55 -11.08 3.70
N MET A 156 -6.89 -11.46 4.93
CA MET A 156 -6.86 -12.86 5.34
C MET A 156 -8.11 -13.58 4.86
N SER A 157 -9.19 -12.83 4.64
CA SER A 157 -10.45 -13.40 4.19
C SER A 157 -10.35 -13.86 2.73
N LYS A 158 -9.69 -13.05 1.91
CA LYS A 158 -9.52 -13.37 0.50
C LYS A 158 -8.52 -14.50 0.31
N SER A 159 -7.47 -14.49 1.12
CA SER A 159 -6.43 -15.52 1.04
C SER A 159 -7.04 -16.88 0.72
N GLY A 160 -6.34 -17.65 -0.10
CA GLY A 160 -6.83 -18.97 -0.48
C GLY A 160 -6.06 -20.08 0.21
N PRO A 161 -6.79 -20.91 0.97
CA PRO A 161 -6.19 -22.04 1.69
C PRO A 161 -5.72 -23.15 0.75
N SER A 162 -5.10 -24.18 1.31
CA SER A 162 -4.60 -25.31 0.53
C SER A 162 -5.50 -26.52 0.68
N SER A 163 -5.49 -27.39 -0.33
CA SER A 163 -6.31 -28.59 -0.31
C SER A 163 -6.08 -29.40 0.97
N GLY A 164 -4.96 -29.13 1.63
CA GLY A 164 -4.63 -29.84 2.86
C GLY A 164 -5.04 -31.29 2.81
N GLY A 1 -2.98 19.98 2.11
CA GLY A 1 -2.67 20.51 3.43
C GLY A 1 -2.94 19.51 4.54
N SER A 2 -3.93 19.80 5.36
CA SER A 2 -4.28 18.91 6.47
C SER A 2 -5.72 18.41 6.34
N SER A 3 -6.08 18.02 5.12
CA SER A 3 -7.43 17.52 4.85
C SER A 3 -7.79 16.39 5.80
N GLY A 4 -8.86 16.58 6.56
CA GLY A 4 -9.30 15.57 7.51
C GLY A 4 -9.78 14.31 6.83
N SER A 5 -11.05 14.30 6.40
CA SER A 5 -11.63 13.15 5.73
C SER A 5 -11.69 13.37 4.23
N SER A 6 -11.07 12.45 3.48
CA SER A 6 -11.05 12.54 2.03
C SER A 6 -11.36 11.19 1.40
N GLY A 7 -12.39 11.15 0.55
CA GLY A 7 -12.76 9.91 -0.11
C GLY A 7 -13.34 8.90 0.86
N LEU A 8 -13.30 7.63 0.47
CA LEU A 8 -13.83 6.56 1.31
C LEU A 8 -12.91 6.30 2.49
N PRO A 9 -13.40 5.50 3.46
CA PRO A 9 -12.64 5.15 4.66
C PRO A 9 -11.47 4.21 4.36
N LEU A 10 -11.76 3.14 3.66
CA LEU A 10 -10.74 2.15 3.30
C LEU A 10 -9.48 2.85 2.82
N CYS A 11 -9.63 4.06 2.27
CA CYS A 11 -8.50 4.83 1.77
C CYS A 11 -8.20 6.01 2.68
N ASP A 12 -9.26 6.61 3.22
CA ASP A 12 -9.12 7.77 4.10
C ASP A 12 -8.36 7.38 5.37
N SER A 13 -8.19 6.07 5.58
CA SER A 13 -7.48 5.58 6.76
C SER A 13 -6.05 5.19 6.41
N LEU A 14 -5.91 4.29 5.45
CA LEU A 14 -4.59 3.83 5.02
C LEU A 14 -3.60 4.99 4.97
N ILE A 15 -4.01 6.08 4.35
CA ILE A 15 -3.16 7.27 4.24
C ILE A 15 -2.59 7.66 5.60
N ILE A 16 -3.46 7.73 6.60
CA ILE A 16 -3.02 8.08 7.95
C ILE A 16 -2.01 7.10 8.49
N TRP A 17 -2.07 5.86 8.02
CA TRP A 17 -1.15 4.82 8.45
C TRP A 17 0.16 4.89 7.66
N LEU A 18 0.06 5.25 6.38
CA LEU A 18 1.23 5.35 5.52
C LEU A 18 2.04 6.60 5.87
N GLN A 19 1.37 7.60 6.43
CA GLN A 19 2.04 8.84 6.81
C GLN A 19 3.24 8.57 7.71
N THR A 20 3.12 7.54 8.55
CA THR A 20 4.20 7.18 9.45
C THR A 20 5.54 7.10 8.73
N PHE A 21 5.49 6.74 7.45
CA PHE A 21 6.70 6.62 6.64
C PHE A 21 7.06 7.98 6.02
N LYS A 22 8.06 8.63 6.60
CA LYS A 22 8.51 9.92 6.11
C LYS A 22 9.50 9.76 4.95
N THR A 23 9.34 8.69 4.20
CA THR A 23 10.21 8.41 3.07
C THR A 23 10.39 9.65 2.19
N ALA A 24 11.37 9.61 1.30
CA ALA A 24 11.64 10.73 0.40
C ALA A 24 10.34 11.31 -0.15
N SER A 25 9.33 10.46 -0.30
CA SER A 25 8.03 10.90 -0.82
C SER A 25 7.00 10.97 0.30
N PRO A 26 6.39 12.16 0.48
CA PRO A 26 5.38 12.38 1.51
C PRO A 26 4.08 11.66 1.20
N CYS A 27 3.17 11.63 2.17
CA CYS A 27 1.88 10.98 2.01
C CYS A 27 0.75 11.86 2.54
N GLN A 28 0.17 12.66 1.66
CA GLN A 28 -0.92 13.55 2.03
C GLN A 28 -2.23 13.11 1.38
N ASP A 29 -2.35 13.40 0.09
CA ASP A 29 -3.56 13.04 -0.66
C ASP A 29 -3.34 11.76 -1.46
N VAL A 30 -4.40 11.28 -2.09
CA VAL A 30 -4.32 10.06 -2.90
C VAL A 30 -3.53 10.31 -4.19
N LYS A 31 -3.76 11.47 -4.81
CA LYS A 31 -3.07 11.83 -6.03
C LYS A 31 -1.57 11.91 -5.82
N GLN A 32 -1.17 12.11 -4.57
CA GLN A 32 0.24 12.21 -4.22
C GLN A 32 0.86 10.83 -4.05
N LEU A 33 0.02 9.83 -3.79
CA LEU A 33 0.48 8.46 -3.61
C LEU A 33 0.34 7.67 -4.90
N THR A 34 -0.71 7.97 -5.66
CA THR A 34 -0.95 7.28 -6.93
C THR A 34 0.34 7.02 -7.68
N ASN A 35 1.34 7.87 -7.44
CA ASN A 35 2.64 7.73 -8.10
C ASN A 35 3.25 6.37 -7.82
N GLY A 36 3.31 6.00 -6.54
CA GLY A 36 3.88 4.71 -6.16
C GLY A 36 5.12 4.86 -5.32
N VAL A 37 5.98 5.81 -5.68
CA VAL A 37 7.22 6.04 -4.95
C VAL A 37 7.01 5.86 -3.45
N THR A 38 6.26 6.77 -2.84
CA THR A 38 5.98 6.71 -1.41
C THR A 38 5.78 5.28 -0.95
N MET A 39 4.94 4.54 -1.68
CA MET A 39 4.67 3.15 -1.34
C MET A 39 5.94 2.30 -1.41
N ALA A 40 6.51 2.21 -2.61
CA ALA A 40 7.73 1.44 -2.81
C ALA A 40 8.72 1.68 -1.69
N GLN A 41 8.97 2.95 -1.38
CA GLN A 41 9.90 3.32 -0.33
C GLN A 41 9.46 2.75 1.01
N VAL A 42 8.15 2.59 1.19
CA VAL A 42 7.60 2.05 2.42
C VAL A 42 7.80 0.54 2.50
N LEU A 43 7.54 -0.14 1.39
CA LEU A 43 7.68 -1.59 1.33
C LEU A 43 9.13 -2.00 1.61
N HIS A 44 10.06 -1.14 1.25
CA HIS A 44 11.48 -1.41 1.46
C HIS A 44 11.80 -1.52 2.95
N GLN A 45 10.90 -0.98 3.79
CA GLN A 45 11.09 -1.01 5.23
C GLN A 45 10.40 -2.22 5.83
N ILE A 46 9.28 -2.63 5.23
CA ILE A 46 8.53 -3.77 5.72
C ILE A 46 9.37 -5.05 5.67
N ASP A 47 9.79 -5.43 4.46
CA ASP A 47 10.60 -6.63 4.28
C ASP A 47 11.79 -6.34 3.37
N VAL A 48 12.78 -5.63 3.90
CA VAL A 48 13.98 -5.29 3.14
C VAL A 48 14.47 -6.49 2.34
N ALA A 49 14.10 -7.69 2.78
CA ALA A 49 14.51 -8.91 2.11
C ALA A 49 13.89 -9.02 0.73
N TRP A 50 12.57 -8.82 0.66
CA TRP A 50 11.85 -8.90 -0.61
C TRP A 50 11.90 -7.57 -1.34
N PHE A 51 12.01 -6.49 -0.58
CA PHE A 51 12.07 -5.15 -1.17
C PHE A 51 13.39 -4.47 -0.83
N SER A 52 14.44 -4.81 -1.59
CA SER A 52 15.76 -4.24 -1.37
C SER A 52 16.00 -3.06 -2.31
N GLU A 53 17.02 -2.27 -2.01
CA GLU A 53 17.35 -1.10 -2.81
C GLU A 53 17.36 -1.46 -4.29
N SER A 54 17.65 -2.72 -4.60
CA SER A 54 17.69 -3.19 -5.98
C SER A 54 16.33 -3.01 -6.66
N TRP A 55 15.26 -3.32 -5.93
CA TRP A 55 13.92 -3.19 -6.46
C TRP A 55 13.50 -1.73 -6.52
N LEU A 56 13.50 -1.06 -5.36
CA LEU A 56 13.12 0.34 -5.29
C LEU A 56 13.94 1.18 -6.25
N SER A 57 15.10 0.66 -6.64
CA SER A 57 16.00 1.36 -7.55
C SER A 57 15.35 1.52 -8.92
N ARG A 58 14.26 0.79 -9.15
CA ARG A 58 13.55 0.84 -10.41
C ARG A 58 12.44 1.89 -10.37
N ILE A 59 12.13 2.37 -9.17
CA ILE A 59 11.09 3.38 -9.00
C ILE A 59 11.65 4.78 -9.17
N LYS A 60 10.91 5.63 -9.87
CA LYS A 60 11.33 7.00 -10.12
C LYS A 60 10.38 7.99 -9.44
N ASP A 61 10.87 9.20 -9.19
CA ASP A 61 10.07 10.23 -8.55
C ASP A 61 9.74 11.35 -9.53
N ASP A 62 10.47 11.40 -10.64
CA ASP A 62 10.25 12.42 -11.66
C ASP A 62 8.77 12.54 -11.99
N VAL A 63 8.00 11.51 -11.66
CA VAL A 63 6.57 11.49 -11.93
C VAL A 63 5.96 12.87 -11.68
N GLY A 64 6.56 13.62 -10.76
CA GLY A 64 6.06 14.95 -10.44
C GLY A 64 5.42 15.63 -11.64
N ASP A 65 6.17 15.70 -12.74
CA ASP A 65 5.67 16.34 -13.96
C ASP A 65 5.30 15.28 -15.01
N ASN A 66 5.52 14.02 -14.66
CA ASN A 66 5.21 12.93 -15.58
C ASN A 66 4.16 12.00 -14.98
N TRP A 67 3.10 11.74 -15.74
CA TRP A 67 2.02 10.87 -15.30
C TRP A 67 2.25 9.44 -15.75
N ARG A 68 2.96 9.28 -16.86
CA ARG A 68 3.25 7.95 -17.39
C ARG A 68 4.21 7.20 -16.48
N ILE A 69 5.18 7.91 -15.94
CA ILE A 69 6.16 7.30 -15.04
C ILE A 69 5.50 6.75 -13.79
N LYS A 70 4.39 7.36 -13.39
CA LYS A 70 3.65 6.91 -12.21
C LYS A 70 3.23 5.46 -12.34
N ALA A 71 2.46 5.15 -13.38
CA ALA A 71 2.00 3.79 -13.62
C ALA A 71 3.14 2.79 -13.48
N SER A 72 4.19 2.98 -14.27
CA SER A 72 5.35 2.09 -14.24
C SER A 72 5.66 1.66 -12.81
N ASN A 73 5.66 2.63 -11.89
CA ASN A 73 5.94 2.35 -10.49
C ASN A 73 4.84 1.50 -9.86
N LEU A 74 3.61 2.03 -9.91
CA LEU A 74 2.46 1.32 -9.35
C LEU A 74 2.52 -0.17 -9.70
N LYS A 75 2.88 -0.47 -10.93
CA LYS A 75 2.98 -1.85 -11.40
C LYS A 75 3.92 -2.65 -10.50
N LYS A 76 5.13 -2.16 -10.33
CA LYS A 76 6.13 -2.84 -9.50
C LYS A 76 5.66 -2.90 -8.05
N VAL A 77 5.14 -1.79 -7.55
CA VAL A 77 4.65 -1.71 -6.18
C VAL A 77 3.62 -2.81 -5.90
N LEU A 78 2.68 -2.98 -6.82
CA LEU A 78 1.64 -3.98 -6.67
C LEU A 78 2.23 -5.39 -6.81
N HIS A 79 2.87 -5.65 -7.94
CA HIS A 79 3.47 -6.95 -8.20
C HIS A 79 4.43 -7.34 -7.07
N GLY A 80 5.02 -6.32 -6.44
CA GLY A 80 5.96 -6.58 -5.36
C GLY A 80 5.28 -7.17 -4.14
N ILE A 81 4.01 -6.83 -3.94
CA ILE A 81 3.26 -7.33 -2.80
C ILE A 81 2.63 -8.68 -3.11
N THR A 82 1.78 -8.71 -4.14
CA THR A 82 1.11 -9.94 -4.55
C THR A 82 2.10 -11.09 -4.65
N SER A 83 3.30 -10.80 -5.14
CA SER A 83 4.33 -11.81 -5.29
C SER A 83 4.83 -12.29 -3.94
N TYR A 84 4.78 -11.42 -2.94
CA TYR A 84 5.22 -11.75 -1.60
C TYR A 84 4.22 -12.67 -0.91
N TYR A 85 2.97 -12.61 -1.35
CA TYR A 85 1.92 -13.44 -0.77
C TYR A 85 1.95 -14.84 -1.37
N HIS A 86 2.47 -14.95 -2.58
CA HIS A 86 2.55 -16.24 -3.26
C HIS A 86 3.91 -16.91 -3.00
N GLU A 87 4.92 -16.08 -2.72
CA GLU A 87 6.26 -16.59 -2.45
C GLU A 87 6.48 -16.75 -0.95
N PHE A 88 6.59 -15.62 -0.25
CA PHE A 88 6.81 -15.63 1.19
C PHE A 88 5.79 -16.52 1.89
N LEU A 89 4.55 -16.06 1.94
CA LEU A 89 3.48 -16.81 2.57
C LEU A 89 3.06 -18.01 1.73
N GLY A 90 2.69 -17.74 0.48
CA GLY A 90 2.28 -18.80 -0.42
C GLY A 90 0.86 -18.65 -0.89
N GLN A 91 0.09 -17.81 -0.20
CA GLN A 91 -1.30 -17.58 -0.54
C GLN A 91 -1.42 -16.72 -1.79
N GLN A 92 -2.64 -16.34 -2.15
CA GLN A 92 -2.88 -15.52 -3.32
C GLN A 92 -3.76 -14.33 -2.97
N ILE A 93 -4.13 -13.55 -4.00
CA ILE A 93 -4.97 -12.38 -3.80
C ILE A 93 -6.17 -12.39 -4.74
N SER A 94 -7.34 -12.08 -4.19
CA SER A 94 -8.57 -12.07 -4.99
C SER A 94 -8.69 -10.78 -5.79
N GLU A 95 -9.30 -10.86 -6.96
CA GLU A 95 -9.47 -9.70 -7.82
C GLU A 95 -10.12 -8.56 -7.06
N GLU A 96 -10.71 -8.88 -5.92
CA GLU A 96 -11.38 -7.86 -5.09
C GLU A 96 -10.37 -6.92 -4.46
N LEU A 97 -9.16 -7.43 -4.24
CA LEU A 97 -8.09 -6.63 -3.63
C LEU A 97 -7.21 -6.01 -4.71
N ILE A 98 -7.08 -6.70 -5.84
CA ILE A 98 -6.27 -6.21 -6.94
C ILE A 98 -6.57 -4.74 -7.23
N PRO A 99 -5.64 -3.85 -6.82
CA PRO A 99 -5.79 -2.40 -7.03
C PRO A 99 -5.64 -2.03 -8.50
N ASP A 100 -6.67 -1.37 -9.04
CA ASP A 100 -6.66 -0.93 -10.43
C ASP A 100 -5.67 0.21 -10.64
N LEU A 101 -4.43 -0.13 -10.96
CA LEU A 101 -3.39 0.87 -11.20
C LEU A 101 -3.79 1.83 -12.30
N ASN A 102 -4.38 1.29 -13.37
CA ASN A 102 -4.81 2.10 -14.50
C ASN A 102 -5.83 3.14 -14.06
N GLN A 103 -6.65 2.78 -13.08
CA GLN A 103 -7.68 3.69 -12.57
C GLN A 103 -7.10 4.62 -11.50
N ILE A 104 -5.88 4.33 -11.07
CA ILE A 104 -5.22 5.14 -10.06
C ILE A 104 -4.27 6.15 -10.70
N THR A 105 -3.77 5.81 -11.89
CA THR A 105 -2.85 6.68 -12.61
C THR A 105 -3.60 7.57 -13.60
N GLU A 106 -4.71 7.06 -14.13
CA GLU A 106 -5.52 7.81 -15.09
C GLU A 106 -6.66 8.53 -14.39
N CYS A 107 -7.23 7.89 -13.37
CA CYS A 107 -8.33 8.47 -12.62
C CYS A 107 -7.88 8.89 -11.23
N ALA A 108 -7.11 8.03 -10.57
CA ALA A 108 -6.61 8.33 -9.24
C ALA A 108 -7.73 8.25 -8.20
N ASP A 109 -8.76 7.47 -8.52
CA ASP A 109 -9.89 7.31 -7.61
C ASP A 109 -9.43 6.87 -6.23
N PRO A 110 -10.08 7.39 -5.18
CA PRO A 110 -9.75 7.07 -3.80
C PRO A 110 -10.12 5.64 -3.43
N VAL A 111 -11.20 5.15 -4.03
CA VAL A 111 -11.66 3.79 -3.76
C VAL A 111 -10.64 2.76 -4.23
N GLU A 112 -9.98 3.05 -5.34
CA GLU A 112 -8.97 2.14 -5.89
C GLU A 112 -7.64 2.30 -5.16
N LEU A 113 -7.21 3.54 -4.97
CA LEU A 113 -5.95 3.83 -4.29
C LEU A 113 -5.88 3.07 -2.97
N GLY A 114 -6.93 3.21 -2.16
CA GLY A 114 -6.96 2.52 -0.87
C GLY A 114 -6.61 1.05 -0.98
N ARG A 115 -7.04 0.42 -2.07
CA ARG A 115 -6.78 -0.99 -2.30
C ARG A 115 -5.27 -1.25 -2.40
N LEU A 116 -4.57 -0.36 -3.08
CA LEU A 116 -3.13 -0.50 -3.26
C LEU A 116 -2.41 -0.46 -1.91
N LEU A 117 -2.70 0.57 -1.13
CA LEU A 117 -2.09 0.73 0.19
C LEU A 117 -2.39 -0.47 1.07
N GLN A 118 -3.61 -0.99 0.97
CA GLN A 118 -4.03 -2.13 1.76
C GLN A 118 -3.04 -3.28 1.61
N LEU A 119 -2.75 -3.66 0.38
CA LEU A 119 -1.83 -4.75 0.10
C LEU A 119 -0.56 -4.62 0.95
N ILE A 120 0.01 -3.42 0.96
CA ILE A 120 1.20 -3.16 1.74
C ILE A 120 0.99 -3.46 3.23
N LEU A 121 -0.10 -2.92 3.77
CA LEU A 121 -0.43 -3.14 5.18
C LEU A 121 -0.41 -4.62 5.52
N GLY A 122 -1.12 -5.41 4.72
CA GLY A 122 -1.17 -6.85 4.97
C GLY A 122 0.21 -7.45 5.18
N CYS A 123 1.08 -7.28 4.21
CA CYS A 123 2.45 -7.82 4.30
C CYS A 123 3.18 -7.24 5.50
N ALA A 124 2.58 -6.21 6.11
CA ALA A 124 3.18 -5.56 7.27
C ALA A 124 2.68 -6.20 8.56
N VAL A 125 1.77 -7.15 8.44
CA VAL A 125 1.22 -7.85 9.60
C VAL A 125 1.53 -9.33 9.56
N ASN A 126 2.35 -9.73 8.58
CA ASN A 126 2.73 -11.13 8.44
C ASN A 126 4.24 -11.26 8.22
N CYS A 127 4.99 -10.28 8.72
CA CYS A 127 6.44 -10.29 8.59
C CYS A 127 7.12 -10.30 9.95
N GLU A 128 8.45 -10.26 9.94
CA GLU A 128 9.21 -10.28 11.19
C GLU A 128 9.08 -8.93 11.91
N LYS A 129 9.26 -7.85 11.17
CA LYS A 129 9.15 -6.51 11.75
C LYS A 129 7.70 -6.07 11.86
N LYS A 130 6.79 -6.89 11.35
CA LYS A 130 5.37 -6.60 11.39
C LYS A 130 5.02 -5.84 12.67
N GLN A 131 5.49 -6.35 13.81
CA GLN A 131 5.22 -5.71 15.09
C GLN A 131 5.59 -4.22 15.06
N GLU A 132 6.76 -3.93 14.52
CA GLU A 132 7.23 -2.55 14.42
C GLU A 132 6.17 -1.66 13.76
N HIS A 133 5.34 -2.27 12.93
CA HIS A 133 4.27 -1.53 12.25
C HIS A 133 2.97 -1.58 13.03
N ILE A 134 2.60 -2.79 13.46
CA ILE A 134 1.36 -2.97 14.23
C ILE A 134 1.17 -1.84 15.23
N LYS A 135 2.26 -1.40 15.85
CA LYS A 135 2.20 -0.32 16.82
C LYS A 135 1.79 0.99 16.16
N ASN A 136 2.28 1.21 14.94
CA ASN A 136 1.97 2.42 14.20
C ASN A 136 0.46 2.58 14.03
N ILE A 137 -0.25 1.47 14.11
CA ILE A 137 -1.70 1.48 13.96
C ILE A 137 -2.39 1.90 15.25
N MET A 138 -1.97 1.28 16.35
CA MET A 138 -2.54 1.59 17.67
C MET A 138 -2.36 3.06 18.00
N THR A 139 -1.36 3.69 17.38
CA THR A 139 -1.07 5.10 17.62
C THR A 139 -2.02 5.98 16.84
N LEU A 140 -2.56 5.46 15.75
CA LEU A 140 -3.49 6.21 14.91
C LEU A 140 -4.75 6.57 15.68
N GLU A 141 -5.70 7.19 14.99
CA GLU A 141 -6.96 7.59 15.62
C GLU A 141 -7.92 6.41 15.67
N GLU A 142 -8.55 6.23 16.82
CA GLU A 142 -9.51 5.14 17.01
C GLU A 142 -10.27 4.85 15.72
N SER A 143 -10.98 5.86 15.22
CA SER A 143 -11.75 5.72 14.00
C SER A 143 -10.91 5.09 12.89
N VAL A 144 -9.66 5.53 12.79
CA VAL A 144 -8.75 5.01 11.77
C VAL A 144 -8.34 3.57 12.08
N GLN A 145 -7.82 3.35 13.28
CA GLN A 145 -7.40 2.03 13.70
C GLN A 145 -8.38 0.96 13.23
N HIS A 146 -9.66 1.34 13.13
CA HIS A 146 -10.70 0.43 12.69
C HIS A 146 -10.46 0.00 11.24
N VAL A 147 -10.53 0.96 10.32
CA VAL A 147 -10.33 0.68 8.91
C VAL A 147 -8.97 0.05 8.65
N VAL A 148 -7.95 0.56 9.34
CA VAL A 148 -6.60 0.03 9.20
C VAL A 148 -6.52 -1.42 9.64
N MET A 149 -7.24 -1.75 10.71
CA MET A 149 -7.26 -3.12 11.22
C MET A 149 -8.11 -4.03 10.35
N THR A 150 -9.26 -3.50 9.90
CA THR A 150 -10.16 -4.27 9.06
C THR A 150 -9.47 -4.75 7.79
N ALA A 151 -8.68 -3.86 7.17
CA ALA A 151 -7.95 -4.19 5.96
C ALA A 151 -7.25 -5.53 6.09
N ILE A 152 -6.44 -5.67 7.14
CA ILE A 152 -5.71 -6.91 7.38
C ILE A 152 -6.62 -8.13 7.23
N GLN A 153 -7.72 -8.12 7.98
CA GLN A 153 -8.67 -9.23 7.94
C GLN A 153 -9.13 -9.50 6.50
N GLU A 154 -9.55 -8.43 5.82
CA GLU A 154 -10.01 -8.55 4.45
C GLU A 154 -8.91 -9.09 3.54
N LEU A 155 -7.67 -8.79 3.90
CA LEU A 155 -6.52 -9.24 3.12
C LEU A 155 -6.32 -10.75 3.26
N MET A 156 -6.39 -11.23 4.50
CA MET A 156 -6.22 -12.65 4.78
C MET A 156 -7.49 -13.43 4.44
N SER A 157 -8.63 -12.75 4.49
CA SER A 157 -9.91 -13.37 4.18
C SER A 157 -10.13 -13.47 2.69
N LYS A 158 -9.40 -12.65 1.93
CA LYS A 158 -9.51 -12.65 0.48
C LYS A 158 -8.42 -13.51 -0.16
N SER A 159 -7.72 -14.28 0.68
CA SER A 159 -6.66 -15.15 0.20
C SER A 159 -7.22 -16.44 -0.38
N GLY A 160 -6.91 -16.71 -1.64
CA GLY A 160 -7.39 -17.92 -2.28
C GLY A 160 -6.78 -19.18 -1.71
N PRO A 161 -7.39 -20.33 -2.01
CA PRO A 161 -6.91 -21.63 -1.52
C PRO A 161 -5.59 -22.04 -2.17
N SER A 162 -4.69 -22.60 -1.38
CA SER A 162 -3.39 -23.03 -1.87
C SER A 162 -3.40 -24.53 -2.17
N SER A 163 -2.62 -24.92 -3.18
CA SER A 163 -2.55 -26.32 -3.58
C SER A 163 -1.52 -27.06 -2.74
N GLY A 164 -2.02 -27.85 -1.78
CA GLY A 164 -1.12 -28.61 -0.92
C GLY A 164 -1.72 -29.93 -0.48
N GLY A 1 -19.23 18.71 -0.72
CA GLY A 1 -20.24 17.86 -0.12
C GLY A 1 -20.26 17.97 1.40
N SER A 2 -19.11 17.71 2.02
CA SER A 2 -18.99 17.78 3.47
C SER A 2 -17.67 18.42 3.88
N SER A 3 -17.65 19.01 5.08
CA SER A 3 -16.45 19.65 5.60
C SER A 3 -15.87 18.87 6.76
N GLY A 4 -14.65 18.37 6.59
CA GLY A 4 -14.00 17.61 7.64
C GLY A 4 -13.16 16.48 7.09
N SER A 5 -13.77 15.61 6.29
CA SER A 5 -13.06 14.47 5.71
C SER A 5 -13.55 14.20 4.29
N SER A 6 -12.70 13.59 3.48
CA SER A 6 -13.04 13.27 2.10
C SER A 6 -12.47 11.92 1.69
N GLY A 7 -13.12 11.27 0.74
CA GLY A 7 -12.67 9.97 0.28
C GLY A 7 -13.10 8.84 1.19
N LEU A 8 -13.39 7.68 0.61
CA LEU A 8 -13.81 6.53 1.38
C LEU A 8 -12.85 6.25 2.54
N PRO A 9 -13.27 5.37 3.46
CA PRO A 9 -12.45 5.01 4.63
C PRO A 9 -11.24 4.16 4.24
N LEU A 10 -11.49 3.10 3.47
CA LEU A 10 -10.42 2.21 3.03
C LEU A 10 -9.20 3.01 2.59
N CYS A 11 -9.43 4.22 2.12
CA CYS A 11 -8.35 5.09 1.66
C CYS A 11 -8.11 6.24 2.64
N ASP A 12 -9.19 6.73 3.23
CA ASP A 12 -9.11 7.83 4.19
C ASP A 12 -8.39 7.38 5.46
N SER A 13 -8.09 6.09 5.54
CA SER A 13 -7.40 5.53 6.70
C SER A 13 -5.98 5.11 6.34
N LEU A 14 -5.86 4.31 5.29
CA LEU A 14 -4.56 3.84 4.84
C LEU A 14 -3.53 4.97 4.85
N ILE A 15 -3.95 6.13 4.35
CA ILE A 15 -3.07 7.29 4.30
C ILE A 15 -2.47 7.59 5.67
N ILE A 16 -3.31 7.56 6.70
CA ILE A 16 -2.87 7.83 8.06
C ILE A 16 -1.78 6.85 8.49
N TRP A 17 -1.94 5.59 8.11
CA TRP A 17 -0.96 4.56 8.44
C TRP A 17 0.32 4.74 7.63
N LEU A 18 0.17 5.19 6.39
CA LEU A 18 1.32 5.42 5.53
C LEU A 18 2.10 6.66 5.93
N GLN A 19 1.38 7.66 6.45
CA GLN A 19 1.99 8.90 6.88
C GLN A 19 3.19 8.63 7.78
N THR A 20 3.07 7.63 8.64
CA THR A 20 4.15 7.27 9.55
C THR A 20 5.48 7.15 8.82
N PHE A 21 5.41 6.80 7.54
CA PHE A 21 6.62 6.66 6.72
C PHE A 21 7.02 8.00 6.11
N LYS A 22 8.02 8.64 6.71
CA LYS A 22 8.50 9.92 6.21
C LYS A 22 9.48 9.74 5.06
N THR A 23 9.24 8.72 4.25
CA THR A 23 10.11 8.43 3.10
C THR A 23 10.38 9.69 2.30
N ALA A 24 11.43 9.65 1.48
CA ALA A 24 11.80 10.78 0.65
C ALA A 24 10.56 11.47 0.08
N SER A 25 9.53 10.68 -0.20
CA SER A 25 8.29 11.21 -0.76
C SER A 25 7.23 11.38 0.33
N PRO A 26 6.54 12.52 0.30
CA PRO A 26 5.49 12.83 1.29
C PRO A 26 4.25 11.95 1.11
N CYS A 27 3.20 12.27 1.85
CA CYS A 27 1.95 11.52 1.77
C CYS A 27 0.81 12.26 2.46
N GLN A 28 -0.07 12.84 1.67
CA GLN A 28 -1.20 13.59 2.21
C GLN A 28 -2.51 13.12 1.58
N ASP A 29 -2.74 13.52 0.33
CA ASP A 29 -3.96 13.14 -0.38
C ASP A 29 -3.73 11.87 -1.20
N VAL A 30 -4.78 11.41 -1.87
CA VAL A 30 -4.70 10.21 -2.70
C VAL A 30 -3.96 10.50 -4.00
N LYS A 31 -4.07 11.73 -4.48
CA LYS A 31 -3.41 12.13 -5.72
C LYS A 31 -1.92 12.32 -5.51
N GLN A 32 -1.53 12.51 -4.25
CA GLN A 32 -0.13 12.71 -3.90
C GLN A 32 0.59 11.37 -3.74
N LEU A 33 -0.18 10.31 -3.53
CA LEU A 33 0.38 8.97 -3.36
C LEU A 33 0.37 8.20 -4.69
N THR A 34 -0.48 8.65 -5.62
CA THR A 34 -0.58 8.00 -6.92
C THR A 34 0.79 7.85 -7.57
N ASN A 35 1.75 8.66 -7.12
CA ASN A 35 3.10 8.61 -7.66
C ASN A 35 3.64 7.19 -7.66
N GLY A 36 3.34 6.44 -6.60
CA GLY A 36 3.80 5.07 -6.49
C GLY A 36 5.10 4.95 -5.72
N VAL A 37 5.89 6.01 -5.73
CA VAL A 37 7.17 6.02 -5.02
C VAL A 37 6.96 5.84 -3.52
N THR A 38 6.26 6.79 -2.91
CA THR A 38 6.00 6.73 -1.48
C THR A 38 5.74 5.31 -1.02
N MET A 39 4.91 4.58 -1.77
CA MET A 39 4.60 3.20 -1.44
C MET A 39 5.83 2.31 -1.55
N ALA A 40 6.52 2.40 -2.68
CA ALA A 40 7.72 1.60 -2.91
C ALA A 40 8.73 1.82 -1.79
N GLN A 41 8.94 3.08 -1.42
CA GLN A 41 9.89 3.40 -0.36
C GLN A 41 9.49 2.76 0.95
N VAL A 42 8.19 2.54 1.13
CA VAL A 42 7.67 1.93 2.35
C VAL A 42 7.92 0.43 2.35
N LEU A 43 7.68 -0.21 1.22
CA LEU A 43 7.88 -1.65 1.09
C LEU A 43 9.28 -2.05 1.54
N HIS A 44 10.26 -1.21 1.21
CA HIS A 44 11.64 -1.48 1.58
C HIS A 44 11.80 -1.49 3.10
N GLN A 45 11.02 -0.68 3.78
CA GLN A 45 11.07 -0.59 5.24
C GLN A 45 10.42 -1.82 5.87
N ILE A 46 9.53 -2.46 5.13
CA ILE A 46 8.83 -3.64 5.63
C ILE A 46 9.71 -4.87 5.52
N ASP A 47 10.35 -5.05 4.37
CA ASP A 47 11.23 -6.20 4.13
C ASP A 47 12.29 -5.86 3.10
N VAL A 48 13.54 -5.81 3.53
CA VAL A 48 14.66 -5.50 2.64
C VAL A 48 14.93 -6.66 1.69
N ALA A 49 15.08 -7.86 2.25
CA ALA A 49 15.35 -9.05 1.46
C ALA A 49 14.46 -9.09 0.22
N TRP A 50 13.21 -8.69 0.40
CA TRP A 50 12.24 -8.69 -0.70
C TRP A 50 12.21 -7.34 -1.40
N PHE A 51 12.39 -6.27 -0.61
CA PHE A 51 12.38 -4.91 -1.16
C PHE A 51 13.67 -4.18 -0.82
N SER A 52 14.77 -4.58 -1.46
CA SER A 52 16.06 -3.96 -1.22
C SER A 52 16.26 -2.75 -2.12
N GLU A 53 17.23 -1.90 -1.76
CA GLU A 53 17.52 -0.71 -2.54
C GLU A 53 17.53 -1.01 -4.03
N SER A 54 18.00 -2.20 -4.38
CA SER A 54 18.07 -2.62 -5.78
C SER A 54 16.70 -2.51 -6.45
N TRP A 55 15.67 -2.94 -5.72
CA TRP A 55 14.31 -2.90 -6.23
C TRP A 55 13.79 -1.46 -6.27
N LEU A 56 13.87 -0.78 -5.14
CA LEU A 56 13.41 0.61 -5.04
C LEU A 56 14.20 1.51 -5.99
N SER A 57 15.37 1.04 -6.40
CA SER A 57 16.22 1.81 -7.30
C SER A 57 15.63 1.85 -8.71
N ARG A 58 14.62 1.03 -8.95
CA ARG A 58 13.96 0.97 -10.25
C ARG A 58 12.75 1.91 -10.29
N ILE A 59 12.39 2.44 -9.13
CA ILE A 59 11.26 3.35 -9.02
C ILE A 59 11.69 4.80 -9.23
N LYS A 60 10.84 5.57 -9.91
CA LYS A 60 11.14 6.98 -10.17
C LYS A 60 10.09 7.88 -9.54
N ASP A 61 10.51 9.07 -9.12
CA ASP A 61 9.60 10.02 -8.50
C ASP A 61 9.32 11.19 -9.45
N ASP A 62 10.03 11.23 -10.57
CA ASP A 62 9.86 12.29 -11.55
C ASP A 62 8.40 12.41 -11.97
N VAL A 63 7.62 11.38 -11.65
CA VAL A 63 6.20 11.37 -11.99
C VAL A 63 5.55 12.73 -11.73
N GLY A 64 6.14 13.48 -10.81
CA GLY A 64 5.61 14.80 -10.48
C GLY A 64 4.93 15.46 -11.67
N ASP A 65 5.65 15.55 -12.78
CA ASP A 65 5.11 16.17 -13.99
C ASP A 65 4.77 15.11 -15.03
N ASN A 66 5.10 13.85 -14.73
CA ASN A 66 4.82 12.75 -15.64
C ASN A 66 3.81 11.79 -15.04
N TRP A 67 2.80 11.42 -15.82
CA TRP A 67 1.77 10.50 -15.35
C TRP A 67 2.10 9.07 -15.78
N ARG A 68 2.86 8.93 -16.85
CA ARG A 68 3.23 7.62 -17.35
C ARG A 68 4.17 6.91 -16.39
N ILE A 69 5.11 7.66 -15.84
CA ILE A 69 6.08 7.11 -14.90
C ILE A 69 5.37 6.41 -13.73
N LYS A 70 4.23 6.95 -13.35
CA LYS A 70 3.44 6.38 -12.25
C LYS A 70 3.15 4.91 -12.50
N ALA A 71 2.37 4.63 -13.55
CA ALA A 71 2.01 3.27 -13.90
C ALA A 71 3.19 2.33 -13.71
N SER A 72 4.29 2.62 -14.40
CA SER A 72 5.49 1.80 -14.32
C SER A 72 5.78 1.41 -12.88
N ASN A 73 5.67 2.37 -11.97
CA ASN A 73 5.92 2.13 -10.55
C ASN A 73 4.79 1.31 -9.94
N LEU A 74 3.60 1.91 -9.87
CA LEU A 74 2.44 1.25 -9.30
C LEU A 74 2.42 -0.23 -9.67
N LYS A 75 2.95 -0.55 -10.85
CA LYS A 75 3.00 -1.92 -11.32
C LYS A 75 3.98 -2.75 -10.49
N LYS A 76 5.16 -2.20 -10.26
CA LYS A 76 6.18 -2.88 -9.47
C LYS A 76 5.78 -2.97 -8.01
N VAL A 77 5.19 -1.89 -7.49
CA VAL A 77 4.75 -1.84 -6.11
C VAL A 77 3.65 -2.87 -5.84
N LEU A 78 2.72 -2.98 -6.77
CA LEU A 78 1.61 -3.92 -6.65
C LEU A 78 2.12 -5.35 -6.64
N HIS A 79 2.76 -5.75 -7.75
CA HIS A 79 3.30 -7.10 -7.88
C HIS A 79 4.19 -7.44 -6.69
N GLY A 80 5.09 -6.52 -6.34
CA GLY A 80 5.99 -6.74 -5.24
C GLY A 80 5.28 -7.25 -3.99
N ILE A 81 4.02 -6.85 -3.84
CA ILE A 81 3.22 -7.26 -2.68
C ILE A 81 2.54 -8.60 -2.95
N THR A 82 1.93 -8.73 -4.11
CA THR A 82 1.24 -9.96 -4.49
C THR A 82 2.19 -11.15 -4.46
N SER A 83 3.36 -10.97 -5.06
CA SER A 83 4.36 -12.04 -5.10
C SER A 83 4.76 -12.47 -3.69
N TYR A 84 4.77 -11.52 -2.76
CA TYR A 84 5.14 -11.81 -1.39
C TYR A 84 4.06 -12.64 -0.70
N TYR A 85 2.90 -12.74 -1.34
CA TYR A 85 1.78 -13.52 -0.79
C TYR A 85 1.76 -14.93 -1.38
N HIS A 86 2.27 -15.06 -2.60
CA HIS A 86 2.30 -16.35 -3.28
C HIS A 86 3.62 -17.07 -2.99
N GLU A 87 4.66 -16.30 -2.71
CA GLU A 87 5.98 -16.86 -2.44
C GLU A 87 6.20 -16.99 -0.93
N PHE A 88 6.35 -15.86 -0.26
CA PHE A 88 6.57 -15.85 1.18
C PHE A 88 5.45 -16.59 1.91
N LEU A 89 4.27 -15.99 1.93
CA LEU A 89 3.11 -16.59 2.59
C LEU A 89 2.63 -17.82 1.82
N GLY A 90 2.51 -17.68 0.50
CA GLY A 90 2.05 -18.79 -0.32
C GLY A 90 0.65 -18.58 -0.85
N GLN A 91 -0.14 -17.78 -0.13
CA GLN A 91 -1.50 -17.50 -0.54
C GLN A 91 -1.54 -16.59 -1.77
N GLN A 92 -2.75 -16.26 -2.22
CA GLN A 92 -2.91 -15.40 -3.39
C GLN A 92 -3.78 -14.19 -3.06
N ILE A 93 -4.10 -13.40 -4.07
CA ILE A 93 -4.93 -12.22 -3.89
C ILE A 93 -6.11 -12.21 -4.85
N SER A 94 -7.29 -11.91 -4.33
CA SER A 94 -8.50 -11.87 -5.14
C SER A 94 -8.59 -10.55 -5.91
N GLU A 95 -9.22 -10.60 -7.08
CA GLU A 95 -9.38 -9.42 -7.92
C GLU A 95 -10.03 -8.28 -7.13
N GLU A 96 -10.63 -8.63 -5.99
CA GLU A 96 -11.29 -7.64 -5.15
C GLU A 96 -10.27 -6.73 -4.47
N LEU A 97 -9.06 -7.26 -4.26
CA LEU A 97 -8.00 -6.50 -3.61
C LEU A 97 -7.08 -5.87 -4.65
N ILE A 98 -7.00 -6.50 -5.82
CA ILE A 98 -6.16 -6.01 -6.90
C ILE A 98 -6.48 -4.55 -7.23
N PRO A 99 -5.57 -3.64 -6.86
CA PRO A 99 -5.72 -2.21 -7.10
C PRO A 99 -5.62 -1.86 -8.59
N ASP A 100 -6.65 -1.18 -9.10
CA ASP A 100 -6.67 -0.78 -10.50
C ASP A 100 -5.76 0.42 -10.74
N LEU A 101 -4.50 0.16 -11.08
CA LEU A 101 -3.54 1.23 -11.34
C LEU A 101 -3.98 2.08 -12.52
N ASN A 102 -4.32 1.42 -13.62
CA ASN A 102 -4.75 2.12 -14.83
C ASN A 102 -5.80 3.18 -14.49
N GLN A 103 -6.58 2.93 -13.45
CA GLN A 103 -7.62 3.86 -13.02
C GLN A 103 -7.08 4.82 -11.96
N ILE A 104 -5.98 4.44 -11.32
CA ILE A 104 -5.37 5.28 -10.30
C ILE A 104 -4.38 6.26 -10.90
N THR A 105 -3.87 5.93 -12.09
CA THR A 105 -2.90 6.78 -12.77
C THR A 105 -3.61 7.75 -13.73
N GLU A 106 -4.73 7.32 -14.27
CA GLU A 106 -5.50 8.14 -15.20
C GLU A 106 -6.62 8.89 -14.47
N CYS A 107 -7.20 8.22 -13.47
CA CYS A 107 -8.29 8.82 -12.70
C CYS A 107 -7.82 9.17 -11.30
N ALA A 108 -7.11 8.24 -10.66
CA ALA A 108 -6.59 8.46 -9.31
C ALA A 108 -7.71 8.35 -8.29
N ASP A 109 -8.77 7.63 -8.64
CA ASP A 109 -9.91 7.46 -7.74
C ASP A 109 -9.45 7.04 -6.35
N PRO A 110 -10.12 7.58 -5.32
CA PRO A 110 -9.80 7.27 -3.92
C PRO A 110 -10.16 5.84 -3.54
N VAL A 111 -11.20 5.31 -4.17
CA VAL A 111 -11.64 3.94 -3.90
C VAL A 111 -10.60 2.93 -4.35
N GLU A 112 -10.01 3.17 -5.51
CA GLU A 112 -9.00 2.28 -6.06
C GLU A 112 -7.65 2.51 -5.39
N LEU A 113 -7.34 3.77 -5.13
CA LEU A 113 -6.08 4.14 -4.50
C LEU A 113 -5.89 3.40 -3.18
N GLY A 114 -6.94 3.38 -2.37
CA GLY A 114 -6.88 2.71 -1.09
C GLY A 114 -6.51 1.24 -1.23
N ARG A 115 -6.98 0.61 -2.31
CA ARG A 115 -6.69 -0.80 -2.55
C ARG A 115 -5.19 -1.03 -2.68
N LEU A 116 -4.49 -0.06 -3.25
CA LEU A 116 -3.05 -0.17 -3.44
C LEU A 116 -2.33 -0.19 -2.09
N LEU A 117 -2.54 0.85 -1.30
CA LEU A 117 -1.91 0.97 0.01
C LEU A 117 -2.23 -0.25 0.87
N GLN A 118 -3.48 -0.72 0.79
CA GLN A 118 -3.91 -1.89 1.55
C GLN A 118 -2.92 -3.04 1.39
N LEU A 119 -2.60 -3.36 0.15
CA LEU A 119 -1.67 -4.45 -0.14
C LEU A 119 -0.40 -4.31 0.70
N ILE A 120 0.10 -3.09 0.82
CA ILE A 120 1.31 -2.83 1.59
C ILE A 120 1.11 -3.21 3.06
N LEU A 121 0.09 -2.63 3.68
CA LEU A 121 -0.21 -2.91 5.08
C LEU A 121 -0.44 -4.41 5.29
N GLY A 122 -0.72 -5.12 4.21
CA GLY A 122 -0.96 -6.55 4.31
C GLY A 122 0.32 -7.33 4.57
N CYS A 123 1.37 -7.01 3.82
CA CYS A 123 2.65 -7.69 3.96
C CYS A 123 3.33 -7.28 5.25
N ALA A 124 2.89 -6.17 5.83
CA ALA A 124 3.45 -5.66 7.07
C ALA A 124 2.96 -6.46 8.28
N VAL A 125 1.68 -6.81 8.27
CA VAL A 125 1.09 -7.57 9.35
C VAL A 125 1.35 -9.06 9.19
N ASN A 126 2.21 -9.40 8.23
CA ASN A 126 2.55 -10.80 7.97
C ASN A 126 4.07 -10.97 7.85
N CYS A 127 4.81 -10.04 8.43
CA CYS A 127 6.27 -10.08 8.39
C CYS A 127 6.85 -10.30 9.78
N GLU A 128 8.14 -10.60 9.84
CA GLU A 128 8.81 -10.84 11.12
C GLU A 128 8.82 -9.57 11.97
N LYS A 129 8.94 -8.43 11.31
CA LYS A 129 8.96 -7.14 12.00
C LYS A 129 7.55 -6.57 12.14
N LYS A 130 6.58 -7.26 11.54
CA LYS A 130 5.19 -6.83 11.60
C LYS A 130 4.89 -6.16 12.94
N GLN A 131 5.25 -6.82 14.03
CA GLN A 131 5.02 -6.27 15.37
C GLN A 131 5.47 -4.83 15.45
N GLU A 132 6.67 -4.55 14.94
CA GLU A 132 7.22 -3.20 14.97
C GLU A 132 6.28 -2.22 14.27
N HIS A 133 5.46 -2.74 13.36
CA HIS A 133 4.51 -1.91 12.63
C HIS A 133 3.15 -1.90 13.32
N ILE A 134 2.76 -3.05 13.85
CA ILE A 134 1.47 -3.17 14.55
C ILE A 134 1.27 -2.02 15.52
N LYS A 135 2.29 -1.77 16.35
CA LYS A 135 2.21 -0.70 17.34
C LYS A 135 2.02 0.65 16.65
N ASN A 136 2.40 0.73 15.39
CA ASN A 136 2.27 1.97 14.62
C ASN A 136 0.80 2.24 14.30
N ILE A 137 -0.02 1.21 14.38
CA ILE A 137 -1.45 1.34 14.09
C ILE A 137 -2.21 1.83 15.31
N MET A 138 -1.87 1.29 16.48
CA MET A 138 -2.53 1.67 17.73
C MET A 138 -2.27 3.15 18.04
N THR A 139 -1.21 3.69 17.46
CA THR A 139 -0.86 5.08 17.68
C THR A 139 -1.67 6.01 16.78
N LEU A 140 -2.48 5.41 15.90
CA LEU A 140 -3.30 6.18 14.97
C LEU A 140 -4.67 6.47 15.59
N GLU A 141 -5.39 7.43 15.01
CA GLU A 141 -6.71 7.80 15.50
C GLU A 141 -7.56 6.56 15.76
N GLU A 142 -8.73 6.76 16.35
CA GLU A 142 -9.63 5.67 16.65
C GLU A 142 -10.30 5.14 15.38
N SER A 143 -10.98 6.03 14.68
CA SER A 143 -11.67 5.67 13.45
C SER A 143 -10.71 5.01 12.46
N VAL A 144 -9.56 5.64 12.25
CA VAL A 144 -8.55 5.13 11.34
C VAL A 144 -8.12 3.72 11.74
N GLN A 145 -7.72 3.57 13.00
CA GLN A 145 -7.29 2.28 13.50
C GLN A 145 -8.23 1.17 13.06
N HIS A 146 -9.53 1.43 13.15
CA HIS A 146 -10.54 0.45 12.74
C HIS A 146 -10.29 -0.03 11.31
N VAL A 147 -10.36 0.91 10.37
CA VAL A 147 -10.15 0.58 8.96
C VAL A 147 -8.81 -0.11 8.75
N VAL A 148 -7.78 0.43 9.39
CA VAL A 148 -6.43 -0.13 9.28
C VAL A 148 -6.40 -1.59 9.72
N MET A 149 -7.15 -1.89 10.77
CA MET A 149 -7.21 -3.25 11.30
C MET A 149 -8.14 -4.11 10.47
N THR A 150 -9.21 -3.51 9.95
CA THR A 150 -10.18 -4.22 9.12
C THR A 150 -9.54 -4.72 7.83
N ALA A 151 -8.69 -3.89 7.24
CA ALA A 151 -8.01 -4.25 6.00
C ALA A 151 -7.31 -5.61 6.12
N ILE A 152 -6.60 -5.80 7.23
CA ILE A 152 -5.89 -7.06 7.46
C ILE A 152 -6.86 -8.24 7.41
N GLN A 153 -7.95 -8.15 8.16
CA GLN A 153 -8.94 -9.21 8.20
C GLN A 153 -9.45 -9.54 6.79
N GLU A 154 -9.65 -8.49 5.99
CA GLU A 154 -10.14 -8.67 4.62
C GLU A 154 -9.07 -9.30 3.74
N LEU A 155 -7.81 -8.96 4.01
CA LEU A 155 -6.70 -9.50 3.24
C LEU A 155 -6.57 -11.01 3.43
N MET A 156 -6.87 -11.47 4.65
CA MET A 156 -6.79 -12.90 4.96
C MET A 156 -8.07 -13.60 4.54
N SER A 157 -9.17 -12.87 4.49
CA SER A 157 -10.46 -13.42 4.11
C SER A 157 -10.52 -13.66 2.61
N LYS A 158 -9.65 -12.98 1.87
CA LYS A 158 -9.61 -13.11 0.42
C LYS A 158 -8.56 -14.14 0.00
N SER A 159 -8.06 -14.90 0.97
CA SER A 159 -7.04 -15.91 0.70
C SER A 159 -7.52 -16.89 -0.37
N GLY A 160 -6.57 -17.47 -1.09
CA GLY A 160 -6.91 -18.42 -2.14
C GLY A 160 -7.47 -19.71 -1.58
N PRO A 161 -8.70 -20.07 -1.98
CA PRO A 161 -9.38 -21.29 -1.53
C PRO A 161 -8.72 -22.54 -2.10
N SER A 162 -7.83 -22.36 -3.06
CA SER A 162 -7.15 -23.48 -3.70
C SER A 162 -6.20 -24.16 -2.71
N SER A 163 -5.29 -23.39 -2.13
CA SER A 163 -4.33 -23.91 -1.18
C SER A 163 -5.02 -24.70 -0.08
N GLY A 164 -4.70 -25.98 0.02
CA GLY A 164 -5.30 -26.83 1.03
C GLY A 164 -6.21 -27.90 0.43
N GLY A 1 -13.31 20.95 -7.83
CA GLY A 1 -13.46 19.52 -8.00
C GLY A 1 -12.39 18.72 -7.28
N SER A 2 -12.77 18.04 -6.21
CA SER A 2 -11.84 17.25 -5.43
C SER A 2 -10.79 18.14 -4.77
N SER A 3 -11.24 19.26 -4.20
CA SER A 3 -10.34 20.20 -3.55
C SER A 3 -10.21 19.87 -2.06
N GLY A 4 -8.98 19.64 -1.61
CA GLY A 4 -8.74 19.32 -0.22
C GLY A 4 -9.67 18.25 0.29
N SER A 5 -9.82 17.18 -0.47
CA SER A 5 -10.68 16.06 -0.10
C SER A 5 -9.90 14.77 -0.01
N SER A 6 -10.38 13.84 0.82
CA SER A 6 -9.73 12.55 1.00
C SER A 6 -10.45 11.46 0.21
N GLY A 7 -11.69 11.17 0.62
CA GLY A 7 -12.46 10.15 -0.05
C GLY A 7 -13.04 9.12 0.91
N LEU A 8 -13.09 7.87 0.48
CA LEU A 8 -13.62 6.79 1.31
C LEU A 8 -12.67 6.47 2.46
N PRO A 9 -13.15 5.69 3.43
CA PRO A 9 -12.36 5.29 4.59
C PRO A 9 -11.24 4.32 4.23
N LEU A 10 -11.59 3.25 3.51
CA LEU A 10 -10.62 2.25 3.10
C LEU A 10 -9.34 2.91 2.59
N CYS A 11 -9.48 4.12 2.05
CA CYS A 11 -8.34 4.86 1.53
C CYS A 11 -7.96 6.01 2.46
N ASP A 12 -8.98 6.65 3.04
CA ASP A 12 -8.75 7.76 3.95
C ASP A 12 -8.02 7.31 5.21
N SER A 13 -8.01 6.00 5.44
CA SER A 13 -7.35 5.44 6.60
C SER A 13 -5.93 4.99 6.27
N LEU A 14 -5.80 4.15 5.25
CA LEU A 14 -4.50 3.65 4.83
C LEU A 14 -3.49 4.78 4.75
N ILE A 15 -3.92 5.92 4.24
CA ILE A 15 -3.04 7.09 4.12
C ILE A 15 -2.45 7.48 5.47
N ILE A 16 -3.31 7.55 6.48
CA ILE A 16 -2.87 7.91 7.82
C ILE A 16 -1.86 6.90 8.36
N TRP A 17 -1.99 5.66 7.93
CA TRP A 17 -1.08 4.60 8.36
C TRP A 17 0.26 4.69 7.64
N LEU A 18 0.20 4.97 6.34
CA LEU A 18 1.41 5.09 5.52
C LEU A 18 2.16 6.37 5.85
N GLN A 19 1.44 7.34 6.43
CA GLN A 19 2.05 8.62 6.79
C GLN A 19 3.25 8.42 7.71
N THR A 20 3.20 7.37 8.52
CA THR A 20 4.28 7.07 9.44
C THR A 20 5.62 7.02 8.72
N PHE A 21 5.61 6.57 7.48
CA PHE A 21 6.82 6.48 6.68
C PHE A 21 7.14 7.83 6.02
N LYS A 22 8.10 8.54 6.60
CA LYS A 22 8.52 9.84 6.08
C LYS A 22 9.51 9.69 4.94
N THR A 23 9.37 8.61 4.16
CA THR A 23 10.26 8.35 3.05
C THR A 23 10.47 9.60 2.21
N ALA A 24 11.44 9.54 1.29
CA ALA A 24 11.74 10.66 0.41
C ALA A 24 10.46 11.27 -0.16
N SER A 25 9.39 10.48 -0.19
CA SER A 25 8.11 10.92 -0.72
C SER A 25 7.06 10.96 0.38
N PRO A 26 6.50 12.16 0.63
CA PRO A 26 5.47 12.36 1.66
C PRO A 26 4.14 11.71 1.27
N CYS A 27 3.22 11.66 2.22
CA CYS A 27 1.90 11.07 1.98
C CYS A 27 0.80 11.95 2.54
N GLN A 28 0.23 12.80 1.69
CA GLN A 28 -0.84 13.70 2.12
C GLN A 28 -2.18 13.25 1.56
N ASP A 29 -2.32 13.31 0.24
CA ASP A 29 -3.57 12.90 -0.42
C ASP A 29 -3.32 11.71 -1.34
N VAL A 30 -4.37 11.30 -2.04
CA VAL A 30 -4.27 10.17 -2.96
C VAL A 30 -3.52 10.55 -4.23
N LYS A 31 -3.71 11.79 -4.67
CA LYS A 31 -3.05 12.28 -5.87
C LYS A 31 -1.53 12.34 -5.67
N GLN A 32 -1.12 12.46 -4.41
CA GLN A 32 0.31 12.52 -4.09
C GLN A 32 0.90 11.13 -3.96
N LEU A 33 0.07 10.17 -3.56
CA LEU A 33 0.52 8.79 -3.39
C LEU A 33 0.48 8.05 -4.73
N THR A 34 -0.45 8.42 -5.59
CA THR A 34 -0.59 7.79 -6.90
C THR A 34 0.77 7.58 -7.55
N ASN A 35 1.68 8.52 -7.32
CA ASN A 35 3.02 8.43 -7.89
C ASN A 35 3.59 7.02 -7.75
N GLY A 36 3.50 6.46 -6.54
CA GLY A 36 3.99 5.13 -6.30
C GLY A 36 5.29 5.12 -5.51
N VAL A 37 6.09 6.17 -5.67
CA VAL A 37 7.36 6.29 -4.97
C VAL A 37 7.17 6.11 -3.46
N THR A 38 6.26 6.89 -2.90
CA THR A 38 5.99 6.82 -1.47
C THR A 38 5.75 5.38 -1.02
N MET A 39 4.72 4.75 -1.58
CA MET A 39 4.39 3.38 -1.25
C MET A 39 5.61 2.48 -1.37
N ALA A 40 6.28 2.55 -2.53
CA ALA A 40 7.46 1.74 -2.77
C ALA A 40 8.49 1.92 -1.66
N GLN A 41 8.82 3.16 -1.35
CA GLN A 41 9.79 3.46 -0.31
C GLN A 41 9.41 2.77 1.00
N VAL A 42 8.11 2.58 1.20
CA VAL A 42 7.61 1.93 2.42
C VAL A 42 7.87 0.43 2.38
N LEU A 43 7.73 -0.17 1.20
CA LEU A 43 7.95 -1.60 1.04
C LEU A 43 9.36 -1.98 1.46
N HIS A 44 10.33 -1.13 1.14
CA HIS A 44 11.72 -1.38 1.49
C HIS A 44 11.90 -1.45 3.00
N GLN A 45 10.92 -0.90 3.73
CA GLN A 45 10.97 -0.90 5.18
C GLN A 45 10.33 -2.16 5.75
N ILE A 46 9.13 -2.48 5.28
CA ILE A 46 8.42 -3.66 5.73
C ILE A 46 9.31 -4.91 5.68
N ASP A 47 9.79 -5.23 4.48
CA ASP A 47 10.65 -6.38 4.29
C ASP A 47 11.85 -6.03 3.42
N VAL A 48 12.86 -5.43 4.04
CA VAL A 48 14.08 -5.04 3.33
C VAL A 48 14.64 -6.21 2.53
N ALA A 49 14.26 -7.42 2.92
CA ALA A 49 14.73 -8.62 2.24
C ALA A 49 14.12 -8.73 0.84
N TRP A 50 12.79 -8.62 0.78
CA TRP A 50 12.09 -8.71 -0.50
C TRP A 50 12.13 -7.39 -1.25
N PHE A 51 12.35 -6.31 -0.51
CA PHE A 51 12.41 -4.98 -1.11
C PHE A 51 13.73 -4.29 -0.76
N SER A 52 14.77 -4.62 -1.52
CA SER A 52 16.09 -4.04 -1.29
C SER A 52 16.30 -2.80 -2.16
N GLU A 53 17.16 -1.90 -1.70
CA GLU A 53 17.46 -0.67 -2.43
C GLU A 53 17.40 -0.92 -3.94
N SER A 54 17.85 -2.10 -4.36
CA SER A 54 17.86 -2.46 -5.77
C SER A 54 16.48 -2.28 -6.38
N TRP A 55 15.50 -3.00 -5.85
CA TRP A 55 14.13 -2.92 -6.34
C TRP A 55 13.63 -1.48 -6.35
N LEU A 56 13.76 -0.82 -5.20
CA LEU A 56 13.33 0.57 -5.08
C LEU A 56 14.09 1.48 -6.04
N SER A 57 15.28 1.04 -6.44
CA SER A 57 16.12 1.80 -7.34
C SER A 57 15.48 1.89 -8.73
N ARG A 58 14.44 1.10 -8.94
CA ARG A 58 13.74 1.08 -10.23
C ARG A 58 12.59 2.08 -10.23
N ILE A 59 12.23 2.57 -9.04
CA ILE A 59 11.15 3.52 -8.90
C ILE A 59 11.64 4.96 -9.12
N LYS A 60 10.84 5.76 -9.82
CA LYS A 60 11.19 7.15 -10.09
C LYS A 60 10.16 8.09 -9.48
N ASP A 61 10.57 9.33 -9.27
CA ASP A 61 9.69 10.34 -8.70
C ASP A 61 9.38 11.44 -9.72
N ASP A 62 10.15 11.46 -10.80
CA ASP A 62 9.95 12.46 -11.85
C ASP A 62 8.49 12.56 -12.23
N VAL A 63 7.72 11.53 -11.91
CA VAL A 63 6.29 11.51 -12.23
C VAL A 63 5.67 12.88 -12.03
N GLY A 64 6.25 13.67 -11.13
CA GLY A 64 5.73 15.00 -10.87
C GLY A 64 5.10 15.63 -12.10
N ASP A 65 5.87 15.66 -13.20
CA ASP A 65 5.38 16.24 -14.44
C ASP A 65 5.02 15.15 -15.44
N ASN A 66 5.36 13.91 -15.11
CA ASN A 66 5.07 12.78 -15.98
C ASN A 66 4.01 11.87 -15.36
N TRP A 67 2.99 11.55 -16.15
CA TRP A 67 1.90 10.69 -15.69
C TRP A 67 2.17 9.23 -16.06
N ARG A 68 2.89 9.03 -17.15
CA ARG A 68 3.22 7.69 -17.60
C ARG A 68 4.19 7.00 -16.63
N ILE A 69 5.16 7.76 -16.14
CA ILE A 69 6.14 7.23 -15.21
C ILE A 69 5.47 6.67 -13.95
N LYS A 70 4.33 7.23 -13.60
CA LYS A 70 3.58 6.80 -12.43
C LYS A 70 3.21 5.32 -12.55
N ALA A 71 2.43 4.99 -13.58
CA ALA A 71 2.01 3.62 -13.80
C ALA A 71 3.18 2.64 -13.61
N SER A 72 4.24 2.84 -14.37
CA SER A 72 5.41 1.98 -14.28
C SER A 72 5.72 1.63 -12.83
N ASN A 73 5.77 2.65 -11.97
CA ASN A 73 6.05 2.44 -10.56
C ASN A 73 4.95 1.62 -9.90
N LEU A 74 3.73 2.11 -9.99
CA LEU A 74 2.58 1.42 -9.39
C LEU A 74 2.66 -0.09 -9.65
N LYS A 75 2.90 -0.46 -10.90
CA LYS A 75 3.01 -1.86 -11.28
C LYS A 75 4.01 -2.59 -10.38
N LYS A 76 5.23 -2.05 -10.30
CA LYS A 76 6.27 -2.65 -9.48
C LYS A 76 5.81 -2.79 -8.03
N VAL A 77 5.25 -1.71 -7.48
CA VAL A 77 4.77 -1.72 -6.11
C VAL A 77 3.76 -2.83 -5.89
N LEU A 78 2.67 -2.81 -6.65
CA LEU A 78 1.63 -3.82 -6.55
C LEU A 78 2.23 -5.22 -6.58
N HIS A 79 2.91 -5.55 -7.67
CA HIS A 79 3.53 -6.86 -7.82
C HIS A 79 4.38 -7.20 -6.60
N GLY A 80 4.94 -6.17 -5.98
CA GLY A 80 5.77 -6.38 -4.81
C GLY A 80 5.03 -7.11 -3.69
N ILE A 81 3.75 -6.80 -3.54
CA ILE A 81 2.93 -7.43 -2.51
C ILE A 81 2.45 -8.80 -2.95
N THR A 82 1.76 -8.85 -4.08
CA THR A 82 1.24 -10.10 -4.61
C THR A 82 2.28 -11.21 -4.53
N SER A 83 3.45 -10.95 -5.13
CA SER A 83 4.54 -11.92 -5.13
C SER A 83 4.85 -12.39 -3.71
N TYR A 84 4.81 -11.45 -2.76
CA TYR A 84 5.10 -11.76 -1.37
C TYR A 84 3.99 -12.63 -0.77
N TYR A 85 2.88 -12.74 -1.48
CA TYR A 85 1.75 -13.54 -1.02
C TYR A 85 1.79 -14.93 -1.63
N HIS A 86 2.30 -15.03 -2.85
CA HIS A 86 2.39 -16.31 -3.54
C HIS A 86 3.76 -16.95 -3.33
N GLU A 87 4.75 -16.12 -3.03
CA GLU A 87 6.11 -16.60 -2.80
C GLU A 87 6.37 -16.81 -1.31
N PHE A 88 6.42 -15.71 -0.56
CA PHE A 88 6.67 -15.77 0.87
C PHE A 88 5.57 -16.56 1.58
N LEU A 89 4.36 -16.01 1.56
CA LEU A 89 3.22 -16.67 2.21
C LEU A 89 2.78 -17.89 1.41
N GLY A 90 2.65 -17.73 0.10
CA GLY A 90 2.24 -18.83 -0.75
C GLY A 90 0.80 -18.71 -1.20
N GLN A 91 0.02 -17.92 -0.47
CA GLN A 91 -1.39 -17.72 -0.80
C GLN A 91 -1.55 -16.82 -2.02
N GLN A 92 -2.79 -16.54 -2.39
CA GLN A 92 -3.06 -15.69 -3.55
C GLN A 92 -3.91 -14.49 -3.14
N ILE A 93 -4.31 -13.70 -4.14
CA ILE A 93 -5.12 -12.52 -3.88
C ILE A 93 -6.35 -12.48 -4.79
N SER A 94 -7.50 -12.13 -4.23
CA SER A 94 -8.75 -12.06 -4.99
C SER A 94 -8.83 -10.75 -5.77
N GLU A 95 -9.48 -10.79 -6.92
CA GLU A 95 -9.63 -9.61 -7.76
C GLU A 95 -10.24 -8.46 -6.96
N GLU A 96 -10.81 -8.78 -5.80
CA GLU A 96 -11.42 -7.77 -4.95
C GLU A 96 -10.36 -6.87 -4.33
N LEU A 97 -9.16 -7.42 -4.13
CA LEU A 97 -8.07 -6.68 -3.53
C LEU A 97 -7.18 -6.07 -4.61
N ILE A 98 -7.09 -6.74 -5.75
CA ILE A 98 -6.27 -6.27 -6.86
C ILE A 98 -6.54 -4.80 -7.14
N PRO A 99 -5.60 -3.94 -6.75
CA PRO A 99 -5.71 -2.48 -6.95
C PRO A 99 -5.59 -2.10 -8.42
N ASP A 100 -6.59 -1.38 -8.93
CA ASP A 100 -6.59 -0.95 -10.32
C ASP A 100 -5.66 0.24 -10.52
N LEU A 101 -4.44 -0.03 -10.96
CA LEU A 101 -3.45 1.01 -11.19
C LEU A 101 -3.83 1.87 -12.39
N ASN A 102 -4.31 1.22 -13.45
CA ASN A 102 -4.72 1.92 -14.66
C ASN A 102 -5.73 3.01 -14.34
N GLN A 103 -6.56 2.76 -13.33
CA GLN A 103 -7.58 3.72 -12.92
C GLN A 103 -7.04 4.68 -11.87
N ILE A 104 -5.88 4.34 -11.32
CA ILE A 104 -5.25 5.17 -10.29
C ILE A 104 -4.25 6.15 -10.90
N THR A 105 -3.78 5.82 -12.10
CA THR A 105 -2.83 6.68 -12.80
C THR A 105 -3.53 7.62 -13.77
N GLU A 106 -4.67 7.17 -14.31
CA GLU A 106 -5.44 7.98 -15.25
C GLU A 106 -6.55 8.73 -14.53
N CYS A 107 -7.14 8.09 -13.51
CA CYS A 107 -8.21 8.71 -12.75
C CYS A 107 -7.74 9.08 -11.35
N ALA A 108 -6.98 8.19 -10.73
CA ALA A 108 -6.46 8.43 -9.39
C ALA A 108 -7.58 8.34 -8.35
N ASP A 109 -8.63 7.61 -8.69
CA ASP A 109 -9.77 7.45 -7.78
C ASP A 109 -9.30 7.01 -6.39
N PRO A 110 -9.98 7.52 -5.36
CA PRO A 110 -9.64 7.19 -3.96
C PRO A 110 -9.99 5.75 -3.61
N VAL A 111 -11.17 5.30 -4.03
CA VAL A 111 -11.62 3.94 -3.76
C VAL A 111 -10.58 2.92 -4.22
N GLU A 112 -10.05 3.11 -5.42
CA GLU A 112 -9.05 2.22 -5.97
C GLU A 112 -7.72 2.36 -5.23
N LEU A 113 -7.25 3.60 -5.12
CA LEU A 113 -5.99 3.87 -4.43
C LEU A 113 -5.92 3.13 -3.11
N GLY A 114 -6.96 3.28 -2.29
CA GLY A 114 -6.99 2.60 -1.01
C GLY A 114 -6.62 1.14 -1.11
N ARG A 115 -7.06 0.49 -2.18
CA ARG A 115 -6.76 -0.93 -2.39
C ARG A 115 -5.25 -1.17 -2.44
N LEU A 116 -4.57 -0.36 -3.23
CA LEU A 116 -3.12 -0.49 -3.37
C LEU A 116 -2.43 -0.43 -2.01
N LEU A 117 -2.85 0.51 -1.17
CA LEU A 117 -2.28 0.65 0.16
C LEU A 117 -2.55 -0.57 1.02
N GLN A 118 -3.77 -1.10 0.92
CA GLN A 118 -4.16 -2.27 1.68
C GLN A 118 -3.18 -3.42 1.45
N LEU A 119 -2.82 -3.65 0.19
CA LEU A 119 -1.89 -4.71 -0.16
C LEU A 119 -0.58 -4.58 0.62
N ILE A 120 -0.11 -3.34 0.76
CA ILE A 120 1.12 -3.07 1.49
C ILE A 120 0.99 -3.46 2.96
N LEU A 121 -0.03 -2.91 3.62
CA LEU A 121 -0.27 -3.21 5.03
C LEU A 121 -0.40 -4.70 5.26
N GLY A 122 -0.96 -5.40 4.28
CA GLY A 122 -1.12 -6.84 4.40
C GLY A 122 0.17 -7.55 4.74
N CYS A 123 1.26 -7.11 4.13
CA CYS A 123 2.57 -7.70 4.37
C CYS A 123 3.16 -7.23 5.69
N ALA A 124 2.83 -5.99 6.07
CA ALA A 124 3.32 -5.42 7.31
C ALA A 124 2.70 -6.11 8.52
N VAL A 125 1.73 -6.98 8.27
CA VAL A 125 1.06 -7.71 9.33
C VAL A 125 1.30 -9.21 9.21
N ASN A 126 2.07 -9.60 8.21
CA ASN A 126 2.39 -11.00 7.99
C ASN A 126 3.89 -11.21 7.78
N CYS A 127 4.68 -10.49 8.56
CA CYS A 127 6.14 -10.59 8.47
C CYS A 127 6.77 -10.66 9.86
N GLU A 128 8.10 -10.67 9.90
CA GLU A 128 8.83 -10.74 11.16
C GLU A 128 8.75 -9.40 11.90
N LYS A 129 9.07 -8.32 11.21
CA LYS A 129 9.03 -6.99 11.79
C LYS A 129 7.61 -6.48 11.88
N LYS A 130 6.67 -7.23 11.32
CA LYS A 130 5.27 -6.85 11.34
C LYS A 130 4.92 -6.11 12.63
N GLN A 131 5.28 -6.70 13.77
CA GLN A 131 5.00 -6.10 15.06
C GLN A 131 5.44 -4.64 15.08
N GLU A 132 6.64 -4.38 14.58
CA GLU A 132 7.18 -3.02 14.54
C GLU A 132 6.13 -2.04 14.00
N HIS A 133 5.22 -2.56 13.17
CA HIS A 133 4.18 -1.72 12.58
C HIS A 133 2.90 -1.80 13.41
N ILE A 134 2.51 -3.02 13.77
CA ILE A 134 1.30 -3.23 14.56
C ILE A 134 1.15 -2.15 15.63
N LYS A 135 2.26 -1.80 16.27
CA LYS A 135 2.26 -0.79 17.31
C LYS A 135 1.89 0.58 16.74
N ASN A 136 2.34 0.84 15.52
CA ASN A 136 2.06 2.11 14.87
C ASN A 136 0.56 2.31 14.66
N ILE A 137 -0.11 1.24 14.25
CA ILE A 137 -1.55 1.28 14.03
C ILE A 137 -2.29 1.72 15.30
N MET A 138 -1.93 1.12 16.42
CA MET A 138 -2.56 1.45 17.70
C MET A 138 -2.38 2.93 18.03
N THR A 139 -1.26 3.50 17.60
CA THR A 139 -0.98 4.90 17.84
C THR A 139 -1.73 5.80 16.86
N LEU A 140 -2.61 5.20 16.08
CA LEU A 140 -3.39 5.94 15.09
C LEU A 140 -4.72 6.40 15.70
N GLU A 141 -5.47 7.20 14.94
CA GLU A 141 -6.74 7.71 15.40
C GLU A 141 -7.77 6.59 15.50
N GLU A 142 -8.58 6.63 16.56
CA GLU A 142 -9.60 5.62 16.79
C GLU A 142 -10.21 5.16 15.47
N SER A 143 -10.97 6.04 14.82
CA SER A 143 -11.62 5.72 13.56
C SER A 143 -10.64 5.00 12.62
N VAL A 144 -9.40 5.48 12.60
CA VAL A 144 -8.37 4.88 11.75
C VAL A 144 -8.07 3.45 12.17
N GLN A 145 -7.56 3.29 13.39
CA GLN A 145 -7.22 1.97 13.90
C GLN A 145 -8.23 0.92 13.42
N HIS A 146 -9.48 1.33 13.30
CA HIS A 146 -10.55 0.43 12.85
C HIS A 146 -10.30 0.01 11.41
N VAL A 147 -10.35 0.96 10.49
CA VAL A 147 -10.15 0.68 9.08
C VAL A 147 -8.83 -0.06 8.85
N VAL A 148 -7.74 0.52 9.33
CA VAL A 148 -6.42 -0.08 9.17
C VAL A 148 -6.42 -1.52 9.68
N MET A 149 -7.13 -1.76 10.78
CA MET A 149 -7.21 -3.09 11.36
C MET A 149 -8.13 -3.99 10.54
N THR A 150 -9.17 -3.40 9.97
CA THR A 150 -10.13 -4.14 9.15
C THR A 150 -9.48 -4.68 7.89
N ALA A 151 -8.89 -3.77 7.10
CA ALA A 151 -8.23 -4.15 5.85
C ALA A 151 -7.46 -5.46 6.03
N ILE A 152 -6.70 -5.56 7.11
CA ILE A 152 -5.92 -6.77 7.38
C ILE A 152 -6.81 -8.00 7.42
N GLN A 153 -7.88 -7.93 8.22
CA GLN A 153 -8.81 -9.05 8.34
C GLN A 153 -9.35 -9.46 6.98
N GLU A 154 -9.72 -8.47 6.17
CA GLU A 154 -10.25 -8.72 4.84
C GLU A 154 -9.21 -9.40 3.95
N LEU A 155 -7.96 -8.97 4.09
CA LEU A 155 -6.87 -9.52 3.30
C LEU A 155 -6.72 -11.02 3.55
N MET A 156 -6.76 -11.41 4.82
CA MET A 156 -6.64 -12.81 5.20
C MET A 156 -7.84 -13.62 4.69
N SER A 157 -9.02 -13.00 4.74
CA SER A 157 -10.24 -13.66 4.30
C SER A 157 -10.23 -13.87 2.79
N LYS A 158 -9.70 -12.89 2.07
CA LYS A 158 -9.62 -12.97 0.61
C LYS A 158 -8.28 -13.51 0.16
N SER A 159 -7.54 -14.10 1.10
CA SER A 159 -6.23 -14.67 0.80
C SER A 159 -6.36 -16.10 0.29
N GLY A 160 -7.36 -16.82 0.80
CA GLY A 160 -7.57 -18.19 0.38
C GLY A 160 -7.37 -19.17 1.52
N PRO A 161 -8.48 -19.67 2.08
CA PRO A 161 -8.45 -20.63 3.19
C PRO A 161 -7.94 -22.01 2.75
N SER A 162 -7.67 -22.15 1.45
CA SER A 162 -7.18 -23.40 0.91
C SER A 162 -6.28 -24.12 1.92
N SER A 163 -5.16 -23.49 2.26
CA SER A 163 -4.22 -24.07 3.21
C SER A 163 -4.22 -23.29 4.52
N GLY A 164 -4.38 -23.99 5.63
CA GLY A 164 -4.39 -23.35 6.93
C GLY A 164 -3.07 -22.71 7.27
N GLY A 1 -8.42 19.41 3.68
CA GLY A 1 -7.12 18.96 4.14
C GLY A 1 -7.21 18.05 5.35
N SER A 2 -8.06 18.45 6.31
CA SER A 2 -8.23 17.67 7.53
C SER A 2 -9.04 16.41 7.26
N SER A 3 -10.19 16.57 6.62
CA SER A 3 -11.06 15.44 6.29
C SER A 3 -10.74 14.89 4.91
N GLY A 4 -11.15 13.65 4.66
CA GLY A 4 -10.91 13.03 3.37
C GLY A 4 -11.74 13.64 2.26
N SER A 5 -11.14 14.56 1.51
CA SER A 5 -11.84 15.22 0.42
C SER A 5 -12.59 14.20 -0.45
N SER A 6 -13.84 13.93 -0.07
CA SER A 6 -14.66 12.97 -0.81
C SER A 6 -13.89 11.67 -1.07
N GLY A 7 -13.38 11.08 0.01
CA GLY A 7 -12.64 9.85 -0.11
C GLY A 7 -13.13 8.77 0.84
N LEU A 8 -13.35 7.57 0.31
CA LEU A 8 -13.82 6.45 1.11
C LEU A 8 -12.92 6.23 2.33
N PRO A 9 -13.41 5.41 3.28
CA PRO A 9 -12.66 5.10 4.49
C PRO A 9 -11.45 4.21 4.23
N LEU A 10 -11.66 3.13 3.49
CA LEU A 10 -10.59 2.21 3.16
C LEU A 10 -9.33 2.96 2.73
N CYS A 11 -9.52 4.17 2.24
CA CYS A 11 -8.41 5.01 1.80
C CYS A 11 -8.22 6.20 2.72
N ASP A 12 -9.32 6.74 3.23
CA ASP A 12 -9.28 7.88 4.12
C ASP A 12 -8.63 7.51 5.46
N SER A 13 -8.39 6.22 5.64
CA SER A 13 -7.78 5.72 6.87
C SER A 13 -6.35 5.25 6.62
N LEU A 14 -6.18 4.45 5.58
CA LEU A 14 -4.85 3.92 5.23
C LEU A 14 -3.82 5.04 5.17
N ILE A 15 -4.14 6.09 4.41
CA ILE A 15 -3.23 7.22 4.27
C ILE A 15 -2.58 7.57 5.60
N ILE A 16 -3.39 7.73 6.63
CA ILE A 16 -2.89 8.06 7.96
C ILE A 16 -1.82 7.07 8.40
N TRP A 17 -2.02 5.80 8.06
CA TRP A 17 -1.06 4.77 8.42
C TRP A 17 0.24 4.91 7.62
N LEU A 18 0.10 5.09 6.31
CA LEU A 18 1.26 5.24 5.45
C LEU A 18 2.08 6.47 5.83
N GLN A 19 1.40 7.48 6.36
CA GLN A 19 2.06 8.71 6.78
C GLN A 19 3.26 8.41 7.67
N THR A 20 3.14 7.36 8.49
CA THR A 20 4.21 6.95 9.39
C THR A 20 5.56 6.94 8.68
N PHE A 21 5.53 6.66 7.37
CA PHE A 21 6.75 6.62 6.59
C PHE A 21 7.03 7.97 5.93
N LYS A 22 7.99 8.69 6.48
CA LYS A 22 8.35 10.00 5.96
C LYS A 22 9.33 9.88 4.80
N THR A 23 9.26 8.75 4.09
CA THR A 23 10.14 8.50 2.96
C THR A 23 10.28 9.74 2.09
N ALA A 24 11.26 9.73 1.19
CA ALA A 24 11.50 10.85 0.30
C ALA A 24 10.19 11.43 -0.21
N SER A 25 9.16 10.59 -0.28
CA SER A 25 7.85 11.02 -0.75
C SER A 25 6.81 10.92 0.35
N PRO A 26 6.22 12.07 0.71
CA PRO A 26 5.19 12.15 1.76
C PRO A 26 3.89 11.50 1.34
N CYS A 27 2.96 11.38 2.28
CA CYS A 27 1.66 10.78 2.01
C CYS A 27 0.54 11.61 2.61
N GLN A 28 0.02 12.55 1.82
CA GLN A 28 -1.06 13.42 2.28
C GLN A 28 -2.38 13.04 1.62
N ASP A 29 -2.50 13.35 0.33
CA ASP A 29 -3.71 13.04 -0.42
C ASP A 29 -3.52 11.79 -1.27
N VAL A 30 -4.58 11.37 -1.95
CA VAL A 30 -4.53 10.18 -2.79
C VAL A 30 -3.76 10.45 -4.08
N LYS A 31 -4.01 11.61 -4.68
CA LYS A 31 -3.34 12.00 -5.92
C LYS A 31 -1.83 12.08 -5.72
N GLN A 32 -1.41 12.18 -4.45
CA GLN A 32 0.00 12.28 -4.12
C GLN A 32 0.63 10.89 -4.03
N LEU A 33 -0.19 9.89 -3.75
CA LEU A 33 0.28 8.51 -3.64
C LEU A 33 0.08 7.76 -4.94
N THR A 34 -0.91 8.19 -5.73
CA THR A 34 -1.22 7.56 -7.00
C THR A 34 0.06 7.22 -7.77
N ASN A 35 1.13 7.97 -7.48
CA ASN A 35 2.42 7.76 -8.14
C ASN A 35 2.98 6.38 -7.78
N GLY A 36 3.23 6.17 -6.50
CA GLY A 36 3.78 4.89 -6.05
C GLY A 36 5.05 5.06 -5.25
N VAL A 37 5.87 6.03 -5.63
CA VAL A 37 7.13 6.29 -4.93
C VAL A 37 6.96 6.10 -3.42
N THR A 38 6.04 6.84 -2.83
CA THR A 38 5.78 6.75 -1.40
C THR A 38 5.55 5.31 -0.97
N MET A 39 4.73 4.60 -1.74
CA MET A 39 4.42 3.20 -1.44
C MET A 39 5.69 2.34 -1.50
N ALA A 40 6.37 2.38 -2.64
CA ALA A 40 7.59 1.61 -2.83
C ALA A 40 8.58 1.86 -1.70
N GLN A 41 8.87 3.13 -1.45
CA GLN A 41 9.80 3.50 -0.39
C GLN A 41 9.43 2.83 0.93
N VAL A 42 8.13 2.68 1.17
CA VAL A 42 7.65 2.04 2.39
C VAL A 42 7.87 0.53 2.35
N LEU A 43 7.68 -0.05 1.16
CA LEU A 43 7.86 -1.50 0.99
C LEU A 43 9.27 -1.93 1.40
N HIS A 44 10.24 -1.05 1.18
CA HIS A 44 11.63 -1.34 1.52
C HIS A 44 11.79 -1.43 3.04
N GLN A 45 11.01 -0.64 3.77
CA GLN A 45 11.08 -0.63 5.23
C GLN A 45 10.43 -1.88 5.81
N ILE A 46 9.40 -2.37 5.13
CA ILE A 46 8.69 -3.56 5.59
C ILE A 46 9.61 -4.79 5.58
N ASP A 47 10.32 -4.97 4.47
CA ASP A 47 11.24 -6.10 4.33
C ASP A 47 12.29 -5.81 3.26
N VAL A 48 13.53 -5.67 3.70
CA VAL A 48 14.64 -5.39 2.78
C VAL A 48 14.90 -6.59 1.86
N ALA A 49 15.07 -7.76 2.47
CA ALA A 49 15.33 -8.98 1.70
C ALA A 49 14.42 -9.06 0.48
N TRP A 50 13.16 -8.68 0.66
CA TRP A 50 12.20 -8.71 -0.43
C TRP A 50 12.19 -7.40 -1.19
N PHE A 51 12.44 -6.30 -0.49
CA PHE A 51 12.47 -4.98 -1.11
C PHE A 51 13.79 -4.27 -0.81
N SER A 52 14.82 -4.63 -1.55
CA SER A 52 16.15 -4.03 -1.36
C SER A 52 16.31 -2.80 -2.25
N GLU A 53 17.18 -1.88 -1.84
CA GLU A 53 17.43 -0.67 -2.59
C GLU A 53 17.41 -0.95 -4.09
N SER A 54 17.85 -2.15 -4.47
CA SER A 54 17.89 -2.54 -5.87
C SER A 54 16.52 -2.43 -6.51
N TRP A 55 15.52 -3.02 -5.86
CA TRP A 55 14.15 -2.98 -6.36
C TRP A 55 13.62 -1.55 -6.40
N LEU A 56 13.83 -0.82 -5.32
CA LEU A 56 13.37 0.56 -5.22
C LEU A 56 14.14 1.45 -6.19
N SER A 57 15.30 0.97 -6.65
CA SER A 57 16.13 1.73 -7.57
C SER A 57 15.41 1.93 -8.90
N ARG A 58 14.47 1.03 -9.21
CA ARG A 58 13.72 1.12 -10.46
C ARG A 58 12.56 2.10 -10.33
N ILE A 59 12.30 2.55 -9.09
CA ILE A 59 11.22 3.49 -8.84
C ILE A 59 11.70 4.93 -9.01
N LYS A 60 10.91 5.73 -9.71
CA LYS A 60 11.25 7.13 -9.94
C LYS A 60 10.21 8.05 -9.31
N ASP A 61 10.61 9.28 -8.99
CA ASP A 61 9.72 10.25 -8.39
C ASP A 61 9.44 11.40 -9.36
N ASP A 62 10.21 11.45 -10.44
CA ASP A 62 10.04 12.49 -11.45
C ASP A 62 8.58 12.61 -11.87
N VAL A 63 7.79 11.57 -11.58
CA VAL A 63 6.38 11.56 -11.93
C VAL A 63 5.76 12.94 -11.75
N GLY A 64 6.32 13.72 -10.84
CA GLY A 64 5.81 15.05 -10.59
C GLY A 64 5.17 15.68 -11.82
N ASP A 65 5.94 15.74 -12.91
CA ASP A 65 5.44 16.32 -14.15
C ASP A 65 5.14 15.21 -15.17
N ASN A 66 5.40 13.98 -14.80
CA ASN A 66 5.15 12.84 -15.67
C ASN A 66 4.06 11.93 -15.10
N TRP A 67 3.10 11.57 -15.94
CA TRP A 67 2.01 10.70 -15.52
C TRP A 67 2.29 9.25 -15.87
N ARG A 68 3.12 9.04 -16.90
CA ARG A 68 3.47 7.70 -17.34
C ARG A 68 4.39 7.02 -16.33
N ILE A 69 5.39 7.76 -15.86
CA ILE A 69 6.34 7.22 -14.88
C ILE A 69 5.61 6.67 -13.66
N LYS A 70 4.45 7.23 -13.37
CA LYS A 70 3.66 6.80 -12.22
C LYS A 70 3.31 5.31 -12.34
N ALA A 71 2.51 4.97 -13.34
CA ALA A 71 2.10 3.59 -13.58
C ALA A 71 3.27 2.64 -13.34
N SER A 72 4.35 2.83 -14.08
CA SER A 72 5.53 1.98 -13.96
C SER A 72 5.80 1.63 -12.49
N ASN A 73 5.73 2.65 -11.63
CA ASN A 73 5.97 2.45 -10.21
C ASN A 73 4.85 1.61 -9.58
N LEU A 74 3.61 2.04 -9.81
CA LEU A 74 2.45 1.33 -9.26
C LEU A 74 2.55 -0.17 -9.55
N LYS A 75 2.96 -0.52 -10.76
CA LYS A 75 3.10 -1.91 -11.15
C LYS A 75 4.09 -2.63 -10.25
N LYS A 76 5.32 -2.10 -10.19
CA LYS A 76 6.35 -2.70 -9.36
C LYS A 76 5.91 -2.80 -7.90
N VAL A 77 5.36 -1.71 -7.38
CA VAL A 77 4.89 -1.69 -5.99
C VAL A 77 3.87 -2.79 -5.75
N LEU A 78 2.88 -2.89 -6.63
CA LEU A 78 1.83 -3.89 -6.50
C LEU A 78 2.43 -5.30 -6.55
N HIS A 79 3.11 -5.61 -7.65
CA HIS A 79 3.74 -6.91 -7.82
C HIS A 79 4.53 -7.31 -6.58
N GLY A 80 5.06 -6.31 -5.87
CA GLY A 80 5.83 -6.57 -4.67
C GLY A 80 5.03 -7.35 -3.64
N ILE A 81 3.76 -6.99 -3.50
CA ILE A 81 2.89 -7.66 -2.52
C ILE A 81 2.35 -8.97 -3.08
N THR A 82 1.56 -8.88 -4.15
CA THR A 82 0.98 -10.05 -4.78
C THR A 82 1.97 -11.21 -4.82
N SER A 83 3.21 -10.90 -5.18
CA SER A 83 4.25 -11.91 -5.26
C SER A 83 4.65 -12.39 -3.87
N TYR A 84 4.63 -11.48 -2.91
CA TYR A 84 4.99 -11.80 -1.53
C TYR A 84 3.94 -12.69 -0.89
N TYR A 85 2.80 -12.82 -1.55
CA TYR A 85 1.70 -13.65 -1.04
C TYR A 85 1.75 -15.05 -1.66
N HIS A 86 2.25 -15.12 -2.89
CA HIS A 86 2.35 -16.39 -3.58
C HIS A 86 3.72 -17.02 -3.38
N GLU A 87 4.73 -16.19 -3.17
CA GLU A 87 6.09 -16.65 -2.97
C GLU A 87 6.40 -16.77 -1.48
N PHE A 88 6.53 -15.63 -0.82
CA PHE A 88 6.83 -15.60 0.62
C PHE A 88 5.86 -16.49 1.39
N LEU A 89 4.61 -16.07 1.45
CA LEU A 89 3.58 -16.83 2.16
C LEU A 89 3.19 -18.07 1.39
N GLY A 90 2.70 -17.88 0.17
CA GLY A 90 2.29 -18.99 -0.67
C GLY A 90 0.85 -18.87 -1.13
N GLN A 91 0.07 -18.06 -0.42
CA GLN A 91 -1.34 -17.86 -0.77
C GLN A 91 -1.48 -16.94 -1.97
N GLN A 92 -2.72 -16.66 -2.36
CA GLN A 92 -2.99 -15.79 -3.50
C GLN A 92 -3.84 -14.60 -3.09
N ILE A 93 -4.24 -13.80 -4.07
CA ILE A 93 -5.07 -12.62 -3.80
C ILE A 93 -6.32 -12.62 -4.68
N SER A 94 -7.46 -12.30 -4.09
CA SER A 94 -8.72 -12.26 -4.81
C SER A 94 -8.86 -10.97 -5.61
N GLU A 95 -9.52 -11.05 -6.76
CA GLU A 95 -9.71 -9.88 -7.61
C GLU A 95 -10.32 -8.73 -6.82
N GLU A 96 -10.88 -9.04 -5.66
CA GLU A 96 -11.50 -8.04 -4.81
C GLU A 96 -10.45 -7.11 -4.19
N LEU A 97 -9.24 -7.64 -4.03
CA LEU A 97 -8.15 -6.85 -3.45
C LEU A 97 -7.29 -6.24 -4.55
N ILE A 98 -7.20 -6.93 -5.68
CA ILE A 98 -6.42 -6.43 -6.81
C ILE A 98 -6.73 -4.97 -7.11
N PRO A 99 -5.80 -4.08 -6.73
CA PRO A 99 -5.94 -2.64 -6.95
C PRO A 99 -5.85 -2.27 -8.43
N ASP A 100 -6.72 -1.35 -8.86
CA ASP A 100 -6.73 -0.90 -10.25
C ASP A 100 -5.75 0.25 -10.46
N LEU A 101 -4.54 -0.08 -10.89
CA LEU A 101 -3.52 0.92 -11.14
C LEU A 101 -3.91 1.84 -12.30
N ASN A 102 -4.46 1.24 -13.35
CA ASN A 102 -4.87 2.00 -14.53
C ASN A 102 -5.88 3.07 -14.14
N GLN A 103 -6.74 2.76 -13.19
CA GLN A 103 -7.75 3.71 -12.73
C GLN A 103 -7.18 4.67 -11.70
N ILE A 104 -5.97 4.36 -11.22
CA ILE A 104 -5.32 5.20 -10.23
C ILE A 104 -4.33 6.16 -10.89
N THR A 105 -3.84 5.78 -12.07
CA THR A 105 -2.90 6.62 -12.81
C THR A 105 -3.62 7.50 -13.82
N GLU A 106 -4.72 6.99 -14.36
CA GLU A 106 -5.50 7.73 -15.34
C GLU A 106 -6.65 8.49 -14.68
N CYS A 107 -7.24 7.87 -13.66
CA CYS A 107 -8.35 8.49 -12.94
C CYS A 107 -7.91 8.95 -11.55
N ALA A 108 -7.14 8.10 -10.87
CA ALA A 108 -6.66 8.42 -9.54
C ALA A 108 -7.78 8.34 -8.50
N ASP A 109 -8.80 7.54 -8.81
CA ASP A 109 -9.93 7.37 -7.91
C ASP A 109 -9.47 6.93 -6.53
N PRO A 110 -10.13 7.46 -5.49
CA PRO A 110 -9.80 7.13 -4.10
C PRO A 110 -10.17 5.71 -3.73
N VAL A 111 -11.26 5.21 -4.33
CA VAL A 111 -11.71 3.85 -4.06
C VAL A 111 -10.69 2.82 -4.53
N GLU A 112 -10.01 3.13 -5.63
CA GLU A 112 -9.01 2.23 -6.18
C GLU A 112 -7.66 2.44 -5.50
N LEU A 113 -7.28 3.69 -5.33
CA LEU A 113 -6.01 4.03 -4.68
C LEU A 113 -5.80 3.21 -3.42
N GLY A 114 -6.82 3.22 -2.55
CA GLY A 114 -6.74 2.47 -1.31
C GLY A 114 -6.43 1.00 -1.54
N ARG A 115 -6.99 0.43 -2.59
CA ARG A 115 -6.78 -0.97 -2.92
C ARG A 115 -5.30 -1.32 -2.88
N LEU A 116 -4.48 -0.41 -3.39
CA LEU A 116 -3.03 -0.62 -3.42
C LEU A 116 -2.45 -0.58 -2.01
N LEU A 117 -2.78 0.47 -1.27
CA LEU A 117 -2.29 0.64 0.10
C LEU A 117 -2.60 -0.60 0.93
N GLN A 118 -3.72 -1.25 0.63
CA GLN A 118 -4.13 -2.45 1.35
C GLN A 118 -3.09 -3.57 1.20
N LEU A 119 -2.61 -3.75 -0.03
CA LEU A 119 -1.62 -4.78 -0.31
C LEU A 119 -0.38 -4.59 0.56
N ILE A 120 0.19 -3.39 0.51
CA ILE A 120 1.37 -3.07 1.29
C ILE A 120 1.19 -3.45 2.76
N LEU A 121 0.14 -2.90 3.37
CA LEU A 121 -0.15 -3.18 4.78
C LEU A 121 -0.28 -4.68 5.01
N GLY A 122 -0.77 -5.40 4.01
CA GLY A 122 -0.93 -6.84 4.13
C GLY A 122 0.37 -7.53 4.50
N CYS A 123 1.46 -7.13 3.86
CA CYS A 123 2.76 -7.72 4.11
C CYS A 123 3.37 -7.16 5.40
N ALA A 124 2.81 -6.05 5.87
CA ALA A 124 3.30 -5.41 7.09
C ALA A 124 2.73 -6.09 8.33
N VAL A 125 1.71 -6.92 8.13
CA VAL A 125 1.08 -7.63 9.23
C VAL A 125 1.29 -9.13 9.12
N ASN A 126 2.14 -9.53 8.17
CA ASN A 126 2.44 -10.95 7.96
C ASN A 126 3.95 -11.16 7.83
N CYS A 127 4.73 -10.27 8.43
CA CYS A 127 6.18 -10.37 8.38
C CYS A 127 6.76 -10.53 9.78
N GLU A 128 8.08 -10.67 9.86
CA GLU A 128 8.76 -10.83 11.13
C GLU A 128 8.74 -9.54 11.94
N LYS A 129 8.92 -8.43 11.24
CA LYS A 129 8.92 -7.11 11.89
C LYS A 129 7.49 -6.57 12.02
N LYS A 130 6.54 -7.29 11.44
CA LYS A 130 5.14 -6.88 11.49
C LYS A 130 4.83 -6.19 12.81
N GLN A 131 5.19 -6.82 13.92
CA GLN A 131 4.94 -6.26 15.24
C GLN A 131 5.40 -4.80 15.30
N GLU A 132 6.62 -4.55 14.84
CA GLU A 132 7.17 -3.20 14.85
C GLU A 132 6.21 -2.22 14.19
N HIS A 133 5.38 -2.73 13.27
CA HIS A 133 4.42 -1.90 12.57
C HIS A 133 3.08 -1.86 13.32
N ILE A 134 2.60 -3.04 13.69
CA ILE A 134 1.32 -3.15 14.40
C ILE A 134 1.18 -2.03 15.42
N LYS A 135 2.27 -1.72 16.12
CA LYS A 135 2.26 -0.66 17.13
C LYS A 135 1.97 0.69 16.50
N ASN A 136 2.51 0.92 15.30
CA ASN A 136 2.30 2.16 14.60
C ASN A 136 0.81 2.40 14.32
N ILE A 137 0.07 1.31 14.18
CA ILE A 137 -1.36 1.39 13.91
C ILE A 137 -2.12 1.89 15.13
N MET A 138 -1.84 1.28 16.28
CA MET A 138 -2.49 1.66 17.53
C MET A 138 -2.24 3.14 17.85
N THR A 139 -1.03 3.60 17.58
CA THR A 139 -0.66 4.99 17.83
C THR A 139 -1.55 5.94 17.04
N LEU A 140 -2.14 5.44 15.96
CA LEU A 140 -3.02 6.25 15.12
C LEU A 140 -4.32 6.58 15.86
N GLU A 141 -5.25 7.22 15.15
CA GLU A 141 -6.53 7.60 15.73
C GLU A 141 -7.43 6.38 15.90
N GLU A 142 -8.49 6.54 16.68
CA GLU A 142 -9.43 5.45 16.92
C GLU A 142 -10.18 5.08 15.64
N SER A 143 -10.70 6.09 14.94
CA SER A 143 -11.43 5.87 13.71
C SER A 143 -10.55 5.17 12.67
N VAL A 144 -9.40 5.78 12.38
CA VAL A 144 -8.47 5.23 11.41
C VAL A 144 -8.02 3.82 11.81
N GLN A 145 -7.64 3.67 13.07
CA GLN A 145 -7.19 2.39 13.58
C GLN A 145 -8.14 1.26 13.17
N HIS A 146 -9.43 1.56 13.23
CA HIS A 146 -10.45 0.58 12.85
C HIS A 146 -10.25 0.10 11.42
N VAL A 147 -10.41 1.01 10.46
CA VAL A 147 -10.25 0.69 9.05
C VAL A 147 -8.91 0.00 8.80
N VAL A 148 -7.84 0.59 9.33
CA VAL A 148 -6.51 0.02 9.16
C VAL A 148 -6.46 -1.43 9.64
N MET A 149 -7.06 -1.69 10.79
CA MET A 149 -7.08 -3.04 11.34
C MET A 149 -7.98 -3.95 10.52
N THR A 150 -9.05 -3.38 9.96
CA THR A 150 -9.98 -4.15 9.15
C THR A 150 -9.32 -4.68 7.89
N ALA A 151 -8.58 -3.82 7.20
CA ALA A 151 -7.88 -4.21 5.98
C ALA A 151 -7.22 -5.58 6.14
N ILE A 152 -6.50 -5.75 7.24
CA ILE A 152 -5.82 -7.01 7.52
C ILE A 152 -6.80 -8.18 7.51
N GLN A 153 -7.86 -8.06 8.29
CA GLN A 153 -8.87 -9.11 8.36
C GLN A 153 -9.41 -9.45 6.98
N GLU A 154 -9.62 -8.42 6.16
CA GLU A 154 -10.13 -8.61 4.81
C GLU A 154 -9.09 -9.30 3.93
N LEU A 155 -7.83 -8.95 4.14
CA LEU A 155 -6.74 -9.52 3.36
C LEU A 155 -6.63 -11.03 3.60
N MET A 156 -6.82 -11.44 4.85
CA MET A 156 -6.74 -12.85 5.20
C MET A 156 -7.96 -13.61 4.67
N SER A 157 -9.13 -13.01 4.83
CA SER A 157 -10.37 -13.63 4.37
C SER A 157 -10.37 -13.78 2.85
N LYS A 158 -9.99 -12.71 2.15
CA LYS A 158 -9.95 -12.72 0.70
C LYS A 158 -8.89 -13.69 0.19
N SER A 159 -7.72 -13.65 0.83
CA SER A 159 -6.62 -14.53 0.43
C SER A 159 -7.14 -15.88 -0.03
N GLY A 160 -7.97 -16.52 0.79
CA GLY A 160 -8.52 -17.81 0.43
C GLY A 160 -8.10 -18.90 1.39
N PRO A 161 -6.90 -19.46 1.16
CA PRO A 161 -6.35 -20.53 2.01
C PRO A 161 -5.97 -20.04 3.40
N SER A 162 -6.12 -20.90 4.39
CA SER A 162 -5.80 -20.55 5.77
C SER A 162 -5.14 -21.74 6.49
N SER A 163 -3.97 -21.49 7.05
CA SER A 163 -3.23 -22.53 7.76
C SER A 163 -4.18 -23.46 8.49
N GLY A 164 -3.92 -24.76 8.40
CA GLY A 164 -4.76 -25.74 9.06
C GLY A 164 -4.11 -27.11 9.12
N GLY A 1 -7.58 27.97 0.08
CA GLY A 1 -8.74 27.76 -0.76
C GLY A 1 -9.73 26.79 -0.17
N SER A 2 -9.84 25.61 -0.77
CA SER A 2 -10.77 24.60 -0.29
C SER A 2 -10.49 24.25 1.17
N SER A 3 -11.45 23.56 1.80
CA SER A 3 -11.30 23.17 3.20
C SER A 3 -11.93 21.80 3.44
N GLY A 4 -11.16 20.89 4.02
CA GLY A 4 -11.66 19.56 4.31
C GLY A 4 -11.10 18.52 3.35
N SER A 5 -11.77 17.38 3.26
CA SER A 5 -11.34 16.30 2.38
C SER A 5 -12.51 15.38 2.03
N SER A 6 -12.32 14.58 0.99
CA SER A 6 -13.36 13.65 0.54
C SER A 6 -12.76 12.31 0.13
N GLY A 7 -13.60 11.29 0.08
CA GLY A 7 -13.15 9.96 -0.30
C GLY A 7 -13.68 8.88 0.62
N LEU A 8 -13.38 7.63 0.28
CA LEU A 8 -13.84 6.49 1.08
C LEU A 8 -12.93 6.29 2.29
N PRO A 9 -13.39 5.45 3.23
CA PRO A 9 -12.63 5.15 4.45
C PRO A 9 -11.40 4.29 4.16
N LEU A 10 -11.61 3.19 3.44
CA LEU A 10 -10.51 2.29 3.10
C LEU A 10 -9.26 3.06 2.70
N CYS A 11 -9.47 4.25 2.12
CA CYS A 11 -8.36 5.09 1.70
C CYS A 11 -8.19 6.28 2.64
N ASP A 12 -9.30 6.79 3.14
CA ASP A 12 -9.28 7.93 4.05
C ASP A 12 -8.67 7.54 5.39
N SER A 13 -8.34 6.26 5.54
CA SER A 13 -7.75 5.76 6.77
C SER A 13 -6.33 5.26 6.53
N LEU A 14 -6.16 4.44 5.50
CA LEU A 14 -4.85 3.90 5.16
C LEU A 14 -3.81 5.00 5.04
N ILE A 15 -4.21 6.12 4.44
CA ILE A 15 -3.32 7.25 4.26
C ILE A 15 -2.58 7.59 5.56
N ILE A 16 -3.32 7.59 6.66
CA ILE A 16 -2.75 7.90 7.97
C ILE A 16 -1.70 6.86 8.35
N TRP A 17 -1.90 5.63 7.92
CA TRP A 17 -0.98 4.55 8.22
C TRP A 17 0.32 4.71 7.43
N LEU A 18 0.19 4.90 6.12
CA LEU A 18 1.36 5.07 5.26
C LEU A 18 2.12 6.33 5.62
N GLN A 19 1.45 7.25 6.31
CA GLN A 19 2.08 8.51 6.73
C GLN A 19 3.25 8.24 7.65
N THR A 20 3.12 7.23 8.51
CA THR A 20 4.18 6.88 9.46
C THR A 20 5.53 6.82 8.77
N PHE A 21 5.51 6.64 7.45
CA PHE A 21 6.75 6.56 6.68
C PHE A 21 7.11 7.93 6.10
N LYS A 22 8.11 8.58 6.71
CA LYS A 22 8.55 9.88 6.25
C LYS A 22 9.53 9.77 5.10
N THR A 23 9.39 8.69 4.32
CA THR A 23 10.26 8.46 3.18
C THR A 23 10.48 9.74 2.38
N ALA A 24 11.46 9.70 1.49
CA ALA A 24 11.78 10.86 0.66
C ALA A 24 10.52 11.43 0.00
N SER A 25 9.48 10.61 -0.10
CA SER A 25 8.23 11.03 -0.70
C SER A 25 7.15 11.22 0.36
N PRO A 26 6.50 12.39 0.33
CA PRO A 26 5.43 12.72 1.28
C PRO A 26 4.17 11.91 1.06
N CYS A 27 3.12 12.22 1.81
CA CYS A 27 1.86 11.51 1.69
C CYS A 27 0.73 12.28 2.38
N GLN A 28 -0.12 12.91 1.58
CA GLN A 28 -1.24 13.69 2.12
C GLN A 28 -2.55 13.27 1.46
N ASP A 29 -2.74 13.67 0.21
CA ASP A 29 -3.96 13.33 -0.53
C ASP A 29 -3.71 12.17 -1.48
N VAL A 30 -4.79 11.50 -1.88
CA VAL A 30 -4.68 10.36 -2.79
C VAL A 30 -3.96 10.75 -4.07
N LYS A 31 -4.14 12.00 -4.49
CA LYS A 31 -3.50 12.50 -5.71
C LYS A 31 -2.01 12.72 -5.49
N GLN A 32 -1.58 12.61 -4.23
CA GLN A 32 -0.17 12.80 -3.90
C GLN A 32 0.55 11.45 -3.81
N LEU A 33 -0.21 10.39 -3.52
CA LEU A 33 0.36 9.05 -3.43
C LEU A 33 0.41 8.38 -4.79
N THR A 34 -0.55 8.71 -5.65
CA THR A 34 -0.61 8.13 -6.99
C THR A 34 0.78 8.00 -7.59
N ASN A 35 1.69 8.88 -7.18
CA ASN A 35 3.06 8.85 -7.68
C ASN A 35 3.54 7.42 -7.87
N GLY A 36 3.33 6.59 -6.85
CA GLY A 36 3.75 5.20 -6.92
C GLY A 36 5.08 4.97 -6.23
N VAL A 37 5.66 6.03 -5.69
CA VAL A 37 6.95 5.93 -5.00
C VAL A 37 6.75 5.77 -3.49
N THR A 38 6.08 6.74 -2.89
CA THR A 38 5.82 6.72 -1.45
C THR A 38 5.47 5.31 -0.98
N MET A 39 4.86 4.53 -1.88
CA MET A 39 4.47 3.17 -1.55
C MET A 39 5.67 2.22 -1.65
N ALA A 40 6.43 2.35 -2.73
CA ALA A 40 7.60 1.52 -2.94
C ALA A 40 8.65 1.75 -1.87
N GLN A 41 8.81 3.00 -1.46
CA GLN A 41 9.78 3.37 -0.43
C GLN A 41 9.41 2.74 0.91
N VAL A 42 8.10 2.57 1.14
CA VAL A 42 7.62 1.99 2.38
C VAL A 42 7.89 0.49 2.43
N LEU A 43 7.72 -0.17 1.28
CA LEU A 43 7.95 -1.60 1.20
C LEU A 43 9.38 -1.95 1.56
N HIS A 44 10.30 -1.05 1.27
CA HIS A 44 11.71 -1.26 1.57
C HIS A 44 11.95 -1.32 3.08
N GLN A 45 10.96 -0.84 3.84
CA GLN A 45 11.06 -0.85 5.30
C GLN A 45 10.47 -2.13 5.88
N ILE A 46 9.41 -2.62 5.26
CA ILE A 46 8.76 -3.85 5.72
C ILE A 46 9.72 -5.03 5.68
N ASP A 47 10.17 -5.38 4.48
CA ASP A 47 11.10 -6.50 4.31
C ASP A 47 12.25 -6.11 3.38
N VAL A 48 13.23 -5.40 3.93
CA VAL A 48 14.38 -4.96 3.15
C VAL A 48 14.95 -6.10 2.31
N ALA A 49 14.71 -7.33 2.76
CA ALA A 49 15.19 -8.51 2.05
C ALA A 49 14.45 -8.69 0.73
N TRP A 50 13.15 -8.52 0.75
CA TRP A 50 12.33 -8.66 -0.44
C TRP A 50 12.25 -7.34 -1.21
N PHE A 51 12.49 -6.23 -0.51
CA PHE A 51 12.45 -4.91 -1.13
C PHE A 51 13.72 -4.13 -0.82
N SER A 52 14.78 -4.40 -1.57
CA SER A 52 16.06 -3.72 -1.37
C SER A 52 16.24 -2.59 -2.38
N GLU A 53 17.20 -1.72 -2.12
CA GLU A 53 17.48 -0.60 -3.01
C GLU A 53 17.47 -1.04 -4.47
N SER A 54 17.78 -2.31 -4.69
CA SER A 54 17.81 -2.86 -6.05
C SER A 54 16.43 -2.74 -6.71
N TRP A 55 15.40 -3.04 -5.94
CA TRP A 55 14.04 -2.96 -6.46
C TRP A 55 13.55 -1.51 -6.50
N LEU A 56 13.63 -0.84 -5.36
CA LEU A 56 13.20 0.56 -5.27
C LEU A 56 14.00 1.44 -6.22
N SER A 57 15.14 0.92 -6.68
CA SER A 57 16.00 1.67 -7.60
C SER A 57 15.35 1.78 -8.97
N ARG A 58 14.30 1.01 -9.20
CA ARG A 58 13.59 1.02 -10.48
C ARG A 58 12.43 2.00 -10.44
N ILE A 59 12.11 2.49 -9.24
CA ILE A 59 11.02 3.45 -9.08
C ILE A 59 11.50 4.88 -9.24
N LYS A 60 10.69 5.70 -9.89
CA LYS A 60 11.02 7.10 -10.12
C LYS A 60 10.00 8.02 -9.47
N ASP A 61 10.42 9.24 -9.18
CA ASP A 61 9.54 10.23 -8.56
C ASP A 61 9.43 11.48 -9.42
N ASP A 62 9.82 11.37 -10.68
CA ASP A 62 9.77 12.49 -11.61
C ASP A 62 8.35 12.68 -12.15
N VAL A 63 7.45 11.77 -11.78
CA VAL A 63 6.07 11.85 -12.23
C VAL A 63 5.56 13.28 -12.19
N GLY A 64 6.17 14.09 -11.34
CA GLY A 64 5.76 15.48 -11.22
C GLY A 64 5.12 16.01 -12.50
N ASP A 65 5.87 15.94 -13.60
CA ASP A 65 5.38 16.42 -14.88
C ASP A 65 5.04 15.24 -15.80
N ASN A 66 5.32 14.04 -15.33
CA ASN A 66 5.04 12.83 -16.11
C ASN A 66 4.02 11.95 -15.42
N TRP A 67 3.06 11.44 -16.19
CA TRP A 67 2.02 10.58 -15.63
C TRP A 67 2.35 9.12 -15.85
N ARG A 68 3.22 8.85 -16.82
CA ARG A 68 3.63 7.48 -17.14
C ARG A 68 4.49 6.91 -16.02
N ILE A 69 5.46 7.69 -15.56
CA ILE A 69 6.36 7.25 -14.50
C ILE A 69 5.58 6.61 -13.35
N LYS A 70 4.39 7.12 -13.10
CA LYS A 70 3.54 6.59 -12.03
C LYS A 70 3.20 5.13 -12.29
N ALA A 71 2.50 4.87 -13.39
CA ALA A 71 2.12 3.52 -13.76
C ALA A 71 3.28 2.55 -13.60
N SER A 72 4.41 2.91 -14.19
CA SER A 72 5.61 2.07 -14.11
C SER A 72 5.91 1.67 -12.67
N ASN A 73 5.62 2.57 -11.74
CA ASN A 73 5.86 2.32 -10.32
C ASN A 73 4.76 1.43 -9.74
N LEU A 74 3.53 1.90 -9.82
CA LEU A 74 2.38 1.15 -9.31
C LEU A 74 2.49 -0.32 -9.69
N LYS A 75 2.96 -0.59 -10.90
CA LYS A 75 3.12 -1.95 -11.38
C LYS A 75 4.04 -2.76 -10.47
N LYS A 76 5.25 -2.25 -10.28
CA LYS A 76 6.23 -2.92 -9.42
C LYS A 76 5.71 -3.05 -7.99
N VAL A 77 5.29 -1.93 -7.42
CA VAL A 77 4.76 -1.92 -6.06
C VAL A 77 3.73 -3.01 -5.86
N LEU A 78 2.83 -3.14 -6.83
CA LEU A 78 1.77 -4.15 -6.76
C LEU A 78 2.36 -5.55 -6.87
N HIS A 79 3.07 -5.82 -7.96
CA HIS A 79 3.68 -7.12 -8.18
C HIS A 79 4.59 -7.50 -7.01
N GLY A 80 5.14 -6.50 -6.35
CA GLY A 80 6.01 -6.75 -5.20
C GLY A 80 5.27 -7.31 -4.02
N ILE A 81 3.99 -6.96 -3.91
CA ILE A 81 3.16 -7.43 -2.80
C ILE A 81 2.49 -8.75 -3.15
N THR A 82 1.88 -8.81 -4.33
CA THR A 82 1.20 -10.02 -4.79
C THR A 82 2.15 -11.22 -4.79
N SER A 83 3.41 -10.96 -5.12
CA SER A 83 4.41 -12.02 -5.16
C SER A 83 4.80 -12.47 -3.76
N TYR A 84 4.84 -11.52 -2.83
CA TYR A 84 5.19 -11.81 -1.45
C TYR A 84 4.12 -12.68 -0.79
N TYR A 85 2.98 -12.81 -1.45
CA TYR A 85 1.88 -13.60 -0.93
C TYR A 85 1.91 -15.01 -1.49
N HIS A 86 2.32 -15.13 -2.75
CA HIS A 86 2.39 -16.43 -3.41
C HIS A 86 3.76 -17.07 -3.20
N GLU A 87 4.77 -16.24 -2.95
CA GLU A 87 6.12 -16.73 -2.73
C GLU A 87 6.41 -16.88 -1.23
N PHE A 88 6.51 -15.76 -0.53
CA PHE A 88 6.78 -15.77 0.90
C PHE A 88 5.68 -16.53 1.65
N LEU A 89 4.50 -15.93 1.72
CA LEU A 89 3.37 -16.55 2.40
C LEU A 89 2.93 -17.82 1.69
N GLY A 90 2.76 -17.73 0.38
CA GLY A 90 2.35 -18.89 -0.40
C GLY A 90 0.93 -18.75 -0.92
N GLN A 91 0.10 -18.00 -0.20
CA GLN A 91 -1.28 -17.80 -0.59
C GLN A 91 -1.38 -16.85 -1.78
N GLN A 92 -2.58 -16.70 -2.33
CA GLN A 92 -2.81 -15.81 -3.46
C GLN A 92 -3.64 -14.60 -3.06
N ILE A 93 -4.00 -13.78 -4.04
CA ILE A 93 -4.79 -12.59 -3.79
C ILE A 93 -6.01 -12.53 -4.70
N SER A 94 -7.17 -12.22 -4.12
CA SER A 94 -8.41 -12.13 -4.88
C SER A 94 -8.48 -10.82 -5.64
N GLU A 95 -9.10 -10.84 -6.82
CA GLU A 95 -9.24 -9.65 -7.64
C GLU A 95 -9.86 -8.51 -6.84
N GLU A 96 -10.46 -8.85 -5.70
CA GLU A 96 -11.08 -7.86 -4.85
C GLU A 96 -10.04 -6.95 -4.21
N LEU A 97 -8.84 -7.49 -4.00
CA LEU A 97 -7.75 -6.73 -3.40
C LEU A 97 -6.87 -6.11 -4.46
N ILE A 98 -6.79 -6.76 -5.61
CA ILE A 98 -5.98 -6.26 -6.73
C ILE A 98 -6.29 -4.80 -7.03
N PRO A 99 -5.37 -3.91 -6.65
CA PRO A 99 -5.51 -2.47 -6.86
C PRO A 99 -5.42 -2.09 -8.34
N ASP A 100 -6.43 -1.39 -8.84
CA ASP A 100 -6.46 -0.96 -10.23
C ASP A 100 -5.57 0.26 -10.44
N LEU A 101 -4.35 0.02 -10.89
CA LEU A 101 -3.40 1.10 -11.14
C LEU A 101 -3.87 2.00 -12.27
N ASN A 102 -4.31 1.36 -13.36
CA ASN A 102 -4.79 2.11 -14.52
C ASN A 102 -5.83 3.16 -14.11
N GLN A 103 -6.67 2.80 -13.15
CA GLN A 103 -7.70 3.71 -12.67
C GLN A 103 -7.15 4.65 -11.61
N ILE A 104 -5.94 4.36 -11.15
CA ILE A 104 -5.29 5.18 -10.13
C ILE A 104 -4.32 6.18 -10.76
N THR A 105 -3.82 5.84 -11.94
CA THR A 105 -2.88 6.70 -12.65
C THR A 105 -3.61 7.58 -13.66
N GLU A 106 -4.70 7.06 -14.22
CA GLU A 106 -5.47 7.81 -15.21
C GLU A 106 -6.65 8.52 -14.54
N CYS A 107 -7.24 7.87 -13.53
CA CYS A 107 -8.37 8.44 -12.81
C CYS A 107 -7.95 8.90 -11.41
N ALA A 108 -7.19 8.06 -10.73
CA ALA A 108 -6.72 8.37 -9.38
C ALA A 108 -7.87 8.30 -8.37
N ASP A 109 -8.89 7.52 -8.70
CA ASP A 109 -10.04 7.35 -7.82
C ASP A 109 -9.60 6.98 -6.41
N PRO A 110 -10.31 7.52 -5.41
CA PRO A 110 -10.01 7.26 -3.99
C PRO A 110 -10.35 5.83 -3.59
N VAL A 111 -11.22 5.18 -4.37
CA VAL A 111 -11.63 3.81 -4.09
C VAL A 111 -10.55 2.82 -4.53
N GLU A 112 -9.86 3.14 -5.61
CA GLU A 112 -8.81 2.28 -6.13
C GLU A 112 -7.49 2.55 -5.43
N LEU A 113 -7.14 3.83 -5.31
CA LEU A 113 -5.88 4.22 -4.65
C LEU A 113 -5.66 3.41 -3.37
N GLY A 114 -6.70 3.36 -2.53
CA GLY A 114 -6.60 2.62 -1.29
C GLY A 114 -6.19 1.17 -1.51
N ARG A 115 -6.79 0.54 -2.52
CA ARG A 115 -6.49 -0.85 -2.84
C ARG A 115 -4.99 -1.11 -2.82
N LEU A 116 -4.22 -0.15 -3.33
CA LEU A 116 -2.77 -0.26 -3.37
C LEU A 116 -2.18 -0.26 -1.96
N LEU A 117 -2.36 0.85 -1.26
CA LEU A 117 -1.83 0.99 0.10
C LEU A 117 -2.16 -0.26 0.93
N GLN A 118 -3.39 -0.75 0.78
CA GLN A 118 -3.83 -1.93 1.52
C GLN A 118 -2.82 -3.06 1.37
N LEU A 119 -2.58 -3.47 0.12
CA LEU A 119 -1.63 -4.55 -0.16
C LEU A 119 -0.38 -4.42 0.71
N ILE A 120 0.23 -3.24 0.67
CA ILE A 120 1.44 -2.99 1.45
C ILE A 120 1.25 -3.40 2.90
N LEU A 121 0.23 -2.85 3.54
CA LEU A 121 -0.07 -3.16 4.93
C LEU A 121 -0.14 -4.67 5.15
N GLY A 122 -0.64 -5.38 4.15
CA GLY A 122 -0.75 -6.83 4.25
C GLY A 122 0.58 -7.49 4.60
N CYS A 123 1.59 -7.24 3.78
CA CYS A 123 2.92 -7.81 4.01
C CYS A 123 3.52 -7.27 5.30
N ALA A 124 3.01 -6.14 5.76
CA ALA A 124 3.51 -5.52 6.99
C ALA A 124 2.88 -6.15 8.22
N VAL A 125 1.80 -6.90 8.01
CA VAL A 125 1.10 -7.57 9.10
C VAL A 125 1.23 -9.08 9.00
N ASN A 126 2.05 -9.54 8.06
CA ASN A 126 2.27 -10.96 7.86
C ASN A 126 3.75 -11.28 7.77
N CYS A 127 4.55 -10.57 8.54
CA CYS A 127 6.00 -10.77 8.55
C CYS A 127 6.52 -10.93 9.97
N GLU A 128 7.84 -11.01 10.12
CA GLU A 128 8.46 -11.17 11.43
C GLU A 128 8.39 -9.86 12.23
N LYS A 129 8.79 -8.77 11.59
CA LYS A 129 8.77 -7.47 12.24
C LYS A 129 7.35 -6.89 12.26
N LYS A 130 6.43 -7.59 11.62
CA LYS A 130 5.04 -7.15 11.57
C LYS A 130 4.65 -6.43 12.86
N GLN A 131 4.94 -7.06 13.99
CA GLN A 131 4.62 -6.48 15.29
C GLN A 131 5.05 -5.02 15.36
N GLU A 132 6.29 -4.75 14.93
CA GLU A 132 6.82 -3.40 14.93
C GLU A 132 5.86 -2.42 14.25
N HIS A 133 5.09 -2.95 13.30
CA HIS A 133 4.13 -2.14 12.57
C HIS A 133 2.78 -2.11 13.27
N ILE A 134 2.34 -3.27 13.75
CA ILE A 134 1.06 -3.38 14.45
C ILE A 134 0.92 -2.28 15.50
N LYS A 135 1.96 -2.10 16.30
CA LYS A 135 1.95 -1.09 17.36
C LYS A 135 1.78 0.30 16.77
N ASN A 136 2.22 0.48 15.52
CA ASN A 136 2.10 1.76 14.84
C ASN A 136 0.65 2.13 14.60
N ILE A 137 -0.17 1.12 14.36
CA ILE A 137 -1.60 1.33 14.12
C ILE A 137 -2.30 1.89 15.36
N MET A 138 -1.95 1.33 16.51
CA MET A 138 -2.54 1.76 17.78
C MET A 138 -2.22 3.23 18.04
N THR A 139 -1.01 3.65 17.68
CA THR A 139 -0.59 5.03 17.88
C THR A 139 -1.42 5.99 17.03
N LEU A 140 -2.20 5.44 16.11
CA LEU A 140 -3.04 6.24 15.23
C LEU A 140 -4.35 6.61 15.93
N GLU A 141 -5.24 7.26 15.18
CA GLU A 141 -6.53 7.66 15.72
C GLU A 141 -7.46 6.46 15.88
N GLU A 142 -8.57 6.67 16.58
CA GLU A 142 -9.54 5.60 16.81
C GLU A 142 -10.20 5.18 15.50
N SER A 143 -10.84 6.14 14.83
CA SER A 143 -11.51 5.86 13.57
C SER A 143 -10.58 5.14 12.60
N VAL A 144 -9.47 5.78 12.27
CA VAL A 144 -8.49 5.21 11.36
C VAL A 144 -8.10 3.79 11.78
N GLN A 145 -7.87 3.62 13.08
CA GLN A 145 -7.49 2.32 13.62
C GLN A 145 -8.45 1.24 13.15
N HIS A 146 -9.74 1.54 13.17
CA HIS A 146 -10.76 0.60 12.75
C HIS A 146 -10.51 0.13 11.31
N VAL A 147 -10.50 1.09 10.39
CA VAL A 147 -10.27 0.79 8.98
C VAL A 147 -8.93 0.08 8.77
N VAL A 148 -7.88 0.62 9.39
CA VAL A 148 -6.56 0.05 9.29
C VAL A 148 -6.54 -1.40 9.76
N MET A 149 -7.28 -1.68 10.83
CA MET A 149 -7.36 -3.02 11.37
C MET A 149 -8.25 -3.92 10.51
N THR A 150 -9.34 -3.34 10.01
CA THR A 150 -10.27 -4.09 9.18
C THR A 150 -9.58 -4.60 7.91
N ALA A 151 -8.69 -3.80 7.36
CA ALA A 151 -7.96 -4.16 6.16
C ALA A 151 -7.25 -5.51 6.33
N ILE A 152 -6.56 -5.66 7.46
CA ILE A 152 -5.84 -6.90 7.74
C ILE A 152 -6.78 -8.10 7.69
N GLN A 153 -7.87 -8.02 8.44
CA GLN A 153 -8.85 -9.11 8.48
C GLN A 153 -9.35 -9.44 7.08
N GLU A 154 -9.74 -8.41 6.34
CA GLU A 154 -10.23 -8.59 4.97
C GLU A 154 -9.18 -9.24 4.09
N LEU A 155 -7.92 -8.94 4.37
CA LEU A 155 -6.81 -9.50 3.59
C LEU A 155 -6.69 -11.01 3.82
N MET A 156 -6.63 -11.41 5.08
CA MET A 156 -6.52 -12.82 5.43
C MET A 156 -7.75 -13.59 4.96
N SER A 157 -8.89 -12.91 4.90
CA SER A 157 -10.13 -13.54 4.47
C SER A 157 -10.10 -13.85 2.98
N LYS A 158 -9.30 -13.08 2.24
CA LYS A 158 -9.17 -13.27 0.80
C LYS A 158 -7.79 -13.82 0.45
N SER A 159 -7.07 -14.32 1.45
CA SER A 159 -5.74 -14.87 1.24
C SER A 159 -5.61 -16.24 1.89
N GLY A 160 -6.05 -17.27 1.17
CA GLY A 160 -5.98 -18.62 1.69
C GLY A 160 -5.25 -19.56 0.76
N PRO A 161 -4.36 -20.40 1.33
CA PRO A 161 -3.57 -21.36 0.56
C PRO A 161 -4.43 -22.50 0.00
N SER A 162 -3.90 -23.18 -1.00
CA SER A 162 -4.62 -24.30 -1.63
C SER A 162 -3.70 -25.49 -1.83
N SER A 163 -3.86 -26.51 -0.99
CA SER A 163 -3.04 -27.71 -1.08
C SER A 163 -3.03 -28.26 -2.50
N GLY A 164 -1.86 -28.70 -2.95
CA GLY A 164 -1.74 -29.24 -4.29
C GLY A 164 -0.98 -28.32 -5.22
N GLY A 1 -2.73 23.81 6.71
CA GLY A 1 -3.51 22.67 6.26
C GLY A 1 -3.37 22.43 4.77
N SER A 2 -4.39 22.80 4.01
CA SER A 2 -4.38 22.61 2.56
C SER A 2 -4.16 21.13 2.22
N SER A 3 -4.81 20.25 2.97
CA SER A 3 -4.69 18.82 2.74
C SER A 3 -5.67 18.35 1.67
N GLY A 4 -6.87 18.94 1.67
CA GLY A 4 -7.88 18.57 0.71
C GLY A 4 -8.98 17.70 1.31
N SER A 5 -9.87 17.21 0.45
CA SER A 5 -10.97 16.37 0.91
C SER A 5 -10.73 14.90 0.51
N SER A 6 -10.75 14.03 1.50
CA SER A 6 -10.54 12.61 1.26
C SER A 6 -11.79 11.96 0.68
N GLY A 7 -11.74 10.64 0.49
CA GLY A 7 -12.88 9.92 -0.05
C GLY A 7 -13.39 8.84 0.89
N LEU A 8 -13.33 7.60 0.44
CA LEU A 8 -13.80 6.47 1.24
C LEU A 8 -12.87 6.22 2.42
N PRO A 9 -13.32 5.40 3.37
CA PRO A 9 -12.54 5.06 4.56
C PRO A 9 -11.33 4.18 4.23
N LEU A 10 -11.57 3.11 3.50
CA LEU A 10 -10.50 2.18 3.12
C LEU A 10 -9.26 2.95 2.68
N CYS A 11 -9.48 4.13 2.12
CA CYS A 11 -8.37 4.97 1.65
C CYS A 11 -8.13 6.13 2.60
N ASP A 12 -9.22 6.68 3.14
CA ASP A 12 -9.12 7.81 4.07
C ASP A 12 -8.41 7.39 5.35
N SER A 13 -8.14 6.10 5.48
CA SER A 13 -7.46 5.58 6.67
C SER A 13 -6.02 5.18 6.35
N LEU A 14 -5.86 4.38 5.30
CA LEU A 14 -4.54 3.93 4.88
C LEU A 14 -3.54 5.09 4.87
N ILE A 15 -3.94 6.20 4.25
CA ILE A 15 -3.09 7.38 4.17
C ILE A 15 -2.50 7.72 5.53
N ILE A 16 -3.35 7.65 6.57
CA ILE A 16 -2.91 7.96 7.92
C ILE A 16 -1.82 6.98 8.39
N TRP A 17 -2.03 5.70 8.08
CA TRP A 17 -1.08 4.67 8.47
C TRP A 17 0.19 4.76 7.63
N LEU A 18 0.05 5.22 6.40
CA LEU A 18 1.19 5.36 5.49
C LEU A 18 1.99 6.61 5.83
N GLN A 19 1.30 7.65 6.29
CA GLN A 19 1.96 8.91 6.64
C GLN A 19 3.16 8.66 7.55
N THR A 20 3.09 7.60 8.33
CA THR A 20 4.17 7.25 9.24
C THR A 20 5.51 7.17 8.52
N PHE A 21 5.46 6.82 7.24
CA PHE A 21 6.67 6.71 6.43
C PHE A 21 7.00 8.04 5.76
N LYS A 22 7.99 8.73 6.30
CA LYS A 22 8.41 10.02 5.76
C LYS A 22 9.39 9.83 4.61
N THR A 23 9.28 8.70 3.92
CA THR A 23 10.16 8.40 2.79
C THR A 23 10.33 9.63 1.90
N ALA A 24 11.30 9.55 0.98
CA ALA A 24 11.57 10.64 0.07
C ALA A 24 10.28 11.25 -0.47
N SER A 25 9.24 10.42 -0.57
CA SER A 25 7.95 10.88 -1.07
C SER A 25 6.93 10.95 0.06
N PRO A 26 6.34 12.14 0.25
CA PRO A 26 5.33 12.38 1.29
C PRO A 26 4.02 11.67 0.99
N CYS A 27 3.12 11.68 1.97
CA CYS A 27 1.82 11.04 1.80
C CYS A 27 0.69 11.94 2.32
N GLN A 28 0.21 12.82 1.45
CA GLN A 28 -0.86 13.74 1.82
C GLN A 28 -2.21 13.25 1.29
N ASP A 29 -2.42 13.41 0.00
CA ASP A 29 -3.67 12.98 -0.63
C ASP A 29 -3.46 11.70 -1.44
N VAL A 30 -4.51 11.26 -2.12
CA VAL A 30 -4.45 10.04 -2.93
C VAL A 30 -3.69 10.30 -4.23
N LYS A 31 -3.83 11.51 -4.76
CA LYS A 31 -3.16 11.88 -6.01
C LYS A 31 -1.65 11.91 -5.82
N GLN A 32 -1.21 12.16 -4.59
CA GLN A 32 0.21 12.22 -4.28
C GLN A 32 0.78 10.81 -4.12
N LEU A 33 -0.09 9.85 -3.84
CA LEU A 33 0.33 8.46 -3.67
C LEU A 33 0.17 7.67 -4.96
N THR A 34 -0.88 7.99 -5.71
CA THR A 34 -1.15 7.30 -6.97
C THR A 34 0.14 7.03 -7.74
N ASN A 35 1.14 7.87 -7.51
CA ASN A 35 2.43 7.71 -8.17
C ASN A 35 3.04 6.36 -7.86
N GLY A 36 3.12 6.03 -6.58
CA GLY A 36 3.69 4.75 -6.17
C GLY A 36 5.00 4.92 -5.43
N VAL A 37 5.77 5.94 -5.82
CA VAL A 37 7.07 6.19 -5.20
C VAL A 37 7.00 5.99 -3.68
N THR A 38 6.09 6.73 -3.04
CA THR A 38 5.93 6.63 -1.59
C THR A 38 5.71 5.19 -1.16
N MET A 39 4.73 4.53 -1.78
CA MET A 39 4.43 3.14 -1.45
C MET A 39 5.68 2.28 -1.50
N ALA A 40 6.38 2.34 -2.63
CA ALA A 40 7.61 1.57 -2.81
C ALA A 40 8.58 1.80 -1.65
N GLN A 41 8.96 3.05 -1.44
CA GLN A 41 9.88 3.40 -0.37
C GLN A 41 9.46 2.74 0.95
N VAL A 42 8.15 2.67 1.16
CA VAL A 42 7.62 2.06 2.39
C VAL A 42 7.85 0.56 2.40
N LEU A 43 7.53 -0.10 1.28
CA LEU A 43 7.70 -1.54 1.16
C LEU A 43 9.11 -1.96 1.58
N HIS A 44 10.09 -1.19 1.13
CA HIS A 44 11.49 -1.48 1.46
C HIS A 44 11.71 -1.49 2.96
N GLN A 45 10.88 -0.75 3.68
CA GLN A 45 10.97 -0.68 5.14
C GLN A 45 10.38 -1.92 5.79
N ILE A 46 9.31 -2.44 5.19
CA ILE A 46 8.65 -3.63 5.71
C ILE A 46 9.59 -4.83 5.68
N ASP A 47 10.25 -5.04 4.56
CA ASP A 47 11.17 -6.16 4.41
C ASP A 47 12.13 -5.92 3.24
N VAL A 48 13.41 -5.75 3.55
CA VAL A 48 14.42 -5.51 2.53
C VAL A 48 14.62 -6.75 1.65
N ALA A 49 14.61 -7.92 2.29
CA ALA A 49 14.79 -9.18 1.58
C ALA A 49 14.00 -9.18 0.28
N TRP A 50 12.74 -8.77 0.35
CA TRP A 50 11.87 -8.73 -0.82
C TRP A 50 11.92 -7.37 -1.49
N PHE A 51 11.96 -6.32 -0.68
CA PHE A 51 12.01 -4.95 -1.19
C PHE A 51 13.34 -4.29 -0.85
N SER A 52 14.38 -4.64 -1.59
CA SER A 52 15.70 -4.08 -1.37
C SER A 52 15.96 -2.89 -2.29
N GLU A 53 16.95 -2.07 -1.94
CA GLU A 53 17.29 -0.91 -2.73
C GLU A 53 17.33 -1.24 -4.22
N SER A 54 17.71 -2.48 -4.53
CA SER A 54 17.78 -2.93 -5.91
C SER A 54 16.44 -2.77 -6.62
N TRP A 55 15.36 -3.07 -5.89
CA TRP A 55 14.01 -2.95 -6.44
C TRP A 55 13.56 -1.49 -6.47
N LEU A 56 13.60 -0.85 -5.31
CA LEU A 56 13.18 0.55 -5.20
C LEU A 56 13.99 1.42 -6.16
N SER A 57 15.14 0.93 -6.58
CA SER A 57 16.00 1.67 -7.49
C SER A 57 15.37 1.76 -8.88
N ARG A 58 14.30 1.01 -9.09
CA ARG A 58 13.61 1.00 -10.37
C ARG A 58 12.47 2.02 -10.37
N ILE A 59 12.13 2.53 -9.19
CA ILE A 59 11.06 3.51 -9.06
C ILE A 59 11.55 4.91 -9.35
N LYS A 60 10.72 5.71 -9.99
CA LYS A 60 11.07 7.09 -10.32
C LYS A 60 10.13 8.07 -9.65
N ASP A 61 10.67 9.22 -9.23
CA ASP A 61 9.88 10.25 -8.56
C ASP A 61 9.59 11.41 -9.51
N ASP A 62 10.30 11.44 -10.63
CA ASP A 62 10.12 12.50 -11.62
C ASP A 62 8.65 12.64 -12.01
N VAL A 63 7.87 11.62 -11.69
CA VAL A 63 6.45 11.62 -12.01
C VAL A 63 5.84 13.01 -11.83
N GLY A 64 6.44 13.80 -10.93
CA GLY A 64 5.95 15.14 -10.68
C GLY A 64 5.28 15.75 -11.90
N ASP A 65 6.02 15.82 -13.01
CA ASP A 65 5.49 16.38 -14.24
C ASP A 65 5.18 15.28 -15.26
N ASN A 66 5.53 14.05 -14.90
CA ASN A 66 5.29 12.90 -15.78
C ASN A 66 4.25 11.96 -15.18
N TRP A 67 3.21 11.66 -15.96
CA TRP A 67 2.15 10.77 -15.50
C TRP A 67 2.43 9.34 -15.94
N ARG A 68 3.14 9.18 -17.04
CA ARG A 68 3.46 7.86 -17.57
C ARG A 68 4.41 7.13 -16.63
N ILE A 69 5.31 7.87 -16.00
CA ILE A 69 6.27 7.29 -15.07
C ILE A 69 5.57 6.69 -13.85
N LYS A 70 4.44 7.28 -13.48
CA LYS A 70 3.68 6.82 -12.33
C LYS A 70 3.30 5.35 -12.49
N ALA A 71 2.51 5.05 -13.51
CA ALA A 71 2.08 3.69 -13.78
C ALA A 71 3.24 2.70 -13.60
N SER A 72 4.32 2.92 -14.33
CA SER A 72 5.49 2.05 -14.25
C SER A 72 5.80 1.70 -12.79
N ASN A 73 5.60 2.66 -11.89
CA ASN A 73 5.87 2.46 -10.47
C ASN A 73 4.76 1.61 -9.85
N LEU A 74 3.54 2.13 -9.86
CA LEU A 74 2.40 1.41 -9.28
C LEU A 74 2.48 -0.08 -9.60
N LYS A 75 2.89 -0.40 -10.82
CA LYS A 75 3.00 -1.78 -11.25
C LYS A 75 3.99 -2.55 -10.36
N LYS A 76 5.22 -2.07 -10.30
CA LYS A 76 6.25 -2.70 -9.48
C LYS A 76 5.80 -2.83 -8.03
N VAL A 77 5.21 -1.76 -7.51
CA VAL A 77 4.73 -1.74 -6.13
C VAL A 77 3.73 -2.87 -5.90
N LEU A 78 2.79 -3.04 -6.83
CA LEU A 78 1.77 -4.08 -6.72
C LEU A 78 2.40 -5.46 -6.86
N HIS A 79 3.16 -5.66 -7.94
CA HIS A 79 3.81 -6.94 -8.18
C HIS A 79 4.68 -7.34 -7.00
N GLY A 80 5.29 -6.35 -6.35
CA GLY A 80 6.14 -6.63 -5.21
C GLY A 80 5.37 -7.19 -4.04
N ILE A 81 4.08 -6.92 -3.98
CA ILE A 81 3.23 -7.42 -2.91
C ILE A 81 2.56 -8.72 -3.29
N THR A 82 1.92 -8.73 -4.46
CA THR A 82 1.23 -9.92 -4.95
C THR A 82 2.15 -11.12 -4.94
N SER A 83 3.45 -10.88 -5.07
CA SER A 83 4.43 -11.96 -5.07
C SER A 83 4.76 -12.40 -3.65
N TYR A 84 4.76 -11.45 -2.72
CA TYR A 84 5.06 -11.75 -1.33
C TYR A 84 3.94 -12.56 -0.68
N TYR A 85 2.81 -12.65 -1.39
CA TYR A 85 1.66 -13.40 -0.89
C TYR A 85 1.64 -14.81 -1.47
N HIS A 86 2.10 -14.95 -2.70
CA HIS A 86 2.13 -16.25 -3.37
C HIS A 86 3.49 -16.92 -3.16
N GLU A 87 4.51 -16.12 -2.89
CA GLU A 87 5.86 -16.64 -2.67
C GLU A 87 6.13 -16.85 -1.18
N PHE A 88 6.25 -15.74 -0.45
CA PHE A 88 6.51 -15.80 0.98
C PHE A 88 5.40 -16.55 1.71
N LEU A 89 4.24 -15.94 1.79
CA LEU A 89 3.09 -16.56 2.46
C LEU A 89 2.58 -17.75 1.66
N GLY A 90 2.46 -17.58 0.34
CA GLY A 90 1.98 -18.65 -0.51
C GLY A 90 0.55 -18.42 -0.96
N GLN A 91 -0.21 -17.68 -0.17
CA GLN A 91 -1.60 -17.40 -0.49
C GLN A 91 -1.71 -16.50 -1.72
N GLN A 92 -2.93 -16.29 -2.19
CA GLN A 92 -3.17 -15.46 -3.36
C GLN A 92 -3.98 -14.21 -3.00
N ILE A 93 -4.34 -13.43 -4.01
CA ILE A 93 -5.13 -12.22 -3.80
C ILE A 93 -6.38 -12.21 -4.68
N SER A 94 -7.50 -11.83 -4.08
CA SER A 94 -8.77 -11.78 -4.80
C SER A 94 -8.89 -10.49 -5.60
N GLU A 95 -9.61 -10.55 -6.71
CA GLU A 95 -9.80 -9.39 -7.57
C GLU A 95 -10.36 -8.21 -6.77
N GLU A 96 -10.87 -8.50 -5.58
CA GLU A 96 -11.44 -7.47 -4.72
C GLU A 96 -10.34 -6.57 -4.15
N LEU A 97 -9.14 -7.14 -4.02
CA LEU A 97 -7.99 -6.40 -3.49
C LEU A 97 -7.13 -5.85 -4.61
N ILE A 98 -7.11 -6.55 -5.74
CA ILE A 98 -6.31 -6.13 -6.89
C ILE A 98 -6.50 -4.64 -7.17
N PRO A 99 -5.50 -3.83 -6.80
CA PRO A 99 -5.53 -2.39 -7.00
C PRO A 99 -5.43 -2.01 -8.48
N ASP A 100 -6.47 -1.36 -8.99
CA ASP A 100 -6.49 -0.94 -10.39
C ASP A 100 -5.55 0.23 -10.62
N LEU A 101 -4.31 -0.08 -11.01
CA LEU A 101 -3.32 0.95 -11.26
C LEU A 101 -3.73 1.86 -12.42
N ASN A 102 -4.16 1.24 -13.52
CA ASN A 102 -4.60 1.99 -14.69
C ASN A 102 -5.65 3.03 -14.31
N GLN A 103 -6.53 2.66 -13.37
CA GLN A 103 -7.58 3.55 -12.92
C GLN A 103 -7.08 4.50 -11.84
N ILE A 104 -5.90 4.20 -11.31
CA ILE A 104 -5.30 5.02 -10.26
C ILE A 104 -4.35 6.06 -10.85
N THR A 105 -3.77 5.73 -12.00
CA THR A 105 -2.84 6.64 -12.67
C THR A 105 -3.57 7.55 -13.65
N GLU A 106 -4.70 7.06 -14.17
CA GLU A 106 -5.50 7.83 -15.13
C GLU A 106 -6.62 8.56 -14.42
N CYS A 107 -7.22 7.90 -13.42
CA CYS A 107 -8.31 8.50 -12.67
C CYS A 107 -7.86 8.89 -11.26
N ALA A 108 -7.16 7.97 -10.60
CA ALA A 108 -6.66 8.21 -9.26
C ALA A 108 -7.80 8.14 -8.23
N ASP A 109 -8.83 7.38 -8.56
CA ASP A 109 -9.99 7.23 -7.67
C ASP A 109 -9.54 6.82 -6.27
N PRO A 110 -10.21 7.37 -5.25
CA PRO A 110 -9.90 7.07 -3.85
C PRO A 110 -10.29 5.64 -3.46
N VAL A 111 -11.17 5.05 -4.24
CA VAL A 111 -11.63 3.68 -3.98
C VAL A 111 -10.59 2.66 -4.44
N GLU A 112 -9.96 2.94 -5.58
CA GLU A 112 -8.94 2.04 -6.13
C GLU A 112 -7.61 2.25 -5.42
N LEU A 113 -7.24 3.50 -5.23
CA LEU A 113 -5.98 3.83 -4.57
C LEU A 113 -5.86 3.11 -3.23
N GLY A 114 -6.89 3.25 -2.40
CA GLY A 114 -6.89 2.59 -1.10
C GLY A 114 -6.53 1.12 -1.18
N ARG A 115 -6.94 0.48 -2.27
CA ARG A 115 -6.65 -0.93 -2.47
C ARG A 115 -5.15 -1.18 -2.54
N LEU A 116 -4.46 -0.39 -3.35
CA LEU A 116 -3.02 -0.52 -3.50
C LEU A 116 -2.30 -0.40 -2.17
N LEU A 117 -2.81 0.50 -1.32
CA LEU A 117 -2.22 0.71 0.00
C LEU A 117 -2.53 -0.45 0.93
N GLN A 118 -3.72 -1.03 0.79
CA GLN A 118 -4.13 -2.16 1.61
C GLN A 118 -3.12 -3.30 1.51
N LEU A 119 -2.83 -3.71 0.28
CA LEU A 119 -1.88 -4.80 0.04
C LEU A 119 -0.55 -4.52 0.73
N ILE A 120 -0.14 -3.26 0.71
CA ILE A 120 1.12 -2.87 1.35
C ILE A 120 1.08 -3.11 2.85
N LEU A 121 -0.07 -2.82 3.45
CA LEU A 121 -0.24 -3.00 4.89
C LEU A 121 -0.48 -4.47 5.24
N GLY A 122 -0.94 -5.23 4.25
CA GLY A 122 -1.20 -6.64 4.46
C GLY A 122 0.06 -7.43 4.75
N CYS A 123 1.17 -7.00 4.15
CA CYS A 123 2.45 -7.67 4.34
C CYS A 123 3.14 -7.18 5.62
N ALA A 124 2.76 -5.98 6.06
CA ALA A 124 3.34 -5.40 7.25
C ALA A 124 2.73 -6.01 8.52
N VAL A 125 1.74 -6.87 8.33
CA VAL A 125 1.07 -7.53 9.45
C VAL A 125 1.29 -9.04 9.42
N ASN A 126 2.10 -9.49 8.47
CA ASN A 126 2.40 -10.90 8.32
C ASN A 126 3.90 -11.14 8.13
N CYS A 127 4.71 -10.40 8.89
CA CYS A 127 6.15 -10.52 8.79
C CYS A 127 6.78 -10.61 10.18
N GLU A 128 8.11 -10.67 10.22
CA GLU A 128 8.82 -10.75 11.49
C GLU A 128 8.79 -9.42 12.23
N LYS A 129 8.89 -8.33 11.48
CA LYS A 129 8.87 -6.99 12.06
C LYS A 129 7.45 -6.47 12.17
N LYS A 130 6.50 -7.24 11.65
CA LYS A 130 5.09 -6.85 11.69
C LYS A 130 4.77 -6.06 12.96
N GLN A 131 5.15 -6.62 14.10
CA GLN A 131 4.92 -5.97 15.38
C GLN A 131 5.38 -4.51 15.35
N GLU A 132 6.61 -4.30 14.89
CA GLU A 132 7.17 -2.96 14.81
C GLU A 132 6.18 -2.00 14.15
N HIS A 133 5.31 -2.54 13.31
CA HIS A 133 4.31 -1.73 12.61
C HIS A 133 3.01 -1.68 13.40
N ILE A 134 2.54 -2.84 13.84
CA ILE A 134 1.31 -2.94 14.61
C ILE A 134 1.21 -1.81 15.63
N LYS A 135 2.33 -1.50 16.28
CA LYS A 135 2.37 -0.44 17.28
C LYS A 135 1.96 0.89 16.67
N ASN A 136 2.41 1.14 15.45
CA ASN A 136 2.09 2.39 14.76
C ASN A 136 0.59 2.53 14.57
N ILE A 137 -0.10 1.41 14.40
CA ILE A 137 -1.55 1.43 14.21
C ILE A 137 -2.25 1.85 15.49
N MET A 138 -1.92 1.19 16.60
CA MET A 138 -2.51 1.51 17.90
C MET A 138 -2.43 3.00 18.18
N THR A 139 -1.30 3.61 17.83
CA THR A 139 -1.08 5.03 18.06
C THR A 139 -2.06 5.87 17.24
N LEU A 140 -2.38 5.38 16.04
CA LEU A 140 -3.29 6.08 15.15
C LEU A 140 -4.59 6.43 15.87
N GLU A 141 -5.48 7.14 15.18
CA GLU A 141 -6.76 7.54 15.76
C GLU A 141 -7.73 6.35 15.82
N GLU A 142 -8.39 6.21 16.96
CA GLU A 142 -9.34 5.11 17.15
C GLU A 142 -10.09 4.82 15.85
N SER A 143 -10.84 5.81 15.37
CA SER A 143 -11.61 5.66 14.14
C SER A 143 -10.75 5.05 13.03
N VAL A 144 -9.50 5.47 12.97
CA VAL A 144 -8.57 4.98 11.96
C VAL A 144 -8.18 3.53 12.23
N GLN A 145 -7.61 3.29 13.40
CA GLN A 145 -7.19 1.95 13.79
C GLN A 145 -8.18 0.91 13.29
N HIS A 146 -9.46 1.26 13.29
CA HIS A 146 -10.51 0.36 12.82
C HIS A 146 -10.27 -0.05 11.37
N VAL A 147 -10.30 0.93 10.47
CA VAL A 147 -10.09 0.68 9.05
C VAL A 147 -8.76 -0.05 8.82
N VAL A 148 -7.70 0.47 9.41
CA VAL A 148 -6.37 -0.12 9.28
C VAL A 148 -6.36 -1.56 9.79
N MET A 149 -7.04 -1.78 10.91
CA MET A 149 -7.11 -3.11 11.51
C MET A 149 -8.05 -4.02 10.72
N THR A 150 -9.06 -3.41 10.09
CA THR A 150 -10.03 -4.16 9.31
C THR A 150 -9.41 -4.68 8.01
N ALA A 151 -8.59 -3.85 7.38
CA ALA A 151 -7.94 -4.23 6.13
C ALA A 151 -7.26 -5.59 6.25
N ILE A 152 -6.50 -5.77 7.33
CA ILE A 152 -5.79 -7.03 7.56
C ILE A 152 -6.73 -8.21 7.45
N GLN A 153 -7.81 -8.19 8.23
CA GLN A 153 -8.79 -9.27 8.22
C GLN A 153 -9.28 -9.53 6.80
N GLU A 154 -9.71 -8.47 6.12
CA GLU A 154 -10.20 -8.59 4.75
C GLU A 154 -9.15 -9.21 3.84
N LEU A 155 -7.89 -8.90 4.10
CA LEU A 155 -6.78 -9.43 3.31
C LEU A 155 -6.66 -10.94 3.49
N MET A 156 -6.89 -11.40 4.70
CA MET A 156 -6.80 -12.83 5.00
C MET A 156 -8.00 -13.58 4.41
N SER A 157 -9.16 -12.94 4.43
CA SER A 157 -10.38 -13.55 3.90
C SER A 157 -10.40 -13.47 2.38
N LYS A 158 -9.71 -12.46 1.83
CA LYS A 158 -9.65 -12.27 0.39
C LYS A 158 -8.46 -13.01 -0.21
N SER A 159 -7.82 -13.85 0.60
CA SER A 159 -6.67 -14.62 0.13
C SER A 159 -7.04 -16.08 -0.10
N GLY A 160 -6.08 -16.86 -0.58
CA GLY A 160 -6.33 -18.26 -0.85
C GLY A 160 -6.98 -18.96 0.32
N PRO A 161 -8.28 -19.26 0.19
CA PRO A 161 -9.06 -19.94 1.23
C PRO A 161 -8.64 -21.39 1.41
N SER A 162 -8.39 -22.08 0.30
CA SER A 162 -8.00 -23.48 0.34
C SER A 162 -6.67 -23.68 -0.38
N SER A 163 -5.83 -24.56 0.17
CA SER A 163 -4.52 -24.84 -0.41
C SER A 163 -4.14 -26.31 -0.20
N GLY A 164 -3.51 -26.89 -1.21
CA GLY A 164 -3.10 -28.28 -1.12
C GLY A 164 -3.90 -29.19 -2.03
N GLY A 1 -3.73 19.67 6.20
CA GLY A 1 -3.30 20.68 7.15
C GLY A 1 -4.01 20.54 8.49
N SER A 2 -5.34 20.53 8.46
CA SER A 2 -6.12 20.41 9.68
C SER A 2 -6.88 19.09 9.71
N SER A 3 -6.98 18.51 10.90
CA SER A 3 -7.66 17.23 11.06
C SER A 3 -8.91 17.16 10.18
N GLY A 4 -8.87 16.30 9.17
CA GLY A 4 -9.99 16.16 8.27
C GLY A 4 -10.04 14.79 7.62
N SER A 5 -10.86 14.66 6.57
CA SER A 5 -11.00 13.39 5.87
C SER A 5 -11.46 13.63 4.43
N SER A 6 -11.22 12.64 3.57
CA SER A 6 -11.61 12.73 2.17
C SER A 6 -11.71 11.34 1.53
N GLY A 7 -12.71 11.17 0.68
CA GLY A 7 -12.90 9.89 0.02
C GLY A 7 -13.38 8.80 0.97
N LEU A 8 -13.41 7.57 0.49
CA LEU A 8 -13.87 6.44 1.31
C LEU A 8 -12.96 6.25 2.52
N PRO A 9 -13.41 5.42 3.47
CA PRO A 9 -12.65 5.13 4.69
C PRO A 9 -11.41 4.29 4.42
N LEU A 10 -11.58 3.19 3.69
CA LEU A 10 -10.47 2.31 3.36
C LEU A 10 -9.25 3.10 2.93
N CYS A 11 -9.48 4.28 2.35
CA CYS A 11 -8.40 5.14 1.90
C CYS A 11 -8.22 6.34 2.85
N ASP A 12 -9.34 6.85 3.36
CA ASP A 12 -9.31 7.98 4.26
C ASP A 12 -8.61 7.62 5.57
N SER A 13 -8.39 6.32 5.77
CA SER A 13 -7.73 5.84 6.98
C SER A 13 -6.34 5.30 6.68
N LEU A 14 -6.26 4.44 5.66
CA LEU A 14 -4.98 3.86 5.26
C LEU A 14 -3.90 4.93 5.16
N ILE A 15 -4.21 6.02 4.47
CA ILE A 15 -3.26 7.12 4.30
C ILE A 15 -2.60 7.48 5.63
N ILE A 16 -3.42 7.61 6.67
CA ILE A 16 -2.91 7.96 7.99
C ILE A 16 -1.83 6.99 8.44
N TRP A 17 -1.94 5.73 7.99
CA TRP A 17 -0.97 4.71 8.34
C TRP A 17 0.31 4.86 7.53
N LEU A 18 0.15 5.28 6.27
CA LEU A 18 1.30 5.47 5.39
C LEU A 18 2.05 6.75 5.73
N GLN A 19 1.40 7.62 6.49
CA GLN A 19 2.02 8.89 6.91
C GLN A 19 3.22 8.64 7.80
N THR A 20 3.22 7.50 8.49
CA THR A 20 4.31 7.14 9.39
C THR A 20 5.64 7.12 8.65
N PHE A 21 5.59 6.77 7.37
CA PHE A 21 6.80 6.71 6.55
C PHE A 21 7.11 8.06 5.93
N LYS A 22 8.08 8.76 6.51
CA LYS A 22 8.48 10.08 6.01
C LYS A 22 9.47 9.95 4.85
N THR A 23 9.34 8.87 4.09
CA THR A 23 10.22 8.63 2.95
C THR A 23 10.38 9.89 2.11
N ALA A 24 11.45 9.93 1.31
CA ALA A 24 11.72 11.07 0.46
C ALA A 24 10.45 11.59 -0.20
N SER A 25 9.52 10.68 -0.48
CA SER A 25 8.26 11.04 -1.11
C SER A 25 7.21 11.40 -0.05
N PRO A 26 6.50 12.51 -0.27
CA PRO A 26 5.46 13.00 0.64
C PRO A 26 4.23 12.09 0.64
N CYS A 27 3.22 12.48 1.42
CA CYS A 27 1.99 11.71 1.51
C CYS A 27 0.88 12.54 2.14
N GLN A 28 -0.08 12.95 1.30
CA GLN A 28 -1.20 13.77 1.78
C GLN A 28 -2.51 13.25 1.20
N ASP A 29 -2.73 13.50 -0.08
CA ASP A 29 -3.95 13.06 -0.76
C ASP A 29 -3.72 11.76 -1.52
N VAL A 30 -4.75 11.30 -2.22
CA VAL A 30 -4.65 10.07 -3.00
C VAL A 30 -3.95 10.31 -4.33
N LYS A 31 -4.26 11.44 -4.96
CA LYS A 31 -3.66 11.78 -6.25
C LYS A 31 -2.17 12.08 -6.08
N GLN A 32 -1.74 12.24 -4.83
CA GLN A 32 -0.34 12.54 -4.55
C GLN A 32 0.45 11.24 -4.34
N LEU A 33 -0.24 10.20 -3.90
CA LEU A 33 0.39 8.91 -3.67
C LEU A 33 0.25 7.99 -4.88
N THR A 34 -0.81 8.22 -5.65
CA THR A 34 -1.06 7.42 -6.84
C THR A 34 0.23 7.12 -7.60
N ASN A 35 1.19 8.04 -7.49
CA ASN A 35 2.48 7.88 -8.16
C ASN A 35 3.08 6.51 -7.86
N GLY A 36 3.07 6.14 -6.58
CA GLY A 36 3.62 4.85 -6.18
C GLY A 36 4.92 4.98 -5.44
N VAL A 37 5.69 6.03 -5.76
CA VAL A 37 6.97 6.26 -5.12
C VAL A 37 6.88 6.04 -3.61
N THR A 38 5.99 6.78 -2.96
CA THR A 38 5.80 6.67 -1.53
C THR A 38 5.61 5.22 -1.11
N MET A 39 4.56 4.59 -1.62
CA MET A 39 4.26 3.20 -1.29
C MET A 39 5.50 2.33 -1.46
N ALA A 40 6.27 2.59 -2.51
CA ALA A 40 7.49 1.84 -2.78
C ALA A 40 8.49 2.00 -1.64
N GLN A 41 8.91 3.24 -1.40
CA GLN A 41 9.87 3.52 -0.34
C GLN A 41 9.40 2.94 0.99
N VAL A 42 8.09 2.83 1.15
CA VAL A 42 7.51 2.29 2.38
C VAL A 42 7.65 0.77 2.42
N LEU A 43 7.46 0.13 1.28
CA LEU A 43 7.56 -1.33 1.19
C LEU A 43 8.96 -1.80 1.59
N HIS A 44 9.97 -0.99 1.25
CA HIS A 44 11.35 -1.33 1.56
C HIS A 44 11.57 -1.38 3.07
N GLN A 45 10.79 -0.59 3.80
CA GLN A 45 10.88 -0.54 5.25
C GLN A 45 10.25 -1.78 5.89
N ILE A 46 9.28 -2.35 5.20
CA ILE A 46 8.59 -3.53 5.69
C ILE A 46 9.52 -4.74 5.71
N ASP A 47 10.23 -4.96 4.61
CA ASP A 47 11.16 -6.07 4.50
C ASP A 47 12.20 -5.82 3.42
N VAL A 48 13.47 -5.82 3.80
CA VAL A 48 14.55 -5.59 2.86
C VAL A 48 14.86 -6.85 2.05
N ALA A 49 14.36 -7.99 2.52
CA ALA A 49 14.58 -9.26 1.84
C ALA A 49 13.76 -9.34 0.56
N TRP A 50 12.57 -8.73 0.59
CA TRP A 50 11.68 -8.74 -0.57
C TRP A 50 11.71 -7.38 -1.28
N PHE A 51 12.06 -6.34 -0.54
CA PHE A 51 12.12 -4.99 -1.10
C PHE A 51 13.46 -4.33 -0.78
N SER A 52 14.48 -4.68 -1.55
CA SER A 52 15.81 -4.11 -1.35
C SER A 52 16.05 -2.93 -2.28
N GLU A 53 17.00 -2.08 -1.91
CA GLU A 53 17.33 -0.90 -2.71
C GLU A 53 17.34 -1.23 -4.19
N SER A 54 17.68 -2.47 -4.52
CA SER A 54 17.73 -2.92 -5.90
C SER A 54 16.37 -2.74 -6.58
N TRP A 55 15.32 -3.10 -5.87
CA TRP A 55 13.96 -2.98 -6.41
C TRP A 55 13.52 -1.52 -6.45
N LEU A 56 13.58 -0.85 -5.31
CA LEU A 56 13.19 0.56 -5.23
C LEU A 56 14.00 1.41 -6.21
N SER A 57 15.14 0.88 -6.63
CA SER A 57 16.00 1.59 -7.58
C SER A 57 15.35 1.69 -8.94
N ARG A 58 14.24 0.97 -9.12
CA ARG A 58 13.52 0.99 -10.38
C ARG A 58 12.40 2.02 -10.36
N ILE A 59 12.12 2.56 -9.17
CA ILE A 59 11.07 3.56 -9.01
C ILE A 59 11.63 4.96 -9.23
N LYS A 60 10.81 5.81 -9.86
CA LYS A 60 11.21 7.19 -10.13
C LYS A 60 10.24 8.17 -9.48
N ASP A 61 10.78 9.32 -9.06
CA ASP A 61 9.97 10.35 -8.41
C ASP A 61 9.71 11.51 -9.37
N ASP A 62 10.37 11.47 -10.52
CA ASP A 62 10.21 12.52 -11.52
C ASP A 62 8.75 12.65 -11.95
N VAL A 63 7.95 11.64 -11.63
CA VAL A 63 6.54 11.64 -11.97
C VAL A 63 5.93 13.02 -11.82
N GLY A 64 6.52 13.83 -10.94
CA GLY A 64 6.03 15.17 -10.71
C GLY A 64 5.41 15.78 -11.95
N ASP A 65 6.16 15.81 -13.04
CA ASP A 65 5.68 16.37 -14.30
C ASP A 65 5.36 15.26 -15.30
N ASN A 66 5.70 14.02 -14.94
CA ASN A 66 5.45 12.88 -15.80
C ASN A 66 4.39 11.96 -15.19
N TRP A 67 3.37 11.65 -15.98
CA TRP A 67 2.29 10.77 -15.51
C TRP A 67 2.55 9.33 -15.92
N ARG A 68 3.28 9.14 -17.01
CA ARG A 68 3.61 7.81 -17.50
C ARG A 68 4.54 7.09 -16.52
N ILE A 69 5.43 7.84 -15.90
CA ILE A 69 6.38 7.27 -14.95
C ILE A 69 5.65 6.71 -13.72
N LYS A 70 4.51 7.32 -13.39
CA LYS A 70 3.73 6.87 -12.25
C LYS A 70 3.36 5.40 -12.37
N ALA A 71 2.64 5.08 -13.45
CA ALA A 71 2.23 3.70 -13.69
C ALA A 71 3.39 2.73 -13.54
N SER A 72 4.47 3.01 -14.26
CA SER A 72 5.66 2.15 -14.22
C SER A 72 5.96 1.72 -12.79
N ASN A 73 5.82 2.66 -11.85
CA ASN A 73 6.08 2.38 -10.44
C ASN A 73 4.95 1.55 -9.84
N LEU A 74 3.74 2.09 -9.87
CA LEU A 74 2.57 1.41 -9.33
C LEU A 74 2.64 -0.09 -9.62
N LYS A 75 3.03 -0.44 -10.83
CA LYS A 75 3.14 -1.84 -11.23
C LYS A 75 4.07 -2.60 -10.29
N LYS A 76 5.32 -2.15 -10.20
CA LYS A 76 6.30 -2.78 -9.34
C LYS A 76 5.79 -2.86 -7.90
N VAL A 77 5.16 -1.78 -7.44
CA VAL A 77 4.63 -1.73 -6.09
C VAL A 77 3.57 -2.82 -5.86
N LEU A 78 2.71 -2.99 -6.86
CA LEU A 78 1.65 -4.00 -6.78
C LEU A 78 2.23 -5.41 -6.81
N HIS A 79 2.90 -5.73 -7.91
CA HIS A 79 3.51 -7.06 -8.08
C HIS A 79 4.46 -7.36 -6.91
N GLY A 80 5.16 -6.34 -6.45
CA GLY A 80 6.09 -6.51 -5.35
C GLY A 80 5.42 -7.05 -4.10
N ILE A 81 4.13 -6.80 -3.98
CA ILE A 81 3.36 -7.27 -2.83
C ILE A 81 2.73 -8.64 -3.10
N THR A 82 2.10 -8.76 -4.27
CA THR A 82 1.45 -10.01 -4.65
C THR A 82 2.41 -11.19 -4.54
N SER A 83 3.59 -11.05 -5.14
CA SER A 83 4.60 -12.10 -5.10
C SER A 83 4.91 -12.50 -3.67
N TYR A 84 4.81 -11.55 -2.75
CA TYR A 84 5.08 -11.80 -1.34
C TYR A 84 3.97 -12.64 -0.72
N TYR A 85 2.84 -12.73 -1.40
CA TYR A 85 1.70 -13.50 -0.91
C TYR A 85 1.70 -14.90 -1.51
N HIS A 86 2.22 -15.03 -2.72
CA HIS A 86 2.28 -16.32 -3.39
C HIS A 86 3.62 -17.01 -3.14
N GLU A 87 4.66 -16.21 -2.91
CA GLU A 87 5.99 -16.73 -2.66
C GLU A 87 6.26 -16.85 -1.16
N PHE A 88 6.40 -15.69 -0.51
CA PHE A 88 6.65 -15.66 0.93
C PHE A 88 5.62 -16.49 1.68
N LEU A 89 4.39 -16.00 1.72
CA LEU A 89 3.30 -16.69 2.41
C LEU A 89 2.88 -17.95 1.65
N GLY A 90 2.45 -17.77 0.40
CA GLY A 90 2.04 -18.89 -0.41
C GLY A 90 0.60 -18.78 -0.88
N GLN A 91 -0.11 -17.80 -0.34
CA GLN A 91 -1.51 -17.58 -0.71
C GLN A 91 -1.62 -16.67 -1.93
N GLN A 92 -2.82 -16.54 -2.47
CA GLN A 92 -3.05 -15.71 -3.64
C GLN A 92 -3.84 -14.46 -3.28
N ILE A 93 -4.22 -13.69 -4.29
CA ILE A 93 -4.98 -12.46 -4.07
C ILE A 93 -6.25 -12.44 -4.93
N SER A 94 -7.35 -12.00 -4.34
CA SER A 94 -8.62 -11.93 -5.06
C SER A 94 -8.74 -10.62 -5.83
N GLU A 95 -9.42 -10.67 -6.97
CA GLU A 95 -9.59 -9.49 -7.81
C GLU A 95 -10.16 -8.33 -7.00
N GLU A 96 -10.69 -8.64 -5.81
CA GLU A 96 -11.27 -7.63 -4.94
C GLU A 96 -10.18 -6.74 -4.35
N LEU A 97 -8.99 -7.29 -4.19
CA LEU A 97 -7.86 -6.55 -3.64
C LEU A 97 -7.02 -5.94 -4.75
N ILE A 98 -6.97 -6.61 -5.89
CA ILE A 98 -6.19 -6.13 -7.03
C ILE A 98 -6.44 -4.64 -7.26
N PRO A 99 -5.46 -3.81 -6.87
CA PRO A 99 -5.54 -2.36 -7.03
C PRO A 99 -5.45 -1.92 -8.49
N ASP A 100 -6.55 -1.38 -9.01
CA ASP A 100 -6.59 -0.93 -10.39
C ASP A 100 -5.66 0.29 -10.60
N LEU A 101 -4.42 0.01 -10.97
CA LEU A 101 -3.44 1.07 -11.20
C LEU A 101 -3.88 1.97 -12.36
N ASN A 102 -4.33 1.36 -13.44
CA ASN A 102 -4.78 2.10 -14.61
C ASN A 102 -5.78 3.18 -14.21
N GLN A 103 -6.64 2.87 -13.25
CA GLN A 103 -7.64 3.82 -12.78
C GLN A 103 -7.07 4.73 -11.71
N ILE A 104 -5.87 4.40 -11.24
CA ILE A 104 -5.21 5.20 -10.20
C ILE A 104 -4.21 6.17 -10.82
N THR A 105 -3.72 5.83 -12.01
CA THR A 105 -2.75 6.68 -12.70
C THR A 105 -3.45 7.58 -13.71
N GLU A 106 -4.54 7.09 -14.29
CA GLU A 106 -5.29 7.86 -15.28
C GLU A 106 -6.47 8.58 -14.63
N CYS A 107 -7.06 7.93 -13.63
CA CYS A 107 -8.19 8.50 -12.92
C CYS A 107 -7.79 8.95 -11.51
N ALA A 108 -7.02 8.11 -10.84
CA ALA A 108 -6.56 8.42 -9.48
C ALA A 108 -7.69 8.27 -8.47
N ASP A 109 -8.67 7.44 -8.80
CA ASP A 109 -9.81 7.19 -7.93
C ASP A 109 -9.34 6.75 -6.55
N PRO A 110 -10.05 7.21 -5.50
CA PRO A 110 -9.73 6.87 -4.12
C PRO A 110 -10.02 5.41 -3.80
N VAL A 111 -11.21 4.95 -4.16
CA VAL A 111 -11.61 3.57 -3.91
C VAL A 111 -10.53 2.59 -4.36
N GLU A 112 -9.95 2.85 -5.53
CA GLU A 112 -8.90 1.99 -6.08
C GLU A 112 -7.57 2.26 -5.38
N LEU A 113 -7.19 3.53 -5.31
CA LEU A 113 -5.94 3.92 -4.66
C LEU A 113 -5.74 3.16 -3.35
N GLY A 114 -6.81 3.05 -2.57
CA GLY A 114 -6.73 2.34 -1.31
C GLY A 114 -6.40 0.87 -1.48
N ARG A 115 -6.92 0.27 -2.54
CA ARG A 115 -6.68 -1.14 -2.82
C ARG A 115 -5.19 -1.48 -2.67
N LEU A 116 -4.34 -0.63 -3.23
CA LEU A 116 -2.90 -0.84 -3.15
C LEU A 116 -2.40 -0.69 -1.71
N LEU A 117 -2.81 0.40 -1.06
CA LEU A 117 -2.40 0.67 0.31
C LEU A 117 -2.76 -0.51 1.22
N GLN A 118 -3.77 -1.28 0.81
CA GLN A 118 -4.20 -2.43 1.59
C GLN A 118 -3.22 -3.59 1.45
N LEU A 119 -2.79 -3.84 0.22
CA LEU A 119 -1.84 -4.91 -0.07
C LEU A 119 -0.52 -4.68 0.66
N ILE A 120 -0.07 -3.44 0.68
CA ILE A 120 1.17 -3.08 1.33
C ILE A 120 1.12 -3.39 2.82
N LEU A 121 0.02 -2.99 3.47
CA LEU A 121 -0.15 -3.22 4.90
C LEU A 121 -0.30 -4.71 5.19
N GLY A 122 -0.82 -5.45 4.21
CA GLY A 122 -1.01 -6.88 4.37
C GLY A 122 0.30 -7.61 4.63
N CYS A 123 1.38 -7.10 4.05
CA CYS A 123 2.69 -7.71 4.22
C CYS A 123 3.38 -7.18 5.47
N ALA A 124 2.85 -6.10 6.02
CA ALA A 124 3.40 -5.49 7.22
C ALA A 124 2.81 -6.11 8.48
N VAL A 125 1.84 -7.00 8.29
CA VAL A 125 1.19 -7.66 9.42
C VAL A 125 1.41 -9.17 9.37
N ASN A 126 2.09 -9.63 8.32
CA ASN A 126 2.38 -11.05 8.17
C ASN A 126 3.88 -11.28 7.99
N CYS A 127 4.68 -10.42 8.60
CA CYS A 127 6.13 -10.53 8.51
C CYS A 127 6.75 -10.64 9.90
N GLU A 128 8.07 -10.72 9.95
CA GLU A 128 8.79 -10.84 11.21
C GLU A 128 8.74 -9.53 11.99
N LYS A 129 9.00 -8.43 11.30
CA LYS A 129 8.98 -7.11 11.94
C LYS A 129 7.55 -6.60 12.07
N LYS A 130 6.60 -7.35 11.52
CA LYS A 130 5.19 -6.97 11.59
C LYS A 130 4.88 -6.25 12.90
N GLN A 131 5.30 -6.85 14.01
CA GLN A 131 5.07 -6.26 15.32
C GLN A 131 5.53 -4.81 15.36
N GLU A 132 6.75 -4.56 14.90
CA GLU A 132 7.30 -3.21 14.88
C GLU A 132 6.33 -2.23 14.22
N HIS A 133 5.47 -2.77 13.36
CA HIS A 133 4.49 -1.95 12.65
C HIS A 133 3.16 -1.92 13.41
N ILE A 134 2.70 -3.09 13.83
CA ILE A 134 1.44 -3.19 14.57
C ILE A 134 1.28 -2.05 15.56
N LYS A 135 2.39 -1.67 16.19
CA LYS A 135 2.37 -0.59 17.16
C LYS A 135 2.04 0.74 16.50
N ASN A 136 2.57 0.94 15.28
CA ASN A 136 2.32 2.17 14.54
C ASN A 136 0.83 2.41 14.35
N ILE A 137 0.08 1.32 14.17
CA ILE A 137 -1.35 1.41 13.97
C ILE A 137 -2.06 1.86 15.25
N MET A 138 -1.58 1.35 16.38
CA MET A 138 -2.16 1.70 17.68
C MET A 138 -2.00 3.20 17.95
N THR A 139 -0.88 3.75 17.53
CA THR A 139 -0.60 5.17 17.73
C THR A 139 -1.48 6.04 16.85
N LEU A 140 -2.30 5.39 16.03
CA LEU A 140 -3.20 6.10 15.12
C LEU A 140 -4.52 6.42 15.81
N GLU A 141 -5.34 7.24 15.15
CA GLU A 141 -6.64 7.64 15.70
C GLU A 141 -7.56 6.43 15.84
N GLU A 142 -8.55 6.55 16.71
CA GLU A 142 -9.50 5.46 16.93
C GLU A 142 -10.16 5.03 15.63
N SER A 143 -10.69 6.00 14.90
CA SER A 143 -11.35 5.72 13.63
C SER A 143 -10.41 5.00 12.67
N VAL A 144 -9.31 5.66 12.33
CA VAL A 144 -8.32 5.09 11.42
C VAL A 144 -7.90 3.70 11.87
N GLN A 145 -7.63 3.56 13.17
CA GLN A 145 -7.22 2.28 13.73
C GLN A 145 -8.19 1.17 13.32
N HIS A 146 -9.48 1.48 13.33
CA HIS A 146 -10.50 0.51 12.96
C HIS A 146 -10.31 0.03 11.52
N VAL A 147 -10.43 0.96 10.58
CA VAL A 147 -10.27 0.64 9.18
C VAL A 147 -8.92 -0.03 8.91
N VAL A 148 -7.87 0.52 9.52
CA VAL A 148 -6.52 -0.03 9.34
C VAL A 148 -6.47 -1.48 9.80
N MET A 149 -7.13 -1.79 10.91
CA MET A 149 -7.16 -3.14 11.44
C MET A 149 -8.05 -4.04 10.60
N THR A 150 -9.21 -3.52 10.19
CA THR A 150 -10.15 -4.28 9.38
C THR A 150 -9.50 -4.76 8.10
N ALA A 151 -8.71 -3.89 7.47
CA ALA A 151 -8.03 -4.23 6.23
C ALA A 151 -7.38 -5.61 6.32
N ILE A 152 -6.67 -5.85 7.41
CA ILE A 152 -5.99 -7.13 7.63
C ILE A 152 -6.98 -8.29 7.54
N GLN A 153 -8.06 -8.19 8.31
CA GLN A 153 -9.09 -9.24 8.32
C GLN A 153 -9.56 -9.55 6.91
N GLU A 154 -9.83 -8.50 6.13
CA GLU A 154 -10.29 -8.66 4.76
C GLU A 154 -9.23 -9.34 3.90
N LEU A 155 -7.98 -8.94 4.10
CA LEU A 155 -6.87 -9.50 3.34
C LEU A 155 -6.80 -11.01 3.51
N MET A 156 -7.02 -11.47 4.74
CA MET A 156 -6.99 -12.90 5.03
C MET A 156 -8.27 -13.58 4.55
N SER A 157 -9.32 -12.80 4.39
CA SER A 157 -10.60 -13.33 3.94
C SER A 157 -10.69 -13.30 2.41
N LYS A 158 -9.71 -12.68 1.78
CA LYS A 158 -9.67 -12.58 0.32
C LYS A 158 -8.62 -13.52 -0.26
N SER A 159 -7.95 -14.27 0.62
CA SER A 159 -6.92 -15.21 0.19
C SER A 159 -7.42 -16.08 -0.95
N GLY A 160 -8.61 -16.65 -0.77
CA GLY A 160 -9.18 -17.50 -1.80
C GLY A 160 -9.95 -18.67 -1.21
N PRO A 161 -10.92 -19.19 -1.99
CA PRO A 161 -11.74 -20.33 -1.56
C PRO A 161 -10.96 -21.62 -1.50
N SER A 162 -10.86 -22.19 -0.30
CA SER A 162 -10.13 -23.44 -0.10
C SER A 162 -10.61 -24.50 -1.08
N SER A 163 -9.66 -25.19 -1.70
CA SER A 163 -9.98 -26.25 -2.66
C SER A 163 -9.28 -27.55 -2.30
N GLY A 164 -9.95 -28.38 -1.50
CA GLY A 164 -9.39 -29.64 -1.08
C GLY A 164 -8.19 -29.47 -0.16
N GLY A 1 -12.82 15.32 12.26
CA GLY A 1 -11.65 15.78 11.54
C GLY A 1 -11.65 17.28 11.31
N SER A 2 -10.62 17.95 11.79
CA SER A 2 -10.51 19.40 11.65
C SER A 2 -10.25 19.78 10.19
N SER A 3 -9.17 19.24 9.63
CA SER A 3 -8.81 19.52 8.25
C SER A 3 -9.92 19.10 7.29
N GLY A 4 -10.44 17.89 7.50
CA GLY A 4 -11.50 17.38 6.64
C GLY A 4 -11.00 16.95 5.28
N SER A 5 -10.73 15.66 5.13
CA SER A 5 -10.24 15.12 3.86
C SER A 5 -11.34 14.37 3.13
N SER A 6 -11.23 14.31 1.80
CA SER A 6 -12.21 13.63 0.98
C SER A 6 -11.71 12.26 0.55
N GLY A 7 -12.61 11.29 0.50
CA GLY A 7 -12.24 9.94 0.10
C GLY A 7 -12.75 8.89 1.05
N LEU A 8 -13.17 7.75 0.52
CA LEU A 8 -13.69 6.66 1.33
C LEU A 8 -12.78 6.39 2.52
N PRO A 9 -13.29 5.59 3.48
CA PRO A 9 -12.53 5.23 4.68
C PRO A 9 -11.36 4.30 4.39
N LEU A 10 -11.64 3.22 3.66
CA LEU A 10 -10.60 2.26 3.31
C LEU A 10 -9.33 2.96 2.87
N CYS A 11 -9.48 4.17 2.34
CA CYS A 11 -8.33 4.95 1.88
C CYS A 11 -8.07 6.13 2.81
N ASP A 12 -9.15 6.70 3.34
CA ASP A 12 -9.04 7.84 4.25
C ASP A 12 -8.42 7.42 5.58
N SER A 13 -8.26 6.12 5.77
CA SER A 13 -7.68 5.59 6.99
C SER A 13 -6.27 5.05 6.75
N LEU A 14 -6.13 4.25 5.70
CA LEU A 14 -4.83 3.68 5.35
C LEU A 14 -3.77 4.76 5.19
N ILE A 15 -4.19 5.89 4.61
CA ILE A 15 -3.27 7.01 4.40
C ILE A 15 -2.58 7.41 5.69
N ILE A 16 -3.34 7.43 6.78
CA ILE A 16 -2.79 7.78 8.09
C ILE A 16 -1.65 6.85 8.49
N TRP A 17 -1.83 5.56 8.23
CA TRP A 17 -0.82 4.57 8.56
C TRP A 17 0.42 4.74 7.68
N LEU A 18 0.19 4.91 6.38
CA LEU A 18 1.28 5.08 5.43
C LEU A 18 2.08 6.35 5.75
N GLN A 19 1.41 7.33 6.33
CA GLN A 19 2.05 8.59 6.68
C GLN A 19 3.26 8.36 7.59
N THR A 20 3.14 7.35 8.45
CA THR A 20 4.22 7.02 9.38
C THR A 20 5.56 6.95 8.66
N PHE A 21 5.52 6.65 7.37
CA PHE A 21 6.74 6.56 6.57
C PHE A 21 7.05 7.89 5.91
N LYS A 22 8.04 8.59 6.45
CA LYS A 22 8.45 9.88 5.92
C LYS A 22 9.42 9.72 4.75
N THR A 23 9.25 8.61 4.01
CA THR A 23 10.12 8.33 2.87
C THR A 23 10.34 9.58 2.03
N ALA A 24 11.27 9.49 1.09
CA ALA A 24 11.58 10.61 0.21
C ALA A 24 10.30 11.27 -0.31
N SER A 25 9.23 10.48 -0.39
CA SER A 25 7.95 10.97 -0.87
C SER A 25 6.91 10.98 0.24
N PRO A 26 6.28 12.14 0.47
CA PRO A 26 5.26 12.30 1.50
C PRO A 26 3.97 11.57 1.17
N CYS A 27 3.06 11.50 2.13
CA CYS A 27 1.79 10.81 1.93
C CYS A 27 0.64 11.66 2.47
N GLN A 28 0.14 12.58 1.66
CA GLN A 28 -0.96 13.45 2.06
C GLN A 28 -2.30 12.88 1.59
N ASP A 29 -2.58 13.00 0.30
CA ASP A 29 -3.82 12.50 -0.27
C ASP A 29 -3.56 11.41 -1.28
N VAL A 30 -4.61 10.77 -1.77
CA VAL A 30 -4.50 9.71 -2.76
C VAL A 30 -3.79 10.19 -4.01
N LYS A 31 -4.06 11.44 -4.39
CA LYS A 31 -3.44 12.03 -5.58
C LYS A 31 -1.93 12.11 -5.42
N GLN A 32 -1.47 12.21 -4.18
CA GLN A 32 -0.04 12.30 -3.90
C GLN A 32 0.58 10.91 -3.84
N LEU A 33 -0.21 9.91 -3.48
CA LEU A 33 0.28 8.54 -3.38
C LEU A 33 0.23 7.86 -4.75
N THR A 34 -0.72 8.27 -5.59
CA THR A 34 -0.88 7.71 -6.92
C THR A 34 0.47 7.61 -7.62
N ASN A 35 1.43 8.42 -7.18
CA ASN A 35 2.76 8.42 -7.78
C ASN A 35 3.38 7.02 -7.73
N GLY A 36 3.27 6.38 -6.58
CA GLY A 36 3.82 5.04 -6.42
C GLY A 36 5.08 5.03 -5.58
N VAL A 37 5.90 6.07 -5.72
CA VAL A 37 7.14 6.17 -4.98
C VAL A 37 6.90 5.96 -3.49
N THR A 38 6.12 6.86 -2.88
CA THR A 38 5.82 6.76 -1.46
C THR A 38 5.66 5.31 -1.02
N MET A 39 4.78 4.58 -1.71
CA MET A 39 4.53 3.18 -1.40
C MET A 39 5.82 2.37 -1.50
N ALA A 40 6.40 2.32 -2.71
CA ALA A 40 7.62 1.58 -2.95
C ALA A 40 8.63 1.82 -1.83
N GLN A 41 8.86 3.09 -1.50
CA GLN A 41 9.80 3.46 -0.45
C GLN A 41 9.42 2.80 0.87
N VAL A 42 8.12 2.62 1.09
CA VAL A 42 7.63 2.00 2.31
C VAL A 42 7.90 0.50 2.32
N LEU A 43 7.63 -0.15 1.19
CA LEU A 43 7.83 -1.59 1.05
C LEU A 43 9.25 -1.97 1.50
N HIS A 44 10.22 -1.12 1.18
CA HIS A 44 11.61 -1.37 1.54
C HIS A 44 11.77 -1.41 3.06
N GLN A 45 10.93 -0.66 3.76
CA GLN A 45 10.97 -0.61 5.22
C GLN A 45 10.34 -1.86 5.83
N ILE A 46 9.36 -2.42 5.14
CA ILE A 46 8.68 -3.61 5.62
C ILE A 46 9.60 -4.84 5.55
N ASP A 47 10.29 -4.99 4.43
CA ASP A 47 11.20 -6.11 4.24
C ASP A 47 12.16 -5.85 3.08
N VAL A 48 13.44 -5.72 3.38
CA VAL A 48 14.45 -5.46 2.37
C VAL A 48 14.70 -6.71 1.52
N ALA A 49 14.61 -7.88 2.15
CA ALA A 49 14.82 -9.14 1.46
C ALA A 49 14.08 -9.17 0.13
N TRP A 50 12.83 -8.75 0.14
CA TRP A 50 12.01 -8.72 -1.06
C TRP A 50 11.99 -7.34 -1.68
N PHE A 51 12.24 -6.32 -0.86
CA PHE A 51 12.25 -4.94 -1.33
C PHE A 51 13.58 -4.27 -1.00
N SER A 52 14.62 -4.61 -1.75
CA SER A 52 15.94 -4.04 -1.54
C SER A 52 16.17 -2.83 -2.44
N GLU A 53 17.19 -2.04 -2.11
CA GLU A 53 17.52 -0.85 -2.91
C GLU A 53 17.56 -1.18 -4.39
N SER A 54 17.93 -2.41 -4.71
CA SER A 54 18.02 -2.86 -6.10
C SER A 54 16.67 -2.75 -6.79
N TRP A 55 15.60 -2.97 -6.03
CA TRP A 55 14.24 -2.90 -6.56
C TRP A 55 13.73 -1.46 -6.55
N LEU A 56 13.82 -0.82 -5.39
CA LEU A 56 13.36 0.56 -5.25
C LEU A 56 14.13 1.49 -6.17
N SER A 57 15.28 1.01 -6.67
CA SER A 57 16.10 1.81 -7.56
C SER A 57 15.47 1.92 -8.94
N ARG A 58 14.41 1.14 -9.17
CA ARG A 58 13.70 1.16 -10.44
C ARG A 58 12.54 2.15 -10.40
N ILE A 59 12.21 2.63 -9.21
CA ILE A 59 11.12 3.58 -9.05
C ILE A 59 11.62 5.01 -9.21
N LYS A 60 10.80 5.85 -9.85
CA LYS A 60 11.15 7.24 -10.08
C LYS A 60 10.11 8.16 -9.44
N ASP A 61 10.49 9.43 -9.25
CA ASP A 61 9.59 10.41 -8.67
C ASP A 61 9.31 11.54 -9.65
N ASP A 62 10.04 11.56 -10.76
CA ASP A 62 9.87 12.59 -11.78
C ASP A 62 8.41 12.65 -12.23
N VAL A 63 7.65 11.63 -11.90
CA VAL A 63 6.23 11.58 -12.28
C VAL A 63 5.59 12.95 -12.18
N GLY A 64 6.11 13.79 -11.30
CA GLY A 64 5.57 15.12 -11.12
C GLY A 64 5.01 15.69 -12.40
N ASP A 65 5.82 15.69 -13.45
CA ASP A 65 5.40 16.21 -14.75
C ASP A 65 5.11 15.08 -15.73
N ASN A 66 5.33 13.85 -15.28
CA ASN A 66 5.11 12.67 -16.12
C ASN A 66 4.04 11.77 -15.50
N TRP A 67 3.06 11.41 -16.30
CA TRP A 67 1.97 10.55 -15.84
C TRP A 67 2.28 9.08 -16.15
N ARG A 68 3.05 8.86 -17.21
CA ARG A 68 3.41 7.50 -17.62
C ARG A 68 4.38 6.87 -16.62
N ILE A 69 5.28 7.68 -16.09
CA ILE A 69 6.27 7.21 -15.13
C ILE A 69 5.58 6.65 -13.88
N LYS A 70 4.40 7.17 -13.57
CA LYS A 70 3.64 6.72 -12.41
C LYS A 70 3.30 5.24 -12.52
N ALA A 71 2.52 4.89 -13.54
CA ALA A 71 2.13 3.50 -13.76
C ALA A 71 3.34 2.57 -13.68
N SER A 72 4.39 2.93 -14.40
CA SER A 72 5.61 2.11 -14.42
C SER A 72 6.03 1.73 -13.00
N ASN A 73 5.76 2.62 -12.06
CA ASN A 73 6.10 2.38 -10.66
C ASN A 73 5.01 1.57 -9.96
N LEU A 74 3.78 2.06 -10.02
CA LEU A 74 2.66 1.38 -9.39
C LEU A 74 2.69 -0.12 -9.70
N LYS A 75 3.07 -0.46 -10.93
CA LYS A 75 3.13 -1.85 -11.34
C LYS A 75 4.08 -2.64 -10.44
N LYS A 76 5.34 -2.23 -10.40
CA LYS A 76 6.33 -2.89 -9.56
C LYS A 76 5.85 -3.00 -8.12
N VAL A 77 5.29 -1.90 -7.61
CA VAL A 77 4.79 -1.88 -6.24
C VAL A 77 3.76 -2.98 -6.01
N LEU A 78 2.79 -3.07 -6.91
CA LEU A 78 1.75 -4.08 -6.80
C LEU A 78 2.33 -5.49 -6.88
N HIS A 79 3.13 -5.72 -7.92
CA HIS A 79 3.77 -7.03 -8.12
C HIS A 79 4.66 -7.39 -6.93
N GLY A 80 5.26 -6.36 -6.32
CA GLY A 80 6.14 -6.58 -5.19
C GLY A 80 5.39 -7.13 -3.98
N ILE A 81 4.13 -6.75 -3.85
CA ILE A 81 3.31 -7.20 -2.72
C ILE A 81 2.67 -8.56 -3.03
N THR A 82 2.03 -8.64 -4.19
CA THR A 82 1.36 -9.88 -4.61
C THR A 82 2.35 -11.04 -4.64
N SER A 83 3.47 -10.84 -5.32
CA SER A 83 4.49 -11.88 -5.43
C SER A 83 4.94 -12.35 -4.04
N TYR A 84 4.72 -11.50 -3.04
CA TYR A 84 5.11 -11.83 -1.68
C TYR A 84 4.07 -12.72 -1.01
N TYR A 85 2.84 -12.67 -1.52
CA TYR A 85 1.75 -13.48 -0.98
C TYR A 85 1.76 -14.88 -1.57
N HIS A 86 2.30 -15.00 -2.78
CA HIS A 86 2.37 -16.28 -3.46
C HIS A 86 3.73 -16.95 -3.22
N GLU A 87 4.74 -16.14 -2.96
CA GLU A 87 6.08 -16.65 -2.72
C GLU A 87 6.34 -16.81 -1.22
N PHE A 88 6.45 -15.68 -0.52
CA PHE A 88 6.70 -15.70 0.92
C PHE A 88 5.63 -16.52 1.65
N LEU A 89 4.43 -15.97 1.71
CA LEU A 89 3.32 -16.66 2.38
C LEU A 89 2.87 -17.88 1.58
N GLY A 90 2.63 -17.68 0.29
CA GLY A 90 2.20 -18.78 -0.57
C GLY A 90 0.78 -18.59 -1.07
N GLN A 91 -0.02 -17.84 -0.34
CA GLN A 91 -1.40 -17.59 -0.72
C GLN A 91 -1.47 -16.69 -1.95
N GLN A 92 -2.69 -16.31 -2.33
CA GLN A 92 -2.89 -15.45 -3.49
C GLN A 92 -3.77 -14.26 -3.15
N ILE A 93 -4.05 -13.43 -4.13
CA ILE A 93 -4.89 -12.25 -3.93
C ILE A 93 -6.11 -12.26 -4.85
N SER A 94 -7.27 -11.98 -4.29
CA SER A 94 -8.50 -11.96 -5.07
C SER A 94 -8.64 -10.66 -5.85
N GLU A 95 -9.28 -10.74 -7.02
CA GLU A 95 -9.48 -9.57 -7.86
C GLU A 95 -10.10 -8.42 -7.07
N GLU A 96 -10.66 -8.75 -5.91
CA GLU A 96 -11.29 -7.75 -5.07
C GLU A 96 -10.25 -6.82 -4.43
N LEU A 97 -9.06 -7.35 -4.21
CA LEU A 97 -7.97 -6.58 -3.62
C LEU A 97 -7.08 -5.98 -4.69
N ILE A 98 -7.01 -6.66 -5.84
CA ILE A 98 -6.19 -6.18 -6.95
C ILE A 98 -6.46 -4.72 -7.24
N PRO A 99 -5.51 -3.85 -6.87
CA PRO A 99 -5.62 -2.41 -7.09
C PRO A 99 -5.51 -2.04 -8.56
N ASP A 100 -6.48 -1.27 -9.05
CA ASP A 100 -6.49 -0.84 -10.45
C ASP A 100 -5.55 0.34 -10.66
N LEU A 101 -4.31 0.04 -11.04
CA LEU A 101 -3.31 1.07 -11.28
C LEU A 101 -3.73 1.98 -12.44
N ASN A 102 -4.23 1.37 -13.50
CA ASN A 102 -4.66 2.10 -14.68
C ASN A 102 -5.70 3.16 -14.30
N GLN A 103 -6.52 2.85 -13.32
CA GLN A 103 -7.56 3.77 -12.86
C GLN A 103 -7.02 4.70 -11.79
N ILE A 104 -5.85 4.37 -11.26
CA ILE A 104 -5.22 5.19 -10.22
C ILE A 104 -4.25 6.19 -10.83
N THR A 105 -3.78 5.90 -12.04
CA THR A 105 -2.84 6.78 -12.73
C THR A 105 -3.57 7.73 -13.67
N GLU A 106 -4.69 7.28 -14.21
CA GLU A 106 -5.49 8.09 -15.13
C GLU A 106 -6.61 8.81 -14.38
N CYS A 107 -7.18 8.14 -13.39
CA CYS A 107 -8.27 8.71 -12.60
C CYS A 107 -7.79 9.06 -11.20
N ALA A 108 -7.00 8.17 -10.61
CA ALA A 108 -6.48 8.38 -9.27
C ALA A 108 -7.59 8.29 -8.23
N ASP A 109 -8.64 7.53 -8.55
CA ASP A 109 -9.77 7.36 -7.64
C ASP A 109 -9.30 6.95 -6.25
N PRO A 110 -9.96 7.50 -5.21
CA PRO A 110 -9.62 7.21 -3.82
C PRO A 110 -9.98 5.78 -3.43
N VAL A 111 -10.99 5.22 -4.09
CA VAL A 111 -11.43 3.87 -3.80
C VAL A 111 -10.39 2.84 -4.26
N GLU A 112 -9.80 3.08 -5.42
CA GLU A 112 -8.79 2.18 -5.97
C GLU A 112 -7.46 2.36 -5.24
N LEU A 113 -7.02 3.60 -5.12
CA LEU A 113 -5.77 3.90 -4.44
C LEU A 113 -5.68 3.20 -3.09
N GLY A 114 -6.77 3.29 -2.32
CA GLY A 114 -6.80 2.65 -1.02
C GLY A 114 -6.45 1.18 -1.07
N ARG A 115 -6.85 0.52 -2.16
CA ARG A 115 -6.57 -0.89 -2.33
C ARG A 115 -5.07 -1.15 -2.39
N LEU A 116 -4.35 -0.31 -3.13
CA LEU A 116 -2.91 -0.45 -3.27
C LEU A 116 -2.22 -0.43 -1.90
N LEU A 117 -2.65 0.50 -1.05
CA LEU A 117 -2.07 0.62 0.29
C LEU A 117 -2.42 -0.60 1.13
N GLN A 118 -3.66 -1.06 1.03
CA GLN A 118 -4.10 -2.22 1.79
C GLN A 118 -3.14 -3.39 1.61
N LEU A 119 -2.83 -3.72 0.36
CA LEU A 119 -1.92 -4.82 0.05
C LEU A 119 -0.60 -4.65 0.80
N ILE A 120 -0.12 -3.41 0.88
CA ILE A 120 1.13 -3.13 1.57
C ILE A 120 1.03 -3.46 3.06
N LEU A 121 0.10 -2.81 3.73
CA LEU A 121 -0.12 -3.04 5.16
C LEU A 121 -0.29 -4.53 5.46
N GLY A 122 -0.79 -5.27 4.46
CA GLY A 122 -0.99 -6.69 4.64
C GLY A 122 0.30 -7.45 4.83
N CYS A 123 1.29 -7.15 4.00
CA CYS A 123 2.60 -7.80 4.08
C CYS A 123 3.27 -7.51 5.41
N ALA A 124 3.12 -6.27 5.89
CA ALA A 124 3.72 -5.85 7.14
C ALA A 124 3.17 -6.66 8.31
N VAL A 125 1.84 -6.80 8.36
CA VAL A 125 1.20 -7.55 9.42
C VAL A 125 1.53 -9.04 9.33
N ASN A 126 2.23 -9.42 8.26
CA ASN A 126 2.63 -10.81 8.07
C ASN A 126 4.14 -10.93 7.90
N CYS A 127 4.87 -10.08 8.61
CA CYS A 127 6.33 -10.09 8.54
C CYS A 127 6.94 -10.25 9.92
N GLU A 128 8.25 -10.44 9.97
CA GLU A 128 8.95 -10.62 11.24
C GLU A 128 8.93 -9.32 12.05
N LYS A 129 8.91 -8.19 11.36
CA LYS A 129 8.89 -6.89 12.01
C LYS A 129 7.45 -6.40 12.18
N LYS A 130 6.51 -7.15 11.62
CA LYS A 130 5.09 -6.78 11.71
C LYS A 130 4.79 -6.08 13.03
N GLN A 131 5.17 -6.72 14.13
CA GLN A 131 4.94 -6.15 15.45
C GLN A 131 5.36 -4.68 15.50
N GLU A 132 6.54 -4.39 14.96
CA GLU A 132 7.04 -3.02 14.94
C GLU A 132 6.04 -2.08 14.28
N HIS A 133 5.24 -2.61 13.37
CA HIS A 133 4.25 -1.81 12.66
C HIS A 133 2.91 -1.84 13.41
N ILE A 134 2.54 -3.01 13.91
CA ILE A 134 1.28 -3.16 14.64
C ILE A 134 1.09 -2.03 15.64
N LYS A 135 2.17 -1.64 16.30
CA LYS A 135 2.12 -0.56 17.28
C LYS A 135 1.83 0.78 16.60
N ASN A 136 2.36 0.95 15.40
CA ASN A 136 2.15 2.18 14.64
C ASN A 136 0.68 2.40 14.35
N ILE A 137 -0.10 1.32 14.41
CA ILE A 137 -1.53 1.40 14.16
C ILE A 137 -2.30 1.86 15.40
N MET A 138 -1.93 1.31 16.55
CA MET A 138 -2.58 1.66 17.81
C MET A 138 -2.41 3.15 18.10
N THR A 139 -1.29 3.72 17.67
CA THR A 139 -1.01 5.12 17.90
C THR A 139 -1.91 6.01 17.04
N LEU A 140 -2.41 5.45 15.94
CA LEU A 140 -3.29 6.17 15.04
C LEU A 140 -4.63 6.48 15.72
N GLU A 141 -5.38 7.40 15.12
CA GLU A 141 -6.68 7.79 15.68
C GLU A 141 -7.54 6.55 15.94
N GLU A 142 -8.69 6.78 16.59
CA GLU A 142 -9.60 5.68 16.91
C GLU A 142 -10.30 5.17 15.65
N SER A 143 -11.11 6.02 15.05
CA SER A 143 -11.84 5.65 13.83
C SER A 143 -10.91 4.99 12.82
N VAL A 144 -9.78 5.63 12.56
CA VAL A 144 -8.80 5.11 11.60
C VAL A 144 -8.38 3.70 11.98
N GLN A 145 -7.89 3.55 13.21
CA GLN A 145 -7.43 2.24 13.68
C GLN A 145 -8.37 1.14 13.22
N HIS A 146 -9.67 1.37 13.36
CA HIS A 146 -10.68 0.40 12.96
C HIS A 146 -10.47 -0.03 11.51
N VAL A 147 -10.49 0.95 10.60
CA VAL A 147 -10.30 0.67 9.18
C VAL A 147 -8.96 -0.01 8.93
N VAL A 148 -7.91 0.50 9.55
CA VAL A 148 -6.57 -0.06 9.40
C VAL A 148 -6.53 -1.52 9.84
N MET A 149 -7.26 -1.83 10.91
CA MET A 149 -7.30 -3.19 11.43
C MET A 149 -8.18 -4.07 10.55
N THR A 150 -9.20 -3.47 9.94
CA THR A 150 -10.11 -4.19 9.07
C THR A 150 -9.41 -4.69 7.81
N ALA A 151 -8.77 -3.76 7.09
CA ALA A 151 -8.06 -4.10 5.87
C ALA A 151 -7.30 -5.42 6.03
N ILE A 152 -6.63 -5.58 7.16
CA ILE A 152 -5.87 -6.79 7.44
C ILE A 152 -6.76 -8.03 7.37
N GLN A 153 -7.88 -7.98 8.09
CA GLN A 153 -8.81 -9.09 8.11
C GLN A 153 -9.31 -9.43 6.72
N GLU A 154 -9.67 -8.40 5.95
CA GLU A 154 -10.16 -8.58 4.59
C GLU A 154 -9.08 -9.20 3.71
N LEU A 155 -7.83 -8.85 3.97
CA LEU A 155 -6.70 -9.37 3.20
C LEU A 155 -6.57 -10.87 3.39
N MET A 156 -6.86 -11.34 4.60
CA MET A 156 -6.78 -12.76 4.91
C MET A 156 -8.06 -13.49 4.52
N SER A 157 -9.18 -12.76 4.53
CA SER A 157 -10.46 -13.34 4.18
C SER A 157 -10.54 -13.61 2.68
N LYS A 158 -10.17 -12.60 1.88
CA LYS A 158 -10.20 -12.73 0.43
C LYS A 158 -8.95 -13.44 -0.08
N SER A 159 -8.15 -13.95 0.85
CA SER A 159 -6.92 -14.66 0.49
C SER A 159 -7.10 -15.46 -0.79
N GLY A 160 -8.23 -16.16 -0.87
CA GLY A 160 -8.51 -16.97 -2.05
C GLY A 160 -9.35 -18.18 -1.74
N PRO A 161 -10.22 -18.57 -2.68
CA PRO A 161 -11.11 -19.73 -2.51
C PRO A 161 -10.35 -21.04 -2.55
N SER A 162 -10.86 -22.03 -1.82
CA SER A 162 -10.22 -23.35 -1.75
C SER A 162 -8.72 -23.20 -1.55
N SER A 163 -8.33 -22.31 -0.65
CA SER A 163 -6.92 -22.09 -0.37
C SER A 163 -6.62 -22.30 1.12
N GLY A 164 -5.43 -22.81 1.41
CA GLY A 164 -5.04 -23.05 2.79
C GLY A 164 -4.45 -24.43 2.99
N GLY A 1 -13.65 22.25 2.57
CA GLY A 1 -13.54 22.81 1.24
C GLY A 1 -13.19 21.77 0.20
N SER A 2 -12.15 22.06 -0.59
CA SER A 2 -11.69 21.15 -1.63
C SER A 2 -10.41 20.45 -1.22
N SER A 3 -9.48 21.21 -0.65
CA SER A 3 -8.20 20.67 -0.22
C SER A 3 -8.31 20.03 1.15
N GLY A 4 -8.09 18.72 1.21
CA GLY A 4 -8.17 18.01 2.48
C GLY A 4 -8.82 16.64 2.33
N SER A 5 -10.14 16.60 2.37
CA SER A 5 -10.88 15.35 2.25
C SER A 5 -10.21 14.42 1.25
N SER A 6 -10.41 13.12 1.44
CA SER A 6 -9.81 12.12 0.55
C SER A 6 -10.90 11.31 -0.15
N GLY A 7 -11.70 10.60 0.64
CA GLY A 7 -12.77 9.78 0.08
C GLY A 7 -13.21 8.69 1.04
N LEU A 8 -13.41 7.49 0.49
CA LEU A 8 -13.84 6.35 1.31
C LEU A 8 -12.89 6.12 2.48
N PRO A 9 -13.32 5.29 3.42
CA PRO A 9 -12.53 4.96 4.61
C PRO A 9 -11.31 4.10 4.27
N LEU A 10 -11.54 3.02 3.54
CA LEU A 10 -10.47 2.11 3.15
C LEU A 10 -9.24 2.89 2.70
N CYS A 11 -9.45 4.08 2.15
CA CYS A 11 -8.36 4.92 1.69
C CYS A 11 -8.15 6.11 2.63
N ASP A 12 -9.25 6.61 3.20
CA ASP A 12 -9.19 7.73 4.12
C ASP A 12 -8.57 7.32 5.45
N SER A 13 -8.22 6.04 5.55
CA SER A 13 -7.62 5.52 6.78
C SER A 13 -6.19 5.04 6.53
N LEU A 14 -6.01 4.31 5.43
CA LEU A 14 -4.69 3.79 5.06
C LEU A 14 -3.67 4.91 4.98
N ILE A 15 -4.09 6.04 4.42
CA ILE A 15 -3.21 7.20 4.28
C ILE A 15 -2.58 7.58 5.61
N ILE A 16 -3.40 7.61 6.66
CA ILE A 16 -2.92 7.95 7.99
C ILE A 16 -1.83 6.99 8.45
N TRP A 17 -1.99 5.72 8.14
CA TRP A 17 -1.03 4.70 8.52
C TRP A 17 0.26 4.85 7.72
N LEU A 18 0.12 5.13 6.43
CA LEU A 18 1.27 5.30 5.55
C LEU A 18 2.12 6.49 6.00
N GLN A 19 1.46 7.52 6.53
CA GLN A 19 2.16 8.71 6.99
C GLN A 19 3.31 8.34 7.92
N THR A 20 3.19 7.19 8.58
CA THR A 20 4.22 6.73 9.49
C THR A 20 5.57 6.61 8.79
N PHE A 21 5.56 6.70 7.47
CA PHE A 21 6.78 6.60 6.68
C PHE A 21 7.13 7.95 6.06
N LYS A 22 8.17 8.59 6.59
CA LYS A 22 8.61 9.89 6.09
C LYS A 22 9.46 9.72 4.83
N THR A 23 9.34 8.57 4.19
CA THR A 23 10.09 8.29 2.97
C THR A 23 10.22 9.55 2.11
N ALA A 24 11.25 9.57 1.28
CA ALA A 24 11.50 10.71 0.40
C ALA A 24 10.18 11.28 -0.14
N SER A 25 9.18 10.42 -0.26
CA SER A 25 7.88 10.84 -0.76
C SER A 25 6.82 10.77 0.34
N PRO A 26 6.26 11.94 0.68
CA PRO A 26 5.23 12.05 1.73
C PRO A 26 3.91 11.42 1.31
N CYS A 27 2.97 11.33 2.24
CA CYS A 27 1.67 10.75 1.98
C CYS A 27 0.56 11.61 2.56
N GLN A 28 0.07 12.56 1.77
CA GLN A 28 -1.00 13.45 2.22
C GLN A 28 -2.33 13.08 1.56
N ASP A 29 -2.47 13.43 0.29
CA ASP A 29 -3.69 13.13 -0.46
C ASP A 29 -3.49 11.94 -1.38
N VAL A 30 -4.59 11.38 -1.87
CA VAL A 30 -4.53 10.23 -2.77
C VAL A 30 -3.75 10.56 -4.03
N LYS A 31 -3.91 11.79 -4.50
CA LYS A 31 -3.22 12.24 -5.70
C LYS A 31 -1.72 12.38 -5.46
N GLN A 32 -1.32 12.23 -4.20
CA GLN A 32 0.09 12.34 -3.84
C GLN A 32 0.75 10.96 -3.79
N LEU A 33 -0.06 9.93 -3.63
CA LEU A 33 0.44 8.56 -3.57
C LEU A 33 0.44 7.93 -4.96
N THR A 34 -0.47 8.37 -5.81
CA THR A 34 -0.57 7.84 -7.16
C THR A 34 0.81 7.68 -7.79
N ASN A 35 1.76 8.49 -7.33
CA ASN A 35 3.12 8.43 -7.86
C ASN A 35 3.70 7.03 -7.73
N GLY A 36 3.46 6.39 -6.60
CA GLY A 36 3.95 5.05 -6.37
C GLY A 36 5.22 5.02 -5.54
N VAL A 37 6.09 6.00 -5.76
CA VAL A 37 7.34 6.10 -5.02
C VAL A 37 7.11 5.93 -3.52
N THR A 38 6.16 6.69 -3.00
CA THR A 38 5.84 6.63 -1.57
C THR A 38 5.75 5.19 -1.08
N MET A 39 5.02 4.36 -1.83
CA MET A 39 4.86 2.96 -1.47
C MET A 39 6.20 2.23 -1.51
N ALA A 40 6.77 2.10 -2.70
CA ALA A 40 8.04 1.43 -2.87
C ALA A 40 8.99 1.75 -1.72
N GLN A 41 9.15 3.04 -1.43
CA GLN A 41 10.02 3.48 -0.34
C GLN A 41 9.64 2.82 0.97
N VAL A 42 8.33 2.65 1.18
CA VAL A 42 7.83 2.02 2.41
C VAL A 42 8.07 0.52 2.39
N LEU A 43 7.80 -0.10 1.25
CA LEU A 43 7.98 -1.55 1.10
C LEU A 43 9.38 -1.97 1.54
N HIS A 44 10.37 -1.12 1.24
CA HIS A 44 11.75 -1.41 1.61
C HIS A 44 11.91 -1.46 3.12
N GLN A 45 11.10 -0.68 3.84
CA GLN A 45 11.16 -0.64 5.29
C GLN A 45 10.53 -1.89 5.89
N ILE A 46 9.57 -2.46 5.16
CA ILE A 46 8.87 -3.66 5.63
C ILE A 46 9.77 -4.89 5.50
N ASP A 47 10.32 -5.08 4.30
CA ASP A 47 11.19 -6.22 4.04
C ASP A 47 12.24 -5.87 2.99
N VAL A 48 13.48 -5.69 3.43
CA VAL A 48 14.56 -5.34 2.52
C VAL A 48 14.84 -6.48 1.54
N ALA A 49 15.07 -7.67 2.08
CA ALA A 49 15.35 -8.83 1.25
C ALA A 49 14.45 -8.85 0.02
N TRP A 50 13.17 -8.60 0.22
CA TRP A 50 12.20 -8.58 -0.88
C TRP A 50 12.12 -7.20 -1.51
N PHE A 51 12.45 -6.17 -0.73
CA PHE A 51 12.42 -4.80 -1.22
C PHE A 51 13.71 -4.08 -0.88
N SER A 52 14.80 -4.46 -1.57
CA SER A 52 16.10 -3.84 -1.34
C SER A 52 16.32 -2.67 -2.29
N GLU A 53 17.30 -1.83 -1.98
CA GLU A 53 17.62 -0.67 -2.80
C GLU A 53 17.67 -1.05 -4.28
N SER A 54 17.85 -2.34 -4.55
CA SER A 54 17.92 -2.83 -5.92
C SER A 54 16.56 -2.72 -6.61
N TRP A 55 15.52 -3.11 -5.91
CA TRP A 55 14.16 -3.06 -6.44
C TRP A 55 13.65 -1.62 -6.48
N LEU A 56 13.75 -0.92 -5.36
CA LEU A 56 13.30 0.46 -5.27
C LEU A 56 14.06 1.34 -6.26
N SER A 57 15.24 0.88 -6.67
CA SER A 57 16.07 1.63 -7.60
C SER A 57 15.42 1.68 -8.99
N ARG A 58 14.37 0.88 -9.17
CA ARG A 58 13.66 0.83 -10.44
C ARG A 58 12.51 1.83 -10.45
N ILE A 59 12.23 2.42 -9.29
CA ILE A 59 11.15 3.40 -9.18
C ILE A 59 11.67 4.81 -9.38
N LYS A 60 10.84 5.66 -9.98
CA LYS A 60 11.20 7.05 -10.24
C LYS A 60 10.24 8.01 -9.54
N ASP A 61 10.60 9.28 -9.51
CA ASP A 61 9.77 10.29 -8.88
C ASP A 61 9.38 11.38 -9.87
N ASP A 62 10.09 11.42 -11.01
CA ASP A 62 9.83 12.40 -12.05
C ASP A 62 8.34 12.47 -12.37
N VAL A 63 7.61 11.43 -12.00
CA VAL A 63 6.17 11.37 -12.25
C VAL A 63 5.53 12.73 -12.05
N GLY A 64 6.06 13.51 -11.10
CA GLY A 64 5.52 14.83 -10.83
C GLY A 64 4.91 15.47 -12.07
N ASP A 65 5.69 15.52 -13.14
CA ASP A 65 5.22 16.12 -14.39
C ASP A 65 4.89 15.05 -15.42
N ASN A 66 5.15 13.79 -15.06
CA ASN A 66 4.87 12.67 -15.95
C ASN A 66 3.81 11.76 -15.36
N TRP A 67 2.79 11.45 -16.15
CA TRP A 67 1.71 10.59 -15.71
C TRP A 67 1.99 9.13 -16.08
N ARG A 68 2.82 8.93 -17.08
CA ARG A 68 3.17 7.58 -17.53
C ARG A 68 4.12 6.92 -16.54
N ILE A 69 5.13 7.65 -16.11
CA ILE A 69 6.11 7.13 -15.16
C ILE A 69 5.43 6.53 -13.94
N LYS A 70 4.29 7.11 -13.56
CA LYS A 70 3.52 6.63 -12.42
C LYS A 70 3.17 5.16 -12.57
N ALA A 71 2.39 4.85 -13.60
CA ALA A 71 1.97 3.48 -13.87
C ALA A 71 3.15 2.52 -13.76
N SER A 72 4.27 2.89 -14.36
CA SER A 72 5.47 2.06 -14.34
C SER A 72 5.82 1.66 -12.90
N ASN A 73 5.57 2.58 -11.97
CA ASN A 73 5.87 2.32 -10.56
C ASN A 73 4.76 1.50 -9.91
N LEU A 74 3.56 2.08 -9.85
CA LEU A 74 2.41 1.41 -9.25
C LEU A 74 2.42 -0.08 -9.59
N LYS A 75 2.92 -0.41 -10.78
CA LYS A 75 2.99 -1.79 -11.23
C LYS A 75 3.97 -2.59 -10.38
N LYS A 76 5.22 -2.14 -10.34
CA LYS A 76 6.25 -2.81 -9.56
C LYS A 76 5.87 -2.87 -8.08
N VAL A 77 5.21 -1.83 -7.62
CA VAL A 77 4.78 -1.76 -6.22
C VAL A 77 3.75 -2.84 -5.91
N LEU A 78 2.81 -3.03 -6.82
CA LEU A 78 1.76 -4.03 -6.65
C LEU A 78 2.33 -5.44 -6.77
N HIS A 79 3.13 -5.66 -7.81
CA HIS A 79 3.74 -6.96 -8.03
C HIS A 79 4.65 -7.34 -6.88
N GLY A 80 5.19 -6.33 -6.19
CA GLY A 80 6.07 -6.59 -5.07
C GLY A 80 5.33 -7.14 -3.86
N ILE A 81 4.07 -6.77 -3.72
CA ILE A 81 3.25 -7.23 -2.61
C ILE A 81 2.57 -8.56 -2.93
N THR A 82 1.94 -8.62 -4.10
CA THR A 82 1.25 -9.83 -4.53
C THR A 82 2.21 -11.02 -4.59
N SER A 83 3.46 -10.75 -4.96
CA SER A 83 4.46 -11.80 -5.06
C SER A 83 4.85 -12.30 -3.68
N TYR A 84 4.87 -11.40 -2.70
CA TYR A 84 5.23 -11.76 -1.33
C TYR A 84 4.14 -12.62 -0.70
N TYR A 85 2.99 -12.70 -1.35
CA TYR A 85 1.88 -13.49 -0.86
C TYR A 85 1.88 -14.89 -1.47
N HIS A 86 2.38 -14.99 -2.70
CA HIS A 86 2.44 -16.27 -3.39
C HIS A 86 3.79 -16.94 -3.17
N GLU A 87 4.81 -16.15 -2.85
CA GLU A 87 6.14 -16.68 -2.60
C GLU A 87 6.38 -16.89 -1.11
N PHE A 88 6.50 -15.78 -0.37
CA PHE A 88 6.73 -15.86 1.07
C PHE A 88 5.66 -16.70 1.75
N LEU A 89 4.45 -16.15 1.83
CA LEU A 89 3.34 -16.86 2.46
C LEU A 89 2.88 -18.03 1.59
N GLY A 90 2.69 -17.77 0.31
CA GLY A 90 2.26 -18.82 -0.60
C GLY A 90 0.85 -18.60 -1.11
N GLN A 91 0.04 -17.89 -0.32
CA GLN A 91 -1.34 -17.61 -0.70
C GLN A 91 -1.40 -16.65 -1.89
N GLN A 92 -2.60 -16.36 -2.35
CA GLN A 92 -2.80 -15.47 -3.49
C GLN A 92 -3.67 -14.27 -3.09
N ILE A 93 -3.99 -13.44 -4.08
CA ILE A 93 -4.82 -12.26 -3.83
C ILE A 93 -6.03 -12.25 -4.76
N SER A 94 -7.21 -11.96 -4.19
CA SER A 94 -8.44 -11.92 -4.95
C SER A 94 -8.53 -10.62 -5.76
N GLU A 95 -9.16 -10.70 -6.93
CA GLU A 95 -9.31 -9.54 -7.79
C GLU A 95 -9.95 -8.38 -7.03
N GLU A 96 -10.54 -8.68 -5.88
CA GLU A 96 -11.18 -7.66 -5.06
C GLU A 96 -10.14 -6.75 -4.42
N LEU A 97 -8.94 -7.29 -4.21
CA LEU A 97 -7.86 -6.53 -3.60
C LEU A 97 -6.96 -5.89 -4.66
N ILE A 98 -6.90 -6.53 -5.83
CA ILE A 98 -6.09 -6.03 -6.94
C ILE A 98 -6.38 -4.56 -7.20
N PRO A 99 -5.42 -3.69 -6.82
CA PRO A 99 -5.55 -2.25 -7.01
C PRO A 99 -5.47 -1.84 -8.49
N ASP A 100 -6.53 -1.23 -8.99
CA ASP A 100 -6.57 -0.80 -10.39
C ASP A 100 -5.65 0.39 -10.61
N LEU A 101 -4.43 0.11 -11.06
CA LEU A 101 -3.45 1.16 -11.31
C LEU A 101 -3.86 2.01 -12.52
N ASN A 102 -4.34 1.35 -13.57
CA ASN A 102 -4.77 2.05 -14.77
C ASN A 102 -5.83 3.09 -14.44
N GLN A 103 -6.64 2.82 -13.44
CA GLN A 103 -7.68 3.74 -13.02
C GLN A 103 -7.18 4.70 -11.95
N ILE A 104 -6.06 4.35 -11.33
CA ILE A 104 -5.47 5.18 -10.28
C ILE A 104 -4.49 6.20 -10.87
N THR A 105 -4.00 5.90 -12.06
CA THR A 105 -3.06 6.80 -12.73
C THR A 105 -3.76 7.73 -13.71
N GLU A 106 -4.88 7.25 -14.27
CA GLU A 106 -5.66 8.05 -15.21
C GLU A 106 -6.81 8.77 -14.50
N CYS A 107 -7.38 8.10 -13.50
CA CYS A 107 -8.49 8.68 -12.75
C CYS A 107 -8.04 9.06 -11.34
N ALA A 108 -7.26 8.19 -10.71
CA ALA A 108 -6.76 8.44 -9.36
C ALA A 108 -7.89 8.33 -8.34
N ASP A 109 -8.91 7.55 -8.67
CA ASP A 109 -10.05 7.35 -7.78
C ASP A 109 -9.59 6.95 -6.38
N PRO A 110 -10.26 7.48 -5.36
CA PRO A 110 -9.94 7.20 -3.95
C PRO A 110 -10.27 5.76 -3.56
N VAL A 111 -11.33 5.22 -4.16
CA VAL A 111 -11.75 3.85 -3.88
C VAL A 111 -10.69 2.85 -4.31
N GLU A 112 -10.06 3.11 -5.45
CA GLU A 112 -9.03 2.23 -5.98
C GLU A 112 -7.70 2.48 -5.29
N LEU A 113 -7.31 3.74 -5.20
CA LEU A 113 -6.05 4.12 -4.56
C LEU A 113 -5.88 3.39 -3.23
N GLY A 114 -6.93 3.41 -2.41
CA GLY A 114 -6.88 2.74 -1.12
C GLY A 114 -6.48 1.28 -1.24
N ARG A 115 -7.02 0.61 -2.24
CA ARG A 115 -6.72 -0.80 -2.46
C ARG A 115 -5.21 -1.04 -2.54
N LEU A 116 -4.51 -0.11 -3.18
CA LEU A 116 -3.07 -0.21 -3.34
C LEU A 116 -2.38 -0.21 -1.97
N LEU A 117 -2.51 0.88 -1.24
CA LEU A 117 -1.91 1.00 0.08
C LEU A 117 -2.21 -0.23 0.93
N GLN A 118 -3.45 -0.71 0.85
CA GLN A 118 -3.87 -1.87 1.61
C GLN A 118 -2.89 -3.02 1.43
N LEU A 119 -2.57 -3.33 0.18
CA LEU A 119 -1.63 -4.41 -0.14
C LEU A 119 -0.36 -4.30 0.70
N ILE A 120 0.22 -3.10 0.72
CA ILE A 120 1.44 -2.86 1.48
C ILE A 120 1.28 -3.31 2.93
N LEU A 121 0.29 -2.75 3.62
CA LEU A 121 0.03 -3.10 5.00
C LEU A 121 -0.20 -4.60 5.16
N GLY A 122 -0.53 -5.25 4.05
CA GLY A 122 -0.77 -6.69 4.09
C GLY A 122 0.46 -7.48 4.48
N CYS A 123 1.58 -7.18 3.83
CA CYS A 123 2.84 -7.87 4.12
C CYS A 123 3.37 -7.48 5.50
N ALA A 124 3.23 -6.20 5.84
CA ALA A 124 3.69 -5.71 7.13
C ALA A 124 3.12 -6.55 8.28
N VAL A 125 1.81 -6.74 8.27
CA VAL A 125 1.15 -7.52 9.31
C VAL A 125 1.41 -9.01 9.12
N ASN A 126 2.21 -9.34 8.13
CA ASN A 126 2.54 -10.73 7.84
C ASN A 126 4.05 -10.92 7.71
N CYS A 127 4.80 -10.10 8.44
CA CYS A 127 6.26 -10.17 8.42
C CYS A 127 6.82 -10.40 9.82
N GLU A 128 8.13 -10.60 9.91
CA GLU A 128 8.79 -10.84 11.18
C GLU A 128 8.76 -9.58 12.04
N LYS A 129 8.89 -8.43 11.41
CA LYS A 129 8.88 -7.15 12.11
C LYS A 129 7.46 -6.61 12.24
N LYS A 130 6.51 -7.31 11.62
CA LYS A 130 5.11 -6.90 11.67
C LYS A 130 4.78 -6.23 13.00
N GLN A 131 5.13 -6.90 14.09
CA GLN A 131 4.86 -6.37 15.43
C GLN A 131 5.31 -4.91 15.53
N GLU A 132 6.52 -4.63 15.04
CA GLU A 132 7.06 -3.28 15.08
C GLU A 132 6.12 -2.29 14.39
N HIS A 133 5.33 -2.80 13.46
CA HIS A 133 4.37 -1.96 12.73
C HIS A 133 3.01 -1.96 13.42
N ILE A 134 2.58 -3.13 13.88
CA ILE A 134 1.31 -3.27 14.56
C ILE A 134 1.10 -2.14 15.57
N LYS A 135 2.05 -2.00 16.48
CA LYS A 135 1.98 -0.96 17.51
C LYS A 135 1.81 0.42 16.87
N ASN A 136 2.24 0.55 15.62
CA ASN A 136 2.14 1.80 14.90
C ASN A 136 0.69 2.14 14.57
N ILE A 137 -0.15 1.11 14.57
CA ILE A 137 -1.56 1.28 14.27
C ILE A 137 -2.34 1.75 15.50
N MET A 138 -2.05 1.12 16.63
CA MET A 138 -2.71 1.47 17.89
C MET A 138 -2.48 2.94 18.24
N THR A 139 -1.32 3.45 17.84
CA THR A 139 -0.97 4.84 18.11
C THR A 139 -1.72 5.79 17.17
N LEU A 140 -2.48 5.21 16.26
CA LEU A 140 -3.25 6.01 15.30
C LEU A 140 -4.59 6.45 15.89
N GLU A 141 -5.34 7.22 15.12
CA GLU A 141 -6.64 7.71 15.58
C GLU A 141 -7.62 6.55 15.76
N GLU A 142 -8.73 6.82 16.44
CA GLU A 142 -9.75 5.81 16.67
C GLU A 142 -10.38 5.33 15.37
N SER A 143 -11.05 6.25 14.68
CA SER A 143 -11.71 5.93 13.41
C SER A 143 -10.77 5.12 12.52
N VAL A 144 -9.60 5.67 12.24
CA VAL A 144 -8.62 4.99 11.39
C VAL A 144 -8.27 3.63 11.95
N GLN A 145 -7.81 3.60 13.20
CA GLN A 145 -7.44 2.35 13.84
C GLN A 145 -8.39 1.22 13.44
N HIS A 146 -9.68 1.54 13.34
CA HIS A 146 -10.68 0.55 12.97
C HIS A 146 -10.45 0.06 11.54
N VAL A 147 -10.38 1.00 10.60
CA VAL A 147 -10.17 0.66 9.20
C VAL A 147 -8.85 -0.07 9.01
N VAL A 148 -7.75 0.58 9.41
CA VAL A 148 -6.43 -0.02 9.28
C VAL A 148 -6.42 -1.46 9.77
N MET A 149 -7.18 -1.73 10.82
CA MET A 149 -7.26 -3.07 11.39
C MET A 149 -8.20 -3.94 10.56
N THR A 150 -9.22 -3.34 9.98
CA THR A 150 -10.18 -4.06 9.17
C THR A 150 -9.52 -4.64 7.92
N ALA A 151 -8.72 -3.83 7.25
CA ALA A 151 -8.02 -4.26 6.05
C ALA A 151 -7.45 -5.66 6.21
N ILE A 152 -6.63 -5.85 7.25
CA ILE A 152 -6.02 -7.14 7.52
C ILE A 152 -7.04 -8.26 7.42
N GLN A 153 -8.12 -8.15 8.20
CA GLN A 153 -9.18 -9.16 8.19
C GLN A 153 -9.63 -9.47 6.76
N GLU A 154 -9.83 -8.41 5.97
CA GLU A 154 -10.26 -8.56 4.60
C GLU A 154 -9.17 -9.21 3.74
N LEU A 155 -7.92 -8.88 4.05
CA LEU A 155 -6.79 -9.43 3.32
C LEU A 155 -6.66 -10.92 3.55
N MET A 156 -6.83 -11.35 4.79
CA MET A 156 -6.74 -12.76 5.14
C MET A 156 -7.92 -13.54 4.56
N SER A 157 -9.08 -12.90 4.49
CA SER A 157 -10.27 -13.54 3.97
C SER A 157 -10.23 -13.61 2.44
N LYS A 158 -9.78 -12.52 1.81
CA LYS A 158 -9.67 -12.46 0.37
C LYS A 158 -8.56 -13.37 -0.14
N SER A 159 -7.41 -13.32 0.53
CA SER A 159 -6.26 -14.14 0.16
C SER A 159 -6.41 -15.56 0.69
N GLY A 160 -6.83 -16.47 -0.19
CA GLY A 160 -7.01 -17.86 0.22
C GLY A 160 -7.29 -18.77 -0.97
N PRO A 161 -7.03 -20.07 -0.79
CA PRO A 161 -7.25 -21.08 -1.83
C PRO A 161 -8.73 -21.30 -2.12
N SER A 162 -9.02 -22.24 -3.00
CA SER A 162 -10.40 -22.56 -3.37
C SER A 162 -10.71 -24.03 -3.10
N SER A 163 -9.90 -24.91 -3.68
CA SER A 163 -10.10 -26.35 -3.51
C SER A 163 -10.02 -26.74 -2.04
N GLY A 164 -8.90 -26.41 -1.41
CA GLY A 164 -8.73 -26.74 0.00
C GLY A 164 -10.01 -26.61 0.79
N GLY A 1 -8.65 24.00 -1.58
CA GLY A 1 -8.20 22.97 -0.68
C GLY A 1 -9.34 22.26 0.02
N SER A 2 -9.11 21.02 0.43
CA SER A 2 -10.13 20.23 1.11
C SER A 2 -9.49 19.14 1.98
N SER A 3 -10.30 18.54 2.84
CA SER A 3 -9.82 17.48 3.73
C SER A 3 -10.25 16.11 3.23
N GLY A 4 -11.55 15.94 3.01
CA GLY A 4 -12.08 14.68 2.53
C GLY A 4 -13.56 14.51 2.83
N SER A 5 -14.39 14.88 1.86
CA SER A 5 -15.83 14.77 2.02
C SER A 5 -16.37 13.52 1.33
N SER A 6 -15.94 13.31 0.09
CA SER A 6 -16.38 12.16 -0.69
C SER A 6 -15.45 10.97 -0.45
N GLY A 7 -14.18 11.25 -0.20
CA GLY A 7 -13.21 10.20 0.03
C GLY A 7 -13.78 9.07 0.88
N LEU A 8 -13.25 7.86 0.69
CA LEU A 8 -13.72 6.71 1.44
C LEU A 8 -12.82 6.44 2.65
N PRO A 9 -13.28 5.55 3.54
CA PRO A 9 -12.54 5.19 4.75
C PRO A 9 -11.29 4.37 4.43
N LEU A 10 -11.47 3.31 3.65
CA LEU A 10 -10.37 2.44 3.28
C LEU A 10 -9.13 3.25 2.90
N CYS A 11 -9.36 4.46 2.36
CA CYS A 11 -8.27 5.34 1.97
C CYS A 11 -8.09 6.47 2.97
N ASP A 12 -9.20 6.96 3.50
CA ASP A 12 -9.17 8.05 4.47
C ASP A 12 -8.46 7.61 5.75
N SER A 13 -8.16 6.32 5.84
CA SER A 13 -7.48 5.77 7.02
C SER A 13 -6.07 5.31 6.67
N LEU A 14 -5.97 4.45 5.66
CA LEU A 14 -4.68 3.93 5.23
C LEU A 14 -3.66 5.06 5.09
N ILE A 15 -4.02 6.10 4.34
CA ILE A 15 -3.15 7.25 4.13
C ILE A 15 -2.51 7.69 5.44
N ILE A 16 -3.29 7.68 6.52
CA ILE A 16 -2.80 8.08 7.82
C ILE A 16 -1.73 7.11 8.33
N TRP A 17 -1.87 5.85 7.97
CA TRP A 17 -0.91 4.83 8.38
C TRP A 17 0.39 4.94 7.59
N LEU A 18 0.25 5.16 6.29
CA LEU A 18 1.42 5.29 5.41
C LEU A 18 2.20 6.57 5.74
N GLN A 19 1.58 7.47 6.48
CA GLN A 19 2.22 8.72 6.87
C GLN A 19 3.38 8.47 7.83
N THR A 20 3.32 7.33 8.52
CA THR A 20 4.37 6.97 9.48
C THR A 20 5.73 6.89 8.80
N PHE A 21 5.72 6.66 7.49
CA PHE A 21 6.96 6.56 6.72
C PHE A 21 7.33 7.91 6.12
N LYS A 22 8.32 8.56 6.72
CA LYS A 22 8.78 9.86 6.23
C LYS A 22 9.76 9.71 5.09
N THR A 23 9.58 8.64 4.30
CA THR A 23 10.45 8.38 3.16
C THR A 23 10.69 9.64 2.34
N ALA A 24 11.57 9.55 1.36
CA ALA A 24 11.89 10.68 0.49
C ALA A 24 10.62 11.31 -0.09
N SER A 25 9.57 10.49 -0.20
CA SER A 25 8.30 10.96 -0.74
C SER A 25 7.22 10.98 0.34
N PRO A 26 6.64 12.17 0.57
CA PRO A 26 5.58 12.35 1.57
C PRO A 26 4.28 11.66 1.18
N CYS A 27 3.28 11.76 2.05
CA CYS A 27 1.98 11.15 1.79
C CYS A 27 0.86 11.99 2.39
N GLN A 28 0.13 12.70 1.54
CA GLN A 28 -0.97 13.55 1.99
C GLN A 28 -2.27 13.14 1.31
N ASP A 29 -2.41 13.51 0.05
CA ASP A 29 -3.62 13.18 -0.72
C ASP A 29 -3.37 11.99 -1.63
N VAL A 30 -4.45 11.31 -2.01
CA VAL A 30 -4.35 10.14 -2.88
C VAL A 30 -3.64 10.49 -4.18
N LYS A 31 -3.77 11.75 -4.61
CA LYS A 31 -3.14 12.22 -5.83
C LYS A 31 -1.62 12.30 -5.67
N GLN A 32 -1.16 12.18 -4.42
CA GLN A 32 0.27 12.25 -4.14
C GLN A 32 0.87 10.85 -4.07
N LEU A 33 0.06 9.86 -3.73
CA LEU A 33 0.52 8.48 -3.63
C LEU A 33 0.25 7.73 -4.92
N THR A 34 -0.72 8.21 -5.70
CA THR A 34 -1.08 7.58 -6.96
C THR A 34 0.17 7.27 -7.79
N ASN A 35 1.27 7.96 -7.48
CA ASN A 35 2.52 7.75 -8.19
C ASN A 35 3.11 6.38 -7.88
N GLY A 36 3.32 6.12 -6.58
CA GLY A 36 3.88 4.84 -6.17
C GLY A 36 5.17 5.00 -5.40
N VAL A 37 5.93 6.03 -5.72
CA VAL A 37 7.21 6.29 -5.06
C VAL A 37 7.09 6.05 -3.55
N THR A 38 6.32 6.90 -2.88
CA THR A 38 6.13 6.78 -1.44
C THR A 38 5.87 5.34 -1.04
N MET A 39 4.79 4.77 -1.55
CA MET A 39 4.42 3.39 -1.25
C MET A 39 5.64 2.48 -1.33
N ALA A 40 6.27 2.43 -2.51
CA ALA A 40 7.45 1.61 -2.70
C ALA A 40 8.45 1.79 -1.57
N GLN A 41 8.88 3.04 -1.37
CA GLN A 41 9.84 3.34 -0.32
C GLN A 41 9.40 2.75 1.02
N VAL A 42 8.09 2.76 1.25
CA VAL A 42 7.54 2.22 2.49
C VAL A 42 7.66 0.71 2.55
N LEU A 43 7.51 0.07 1.39
CA LEU A 43 7.60 -1.38 1.29
C LEU A 43 9.00 -1.87 1.71
N HIS A 44 10.02 -1.12 1.31
CA HIS A 44 11.40 -1.47 1.64
C HIS A 44 11.58 -1.58 3.15
N GLN A 45 10.76 -0.85 3.90
CA GLN A 45 10.84 -0.86 5.36
C GLN A 45 10.10 -2.08 5.92
N ILE A 46 9.08 -2.52 5.21
CA ILE A 46 8.29 -3.68 5.65
C ILE A 46 9.13 -4.94 5.63
N ASP A 47 9.94 -5.12 4.59
CA ASP A 47 10.80 -6.28 4.47
C ASP A 47 11.86 -6.06 3.39
N VAL A 48 13.10 -5.85 3.82
CA VAL A 48 14.20 -5.63 2.90
C VAL A 48 14.53 -6.89 2.11
N ALA A 49 14.07 -8.03 2.63
CA ALA A 49 14.32 -9.31 1.98
C ALA A 49 13.60 -9.40 0.64
N TRP A 50 12.42 -8.77 0.56
CA TRP A 50 11.64 -8.77 -0.66
C TRP A 50 11.67 -7.41 -1.34
N PHE A 51 11.92 -6.37 -0.55
CA PHE A 51 11.98 -5.01 -1.06
C PHE A 51 13.30 -4.34 -0.68
N SER A 52 14.37 -4.71 -1.38
CA SER A 52 15.68 -4.14 -1.11
C SER A 52 15.94 -2.91 -1.97
N GLU A 53 16.83 -2.04 -1.51
CA GLU A 53 17.17 -0.83 -2.24
C GLU A 53 17.25 -1.10 -3.73
N SER A 54 17.69 -2.30 -4.10
CA SER A 54 17.81 -2.68 -5.50
C SER A 54 16.48 -2.52 -6.22
N TRP A 55 15.42 -3.04 -5.61
CA TRP A 55 14.08 -2.95 -6.20
C TRP A 55 13.60 -1.51 -6.27
N LEU A 56 13.60 -0.84 -5.12
CA LEU A 56 13.16 0.55 -5.05
C LEU A 56 13.98 1.43 -6.00
N SER A 57 15.16 0.94 -6.37
CA SER A 57 16.03 1.68 -7.27
C SER A 57 15.43 1.77 -8.66
N ARG A 58 14.36 1.01 -8.89
CA ARG A 58 13.69 1.00 -10.18
C ARG A 58 12.54 2.01 -10.21
N ILE A 59 12.21 2.56 -9.04
CA ILE A 59 11.15 3.54 -8.93
C ILE A 59 11.67 4.96 -9.16
N LYS A 60 10.86 5.78 -9.81
CA LYS A 60 11.24 7.17 -10.10
C LYS A 60 10.26 8.14 -9.46
N ASP A 61 10.69 9.39 -9.29
CA ASP A 61 9.86 10.42 -8.70
C ASP A 61 9.54 11.52 -9.71
N ASP A 62 10.27 11.52 -10.81
CA ASP A 62 10.08 12.52 -11.87
C ASP A 62 8.60 12.61 -12.25
N VAL A 63 7.84 11.59 -11.89
CA VAL A 63 6.41 11.57 -12.20
C VAL A 63 5.79 12.96 -12.05
N GLY A 64 6.37 13.77 -11.19
CA GLY A 64 5.87 15.11 -10.98
C GLY A 64 5.23 15.69 -12.22
N ASP A 65 5.99 15.72 -13.32
CA ASP A 65 5.48 16.26 -14.57
C ASP A 65 5.16 15.13 -15.55
N ASN A 66 5.44 13.89 -15.15
CA ASN A 66 5.18 12.73 -15.99
C ASN A 66 4.14 11.81 -15.35
N TRP A 67 3.06 11.55 -16.08
CA TRP A 67 1.99 10.70 -15.58
C TRP A 67 2.25 9.24 -15.96
N ARG A 68 2.97 9.03 -17.05
CA ARG A 68 3.29 7.68 -17.50
C ARG A 68 4.25 6.99 -16.55
N ILE A 69 5.22 7.75 -16.04
CA ILE A 69 6.20 7.21 -15.10
C ILE A 69 5.54 6.63 -13.87
N LYS A 70 4.39 7.20 -13.51
CA LYS A 70 3.64 6.75 -12.34
C LYS A 70 3.27 5.28 -12.46
N ALA A 71 2.47 4.96 -13.47
CA ALA A 71 2.06 3.58 -13.70
C ALA A 71 3.23 2.61 -13.54
N SER A 72 4.28 2.84 -14.32
CA SER A 72 5.47 2.00 -14.27
C SER A 72 5.77 1.57 -12.83
N ASN A 73 5.63 2.51 -11.91
CA ASN A 73 5.89 2.24 -10.50
C ASN A 73 4.76 1.42 -9.88
N LEU A 74 3.55 1.97 -9.94
CA LEU A 74 2.38 1.30 -9.38
C LEU A 74 2.42 -0.20 -9.68
N LYS A 75 2.98 -0.55 -10.84
CA LYS A 75 3.08 -1.94 -11.24
C LYS A 75 4.04 -2.72 -10.32
N LYS A 76 5.26 -2.22 -10.22
CA LYS A 76 6.27 -2.85 -9.37
C LYS A 76 5.77 -2.96 -7.93
N VAL A 77 5.21 -1.88 -7.41
CA VAL A 77 4.70 -1.86 -6.06
C VAL A 77 3.73 -3.01 -5.81
N LEU A 78 2.61 -2.99 -6.52
CA LEU A 78 1.59 -4.03 -6.39
C LEU A 78 2.22 -5.41 -6.54
N HIS A 79 2.97 -5.61 -7.62
CA HIS A 79 3.62 -6.88 -7.89
C HIS A 79 4.48 -7.31 -6.70
N GLY A 80 5.03 -6.33 -5.99
CA GLY A 80 5.85 -6.63 -4.84
C GLY A 80 5.09 -7.33 -3.73
N ILE A 81 3.80 -7.02 -3.62
CA ILE A 81 2.96 -7.63 -2.59
C ILE A 81 2.42 -8.98 -3.06
N THR A 82 1.79 -8.99 -4.23
CA THR A 82 1.24 -10.22 -4.79
C THR A 82 2.25 -11.35 -4.75
N SER A 83 3.39 -11.13 -5.40
CA SER A 83 4.45 -12.13 -5.45
C SER A 83 4.91 -12.51 -4.04
N TYR A 84 4.87 -11.54 -3.14
CA TYR A 84 5.28 -11.76 -1.76
C TYR A 84 4.30 -12.68 -1.04
N TYR A 85 3.05 -12.67 -1.50
CA TYR A 85 2.01 -13.49 -0.90
C TYR A 85 2.02 -14.90 -1.48
N HIS A 86 2.56 -15.03 -2.68
CA HIS A 86 2.64 -16.33 -3.36
C HIS A 86 4.00 -16.98 -3.11
N GLU A 87 5.02 -16.16 -2.93
CA GLU A 87 6.37 -16.64 -2.69
C GLU A 87 6.68 -16.71 -1.19
N PHE A 88 6.81 -15.54 -0.57
CA PHE A 88 7.11 -15.46 0.86
C PHE A 88 6.13 -16.31 1.65
N LEU A 89 4.87 -15.89 1.70
CA LEU A 89 3.84 -16.61 2.43
C LEU A 89 3.45 -17.88 1.70
N GLY A 90 2.98 -17.73 0.46
CA GLY A 90 2.58 -18.87 -0.33
C GLY A 90 1.13 -18.78 -0.78
N GLN A 91 0.36 -17.91 -0.15
CA GLN A 91 -1.04 -17.72 -0.50
C GLN A 91 -1.18 -16.86 -1.76
N GLN A 92 -2.43 -16.59 -2.14
CA GLN A 92 -2.70 -15.78 -3.32
C GLN A 92 -3.60 -14.60 -2.98
N ILE A 93 -4.00 -13.85 -4.00
CA ILE A 93 -4.87 -12.69 -3.81
C ILE A 93 -6.04 -12.71 -4.77
N SER A 94 -7.23 -12.45 -4.26
CA SER A 94 -8.44 -12.43 -5.08
C SER A 94 -8.57 -11.13 -5.85
N GLU A 95 -9.14 -11.20 -7.06
CA GLU A 95 -9.32 -10.02 -7.89
C GLU A 95 -10.00 -8.90 -7.12
N GLU A 96 -10.60 -9.26 -5.98
CA GLU A 96 -11.30 -8.27 -5.15
C GLU A 96 -10.30 -7.33 -4.48
N LEU A 97 -9.11 -7.84 -4.20
CA LEU A 97 -8.07 -7.03 -3.57
C LEU A 97 -7.17 -6.38 -4.61
N ILE A 98 -7.08 -7.01 -5.77
CA ILE A 98 -6.26 -6.48 -6.86
C ILE A 98 -6.65 -5.06 -7.21
N PRO A 99 -5.78 -4.09 -6.86
CA PRO A 99 -6.02 -2.67 -7.13
C PRO A 99 -5.94 -2.35 -8.62
N ASP A 100 -6.62 -1.27 -9.02
CA ASP A 100 -6.62 -0.85 -10.41
C ASP A 100 -5.68 0.32 -10.63
N LEU A 101 -4.45 0.03 -11.03
CA LEU A 101 -3.45 1.06 -11.27
C LEU A 101 -3.87 1.97 -12.43
N ASN A 102 -4.41 1.37 -13.48
CA ASN A 102 -4.86 2.11 -14.65
C ASN A 102 -5.89 3.18 -14.26
N GLN A 103 -6.73 2.84 -13.29
CA GLN A 103 -7.76 3.76 -12.82
C GLN A 103 -7.21 4.69 -11.75
N ILE A 104 -6.01 4.38 -11.25
CA ILE A 104 -5.38 5.20 -10.22
C ILE A 104 -4.40 6.19 -10.84
N THR A 105 -3.85 5.84 -12.00
CA THR A 105 -2.90 6.70 -12.69
C THR A 105 -3.62 7.63 -13.67
N GLU A 106 -4.77 7.18 -14.18
CA GLU A 106 -5.54 7.96 -15.13
C GLU A 106 -6.64 8.75 -14.41
N CYS A 107 -7.24 8.13 -13.41
CA CYS A 107 -8.31 8.76 -12.66
C CYS A 107 -7.82 9.20 -11.27
N ALA A 108 -7.11 8.30 -10.60
CA ALA A 108 -6.58 8.60 -9.28
C ALA A 108 -7.68 8.59 -8.23
N ASP A 109 -8.75 7.86 -8.50
CA ASP A 109 -9.88 7.77 -7.58
C ASP A 109 -9.42 7.34 -6.20
N PRO A 110 -10.07 7.87 -5.16
CA PRO A 110 -9.75 7.55 -3.77
C PRO A 110 -10.12 6.12 -3.40
N VAL A 111 -11.09 5.56 -4.12
CA VAL A 111 -11.55 4.20 -3.86
C VAL A 111 -10.51 3.18 -4.34
N GLU A 112 -10.08 3.32 -5.58
CA GLU A 112 -9.09 2.42 -6.17
C GLU A 112 -7.75 2.57 -5.46
N LEU A 113 -7.32 3.80 -5.26
CA LEU A 113 -6.05 4.09 -4.61
C LEU A 113 -5.91 3.29 -3.32
N GLY A 114 -6.97 3.29 -2.51
CA GLY A 114 -6.95 2.55 -1.25
C GLY A 114 -6.64 1.09 -1.46
N ARG A 115 -7.13 0.52 -2.55
CA ARG A 115 -6.91 -0.89 -2.85
C ARG A 115 -5.42 -1.23 -2.79
N LEU A 116 -4.60 -0.39 -3.40
CA LEU A 116 -3.15 -0.60 -3.42
C LEU A 116 -2.59 -0.55 -2.00
N LEU A 117 -2.90 0.51 -1.28
CA LEU A 117 -2.43 0.68 0.09
C LEU A 117 -2.68 -0.58 0.91
N GLN A 118 -3.78 -1.26 0.62
CA GLN A 118 -4.13 -2.48 1.33
C GLN A 118 -3.06 -3.54 1.15
N LEU A 119 -2.65 -3.76 -0.09
CA LEU A 119 -1.62 -4.76 -0.40
C LEU A 119 -0.37 -4.53 0.46
N ILE A 120 0.01 -3.27 0.61
CA ILE A 120 1.18 -2.93 1.41
C ILE A 120 0.89 -3.03 2.90
N LEU A 121 -0.32 -2.63 3.28
CA LEU A 121 -0.73 -2.69 4.68
C LEU A 121 -0.83 -4.13 5.18
N GLY A 122 -0.97 -5.06 4.22
CA GLY A 122 -1.07 -6.46 4.57
C GLY A 122 0.26 -7.06 4.95
N CYS A 123 1.25 -6.91 4.07
CA CYS A 123 2.59 -7.45 4.31
C CYS A 123 3.16 -6.89 5.60
N ALA A 124 2.62 -5.78 6.05
CA ALA A 124 3.09 -5.14 7.28
C ALA A 124 2.55 -5.86 8.51
N VAL A 125 1.63 -6.78 8.29
CA VAL A 125 1.03 -7.55 9.38
C VAL A 125 1.32 -9.03 9.24
N ASN A 126 2.02 -9.40 8.16
CA ASN A 126 2.36 -10.78 7.89
C ASN A 126 3.86 -10.94 7.67
N CYS A 127 4.65 -10.14 8.38
CA CYS A 127 6.10 -10.19 8.24
C CYS A 127 6.76 -10.34 9.61
N GLU A 128 8.10 -10.39 9.61
CA GLU A 128 8.85 -10.53 10.85
C GLU A 128 8.78 -9.26 11.69
N LYS A 129 8.94 -8.11 11.04
CA LYS A 129 8.89 -6.83 11.73
C LYS A 129 7.45 -6.35 11.89
N LYS A 130 6.52 -7.12 11.34
CA LYS A 130 5.10 -6.77 11.43
C LYS A 130 4.80 -6.07 12.75
N GLN A 131 5.22 -6.68 13.85
CA GLN A 131 4.99 -6.11 15.17
C GLN A 131 5.43 -4.65 15.22
N GLU A 132 6.62 -4.38 14.70
CA GLU A 132 7.16 -3.03 14.68
C GLU A 132 6.15 -2.04 14.10
N HIS A 133 5.28 -2.54 13.21
CA HIS A 133 4.26 -1.71 12.58
C HIS A 133 2.96 -1.75 13.39
N ILE A 134 2.58 -2.94 13.83
CA ILE A 134 1.36 -3.11 14.60
C ILE A 134 1.23 -2.04 15.67
N LYS A 135 2.35 -1.70 16.29
CA LYS A 135 2.37 -0.68 17.34
C LYS A 135 2.00 0.69 16.77
N ASN A 136 2.38 0.93 15.51
CA ASN A 136 2.09 2.19 14.85
C ASN A 136 0.59 2.36 14.64
N ILE A 137 -0.06 1.31 14.15
CA ILE A 137 -1.49 1.34 13.90
C ILE A 137 -2.26 1.76 15.15
N MET A 138 -1.78 1.30 16.30
CA MET A 138 -2.43 1.64 17.57
C MET A 138 -2.33 3.14 17.85
N THR A 139 -1.18 3.72 17.56
CA THR A 139 -0.97 5.14 17.78
C THR A 139 -1.89 5.98 16.91
N LEU A 140 -2.37 5.39 15.82
CA LEU A 140 -3.28 6.08 14.91
C LEU A 140 -4.60 6.39 15.58
N GLU A 141 -5.37 7.30 14.99
CA GLU A 141 -6.66 7.68 15.54
C GLU A 141 -7.61 6.49 15.61
N GLU A 142 -8.39 6.43 16.68
CA GLU A 142 -9.34 5.34 16.86
C GLU A 142 -9.95 4.92 15.53
N SER A 143 -10.75 5.79 14.95
CA SER A 143 -11.40 5.50 13.68
C SER A 143 -10.43 4.84 12.70
N VAL A 144 -9.21 5.37 12.65
CA VAL A 144 -8.18 4.83 11.77
C VAL A 144 -7.85 3.38 12.12
N GLN A 145 -7.53 3.16 13.39
CA GLN A 145 -7.18 1.82 13.86
C GLN A 145 -8.16 0.78 13.32
N HIS A 146 -9.44 1.16 13.27
CA HIS A 146 -10.48 0.25 12.77
C HIS A 146 -10.20 -0.12 11.31
N VAL A 147 -10.33 0.86 10.42
CA VAL A 147 -10.10 0.63 9.00
C VAL A 147 -8.76 -0.05 8.77
N VAL A 148 -7.70 0.52 9.32
CA VAL A 148 -6.36 -0.03 9.17
C VAL A 148 -6.31 -1.47 9.63
N MET A 149 -7.10 -1.79 10.65
CA MET A 149 -7.14 -3.14 11.19
C MET A 149 -8.05 -4.03 10.36
N THR A 150 -9.08 -3.43 9.76
CA THR A 150 -10.01 -4.17 8.93
C THR A 150 -9.33 -4.75 7.70
N ALA A 151 -8.61 -3.92 6.98
CA ALA A 151 -7.90 -4.36 5.79
C ALA A 151 -7.22 -5.70 6.00
N ILE A 152 -6.54 -5.85 7.14
CA ILE A 152 -5.86 -7.09 7.46
C ILE A 152 -6.81 -8.27 7.40
N GLN A 153 -7.92 -8.18 8.12
CA GLN A 153 -8.91 -9.24 8.14
C GLN A 153 -9.43 -9.54 6.73
N GLU A 154 -9.72 -8.47 5.99
CA GLU A 154 -10.23 -8.61 4.62
C GLU A 154 -9.16 -9.20 3.71
N LEU A 155 -7.90 -9.11 4.14
CA LEU A 155 -6.79 -9.63 3.35
C LEU A 155 -6.63 -11.14 3.58
N MET A 156 -6.83 -11.57 4.81
CA MET A 156 -6.71 -12.97 5.16
C MET A 156 -7.92 -13.76 4.67
N SER A 157 -9.08 -13.12 4.68
CA SER A 157 -10.32 -13.75 4.24
C SER A 157 -10.24 -14.12 2.75
N LYS A 158 -9.43 -13.37 2.01
CA LYS A 158 -9.26 -13.61 0.59
C LYS A 158 -7.89 -14.19 0.28
N SER A 159 -7.14 -14.49 1.33
CA SER A 159 -5.79 -15.05 1.18
C SER A 159 -5.86 -16.54 0.87
N GLY A 160 -6.63 -17.28 1.67
CA GLY A 160 -6.75 -18.71 1.47
C GLY A 160 -5.58 -19.48 2.02
N PRO A 161 -5.64 -19.81 3.32
CA PRO A 161 -4.58 -20.56 4.00
C PRO A 161 -4.51 -22.01 3.54
N SER A 162 -3.30 -22.47 3.24
CA SER A 162 -3.10 -23.85 2.79
C SER A 162 -1.79 -24.41 3.32
N SER A 163 -1.83 -25.65 3.80
CA SER A 163 -0.64 -26.29 4.34
C SER A 163 -0.14 -27.38 3.40
N GLY A 164 1.17 -27.40 3.18
CA GLY A 164 1.76 -28.40 2.30
C GLY A 164 2.64 -27.77 1.24
N GLY A 1 -4.96 26.78 0.83
CA GLY A 1 -4.84 25.41 1.29
C GLY A 1 -5.99 24.55 0.82
N SER A 2 -6.64 23.86 1.77
CA SER A 2 -7.76 22.99 1.44
C SER A 2 -8.82 23.05 2.54
N SER A 3 -10.00 23.55 2.19
CA SER A 3 -11.10 23.67 3.14
C SER A 3 -11.49 22.30 3.68
N GLY A 4 -11.96 21.43 2.79
CA GLY A 4 -12.36 20.09 3.20
C GLY A 4 -12.12 19.06 2.13
N SER A 5 -11.49 17.94 2.50
CA SER A 5 -11.20 16.87 1.56
C SER A 5 -12.30 15.82 1.55
N SER A 6 -12.21 14.87 0.64
CA SER A 6 -13.21 13.81 0.53
C SER A 6 -12.55 12.49 0.14
N GLY A 7 -13.26 11.39 0.39
CA GLY A 7 -12.73 10.08 0.06
C GLY A 7 -13.24 9.00 0.99
N LEU A 8 -13.34 7.78 0.48
CA LEU A 8 -13.82 6.65 1.28
C LEU A 8 -12.90 6.39 2.46
N PRO A 9 -13.36 5.56 3.40
CA PRO A 9 -12.59 5.20 4.60
C PRO A 9 -11.39 4.31 4.26
N LEU A 10 -11.65 3.24 3.51
CA LEU A 10 -10.59 2.32 3.13
C LEU A 10 -9.34 3.07 2.69
N CYS A 11 -9.52 4.30 2.24
CA CYS A 11 -8.41 5.13 1.80
C CYS A 11 -8.17 6.30 2.74
N ASP A 12 -9.27 6.83 3.28
CA ASP A 12 -9.19 7.95 4.21
C ASP A 12 -8.53 7.54 5.52
N SER A 13 -8.24 6.25 5.65
CA SER A 13 -7.62 5.72 6.85
C SER A 13 -6.19 5.26 6.57
N LEU A 14 -6.05 4.34 5.63
CA LEU A 14 -4.75 3.82 5.26
C LEU A 14 -3.71 4.94 5.20
N ILE A 15 -4.10 6.06 4.61
CA ILE A 15 -3.21 7.20 4.47
C ILE A 15 -2.56 7.55 5.82
N ILE A 16 -3.40 7.69 6.85
CA ILE A 16 -2.91 8.02 8.18
C ILE A 16 -1.82 7.04 8.62
N TRP A 17 -1.96 5.79 8.21
CA TRP A 17 -0.99 4.75 8.55
C TRP A 17 0.29 4.91 7.75
N LEU A 18 0.14 5.15 6.45
CA LEU A 18 1.29 5.33 5.57
C LEU A 18 2.10 6.56 5.97
N GLN A 19 1.50 7.42 6.78
CA GLN A 19 2.16 8.64 7.23
C GLN A 19 3.36 8.30 8.13
N THR A 20 3.37 7.08 8.65
CA THR A 20 4.45 6.65 9.53
C THR A 20 5.78 6.60 8.78
N PHE A 21 5.71 6.66 7.45
CA PHE A 21 6.91 6.64 6.63
C PHE A 21 7.17 8.01 6.01
N LYS A 22 8.19 8.69 6.53
CA LYS A 22 8.55 10.01 6.03
C LYS A 22 9.41 9.91 4.78
N THR A 23 9.37 8.75 4.14
CA THR A 23 10.15 8.51 2.93
C THR A 23 10.20 9.77 2.06
N ALA A 24 11.24 9.87 1.23
CA ALA A 24 11.40 11.01 0.35
C ALA A 24 10.04 11.51 -0.16
N SER A 25 9.13 10.58 -0.36
CA SER A 25 7.79 10.92 -0.85
C SER A 25 6.78 10.92 0.28
N PRO A 26 6.19 12.10 0.55
CA PRO A 26 5.19 12.27 1.62
C PRO A 26 3.87 11.58 1.28
N CYS A 27 2.96 11.55 2.24
CA CYS A 27 1.66 10.93 2.05
C CYS A 27 0.55 11.82 2.59
N GLN A 28 0.12 12.77 1.77
CA GLN A 28 -0.95 13.70 2.17
C GLN A 28 -2.29 13.26 1.60
N ASP A 29 -2.47 13.48 0.29
CA ASP A 29 -3.72 13.10 -0.37
C ASP A 29 -3.52 11.84 -1.20
N VAL A 30 -4.58 11.42 -1.88
CA VAL A 30 -4.53 10.22 -2.71
C VAL A 30 -3.78 10.49 -4.02
N LYS A 31 -4.02 11.65 -4.59
CA LYS A 31 -3.36 12.03 -5.84
C LYS A 31 -1.85 12.13 -5.65
N GLN A 32 -1.42 12.33 -4.42
CA GLN A 32 -0.01 12.44 -4.11
C GLN A 32 0.63 11.06 -3.97
N LEU A 33 -0.16 10.08 -3.55
CA LEU A 33 0.33 8.72 -3.38
C LEU A 33 0.35 7.98 -4.72
N THR A 34 -0.57 8.34 -5.61
CA THR A 34 -0.66 7.72 -6.91
C THR A 34 0.72 7.61 -7.56
N ASN A 35 1.63 8.49 -7.15
CA ASN A 35 2.99 8.50 -7.69
C ASN A 35 3.62 7.11 -7.61
N GLY A 36 3.36 6.42 -6.50
CA GLY A 36 3.91 5.09 -6.32
C GLY A 36 5.21 5.11 -5.52
N VAL A 37 5.96 6.19 -5.66
CA VAL A 37 7.23 6.33 -4.94
C VAL A 37 7.06 6.13 -3.44
N THR A 38 5.98 6.70 -2.90
CA THR A 38 5.69 6.58 -1.48
C THR A 38 5.45 5.13 -1.08
N MET A 39 4.56 4.46 -1.81
CA MET A 39 4.25 3.06 -1.53
C MET A 39 5.51 2.22 -1.52
N ALA A 40 6.28 2.30 -2.60
CA ALA A 40 7.52 1.53 -2.71
C ALA A 40 8.46 1.84 -1.55
N GLN A 41 8.79 3.12 -1.39
CA GLN A 41 9.69 3.54 -0.32
C GLN A 41 9.25 2.96 1.02
N VAL A 42 7.96 2.67 1.14
CA VAL A 42 7.41 2.10 2.37
C VAL A 42 7.61 0.59 2.41
N LEU A 43 7.24 -0.07 1.32
CA LEU A 43 7.37 -1.53 1.23
C LEU A 43 8.78 -1.97 1.61
N HIS A 44 9.76 -1.16 1.27
CA HIS A 44 11.16 -1.46 1.59
C HIS A 44 11.37 -1.56 3.10
N GLN A 45 10.67 -0.70 3.83
CA GLN A 45 10.78 -0.67 5.29
C GLN A 45 10.07 -1.87 5.91
N ILE A 46 9.13 -2.44 5.18
CA ILE A 46 8.38 -3.60 5.65
C ILE A 46 9.26 -4.84 5.70
N ASP A 47 10.03 -5.05 4.64
CA ASP A 47 10.92 -6.21 4.57
C ASP A 47 11.95 -6.04 3.46
N VAL A 48 13.21 -5.80 3.84
CA VAL A 48 14.28 -5.61 2.88
C VAL A 48 14.54 -6.88 2.08
N ALA A 49 14.32 -8.03 2.72
CA ALA A 49 14.53 -9.31 2.07
C ALA A 49 13.81 -9.37 0.72
N TRP A 50 12.57 -8.88 0.70
CA TRP A 50 11.78 -8.88 -0.52
C TRP A 50 11.82 -7.51 -1.18
N PHE A 51 11.94 -6.46 -0.38
CA PHE A 51 11.99 -5.10 -0.90
C PHE A 51 13.31 -4.42 -0.52
N SER A 52 14.38 -4.78 -1.22
CA SER A 52 15.68 -4.21 -0.95
C SER A 52 15.94 -2.98 -1.83
N GLU A 53 16.76 -2.07 -1.34
CA GLU A 53 17.09 -0.85 -2.07
C GLU A 53 17.18 -1.13 -3.57
N SER A 54 17.58 -2.36 -3.91
CA SER A 54 17.71 -2.75 -5.31
C SER A 54 16.39 -2.59 -6.05
N TRP A 55 15.32 -3.13 -5.47
CA TRP A 55 14.01 -3.04 -6.07
C TRP A 55 13.53 -1.60 -6.16
N LEU A 56 13.48 -0.92 -5.01
CA LEU A 56 13.05 0.47 -4.97
C LEU A 56 13.88 1.34 -5.91
N SER A 57 15.06 0.84 -6.27
CA SER A 57 15.95 1.56 -7.17
C SER A 57 15.35 1.66 -8.57
N ARG A 58 14.29 0.90 -8.81
CA ARG A 58 13.61 0.91 -10.10
C ARG A 58 12.47 1.92 -10.11
N ILE A 59 12.15 2.47 -8.94
CA ILE A 59 11.08 3.44 -8.82
C ILE A 59 11.60 4.87 -8.98
N LYS A 60 10.83 5.71 -9.65
CA LYS A 60 11.21 7.10 -9.86
C LYS A 60 10.17 8.05 -9.27
N ASP A 61 10.59 9.28 -9.00
CA ASP A 61 9.69 10.28 -8.44
C ASP A 61 9.44 11.41 -9.43
N ASP A 62 10.17 11.38 -10.56
CA ASP A 62 10.02 12.40 -11.58
C ASP A 62 8.57 12.52 -12.04
N VAL A 63 7.76 11.54 -11.67
CA VAL A 63 6.35 11.53 -12.03
C VAL A 63 5.73 12.91 -11.86
N GLY A 64 6.29 13.70 -10.95
CA GLY A 64 5.79 15.04 -10.70
C GLY A 64 5.21 15.68 -11.95
N ASP A 65 6.00 15.70 -13.02
CA ASP A 65 5.57 16.29 -14.28
C ASP A 65 5.24 15.20 -15.31
N ASN A 66 5.47 13.95 -14.92
CA ASN A 66 5.20 12.82 -15.80
C ASN A 66 4.14 11.90 -15.21
N TRP A 67 3.13 11.58 -16.02
CA TRP A 67 2.05 10.71 -15.56
C TRP A 67 2.33 9.25 -15.93
N ARG A 68 3.11 9.06 -16.99
CA ARG A 68 3.45 7.71 -17.44
C ARG A 68 4.38 7.02 -16.44
N ILE A 69 5.35 7.78 -15.93
CA ILE A 69 6.30 7.23 -14.97
C ILE A 69 5.58 6.66 -13.75
N LYS A 70 4.44 7.26 -13.41
CA LYS A 70 3.65 6.80 -12.27
C LYS A 70 3.29 5.33 -12.41
N ALA A 71 2.56 5.02 -13.47
CA ALA A 71 2.13 3.65 -13.73
C ALA A 71 3.30 2.68 -13.56
N SER A 72 4.35 2.89 -14.33
CA SER A 72 5.54 2.02 -14.26
C SER A 72 5.83 1.62 -12.82
N ASN A 73 5.80 2.59 -11.92
CA ASN A 73 6.07 2.34 -10.51
C ASN A 73 4.95 1.50 -9.89
N LEU A 74 3.74 2.06 -9.88
CA LEU A 74 2.59 1.37 -9.31
C LEU A 74 2.60 -0.12 -9.68
N LYS A 75 2.97 -0.40 -10.93
CA LYS A 75 3.04 -1.78 -11.40
C LYS A 75 3.95 -2.62 -10.52
N LYS A 76 5.20 -2.20 -10.40
CA LYS A 76 6.18 -2.91 -9.58
C LYS A 76 5.67 -3.07 -8.14
N VAL A 77 5.09 -2.00 -7.61
CA VAL A 77 4.57 -2.03 -6.25
C VAL A 77 3.55 -3.15 -6.07
N LEU A 78 2.60 -3.25 -7.00
CA LEU A 78 1.58 -4.28 -6.95
C LEU A 78 2.21 -5.67 -6.90
N HIS A 79 2.96 -6.01 -7.94
CA HIS A 79 3.62 -7.31 -8.03
C HIS A 79 4.45 -7.57 -6.77
N GLY A 80 5.19 -6.56 -6.33
CA GLY A 80 6.02 -6.71 -5.15
C GLY A 80 5.25 -7.28 -3.97
N ILE A 81 3.96 -6.96 -3.89
CA ILE A 81 3.12 -7.45 -2.81
C ILE A 81 2.51 -8.80 -3.15
N THR A 82 1.92 -8.90 -4.35
CA THR A 82 1.30 -10.13 -4.79
C THR A 82 2.28 -11.30 -4.74
N SER A 83 3.44 -11.12 -5.37
CA SER A 83 4.47 -12.14 -5.40
C SER A 83 4.88 -12.55 -3.98
N TYR A 84 4.74 -11.62 -3.04
CA TYR A 84 5.08 -11.87 -1.65
C TYR A 84 4.02 -12.72 -0.97
N TYR A 85 2.80 -12.67 -1.50
CA TYR A 85 1.69 -13.43 -0.95
C TYR A 85 1.67 -14.85 -1.51
N HIS A 86 2.25 -15.02 -2.69
CA HIS A 86 2.29 -16.32 -3.34
C HIS A 86 3.60 -17.04 -3.03
N GLU A 87 4.67 -16.27 -2.83
CA GLU A 87 5.98 -16.83 -2.52
C GLU A 87 6.21 -16.88 -1.01
N PHE A 88 6.39 -15.71 -0.41
CA PHE A 88 6.62 -15.61 1.03
C PHE A 88 5.58 -16.42 1.80
N LEU A 89 4.35 -15.93 1.80
CA LEU A 89 3.25 -16.60 2.50
C LEU A 89 2.84 -17.86 1.76
N GLY A 90 2.38 -17.71 0.53
CA GLY A 90 1.96 -18.84 -0.26
C GLY A 90 0.53 -18.72 -0.73
N GLN A 91 -0.18 -17.71 -0.23
CA GLN A 91 -1.57 -17.49 -0.60
C GLN A 91 -1.67 -16.66 -1.87
N GLN A 92 -2.89 -16.38 -2.31
CA GLN A 92 -3.12 -15.60 -3.51
C GLN A 92 -3.94 -14.35 -3.21
N ILE A 93 -4.31 -13.62 -4.25
CA ILE A 93 -5.09 -12.40 -4.09
C ILE A 93 -6.28 -12.38 -5.05
N SER A 94 -7.43 -11.97 -4.54
CA SER A 94 -8.64 -11.91 -5.35
C SER A 94 -8.74 -10.57 -6.08
N GLU A 95 -9.38 -10.59 -7.25
CA GLU A 95 -9.53 -9.37 -8.05
C GLU A 95 -10.13 -8.24 -7.22
N GLU A 96 -10.70 -8.60 -6.08
CA GLU A 96 -11.33 -7.63 -5.19
C GLU A 96 -10.26 -6.77 -4.50
N LEU A 97 -9.08 -7.35 -4.30
CA LEU A 97 -7.99 -6.64 -3.65
C LEU A 97 -7.06 -6.00 -4.69
N ILE A 98 -6.96 -6.65 -5.85
CA ILE A 98 -6.12 -6.14 -6.93
C ILE A 98 -6.35 -4.65 -7.16
N PRO A 99 -5.40 -3.83 -6.71
CA PRO A 99 -5.47 -2.37 -6.86
C PRO A 99 -5.31 -1.93 -8.31
N ASP A 100 -6.41 -1.48 -8.92
CA ASP A 100 -6.38 -1.03 -10.31
C ASP A 100 -5.47 0.18 -10.46
N LEU A 101 -4.26 -0.03 -10.96
CA LEU A 101 -3.29 1.04 -11.16
C LEU A 101 -3.72 1.94 -12.32
N ASN A 102 -4.10 1.32 -13.44
CA ASN A 102 -4.51 2.06 -14.62
C ASN A 102 -5.59 3.08 -14.26
N GLN A 103 -6.42 2.75 -13.28
CA GLN A 103 -7.49 3.64 -12.84
C GLN A 103 -6.98 4.60 -11.78
N ILE A 104 -5.82 4.31 -11.22
CA ILE A 104 -5.23 5.16 -10.19
C ILE A 104 -4.28 6.19 -10.80
N THR A 105 -3.68 5.83 -11.93
CA THR A 105 -2.75 6.73 -12.61
C THR A 105 -3.49 7.61 -13.63
N GLU A 106 -4.60 7.10 -14.14
CA GLU A 106 -5.39 7.84 -15.12
C GLU A 106 -6.54 8.59 -14.44
N CYS A 107 -7.13 7.96 -13.43
CA CYS A 107 -8.24 8.57 -12.70
C CYS A 107 -7.80 8.96 -11.29
N ALA A 108 -7.10 8.06 -10.61
CA ALA A 108 -6.63 8.32 -9.26
C ALA A 108 -7.77 8.25 -8.25
N ASP A 109 -8.80 7.50 -8.59
CA ASP A 109 -9.97 7.35 -7.72
C ASP A 109 -9.53 6.98 -6.30
N PRO A 110 -10.23 7.56 -5.30
CA PRO A 110 -9.92 7.31 -3.89
C PRO A 110 -10.28 5.90 -3.46
N VAL A 111 -11.16 5.25 -4.23
CA VAL A 111 -11.58 3.89 -3.93
C VAL A 111 -10.52 2.88 -4.34
N GLU A 112 -9.92 3.10 -5.51
CA GLU A 112 -8.89 2.21 -6.02
C GLU A 112 -7.57 2.43 -5.30
N LEU A 113 -7.18 3.70 -5.17
CA LEU A 113 -5.94 4.06 -4.50
C LEU A 113 -5.83 3.35 -3.15
N GLY A 114 -6.92 3.33 -2.40
CA GLY A 114 -6.93 2.69 -1.10
C GLY A 114 -6.55 1.22 -1.18
N ARG A 115 -7.03 0.55 -2.23
CA ARG A 115 -6.74 -0.87 -2.42
C ARG A 115 -5.24 -1.11 -2.51
N LEU A 116 -4.55 -0.25 -3.25
CA LEU A 116 -3.12 -0.37 -3.42
C LEU A 116 -2.39 -0.33 -2.08
N LEU A 117 -2.85 0.56 -1.19
CA LEU A 117 -2.26 0.70 0.12
C LEU A 117 -2.57 -0.51 1.00
N GLN A 118 -3.78 -1.03 0.86
CA GLN A 118 -4.21 -2.20 1.63
C GLN A 118 -3.18 -3.32 1.54
N LEU A 119 -2.83 -3.70 0.31
CA LEU A 119 -1.87 -4.76 0.09
C LEU A 119 -0.60 -4.53 0.90
N ILE A 120 -0.08 -3.30 0.85
CA ILE A 120 1.12 -2.95 1.60
C ILE A 120 0.90 -3.06 3.09
N LEU A 121 -0.27 -2.62 3.54
CA LEU A 121 -0.62 -2.67 4.96
C LEU A 121 -0.83 -4.11 5.42
N GLY A 122 -1.05 -5.00 4.47
CA GLY A 122 -1.26 -6.40 4.79
C GLY A 122 0.03 -7.12 5.11
N CYS A 123 1.00 -7.03 4.19
CA CYS A 123 2.29 -7.68 4.38
C CYS A 123 3.00 -7.14 5.62
N ALA A 124 2.50 -6.03 6.14
CA ALA A 124 3.09 -5.42 7.32
C ALA A 124 2.60 -6.11 8.59
N VAL A 125 1.71 -7.07 8.43
CA VAL A 125 1.17 -7.81 9.57
C VAL A 125 1.55 -9.29 9.49
N ASN A 126 2.18 -9.67 8.38
CA ASN A 126 2.59 -11.06 8.19
C ASN A 126 4.08 -11.13 7.85
N CYS A 127 4.89 -10.38 8.59
CA CYS A 127 6.33 -10.36 8.37
C CYS A 127 7.08 -10.44 9.69
N GLU A 128 8.41 -10.33 9.62
CA GLU A 128 9.24 -10.40 10.81
C GLU A 128 9.18 -9.08 11.60
N LYS A 129 9.17 -7.97 10.87
CA LYS A 129 9.10 -6.65 11.50
C LYS A 129 7.66 -6.24 11.73
N LYS A 130 6.72 -7.05 11.26
CA LYS A 130 5.30 -6.78 11.43
C LYS A 130 5.04 -6.03 12.73
N GLN A 131 5.51 -6.61 13.84
CA GLN A 131 5.33 -5.99 15.14
C GLN A 131 5.74 -4.52 15.12
N GLU A 132 6.90 -4.24 14.55
CA GLU A 132 7.40 -2.87 14.47
C GLU A 132 6.36 -1.96 13.83
N HIS A 133 5.46 -2.54 13.04
CA HIS A 133 4.41 -1.78 12.38
C HIS A 133 3.12 -1.77 13.21
N ILE A 134 2.72 -2.96 13.65
CA ILE A 134 1.51 -3.09 14.45
C ILE A 134 1.36 -1.94 15.43
N LYS A 135 2.48 -1.54 16.03
CA LYS A 135 2.49 -0.44 16.99
C LYS A 135 2.10 0.87 16.33
N ASN A 136 2.56 1.07 15.09
CA ASN A 136 2.25 2.28 14.34
C ASN A 136 0.75 2.46 14.19
N ILE A 137 0.03 1.36 14.06
CA ILE A 137 -1.42 1.40 13.92
C ILE A 137 -2.08 1.88 15.20
N MET A 138 -1.60 1.38 16.34
CA MET A 138 -2.15 1.77 17.63
C MET A 138 -2.00 3.26 17.87
N THR A 139 -0.86 3.81 17.45
CA THR A 139 -0.59 5.23 17.61
C THR A 139 -1.58 6.08 16.83
N LEU A 140 -2.09 5.53 15.74
CA LEU A 140 -3.06 6.23 14.91
C LEU A 140 -4.36 6.49 15.67
N GLU A 141 -5.24 7.27 15.07
CA GLU A 141 -6.52 7.60 15.69
C GLU A 141 -7.39 6.35 15.82
N GLU A 142 -8.39 6.42 16.71
CA GLU A 142 -9.30 5.31 16.93
C GLU A 142 -9.98 4.90 15.63
N SER A 143 -10.48 5.89 14.89
CA SER A 143 -11.17 5.64 13.63
C SER A 143 -10.24 4.93 12.64
N VAL A 144 -9.20 5.63 12.21
CA VAL A 144 -8.25 5.07 11.27
C VAL A 144 -7.83 3.67 11.68
N GLN A 145 -7.63 3.47 12.97
CA GLN A 145 -7.23 2.17 13.49
C GLN A 145 -8.21 1.08 13.06
N HIS A 146 -9.51 1.39 13.13
CA HIS A 146 -10.54 0.44 12.74
C HIS A 146 -10.36 -0.01 11.29
N VAL A 147 -10.29 0.95 10.38
CA VAL A 147 -10.11 0.66 8.97
C VAL A 147 -8.77 -0.02 8.71
N VAL A 148 -7.73 0.44 9.41
CA VAL A 148 -6.40 -0.12 9.27
C VAL A 148 -6.34 -1.55 9.78
N MET A 149 -7.13 -1.83 10.82
CA MET A 149 -7.17 -3.16 11.41
C MET A 149 -8.08 -4.09 10.60
N THR A 150 -9.11 -3.52 9.99
CA THR A 150 -10.04 -4.29 9.18
C THR A 150 -9.38 -4.83 7.92
N ALA A 151 -8.76 -3.93 7.15
CA ALA A 151 -8.09 -4.32 5.92
C ALA A 151 -7.36 -5.65 6.09
N ILE A 152 -6.64 -5.79 7.19
CA ILE A 152 -5.90 -7.02 7.47
C ILE A 152 -6.79 -8.24 7.34
N GLN A 153 -7.91 -8.23 8.04
CA GLN A 153 -8.86 -9.34 8.00
C GLN A 153 -9.25 -9.68 6.57
N GLU A 154 -9.73 -8.66 5.84
CA GLU A 154 -10.13 -8.85 4.45
C GLU A 154 -9.01 -9.47 3.63
N LEU A 155 -7.80 -8.97 3.85
CA LEU A 155 -6.63 -9.47 3.12
C LEU A 155 -6.48 -10.98 3.30
N MET A 156 -6.43 -11.42 4.56
CA MET A 156 -6.29 -12.84 4.87
C MET A 156 -7.55 -13.60 4.49
N SER A 157 -8.68 -12.89 4.48
CA SER A 157 -9.97 -13.50 4.14
C SER A 157 -9.98 -13.95 2.68
N LYS A 158 -9.63 -13.04 1.78
CA LYS A 158 -9.61 -13.34 0.36
C LYS A 158 -8.60 -14.46 0.05
N SER A 159 -7.49 -14.45 0.78
CA SER A 159 -6.45 -15.46 0.59
C SER A 159 -7.05 -16.87 0.58
N GLY A 160 -6.66 -17.66 -0.41
CA GLY A 160 -7.17 -19.02 -0.50
C GLY A 160 -6.08 -20.06 -0.31
N PRO A 161 -6.18 -20.82 0.80
CA PRO A 161 -5.21 -21.85 1.14
C PRO A 161 -5.30 -23.06 0.20
N SER A 162 -4.15 -23.63 -0.13
CA SER A 162 -4.10 -24.78 -1.03
C SER A 162 -3.96 -26.08 -0.24
N SER A 163 -2.99 -26.11 0.67
CA SER A 163 -2.74 -27.29 1.49
C SER A 163 -2.91 -26.97 2.97
N GLY A 164 -2.83 -27.99 3.80
CA GLY A 164 -2.98 -27.80 5.23
C GLY A 164 -2.57 -29.02 6.03
N GLY A 1 -12.28 18.44 5.09
CA GLY A 1 -11.75 18.61 6.42
C GLY A 1 -10.28 19.00 6.42
N SER A 2 -9.52 18.42 7.34
CA SER A 2 -8.09 18.71 7.44
C SER A 2 -7.36 18.32 6.15
N SER A 3 -7.62 17.10 5.68
CA SER A 3 -6.98 16.61 4.46
C SER A 3 -7.54 17.32 3.23
N GLY A 4 -8.84 17.15 3.00
CA GLY A 4 -9.48 17.78 1.86
C GLY A 4 -10.00 16.77 0.86
N SER A 5 -11.31 16.79 0.62
CA SER A 5 -11.92 15.87 -0.32
C SER A 5 -11.53 14.43 -0.01
N SER A 6 -11.57 14.06 1.27
CA SER A 6 -11.20 12.72 1.70
C SER A 6 -12.16 11.68 1.10
N GLY A 7 -11.60 10.76 0.32
CA GLY A 7 -12.41 9.73 -0.30
C GLY A 7 -12.92 8.72 0.70
N LEU A 8 -13.32 7.55 0.20
CA LEU A 8 -13.82 6.48 1.06
C LEU A 8 -12.91 6.28 2.27
N PRO A 9 -13.40 5.51 3.26
CA PRO A 9 -12.64 5.21 4.48
C PRO A 9 -11.45 4.29 4.22
N LEU A 10 -11.72 3.17 3.55
CA LEU A 10 -10.68 2.20 3.23
C LEU A 10 -9.40 2.91 2.77
N CYS A 11 -9.57 4.08 2.18
CA CYS A 11 -8.44 4.86 1.70
C CYS A 11 -8.19 6.08 2.57
N ASP A 12 -9.27 6.68 3.07
CA ASP A 12 -9.17 7.86 3.93
C ASP A 12 -8.53 7.50 5.26
N SER A 13 -8.31 6.21 5.48
CA SER A 13 -7.71 5.73 6.72
C SER A 13 -6.31 5.19 6.47
N LEU A 14 -6.19 4.28 5.50
CA LEU A 14 -4.91 3.68 5.16
C LEU A 14 -3.83 4.76 5.00
N ILE A 15 -4.20 5.86 4.36
CA ILE A 15 -3.27 6.96 4.15
C ILE A 15 -2.58 7.36 5.44
N ILE A 16 -3.37 7.56 6.49
CA ILE A 16 -2.83 7.94 7.79
C ILE A 16 -1.77 6.96 8.25
N TRP A 17 -1.95 5.69 7.91
CA TRP A 17 -1.00 4.65 8.29
C TRP A 17 0.29 4.78 7.51
N LEU A 18 0.18 4.90 6.19
CA LEU A 18 1.35 5.03 5.33
C LEU A 18 2.17 6.27 5.70
N GLN A 19 1.50 7.26 6.28
CA GLN A 19 2.16 8.49 6.69
C GLN A 19 3.34 8.19 7.62
N THR A 20 3.17 7.20 8.48
CA THR A 20 4.20 6.81 9.43
C THR A 20 5.57 6.77 8.75
N PHE A 21 5.57 6.51 7.44
CA PHE A 21 6.80 6.44 6.68
C PHE A 21 7.13 7.80 6.04
N LYS A 22 8.09 8.50 6.62
CA LYS A 22 8.50 9.81 6.12
C LYS A 22 9.49 9.65 4.97
N THR A 23 9.30 8.61 4.17
CA THR A 23 10.18 8.36 3.03
C THR A 23 10.44 9.63 2.24
N ALA A 24 11.48 9.61 1.41
CA ALA A 24 11.84 10.76 0.60
C ALA A 24 10.59 11.40 -0.01
N SER A 25 9.55 10.61 -0.19
CA SER A 25 8.30 11.10 -0.77
C SER A 25 7.22 11.24 0.30
N PRO A 26 6.57 12.40 0.35
CA PRO A 26 5.52 12.69 1.32
C PRO A 26 4.25 11.88 1.04
N CYS A 27 3.27 12.00 1.93
CA CYS A 27 2.01 11.29 1.78
C CYS A 27 0.87 12.04 2.46
N GLN A 28 -0.03 12.59 1.66
CA GLN A 28 -1.17 13.34 2.19
C GLN A 28 -2.48 12.83 1.60
N ASP A 29 -2.67 13.07 0.31
CA ASP A 29 -3.89 12.64 -0.37
C ASP A 29 -3.60 11.45 -1.28
N VAL A 30 -4.62 11.02 -2.03
CA VAL A 30 -4.47 9.89 -2.94
C VAL A 30 -3.77 10.31 -4.23
N LYS A 31 -3.96 11.55 -4.62
CA LYS A 31 -3.34 12.08 -5.84
C LYS A 31 -1.84 12.22 -5.65
N GLN A 32 -1.39 12.25 -4.40
CA GLN A 32 0.03 12.39 -4.10
C GLN A 32 0.70 11.02 -4.03
N LEU A 33 -0.07 10.00 -3.65
CA LEU A 33 0.44 8.65 -3.54
C LEU A 33 0.22 7.87 -4.84
N THR A 34 -0.75 8.32 -5.63
CA THR A 34 -1.06 7.66 -6.89
C THR A 34 0.21 7.35 -7.68
N ASN A 35 1.27 8.09 -7.38
CA ASN A 35 2.56 7.89 -8.06
C ASN A 35 3.12 6.51 -7.77
N GLY A 36 3.16 6.15 -6.49
CA GLY A 36 3.68 4.85 -6.10
C GLY A 36 4.95 4.94 -5.27
N VAL A 37 5.86 5.82 -5.69
CA VAL A 37 7.11 6.02 -4.98
C VAL A 37 6.92 5.91 -3.47
N THR A 38 6.26 6.91 -2.90
CA THR A 38 6.00 6.93 -1.46
C THR A 38 5.68 5.53 -0.94
N MET A 39 4.92 4.77 -1.72
CA MET A 39 4.54 3.42 -1.34
C MET A 39 5.72 2.46 -1.48
N ALA A 40 6.27 2.37 -2.69
CA ALA A 40 7.41 1.50 -2.95
C ALA A 40 8.48 1.67 -1.90
N GLN A 41 8.75 2.92 -1.51
CA GLN A 41 9.76 3.22 -0.50
C GLN A 41 9.41 2.56 0.83
N VAL A 42 8.12 2.35 1.05
CA VAL A 42 7.65 1.73 2.29
C VAL A 42 7.89 0.22 2.28
N LEU A 43 7.72 -0.38 1.11
CA LEU A 43 7.91 -1.82 0.96
C LEU A 43 9.32 -2.23 1.38
N HIS A 44 10.30 -1.39 1.06
CA HIS A 44 11.68 -1.66 1.41
C HIS A 44 11.85 -1.72 2.93
N GLN A 45 10.92 -1.10 3.65
CA GLN A 45 10.97 -1.09 5.11
C GLN A 45 10.34 -2.34 5.69
N ILE A 46 9.14 -2.67 5.20
CA ILE A 46 8.42 -3.84 5.67
C ILE A 46 9.30 -5.09 5.58
N ASP A 47 9.70 -5.45 4.37
CA ASP A 47 10.54 -6.62 4.16
C ASP A 47 11.70 -6.29 3.22
N VAL A 48 12.73 -5.66 3.75
CA VAL A 48 13.90 -5.28 2.97
C VAL A 48 14.42 -6.47 2.16
N ALA A 49 14.30 -7.66 2.72
CA ALA A 49 14.74 -8.88 2.05
C ALA A 49 14.15 -8.97 0.64
N TRP A 50 12.82 -8.95 0.56
CA TRP A 50 12.14 -9.04 -0.72
C TRP A 50 12.18 -7.70 -1.45
N PHE A 51 12.19 -6.61 -0.69
CA PHE A 51 12.23 -5.27 -1.27
C PHE A 51 13.54 -4.57 -0.91
N SER A 52 14.57 -4.81 -1.73
CA SER A 52 15.87 -4.20 -1.50
C SER A 52 16.05 -2.96 -2.37
N GLU A 53 17.17 -2.27 -2.18
CA GLU A 53 17.46 -1.07 -2.95
C GLU A 53 17.50 -1.37 -4.45
N SER A 54 17.81 -2.63 -4.78
CA SER A 54 17.88 -3.05 -6.17
C SER A 54 16.52 -2.95 -6.85
N TRP A 55 15.46 -3.11 -6.06
CA TRP A 55 14.11 -3.04 -6.59
C TRP A 55 13.60 -1.60 -6.57
N LEU A 56 13.81 -0.91 -5.45
CA LEU A 56 13.36 0.48 -5.32
C LEU A 56 14.17 1.39 -6.24
N SER A 57 15.28 0.88 -6.77
CA SER A 57 16.12 1.65 -7.67
C SER A 57 15.44 1.85 -9.02
N ARG A 58 14.47 0.99 -9.33
CA ARG A 58 13.75 1.07 -10.58
C ARG A 58 12.59 2.06 -10.48
N ILE A 59 12.28 2.47 -9.25
CA ILE A 59 11.20 3.42 -9.02
C ILE A 59 11.68 4.86 -9.19
N LYS A 60 10.89 5.67 -9.89
CA LYS A 60 11.23 7.06 -10.12
C LYS A 60 10.22 7.99 -9.46
N ASP A 61 10.61 9.25 -9.27
CA ASP A 61 9.73 10.24 -8.65
C ASP A 61 9.55 11.45 -9.55
N ASP A 62 10.19 11.41 -10.72
CA ASP A 62 10.10 12.51 -11.67
C ASP A 62 8.65 12.75 -12.10
N VAL A 63 7.77 11.82 -11.73
CA VAL A 63 6.36 11.94 -12.07
C VAL A 63 5.88 13.38 -11.93
N GLY A 64 6.53 14.13 -11.05
CA GLY A 64 6.15 15.52 -10.84
C GLY A 64 5.46 16.12 -12.05
N ASP A 65 6.15 16.11 -13.18
CA ASP A 65 5.59 16.67 -14.42
C ASP A 65 5.18 15.55 -15.38
N ASN A 66 5.43 14.31 -14.97
CA ASN A 66 5.10 13.16 -15.80
C ASN A 66 4.07 12.27 -15.09
N TRP A 67 3.03 11.87 -15.81
CA TRP A 67 1.99 11.02 -15.27
C TRP A 67 2.23 9.56 -15.62
N ARG A 68 3.03 9.33 -16.66
CA ARG A 68 3.34 7.98 -17.10
C ARG A 68 4.26 7.28 -16.11
N ILE A 69 5.28 8.00 -15.64
CA ILE A 69 6.25 7.45 -14.69
C ILE A 69 5.54 6.92 -13.44
N LYS A 70 4.35 7.47 -13.17
CA LYS A 70 3.57 7.04 -12.01
C LYS A 70 3.16 5.58 -12.14
N ALA A 71 2.45 5.27 -13.21
CA ALA A 71 2.01 3.89 -13.44
C ALA A 71 3.16 2.90 -13.31
N SER A 72 4.23 3.15 -14.05
CA SER A 72 5.40 2.28 -14.02
C SER A 72 5.70 1.82 -12.59
N ASN A 73 5.71 2.78 -11.67
CA ASN A 73 5.98 2.47 -10.26
C ASN A 73 4.90 1.59 -9.68
N LEU A 74 3.65 2.05 -9.75
CA LEU A 74 2.51 1.29 -9.23
C LEU A 74 2.60 -0.17 -9.64
N LYS A 75 2.98 -0.41 -10.90
CA LYS A 75 3.11 -1.76 -11.41
C LYS A 75 4.03 -2.60 -10.52
N LYS A 76 5.28 -2.18 -10.42
CA LYS A 76 6.27 -2.88 -9.61
C LYS A 76 5.78 -3.02 -8.17
N VAL A 77 5.26 -1.93 -7.62
CA VAL A 77 4.75 -1.92 -6.25
C VAL A 77 3.76 -3.06 -6.03
N LEU A 78 2.80 -3.18 -6.93
CA LEU A 78 1.78 -4.22 -6.83
C LEU A 78 2.41 -5.60 -7.01
N HIS A 79 3.14 -5.79 -8.09
CA HIS A 79 3.80 -7.06 -8.37
C HIS A 79 4.64 -7.50 -7.18
N GLY A 80 5.35 -6.56 -6.57
CA GLY A 80 6.19 -6.87 -5.44
C GLY A 80 5.41 -7.49 -4.29
N ILE A 81 4.20 -6.97 -4.06
CA ILE A 81 3.36 -7.46 -2.98
C ILE A 81 2.69 -8.79 -3.37
N THR A 82 2.04 -8.79 -4.53
CA THR A 82 1.36 -9.98 -5.02
C THR A 82 2.27 -11.20 -4.95
N SER A 83 3.53 -11.01 -5.31
CA SER A 83 4.50 -12.11 -5.28
C SER A 83 4.83 -12.50 -3.85
N TYR A 84 4.88 -11.51 -2.96
CA TYR A 84 5.18 -11.75 -1.56
C TYR A 84 4.07 -12.55 -0.88
N TYR A 85 2.93 -12.65 -1.56
CA TYR A 85 1.79 -13.38 -1.03
C TYR A 85 1.76 -14.81 -1.56
N HIS A 86 2.24 -14.99 -2.79
CA HIS A 86 2.28 -16.30 -3.41
C HIS A 86 3.62 -16.99 -3.16
N GLU A 87 4.64 -16.20 -2.90
CA GLU A 87 5.97 -16.73 -2.65
C GLU A 87 6.23 -16.88 -1.15
N PHE A 88 6.32 -15.75 -0.45
CA PHE A 88 6.57 -15.76 0.98
C PHE A 88 5.44 -16.48 1.72
N LEU A 89 4.27 -15.86 1.76
CA LEU A 89 3.12 -16.44 2.44
C LEU A 89 2.60 -17.66 1.68
N GLY A 90 2.59 -17.56 0.36
CA GLY A 90 2.13 -18.66 -0.47
C GLY A 90 0.70 -18.46 -0.96
N GLN A 91 -0.08 -17.71 -0.20
CA GLN A 91 -1.47 -17.44 -0.57
C GLN A 91 -1.54 -16.56 -1.81
N GLN A 92 -2.75 -16.20 -2.22
CA GLN A 92 -2.95 -15.37 -3.40
C GLN A 92 -3.79 -14.14 -3.06
N ILE A 93 -4.09 -13.33 -4.06
CA ILE A 93 -4.88 -12.12 -3.87
C ILE A 93 -6.10 -12.12 -4.77
N SER A 94 -7.25 -11.80 -4.19
CA SER A 94 -8.51 -11.77 -4.96
C SER A 94 -8.63 -10.47 -5.73
N GLU A 95 -9.31 -10.53 -6.87
CA GLU A 95 -9.50 -9.36 -7.71
C GLU A 95 -10.09 -8.20 -6.91
N GLU A 96 -10.63 -8.52 -5.73
CA GLU A 96 -11.23 -7.50 -4.86
C GLU A 96 -10.15 -6.61 -4.26
N LEU A 97 -8.97 -7.17 -4.06
CA LEU A 97 -7.85 -6.41 -3.48
C LEU A 97 -6.95 -5.85 -4.59
N ILE A 98 -6.96 -6.51 -5.74
CA ILE A 98 -6.15 -6.06 -6.87
C ILE A 98 -6.37 -4.58 -7.16
N PRO A 99 -5.37 -3.76 -6.81
CA PRO A 99 -5.43 -2.31 -7.02
C PRO A 99 -5.35 -1.93 -8.51
N ASP A 100 -6.40 -1.29 -9.00
CA ASP A 100 -6.46 -0.87 -10.40
C ASP A 100 -5.49 0.28 -10.66
N LEU A 101 -4.27 -0.04 -11.05
CA LEU A 101 -3.25 0.98 -11.33
C LEU A 101 -3.71 1.90 -12.45
N ASN A 102 -4.34 1.32 -13.47
CA ASN A 102 -4.82 2.09 -14.62
C ASN A 102 -5.83 3.15 -14.17
N GLN A 103 -6.66 2.78 -13.20
CA GLN A 103 -7.67 3.70 -12.68
C GLN A 103 -7.09 4.61 -11.61
N ILE A 104 -5.87 4.31 -11.18
CA ILE A 104 -5.19 5.11 -10.17
C ILE A 104 -4.24 6.11 -10.81
N THR A 105 -3.74 5.77 -11.99
CA THR A 105 -2.82 6.64 -12.71
C THR A 105 -3.55 7.54 -13.70
N GLU A 106 -4.67 7.03 -14.23
CA GLU A 106 -5.46 7.78 -15.19
C GLU A 106 -6.61 8.50 -14.49
N CYS A 107 -7.19 7.86 -13.49
CA CYS A 107 -8.29 8.43 -12.74
C CYS A 107 -7.84 8.87 -11.34
N ALA A 108 -7.09 8.01 -10.68
CA ALA A 108 -6.59 8.29 -9.34
C ALA A 108 -7.71 8.20 -8.31
N ASP A 109 -8.73 7.41 -8.62
CA ASP A 109 -9.87 7.24 -7.72
C ASP A 109 -9.40 6.80 -6.34
N PRO A 110 -10.06 7.33 -5.30
CA PRO A 110 -9.73 7.00 -3.90
C PRO A 110 -10.09 5.57 -3.54
N VAL A 111 -11.12 5.04 -4.20
CA VAL A 111 -11.57 3.68 -3.94
C VAL A 111 -10.54 2.66 -4.41
N GLU A 112 -9.88 2.96 -5.53
CA GLU A 112 -8.87 2.07 -6.08
C GLU A 112 -7.54 2.22 -5.33
N LEU A 113 -7.08 3.46 -5.21
CA LEU A 113 -5.83 3.74 -4.52
C LEU A 113 -5.78 3.04 -3.17
N GLY A 114 -6.83 3.20 -2.38
CA GLY A 114 -6.89 2.58 -1.07
C GLY A 114 -6.54 1.10 -1.13
N ARG A 115 -6.95 0.44 -2.20
CA ARG A 115 -6.67 -0.99 -2.37
C ARG A 115 -5.17 -1.25 -2.39
N LEU A 116 -4.44 -0.46 -3.17
CA LEU A 116 -3.00 -0.60 -3.28
C LEU A 116 -2.33 -0.54 -1.91
N LEU A 117 -2.74 0.44 -1.11
CA LEU A 117 -2.20 0.62 0.22
C LEU A 117 -2.45 -0.61 1.10
N GLN A 118 -3.65 -1.18 0.96
CA GLN A 118 -4.03 -2.37 1.73
C GLN A 118 -3.02 -3.48 1.52
N LEU A 119 -2.70 -3.76 0.26
CA LEU A 119 -1.75 -4.82 -0.08
C LEU A 119 -0.44 -4.63 0.70
N ILE A 120 -0.04 -3.38 0.88
CA ILE A 120 1.19 -3.08 1.60
C ILE A 120 1.01 -3.29 3.10
N LEU A 121 -0.13 -2.86 3.62
CA LEU A 121 -0.42 -3.01 5.05
C LEU A 121 -0.53 -4.48 5.43
N GLY A 122 -0.95 -5.32 4.47
CA GLY A 122 -1.08 -6.74 4.72
C GLY A 122 0.26 -7.44 4.80
N CYS A 123 1.15 -7.09 3.90
CA CYS A 123 2.48 -7.69 3.86
C CYS A 123 3.26 -7.38 5.14
N ALA A 124 2.90 -6.27 5.79
CA ALA A 124 3.57 -5.86 7.01
C ALA A 124 2.98 -6.57 8.22
N VAL A 125 1.65 -6.65 8.27
CA VAL A 125 0.97 -7.30 9.38
C VAL A 125 1.12 -8.81 9.30
N ASN A 126 1.90 -9.28 8.33
CA ASN A 126 2.12 -10.71 8.15
C ASN A 126 3.61 -11.01 8.02
N CYS A 127 4.43 -10.19 8.68
CA CYS A 127 5.88 -10.38 8.63
C CYS A 127 6.45 -10.50 10.05
N GLU A 128 7.77 -10.66 10.14
CA GLU A 128 8.44 -10.78 11.43
C GLU A 128 8.43 -9.46 12.18
N LYS A 129 8.70 -8.38 11.46
CA LYS A 129 8.73 -7.05 12.06
C LYS A 129 7.33 -6.47 12.17
N LYS A 130 6.35 -7.18 11.61
CA LYS A 130 4.96 -6.74 11.65
C LYS A 130 4.67 -6.00 12.95
N GLN A 131 5.13 -6.55 14.06
CA GLN A 131 4.91 -5.93 15.37
C GLN A 131 5.35 -4.47 15.36
N GLU A 132 6.55 -4.22 14.84
CA GLU A 132 7.08 -2.86 14.77
C GLU A 132 6.07 -1.92 14.10
N HIS A 133 5.21 -2.47 13.26
CA HIS A 133 4.20 -1.67 12.57
C HIS A 133 2.89 -1.66 13.36
N ILE A 134 2.45 -2.83 13.79
CA ILE A 134 1.22 -2.95 14.56
C ILE A 134 1.08 -1.81 15.56
N LYS A 135 2.19 -1.44 16.20
CA LYS A 135 2.19 -0.35 17.17
C LYS A 135 1.84 0.97 16.51
N ASN A 136 2.32 1.18 15.29
CA ASN A 136 2.05 2.41 14.55
C ASN A 136 0.56 2.61 14.35
N ILE A 137 -0.18 1.50 14.30
CA ILE A 137 -1.63 1.55 14.12
C ILE A 137 -2.31 2.02 15.39
N MET A 138 -1.99 1.39 16.51
CA MET A 138 -2.59 1.74 17.80
C MET A 138 -2.44 3.25 18.07
N THR A 139 -1.31 3.81 17.65
CA THR A 139 -1.05 5.23 17.84
C THR A 139 -2.02 6.08 17.03
N LEU A 140 -2.38 5.59 15.85
CA LEU A 140 -3.31 6.31 14.99
C LEU A 140 -4.59 6.67 15.73
N GLU A 141 -5.49 7.39 15.05
CA GLU A 141 -6.75 7.80 15.64
C GLU A 141 -7.74 6.65 15.67
N GLU A 142 -8.42 6.48 16.81
CA GLU A 142 -9.39 5.41 16.97
C GLU A 142 -10.07 5.09 15.64
N SER A 143 -10.99 5.97 15.22
CA SER A 143 -11.71 5.77 13.97
C SER A 143 -10.79 5.19 12.89
N VAL A 144 -9.58 5.72 12.82
CA VAL A 144 -8.60 5.25 11.83
C VAL A 144 -8.19 3.82 12.11
N GLN A 145 -7.74 3.56 13.34
CA GLN A 145 -7.30 2.22 13.73
C GLN A 145 -8.30 1.17 13.25
N HIS A 146 -9.58 1.52 13.27
CA HIS A 146 -10.63 0.60 12.83
C HIS A 146 -10.41 0.18 11.38
N VAL A 147 -10.48 1.15 10.48
CA VAL A 147 -10.28 0.87 9.05
C VAL A 147 -8.97 0.16 8.80
N VAL A 148 -7.91 0.64 9.46
CA VAL A 148 -6.58 0.04 9.31
C VAL A 148 -6.56 -1.41 9.80
N MET A 149 -7.25 -1.65 10.91
CA MET A 149 -7.32 -3.00 11.48
C MET A 149 -8.23 -3.90 10.65
N THR A 150 -9.26 -3.31 10.07
CA THR A 150 -10.21 -4.05 9.25
C THR A 150 -9.54 -4.61 8.01
N ALA A 151 -8.80 -3.77 7.30
CA ALA A 151 -8.09 -4.19 6.10
C ALA A 151 -7.42 -5.54 6.30
N ILE A 152 -6.70 -5.68 7.41
CA ILE A 152 -6.02 -6.93 7.72
C ILE A 152 -6.96 -8.13 7.61
N GLN A 153 -8.07 -8.05 8.32
CA GLN A 153 -9.06 -9.14 8.31
C GLN A 153 -9.46 -9.47 6.88
N GLU A 154 -9.63 -8.44 6.06
CA GLU A 154 -10.03 -8.62 4.66
C GLU A 154 -8.90 -9.29 3.86
N LEU A 155 -7.66 -8.91 4.17
CA LEU A 155 -6.50 -9.46 3.48
C LEU A 155 -6.38 -10.95 3.73
N MET A 156 -6.59 -11.37 4.98
CA MET A 156 -6.51 -12.77 5.35
C MET A 156 -7.68 -13.56 4.77
N SER A 157 -8.85 -12.93 4.77
CA SER A 157 -10.06 -13.57 4.25
C SER A 157 -9.93 -13.84 2.76
N LYS A 158 -9.46 -12.84 2.02
CA LYS A 158 -9.28 -12.97 0.58
C LYS A 158 -8.18 -13.97 0.25
N SER A 159 -7.09 -13.91 1.01
CA SER A 159 -5.96 -14.81 0.79
C SER A 159 -6.39 -16.26 0.97
N GLY A 160 -6.32 -17.03 -0.12
CA GLY A 160 -6.70 -18.43 -0.07
C GLY A 160 -8.11 -18.66 -0.56
N PRO A 161 -8.24 -19.04 -1.84
CA PRO A 161 -9.54 -19.30 -2.46
C PRO A 161 -10.20 -20.57 -1.91
N SER A 162 -9.54 -21.20 -0.94
CA SER A 162 -10.06 -22.42 -0.34
C SER A 162 -10.78 -23.27 -1.37
N SER A 163 -10.18 -23.42 -2.55
CA SER A 163 -10.77 -24.20 -3.62
C SER A 163 -9.69 -24.67 -4.60
N GLY A 164 -10.09 -25.50 -5.56
CA GLY A 164 -9.16 -26.01 -6.54
C GLY A 164 -7.85 -26.46 -5.91
N GLY A 1 -6.64 17.10 4.27
CA GLY A 1 -8.04 17.44 4.14
C GLY A 1 -8.80 17.29 5.45
N SER A 2 -8.87 18.37 6.21
CA SER A 2 -9.58 18.37 7.49
C SER A 2 -11.07 18.52 7.29
N SER A 3 -11.45 19.41 6.37
CA SER A 3 -12.86 19.67 6.08
C SER A 3 -13.43 18.59 5.16
N GLY A 4 -13.94 17.51 5.76
CA GLY A 4 -14.51 16.43 4.97
C GLY A 4 -13.56 15.25 4.84
N SER A 5 -13.96 14.27 4.05
CA SER A 5 -13.14 13.08 3.85
C SER A 5 -12.76 12.93 2.38
N SER A 6 -13.62 13.42 1.50
CA SER A 6 -13.37 13.34 0.06
C SER A 6 -12.67 12.03 -0.30
N GLY A 7 -13.25 10.92 0.16
CA GLY A 7 -12.67 9.62 -0.13
C GLY A 7 -13.13 8.56 0.84
N LEU A 8 -13.31 7.34 0.34
CA LEU A 8 -13.76 6.22 1.17
C LEU A 8 -12.90 6.10 2.42
N PRO A 9 -13.35 5.28 3.39
CA PRO A 9 -12.63 5.04 4.64
C PRO A 9 -11.35 4.24 4.43
N LEU A 10 -11.48 3.10 3.76
CA LEU A 10 -10.35 2.24 3.50
C LEU A 10 -9.12 3.06 3.11
N CYS A 11 -9.35 4.16 2.41
CA CYS A 11 -8.26 5.03 1.98
C CYS A 11 -8.13 6.24 2.90
N ASP A 12 -9.28 6.78 3.32
CA ASP A 12 -9.29 7.94 4.21
C ASP A 12 -8.60 7.62 5.53
N SER A 13 -8.30 6.34 5.74
CA SER A 13 -7.63 5.90 6.97
C SER A 13 -6.23 5.38 6.68
N LEU A 14 -6.13 4.52 5.68
CA LEU A 14 -4.84 3.94 5.29
C LEU A 14 -3.77 5.03 5.19
N ILE A 15 -4.11 6.12 4.50
CA ILE A 15 -3.18 7.23 4.33
C ILE A 15 -2.53 7.61 5.65
N ILE A 16 -3.34 7.72 6.70
CA ILE A 16 -2.86 8.07 8.02
C ILE A 16 -1.82 7.06 8.52
N TRP A 17 -1.98 5.81 8.09
CA TRP A 17 -1.07 4.75 8.50
C TRP A 17 0.25 4.86 7.74
N LEU A 18 0.17 5.17 6.46
CA LEU A 18 1.35 5.30 5.62
C LEU A 18 2.11 6.59 5.95
N GLN A 19 1.45 7.49 6.65
CA GLN A 19 2.05 8.76 7.03
C GLN A 19 3.24 8.54 7.95
N THR A 20 3.25 7.40 8.63
CA THR A 20 4.34 7.07 9.56
C THR A 20 5.67 6.97 8.83
N PHE A 21 5.60 6.71 7.53
CA PHE A 21 6.81 6.59 6.71
C PHE A 21 7.19 7.94 6.11
N LYS A 22 8.22 8.56 6.68
CA LYS A 22 8.69 9.86 6.20
C LYS A 22 9.66 9.69 5.04
N THR A 23 9.53 8.57 4.33
CA THR A 23 10.39 8.29 3.19
C THR A 23 10.59 9.53 2.33
N ALA A 24 11.57 9.47 1.43
CA ALA A 24 11.85 10.59 0.54
C ALA A 24 10.57 11.17 -0.03
N SER A 25 9.56 10.33 -0.20
CA SER A 25 8.28 10.77 -0.75
C SER A 25 7.24 10.88 0.36
N PRO A 26 6.58 12.05 0.43
CA PRO A 26 5.54 12.32 1.43
C PRO A 26 4.27 11.52 1.19
N CYS A 27 3.24 11.81 1.96
CA CYS A 27 1.96 11.11 1.82
C CYS A 27 0.85 11.86 2.54
N GLN A 28 -0.01 12.52 1.77
CA GLN A 28 -1.12 13.28 2.33
C GLN A 28 -2.43 12.93 1.64
N ASP A 29 -2.56 13.36 0.38
CA ASP A 29 -3.76 13.10 -0.40
C ASP A 29 -3.54 11.93 -1.36
N VAL A 30 -4.63 11.31 -1.79
CA VAL A 30 -4.56 10.19 -2.71
C VAL A 30 -3.83 10.57 -4.00
N LYS A 31 -3.97 11.83 -4.39
CA LYS A 31 -3.31 12.33 -5.60
C LYS A 31 -1.81 12.48 -5.38
N GLN A 32 -1.38 12.33 -4.13
CA GLN A 32 0.04 12.44 -3.79
C GLN A 32 0.70 11.08 -3.75
N LEU A 33 -0.09 10.05 -3.47
CA LEU A 33 0.43 8.69 -3.40
C LEU A 33 0.41 8.03 -4.78
N THR A 34 -0.50 8.46 -5.63
CA THR A 34 -0.63 7.92 -6.97
C THR A 34 0.74 7.67 -7.59
N ASN A 35 1.70 8.53 -7.25
CA ASN A 35 3.07 8.39 -7.76
C ASN A 35 3.58 6.98 -7.59
N GLY A 36 3.36 6.41 -6.40
CA GLY A 36 3.82 5.06 -6.12
C GLY A 36 5.13 5.03 -5.37
N VAL A 37 5.94 6.06 -5.55
CA VAL A 37 7.24 6.15 -4.88
C VAL A 37 7.10 5.87 -3.39
N THR A 38 6.17 6.56 -2.74
CA THR A 38 5.93 6.38 -1.30
C THR A 38 5.66 4.92 -0.98
N MET A 39 4.63 4.36 -1.63
CA MET A 39 4.26 2.97 -1.40
C MET A 39 5.47 2.05 -1.56
N ALA A 40 6.28 2.31 -2.58
CA ALA A 40 7.47 1.51 -2.83
C ALA A 40 8.46 1.61 -1.68
N GLN A 41 8.85 2.84 -1.36
CA GLN A 41 9.79 3.08 -0.27
C GLN A 41 9.31 2.44 1.03
N VAL A 42 8.02 2.63 1.33
CA VAL A 42 7.42 2.09 2.53
C VAL A 42 7.56 0.57 2.58
N LEU A 43 7.45 -0.06 1.42
CA LEU A 43 7.56 -1.51 1.31
C LEU A 43 8.95 -1.98 1.74
N HIS A 44 9.97 -1.23 1.34
CA HIS A 44 11.35 -1.58 1.68
C HIS A 44 11.53 -1.65 3.20
N GLN A 45 10.73 -0.88 3.93
CA GLN A 45 10.81 -0.87 5.38
C GLN A 45 10.14 -2.10 5.97
N ILE A 46 9.15 -2.63 5.25
CA ILE A 46 8.42 -3.80 5.70
C ILE A 46 9.30 -5.05 5.64
N ASP A 47 9.95 -5.24 4.50
CA ASP A 47 10.82 -6.40 4.30
C ASP A 47 11.93 -6.08 3.29
N VAL A 48 13.15 -5.90 3.79
CA VAL A 48 14.28 -5.59 2.92
C VAL A 48 14.56 -6.75 1.96
N ALA A 49 14.74 -7.94 2.51
CA ALA A 49 15.02 -9.12 1.70
C ALA A 49 14.16 -9.13 0.44
N TRP A 50 12.87 -8.85 0.61
CA TRP A 50 11.94 -8.82 -0.51
C TRP A 50 11.94 -7.46 -1.20
N PHE A 51 12.20 -6.41 -0.41
CA PHE A 51 12.21 -5.05 -0.95
C PHE A 51 13.51 -4.35 -0.56
N SER A 52 14.60 -4.68 -1.26
CA SER A 52 15.89 -4.08 -0.98
C SER A 52 16.13 -2.87 -1.88
N GLU A 53 17.06 -2.01 -1.48
CA GLU A 53 17.38 -0.81 -2.26
C GLU A 53 17.48 -1.14 -3.75
N SER A 54 17.74 -2.42 -4.05
CA SER A 54 17.86 -2.86 -5.43
C SER A 54 16.54 -2.72 -6.17
N TRP A 55 15.46 -3.14 -5.52
CA TRP A 55 14.13 -3.06 -6.12
C TRP A 55 13.64 -1.62 -6.18
N LEU A 56 13.64 -0.96 -5.03
CA LEU A 56 13.21 0.43 -4.95
C LEU A 56 14.02 1.32 -5.89
N SER A 57 15.19 0.83 -6.30
CA SER A 57 16.07 1.57 -7.19
C SER A 57 15.47 1.66 -8.59
N ARG A 58 14.42 0.87 -8.83
CA ARG A 58 13.75 0.86 -10.12
C ARG A 58 12.60 1.86 -10.15
N ILE A 59 12.27 2.41 -8.98
CA ILE A 59 11.18 3.38 -8.87
C ILE A 59 11.70 4.80 -9.06
N LYS A 60 10.91 5.63 -9.75
CA LYS A 60 11.29 7.01 -9.98
C LYS A 60 10.32 7.96 -9.28
N ASP A 61 10.69 9.24 -9.23
CA ASP A 61 9.84 10.25 -8.59
C ASP A 61 9.55 11.40 -9.56
N ASP A 62 10.21 11.38 -10.71
CA ASP A 62 10.02 12.42 -11.72
C ASP A 62 8.56 12.50 -12.14
N VAL A 63 7.78 11.50 -11.75
CA VAL A 63 6.36 11.45 -12.09
C VAL A 63 5.70 12.81 -11.87
N GLY A 64 6.26 13.61 -10.97
CA GLY A 64 5.72 14.92 -10.69
C GLY A 64 5.12 15.58 -11.92
N ASP A 65 5.88 15.61 -13.01
CA ASP A 65 5.42 16.22 -14.25
C ASP A 65 5.08 15.14 -15.28
N ASN A 66 5.39 13.89 -14.93
CA ASN A 66 5.12 12.77 -15.83
C ASN A 66 4.06 11.84 -15.24
N TRP A 67 3.04 11.53 -16.05
CA TRP A 67 1.96 10.66 -15.60
C TRP A 67 2.25 9.21 -15.99
N ARG A 68 3.05 9.02 -17.03
CA ARG A 68 3.40 7.69 -17.49
C ARG A 68 4.34 6.99 -16.50
N ILE A 69 5.29 7.75 -15.97
CA ILE A 69 6.25 7.22 -15.01
C ILE A 69 5.54 6.66 -13.78
N LYS A 70 4.37 7.22 -13.47
CA LYS A 70 3.59 6.78 -12.31
C LYS A 70 3.22 5.31 -12.45
N ALA A 71 2.40 5.00 -13.44
CA ALA A 71 1.96 3.63 -13.68
C ALA A 71 3.12 2.65 -13.53
N SER A 72 4.18 2.88 -14.29
CA SER A 72 5.36 2.02 -14.25
C SER A 72 5.66 1.59 -12.82
N ASN A 73 5.59 2.54 -11.89
CA ASN A 73 5.86 2.26 -10.49
C ASN A 73 4.71 1.46 -9.86
N LEU A 74 3.52 2.00 -9.94
CA LEU A 74 2.33 1.35 -9.38
C LEU A 74 2.37 -0.15 -9.65
N LYS A 75 2.82 -0.52 -10.85
CA LYS A 75 2.91 -1.92 -11.23
C LYS A 75 3.86 -2.68 -10.31
N LYS A 76 5.12 -2.22 -10.27
CA LYS A 76 6.12 -2.86 -9.44
C LYS A 76 5.64 -2.98 -7.99
N VAL A 77 5.18 -1.86 -7.43
CA VAL A 77 4.69 -1.84 -6.06
C VAL A 77 3.66 -2.93 -5.83
N LEU A 78 2.82 -3.18 -6.83
CA LEU A 78 1.80 -4.21 -6.73
C LEU A 78 2.41 -5.60 -6.79
N HIS A 79 3.04 -5.91 -7.92
CA HIS A 79 3.68 -7.22 -8.10
C HIS A 79 4.55 -7.56 -6.89
N GLY A 80 5.21 -6.55 -6.34
CA GLY A 80 6.07 -6.78 -5.19
C GLY A 80 5.32 -7.36 -4.01
N ILE A 81 4.05 -6.99 -3.88
CA ILE A 81 3.22 -7.48 -2.78
C ILE A 81 2.61 -8.83 -3.12
N THR A 82 1.83 -8.87 -4.20
CA THR A 82 1.19 -10.10 -4.63
C THR A 82 2.16 -11.28 -4.60
N SER A 83 3.31 -11.11 -5.23
CA SER A 83 4.33 -12.15 -5.29
C SER A 83 4.72 -12.59 -3.87
N TYR A 84 4.83 -11.62 -2.97
CA TYR A 84 5.20 -11.91 -1.59
C TYR A 84 4.12 -12.75 -0.90
N TYR A 85 2.97 -12.86 -1.54
CA TYR A 85 1.86 -13.63 -0.99
C TYR A 85 1.85 -15.06 -1.55
N HIS A 86 2.32 -15.20 -2.79
CA HIS A 86 2.38 -16.50 -3.44
C HIS A 86 3.71 -17.19 -3.18
N GLU A 87 4.74 -16.39 -2.95
CA GLU A 87 6.08 -16.93 -2.70
C GLU A 87 6.35 -17.00 -1.20
N PHE A 88 6.50 -15.86 -0.56
CA PHE A 88 6.76 -15.80 0.87
C PHE A 88 5.76 -16.66 1.64
N LEU A 89 4.52 -16.20 1.70
CA LEU A 89 3.47 -16.92 2.41
C LEU A 89 3.04 -18.15 1.62
N GLY A 90 2.61 -17.94 0.38
CA GLY A 90 2.17 -19.04 -0.46
C GLY A 90 0.76 -18.86 -0.96
N GLN A 91 -0.01 -18.02 -0.27
CA GLN A 91 -1.40 -17.77 -0.64
C GLN A 91 -1.47 -16.88 -1.88
N GLN A 92 -2.68 -16.68 -2.38
CA GLN A 92 -2.89 -15.84 -3.56
C GLN A 92 -3.73 -14.61 -3.23
N ILE A 93 -4.06 -13.83 -4.25
CA ILE A 93 -4.86 -12.62 -4.05
C ILE A 93 -6.07 -12.62 -4.99
N SER A 94 -7.23 -12.27 -4.44
CA SER A 94 -8.46 -12.23 -5.21
C SER A 94 -8.59 -10.90 -5.95
N GLU A 95 -9.27 -10.92 -7.10
CA GLU A 95 -9.46 -9.72 -7.90
C GLU A 95 -10.07 -8.60 -7.05
N GLU A 96 -10.60 -8.96 -5.89
CA GLU A 96 -11.22 -7.99 -5.00
C GLU A 96 -10.16 -7.11 -4.35
N LEU A 97 -8.96 -7.65 -4.19
CA LEU A 97 -7.85 -6.91 -3.59
C LEU A 97 -6.98 -6.26 -4.66
N ILE A 98 -6.95 -6.87 -5.84
CA ILE A 98 -6.15 -6.35 -6.95
C ILE A 98 -6.47 -4.87 -7.20
N PRO A 99 -5.53 -3.99 -6.82
CA PRO A 99 -5.68 -2.55 -6.99
C PRO A 99 -5.62 -2.13 -8.46
N ASP A 100 -6.57 -1.30 -8.87
CA ASP A 100 -6.62 -0.83 -10.25
C ASP A 100 -5.68 0.36 -10.46
N LEU A 101 -4.47 0.08 -10.96
CA LEU A 101 -3.49 1.12 -11.20
C LEU A 101 -3.93 2.03 -12.34
N ASN A 102 -4.38 1.43 -13.43
CA ASN A 102 -4.84 2.18 -14.59
C ASN A 102 -5.87 3.23 -14.19
N GLN A 103 -6.72 2.88 -13.23
CA GLN A 103 -7.76 3.79 -12.76
C GLN A 103 -7.21 4.73 -11.70
N ILE A 104 -6.01 4.45 -11.22
CA ILE A 104 -5.37 5.27 -10.20
C ILE A 104 -4.40 6.27 -10.83
N THR A 105 -3.89 5.93 -12.01
CA THR A 105 -2.95 6.80 -12.72
C THR A 105 -3.67 7.70 -13.69
N GLU A 106 -4.81 7.23 -14.20
CA GLU A 106 -5.60 8.01 -15.15
C GLU A 106 -6.73 8.75 -14.44
N CYS A 107 -7.32 8.12 -13.43
CA CYS A 107 -8.39 8.73 -12.67
C CYS A 107 -7.93 9.11 -11.27
N ALA A 108 -7.17 8.21 -10.64
CA ALA A 108 -6.66 8.45 -9.30
C ALA A 108 -7.78 8.34 -8.26
N ASP A 109 -8.81 7.56 -8.58
CA ASP A 109 -9.94 7.37 -7.68
C ASP A 109 -9.46 6.93 -6.30
N PRO A 110 -10.13 7.42 -5.25
CA PRO A 110 -9.79 7.10 -3.87
C PRO A 110 -10.12 5.66 -3.52
N VAL A 111 -11.21 5.14 -4.09
CA VAL A 111 -11.63 3.77 -3.83
C VAL A 111 -10.58 2.78 -4.30
N GLU A 112 -9.96 3.06 -5.44
CA GLU A 112 -8.93 2.20 -6.01
C GLU A 112 -7.58 2.48 -5.36
N LEU A 113 -7.25 3.76 -5.21
CA LEU A 113 -5.99 4.17 -4.61
C LEU A 113 -5.72 3.39 -3.32
N GLY A 114 -6.74 3.29 -2.48
CA GLY A 114 -6.59 2.57 -1.23
C GLY A 114 -6.25 1.11 -1.44
N ARG A 115 -6.83 0.50 -2.47
CA ARG A 115 -6.58 -0.91 -2.77
C ARG A 115 -5.09 -1.23 -2.67
N LEU A 116 -4.26 -0.38 -3.25
CA LEU A 116 -2.82 -0.56 -3.23
C LEU A 116 -2.28 -0.47 -1.80
N LEU A 117 -2.66 0.59 -1.10
CA LEU A 117 -2.22 0.80 0.28
C LEU A 117 -2.54 -0.41 1.14
N GLN A 118 -3.68 -1.05 0.86
CA GLN A 118 -4.10 -2.22 1.61
C GLN A 118 -3.11 -3.36 1.45
N LEU A 119 -2.78 -3.67 0.20
CA LEU A 119 -1.84 -4.74 -0.10
C LEU A 119 -0.53 -4.54 0.65
N ILE A 120 -0.09 -3.30 0.75
CA ILE A 120 1.15 -2.98 1.45
C ILE A 120 1.01 -3.22 2.95
N LEU A 121 -0.08 -2.71 3.53
CA LEU A 121 -0.33 -2.87 4.95
C LEU A 121 -0.53 -4.34 5.31
N GLY A 122 -0.80 -5.15 4.29
CA GLY A 122 -1.01 -6.57 4.52
C GLY A 122 0.26 -7.28 4.97
N CYS A 123 1.30 -7.20 4.14
CA CYS A 123 2.57 -7.84 4.45
C CYS A 123 3.17 -7.24 5.72
N ALA A 124 2.62 -6.13 6.18
CA ALA A 124 3.10 -5.47 7.39
C ALA A 124 2.58 -6.16 8.64
N VAL A 125 1.70 -7.14 8.44
CA VAL A 125 1.11 -7.88 9.56
C VAL A 125 1.50 -9.36 9.50
N ASN A 126 2.13 -9.75 8.40
CA ASN A 126 2.55 -11.14 8.22
C ASN A 126 4.04 -11.22 7.90
N CYS A 127 4.84 -10.46 8.64
CA CYS A 127 6.28 -10.44 8.43
C CYS A 127 7.03 -10.47 9.77
N GLU A 128 8.35 -10.36 9.71
CA GLU A 128 9.16 -10.37 10.91
C GLU A 128 9.08 -9.02 11.65
N LYS A 129 9.15 -7.95 10.88
CA LYS A 129 9.09 -6.60 11.45
C LYS A 129 7.63 -6.17 11.67
N LYS A 130 6.71 -7.01 11.22
CA LYS A 130 5.28 -6.72 11.38
C LYS A 130 5.02 -5.97 12.67
N GLN A 131 5.53 -6.50 13.78
CA GLN A 131 5.34 -5.87 15.09
C GLN A 131 5.72 -4.39 15.04
N GLU A 132 6.90 -4.10 14.49
CA GLU A 132 7.37 -2.73 14.38
C GLU A 132 6.30 -1.84 13.75
N HIS A 133 5.42 -2.43 12.98
CA HIS A 133 4.34 -1.70 12.31
C HIS A 133 3.07 -1.73 13.15
N ILE A 134 2.70 -2.93 13.61
CA ILE A 134 1.50 -3.09 14.41
C ILE A 134 1.34 -1.95 15.42
N LYS A 135 2.47 -1.54 16.00
CA LYS A 135 2.45 -0.46 16.98
C LYS A 135 2.01 0.85 16.34
N ASN A 136 2.42 1.08 15.10
CA ASN A 136 2.07 2.29 14.37
C ASN A 136 0.55 2.41 14.22
N ILE A 137 -0.10 1.27 13.98
CA ILE A 137 -1.54 1.24 13.80
C ILE A 137 -2.25 1.73 15.07
N MET A 138 -1.77 1.27 16.22
CA MET A 138 -2.36 1.66 17.50
C MET A 138 -2.18 3.16 17.75
N THR A 139 -1.08 3.71 17.24
CA THR A 139 -0.79 5.12 17.40
C THR A 139 -1.66 5.97 16.47
N LEU A 140 -2.60 5.33 15.80
CA LEU A 140 -3.49 6.03 14.88
C LEU A 140 -4.78 6.44 15.58
N GLU A 141 -5.61 7.20 14.87
CA GLU A 141 -6.87 7.67 15.43
C GLU A 141 -7.87 6.52 15.55
N GLU A 142 -8.56 6.46 16.69
CA GLU A 142 -9.54 5.41 16.94
C GLU A 142 -10.23 4.99 15.65
N SER A 143 -11.01 5.91 15.08
CA SER A 143 -11.74 5.64 13.84
C SER A 143 -10.81 5.02 12.80
N VAL A 144 -9.57 5.49 12.77
CA VAL A 144 -8.58 4.98 11.81
C VAL A 144 -8.19 3.54 12.14
N GLN A 145 -7.68 3.34 13.35
CA GLN A 145 -7.26 2.02 13.79
C GLN A 145 -8.22 0.95 13.27
N HIS A 146 -9.51 1.27 13.27
CA HIS A 146 -10.53 0.34 12.80
C HIS A 146 -10.33 0.01 11.33
N VAL A 147 -10.43 1.03 10.48
CA VAL A 147 -10.26 0.86 9.04
C VAL A 147 -8.94 0.17 8.73
N VAL A 148 -7.87 0.63 9.35
CA VAL A 148 -6.54 0.07 9.14
C VAL A 148 -6.52 -1.41 9.50
N MET A 149 -7.19 -1.76 10.59
CA MET A 149 -7.25 -3.15 11.04
C MET A 149 -8.17 -3.98 10.14
N THR A 150 -9.24 -3.35 9.66
CA THR A 150 -10.19 -4.03 8.79
C THR A 150 -9.52 -4.50 7.50
N ALA A 151 -8.95 -3.55 6.76
CA ALA A 151 -8.27 -3.87 5.50
C ALA A 151 -7.42 -5.12 5.65
N ILE A 152 -6.70 -5.23 6.76
CA ILE A 152 -5.84 -6.39 7.02
C ILE A 152 -6.66 -7.68 7.04
N GLN A 153 -7.71 -7.68 7.85
CA GLN A 153 -8.57 -8.86 7.97
C GLN A 153 -9.04 -9.33 6.59
N GLU A 154 -9.47 -8.39 5.76
CA GLU A 154 -9.95 -8.71 4.42
C GLU A 154 -8.83 -9.32 3.58
N LEU A 155 -7.62 -8.79 3.73
CA LEU A 155 -6.47 -9.28 2.99
C LEU A 155 -6.27 -10.78 3.22
N MET A 156 -6.38 -11.18 4.48
CA MET A 156 -6.20 -12.59 4.84
C MET A 156 -7.45 -13.39 4.47
N SER A 157 -8.62 -12.81 4.70
CA SER A 157 -9.88 -13.47 4.40
C SER A 157 -9.92 -13.94 2.95
N LYS A 158 -9.55 -13.05 2.05
CA LYS A 158 -9.54 -13.36 0.61
C LYS A 158 -8.51 -14.44 0.31
N SER A 159 -7.33 -14.33 0.92
CA SER A 159 -6.27 -15.29 0.71
C SER A 159 -6.81 -16.72 0.71
N GLY A 160 -7.74 -16.99 1.62
CA GLY A 160 -8.33 -18.32 1.72
C GLY A 160 -7.87 -19.07 2.95
N PRO A 161 -8.37 -20.30 3.12
CA PRO A 161 -8.03 -21.14 4.26
C PRO A 161 -6.59 -21.64 4.20
N SER A 162 -6.11 -22.20 5.31
CA SER A 162 -4.75 -22.71 5.38
C SER A 162 -4.57 -23.90 4.45
N SER A 163 -3.50 -23.88 3.65
CA SER A 163 -3.22 -24.95 2.71
C SER A 163 -1.78 -24.86 2.20
N GLY A 164 -0.92 -25.76 2.68
CA GLY A 164 0.46 -25.76 2.26
C GLY A 164 1.41 -25.40 3.38
N GLY A 1 2.49 19.17 9.09
CA GLY A 1 1.52 18.29 8.48
C GLY A 1 0.10 18.67 8.81
N SER A 2 -0.65 19.11 7.79
CA SER A 2 -2.03 19.52 7.98
C SER A 2 -2.95 18.75 7.04
N SER A 3 -3.55 17.67 7.56
CA SER A 3 -4.45 16.85 6.76
C SER A 3 -5.56 16.27 7.64
N GLY A 4 -6.60 15.74 7.00
CA GLY A 4 -7.70 15.16 7.73
C GLY A 4 -8.30 13.96 7.02
N SER A 5 -9.54 14.09 6.56
CA SER A 5 -10.22 13.00 5.87
C SER A 5 -10.37 13.32 4.38
N SER A 6 -10.43 12.26 3.57
CA SER A 6 -10.57 12.42 2.12
C SER A 6 -10.81 11.08 1.46
N GLY A 7 -11.91 10.99 0.71
CA GLY A 7 -12.25 9.76 0.02
C GLY A 7 -12.77 8.69 0.96
N LEU A 8 -13.17 7.55 0.41
CA LEU A 8 -13.70 6.45 1.21
C LEU A 8 -12.82 6.18 2.42
N PRO A 9 -13.32 5.37 3.35
CA PRO A 9 -12.60 5.01 4.58
C PRO A 9 -11.40 4.11 4.29
N LEU A 10 -11.65 3.02 3.56
CA LEU A 10 -10.59 2.08 3.22
C LEU A 10 -9.32 2.80 2.81
N CYS A 11 -9.48 3.98 2.23
CA CYS A 11 -8.34 4.78 1.79
C CYS A 11 -8.08 5.93 2.75
N ASP A 12 -9.15 6.54 3.25
CA ASP A 12 -9.04 7.66 4.18
C ASP A 12 -8.29 7.24 5.44
N SER A 13 -8.13 5.93 5.61
CA SER A 13 -7.43 5.40 6.79
C SER A 13 -6.01 4.96 6.42
N LEU A 14 -5.91 3.97 5.54
CA LEU A 14 -4.62 3.46 5.12
C LEU A 14 -3.61 4.59 4.93
N ILE A 15 -4.10 5.73 4.44
CA ILE A 15 -3.25 6.89 4.22
C ILE A 15 -2.62 7.37 5.53
N ILE A 16 -3.44 7.47 6.57
CA ILE A 16 -2.96 7.90 7.87
C ILE A 16 -1.89 6.97 8.42
N TRP A 17 -2.06 5.67 8.15
CA TRP A 17 -1.11 4.67 8.61
C TRP A 17 0.20 4.76 7.83
N LEU A 18 0.09 5.06 6.54
CA LEU A 18 1.27 5.18 5.69
C LEU A 18 2.01 6.48 5.96
N GLN A 19 1.33 7.42 6.60
CA GLN A 19 1.92 8.71 6.93
C GLN A 19 3.12 8.54 7.84
N THR A 20 3.18 7.41 8.53
CA THR A 20 4.28 7.12 9.44
C THR A 20 5.62 7.09 8.72
N PHE A 21 5.59 6.65 7.46
CA PHE A 21 6.80 6.57 6.65
C PHE A 21 7.13 7.92 6.04
N LYS A 22 8.10 8.61 6.62
CA LYS A 22 8.51 9.92 6.13
C LYS A 22 9.51 9.79 4.99
N THR A 23 9.37 8.72 4.21
CA THR A 23 10.26 8.46 3.08
C THR A 23 10.41 9.71 2.21
N ALA A 24 11.46 9.74 1.41
CA ALA A 24 11.71 10.87 0.52
C ALA A 24 10.41 11.44 -0.03
N SER A 25 9.43 10.57 -0.25
CA SER A 25 8.14 10.98 -0.78
C SER A 25 7.09 11.03 0.32
N PRO A 26 6.47 12.20 0.51
CA PRO A 26 5.44 12.41 1.52
C PRO A 26 4.15 11.66 1.20
N CYS A 27 3.16 11.78 2.09
CA CYS A 27 1.88 11.12 1.90
C CYS A 27 0.75 11.95 2.50
N GLN A 28 -0.02 12.61 1.65
CA GLN A 28 -1.13 13.44 2.09
C GLN A 28 -2.44 12.98 1.47
N ASP A 29 -2.60 13.24 0.18
CA ASP A 29 -3.80 12.86 -0.54
C ASP A 29 -3.55 11.62 -1.41
N VAL A 30 -4.57 11.22 -2.16
CA VAL A 30 -4.45 10.05 -3.04
C VAL A 30 -3.67 10.39 -4.30
N LYS A 31 -3.79 11.64 -4.74
CA LYS A 31 -3.09 12.09 -5.95
C LYS A 31 -1.58 12.11 -5.72
N GLN A 32 -1.17 12.30 -4.46
CA GLN A 32 0.24 12.33 -4.13
C GLN A 32 0.81 10.92 -4.01
N LEU A 33 -0.06 9.96 -3.74
CA LEU A 33 0.35 8.57 -3.60
C LEU A 33 0.13 7.81 -4.90
N THR A 34 -0.76 8.32 -5.74
CA THR A 34 -1.07 7.69 -7.02
C THR A 34 0.20 7.41 -7.80
N ASN A 35 1.29 8.07 -7.43
CA ASN A 35 2.57 7.88 -8.10
C ASN A 35 3.17 6.53 -7.77
N GLY A 36 3.12 6.16 -6.49
CA GLY A 36 3.66 4.88 -6.06
C GLY A 36 4.97 5.03 -5.31
N VAL A 37 5.72 6.08 -5.64
CA VAL A 37 7.00 6.33 -5.00
C VAL A 37 6.93 6.04 -3.50
N THR A 38 6.04 6.74 -2.81
CA THR A 38 5.87 6.56 -1.38
C THR A 38 5.53 5.12 -1.04
N MET A 39 4.60 4.54 -1.80
CA MET A 39 4.19 3.16 -1.58
C MET A 39 5.38 2.21 -1.67
N ALA A 40 6.28 2.49 -2.61
CA ALA A 40 7.47 1.66 -2.80
C ALA A 40 8.47 1.87 -1.67
N GLN A 41 8.92 3.11 -1.50
CA GLN A 41 9.89 3.44 -0.45
C GLN A 41 9.44 2.87 0.89
N VAL A 42 8.13 2.73 1.06
CA VAL A 42 7.57 2.20 2.30
C VAL A 42 7.73 0.69 2.37
N LEU A 43 7.41 0.02 1.27
CA LEU A 43 7.50 -1.44 1.19
C LEU A 43 8.93 -1.90 1.49
N HIS A 44 9.90 -1.02 1.23
CA HIS A 44 11.31 -1.34 1.48
C HIS A 44 11.58 -1.47 2.97
N GLN A 45 10.85 -0.69 3.77
CA GLN A 45 11.02 -0.73 5.22
C GLN A 45 10.36 -1.96 5.82
N ILE A 46 9.28 -2.41 5.19
CA ILE A 46 8.55 -3.58 5.67
C ILE A 46 9.44 -4.82 5.65
N ASP A 47 10.13 -5.03 4.54
CA ASP A 47 11.01 -6.19 4.41
C ASP A 47 11.99 -5.98 3.26
N VAL A 48 13.28 -5.88 3.60
CA VAL A 48 14.31 -5.69 2.58
C VAL A 48 14.56 -6.97 1.80
N ALA A 49 14.14 -8.10 2.37
CA ALA A 49 14.33 -9.39 1.71
C ALA A 49 13.64 -9.42 0.35
N TRP A 50 12.45 -8.82 0.29
CA TRP A 50 11.69 -8.78 -0.96
C TRP A 50 11.70 -7.38 -1.55
N PHE A 51 12.06 -6.39 -0.74
CA PHE A 51 12.11 -5.01 -1.19
C PHE A 51 13.48 -4.40 -0.90
N SER A 52 14.47 -4.75 -1.72
CA SER A 52 15.82 -4.23 -1.56
C SER A 52 16.06 -3.02 -2.45
N GLU A 53 17.15 -2.31 -2.20
CA GLU A 53 17.49 -1.12 -2.97
C GLU A 53 17.49 -1.45 -4.47
N SER A 54 17.80 -2.70 -4.80
CA SER A 54 17.84 -3.13 -6.19
C SER A 54 16.47 -2.99 -6.85
N TRP A 55 15.42 -3.14 -6.03
CA TRP A 55 14.06 -3.03 -6.53
C TRP A 55 13.57 -1.59 -6.50
N LEU A 56 13.74 -0.94 -5.35
CA LEU A 56 13.33 0.45 -5.18
C LEU A 56 14.02 1.35 -6.19
N SER A 57 15.12 0.86 -6.75
CA SER A 57 15.88 1.63 -7.73
C SER A 57 15.15 1.70 -9.06
N ARG A 58 14.08 0.92 -9.18
CA ARG A 58 13.28 0.88 -10.41
C ARG A 58 12.15 1.90 -10.34
N ILE A 59 12.01 2.56 -9.20
CA ILE A 59 10.96 3.56 -9.01
C ILE A 59 11.49 4.96 -9.28
N LYS A 60 10.63 5.82 -9.83
CA LYS A 60 11.01 7.19 -10.13
C LYS A 60 10.13 8.17 -9.37
N ASP A 61 10.60 9.41 -9.26
CA ASP A 61 9.84 10.46 -8.56
C ASP A 61 9.54 11.62 -9.50
N ASP A 62 10.21 11.64 -10.64
CA ASP A 62 10.01 12.71 -11.62
C ASP A 62 8.54 12.83 -12.00
N VAL A 63 7.76 11.80 -11.66
CA VAL A 63 6.33 11.79 -11.96
C VAL A 63 5.72 13.18 -11.79
N GLY A 64 6.33 13.98 -10.91
CA GLY A 64 5.83 15.31 -10.67
C GLY A 64 5.17 15.93 -11.89
N ASP A 65 5.90 15.96 -13.00
CA ASP A 65 5.37 16.52 -14.24
C ASP A 65 5.03 15.41 -15.23
N ASN A 66 5.31 14.17 -14.84
CA ASN A 66 5.02 13.03 -15.70
C ASN A 66 3.96 12.13 -15.08
N TRP A 67 2.93 11.82 -15.86
CA TRP A 67 1.84 10.97 -15.39
C TRP A 67 2.09 9.51 -15.75
N ARG A 68 2.86 9.28 -16.81
CA ARG A 68 3.17 7.94 -17.26
C ARG A 68 4.12 7.25 -16.29
N ILE A 69 5.09 8.00 -15.78
CA ILE A 69 6.07 7.47 -14.84
C ILE A 69 5.39 6.91 -13.60
N LYS A 70 4.27 7.52 -13.22
CA LYS A 70 3.51 7.09 -12.05
C LYS A 70 3.13 5.62 -12.16
N ALA A 71 2.54 5.25 -13.30
CA ALA A 71 2.13 3.88 -13.54
C ALA A 71 3.32 2.92 -13.49
N SER A 72 4.41 3.31 -14.16
CA SER A 72 5.61 2.49 -14.19
C SER A 72 5.99 2.01 -12.79
N ASN A 73 5.80 2.89 -11.81
CA ASN A 73 6.12 2.56 -10.43
C ASN A 73 5.04 1.68 -9.81
N LEU A 74 3.80 2.12 -9.94
CA LEU A 74 2.66 1.36 -9.39
C LEU A 74 2.78 -0.11 -9.76
N LYS A 75 3.04 -0.39 -11.02
CA LYS A 75 3.17 -1.76 -11.50
C LYS A 75 4.09 -2.57 -10.59
N LYS A 76 5.32 -2.09 -10.42
CA LYS A 76 6.30 -2.76 -9.57
C LYS A 76 5.77 -2.93 -8.16
N VAL A 77 5.23 -1.84 -7.60
CA VAL A 77 4.68 -1.87 -6.25
C VAL A 77 3.72 -3.04 -6.06
N LEU A 78 2.68 -3.08 -6.88
CA LEU A 78 1.69 -4.15 -6.81
C LEU A 78 2.38 -5.52 -6.75
N HIS A 79 3.13 -5.84 -7.79
CA HIS A 79 3.84 -7.11 -7.86
C HIS A 79 4.66 -7.35 -6.59
N GLY A 80 5.03 -6.26 -5.92
CA GLY A 80 5.81 -6.38 -4.70
C GLY A 80 5.06 -7.10 -3.60
N ILE A 81 3.73 -6.96 -3.60
CA ILE A 81 2.90 -7.60 -2.60
C ILE A 81 2.34 -8.92 -3.10
N THR A 82 1.52 -8.85 -4.15
CA THR A 82 0.92 -10.05 -4.73
C THR A 82 1.93 -11.18 -4.80
N SER A 83 3.13 -10.87 -5.26
CA SER A 83 4.19 -11.87 -5.39
C SER A 83 4.67 -12.32 -4.02
N TYR A 84 4.63 -11.41 -3.05
CA TYR A 84 5.08 -11.72 -1.69
C TYR A 84 4.07 -12.63 -0.99
N TYR A 85 2.86 -12.68 -1.53
CA TYR A 85 1.81 -13.52 -0.95
C TYR A 85 1.82 -14.91 -1.56
N HIS A 86 2.30 -15.01 -2.79
CA HIS A 86 2.37 -16.29 -3.49
C HIS A 86 3.74 -16.94 -3.29
N GLU A 87 4.76 -16.12 -3.05
CA GLU A 87 6.10 -16.62 -2.85
C GLU A 87 6.40 -16.77 -1.36
N PHE A 88 6.51 -15.65 -0.66
CA PHE A 88 6.79 -15.65 0.77
C PHE A 88 5.77 -16.51 1.53
N LEU A 89 4.55 -16.01 1.62
CA LEU A 89 3.48 -16.72 2.31
C LEU A 89 3.05 -17.96 1.53
N GLY A 90 2.71 -17.76 0.26
CA GLY A 90 2.29 -18.88 -0.58
C GLY A 90 0.87 -18.73 -1.05
N GLN A 91 0.07 -17.98 -0.32
CA GLN A 91 -1.33 -17.77 -0.66
C GLN A 91 -1.46 -16.81 -1.85
N GLN A 92 -2.70 -16.53 -2.25
CA GLN A 92 -2.95 -15.62 -3.36
C GLN A 92 -3.84 -14.46 -2.94
N ILE A 93 -4.22 -13.63 -3.90
CA ILE A 93 -5.09 -12.48 -3.63
C ILE A 93 -6.30 -12.47 -4.55
N SER A 94 -7.47 -12.20 -3.98
CA SER A 94 -8.70 -12.16 -4.76
C SER A 94 -8.78 -10.88 -5.59
N GLU A 95 -9.37 -10.99 -6.78
CA GLU A 95 -9.50 -9.83 -7.66
C GLU A 95 -10.14 -8.65 -6.94
N GLU A 96 -10.75 -8.94 -5.79
CA GLU A 96 -11.41 -7.90 -5.00
C GLU A 96 -10.38 -6.95 -4.39
N LEU A 97 -9.19 -7.47 -4.13
CA LEU A 97 -8.12 -6.67 -3.55
C LEU A 97 -7.20 -6.12 -4.63
N ILE A 98 -7.10 -6.85 -5.75
CA ILE A 98 -6.25 -6.42 -6.86
C ILE A 98 -6.52 -4.97 -7.22
N PRO A 99 -5.57 -4.09 -6.86
CA PRO A 99 -5.67 -2.65 -7.14
C PRO A 99 -5.52 -2.34 -8.63
N ASP A 100 -6.37 -1.44 -9.12
CA ASP A 100 -6.34 -1.05 -10.52
C ASP A 100 -5.41 0.14 -10.74
N LEU A 101 -4.12 -0.14 -10.91
CA LEU A 101 -3.13 0.91 -11.11
C LEU A 101 -3.54 1.82 -12.28
N ASN A 102 -3.93 1.20 -13.38
CA ASN A 102 -4.35 1.96 -14.56
C ASN A 102 -5.41 2.99 -14.21
N GLN A 103 -6.30 2.62 -13.28
CA GLN A 103 -7.37 3.52 -12.85
C GLN A 103 -6.86 4.48 -11.78
N ILE A 104 -5.67 4.23 -11.27
CA ILE A 104 -5.08 5.08 -10.25
C ILE A 104 -4.13 6.11 -10.87
N THR A 105 -3.62 5.78 -12.05
CA THR A 105 -2.70 6.67 -12.75
C THR A 105 -3.44 7.56 -13.75
N GLU A 106 -4.53 7.03 -14.29
CA GLU A 106 -5.33 7.76 -15.26
C GLU A 106 -6.49 8.49 -14.57
N CYS A 107 -7.05 7.87 -13.55
CA CYS A 107 -8.16 8.45 -12.81
C CYS A 107 -7.72 8.91 -11.42
N ALA A 108 -6.98 8.05 -10.73
CA ALA A 108 -6.49 8.35 -9.40
C ALA A 108 -7.62 8.29 -8.37
N ASP A 109 -8.63 7.49 -8.67
CA ASP A 109 -9.78 7.34 -7.77
C ASP A 109 -9.32 6.91 -6.38
N PRO A 110 -10.02 7.41 -5.35
CA PRO A 110 -9.71 7.10 -3.95
C PRO A 110 -10.04 5.65 -3.60
N VAL A 111 -11.04 5.09 -4.27
CA VAL A 111 -11.44 3.71 -4.03
C VAL A 111 -10.36 2.73 -4.49
N GLU A 112 -9.85 2.96 -5.69
CA GLU A 112 -8.81 2.09 -6.25
C GLU A 112 -7.49 2.29 -5.51
N LEU A 113 -7.06 3.55 -5.41
CA LEU A 113 -5.80 3.88 -4.74
C LEU A 113 -5.63 3.06 -3.46
N GLY A 114 -6.69 3.00 -2.66
CA GLY A 114 -6.64 2.25 -1.42
C GLY A 114 -6.29 0.79 -1.64
N ARG A 115 -6.83 0.22 -2.71
CA ARG A 115 -6.57 -1.18 -3.04
C ARG A 115 -5.08 -1.49 -2.95
N LEU A 116 -4.26 -0.58 -3.44
CA LEU A 116 -2.81 -0.75 -3.42
C LEU A 116 -2.27 -0.64 -1.99
N LEU A 117 -2.67 0.43 -1.30
CA LEU A 117 -2.23 0.67 0.06
C LEU A 117 -2.57 -0.52 0.96
N GLN A 118 -3.71 -1.15 0.68
CA GLN A 118 -4.15 -2.30 1.46
C GLN A 118 -3.16 -3.45 1.35
N LEU A 119 -2.67 -3.70 0.14
CA LEU A 119 -1.71 -4.77 -0.08
C LEU A 119 -0.47 -4.59 0.78
N ILE A 120 0.09 -3.38 0.76
CA ILE A 120 1.27 -3.07 1.55
C ILE A 120 1.07 -3.44 3.01
N LEU A 121 0.11 -2.80 3.65
CA LEU A 121 -0.19 -3.06 5.05
C LEU A 121 -0.40 -4.55 5.29
N GLY A 122 -0.99 -5.23 4.31
CA GLY A 122 -1.24 -6.65 4.44
C GLY A 122 0.03 -7.44 4.63
N CYS A 123 1.10 -7.04 3.95
CA CYS A 123 2.38 -7.72 4.07
C CYS A 123 3.08 -7.36 5.36
N ALA A 124 2.82 -6.16 5.86
CA ALA A 124 3.42 -5.69 7.11
C ALA A 124 2.90 -6.49 8.30
N VAL A 125 1.59 -6.68 8.35
CA VAL A 125 0.96 -7.41 9.44
C VAL A 125 1.22 -8.91 9.31
N ASN A 126 1.98 -9.29 8.29
CA ASN A 126 2.29 -10.69 8.04
C ASN A 126 3.80 -10.89 7.87
N CYS A 127 4.58 -10.01 8.50
CA CYS A 127 6.04 -10.10 8.42
C CYS A 127 6.65 -10.27 9.81
N GLU A 128 7.93 -10.59 9.84
CA GLU A 128 8.64 -10.78 11.11
C GLU A 128 8.70 -9.48 11.90
N LYS A 129 8.78 -8.36 11.19
CA LYS A 129 8.83 -7.05 11.83
C LYS A 129 7.43 -6.48 12.02
N LYS A 130 6.43 -7.18 11.49
CA LYS A 130 5.05 -6.74 11.61
C LYS A 130 4.81 -6.02 12.94
N GLN A 131 5.22 -6.66 14.03
CA GLN A 131 5.04 -6.07 15.36
C GLN A 131 5.52 -4.62 15.37
N GLU A 132 6.72 -4.38 14.85
CA GLU A 132 7.28 -3.04 14.81
C GLU A 132 6.32 -2.06 14.14
N HIS A 133 5.43 -2.59 13.29
CA HIS A 133 4.46 -1.77 12.60
C HIS A 133 3.13 -1.74 13.36
N ILE A 134 2.69 -2.90 13.82
CA ILE A 134 1.44 -3.00 14.57
C ILE A 134 1.27 -1.82 15.53
N LYS A 135 2.37 -1.42 16.16
CA LYS A 135 2.35 -0.31 17.10
C LYS A 135 2.00 0.99 16.39
N ASN A 136 2.52 1.15 15.17
CA ASN A 136 2.28 2.35 14.38
C ASN A 136 0.78 2.55 14.15
N ILE A 137 0.01 1.47 14.29
CA ILE A 137 -1.43 1.53 14.11
C ILE A 137 -2.14 1.99 15.37
N MET A 138 -1.80 1.37 16.49
CA MET A 138 -2.39 1.72 17.78
C MET A 138 -2.15 3.19 18.11
N THR A 139 -1.08 3.74 17.56
CA THR A 139 -0.73 5.14 17.80
C THR A 139 -1.59 6.06 16.94
N LEU A 140 -2.38 5.48 16.05
CA LEU A 140 -3.24 6.26 15.17
C LEU A 140 -4.56 6.58 15.85
N GLU A 141 -5.40 7.37 15.18
CA GLU A 141 -6.70 7.75 15.72
C GLU A 141 -7.60 6.53 15.90
N GLU A 142 -8.65 6.71 16.70
CA GLU A 142 -9.60 5.62 16.96
C GLU A 142 -10.22 5.12 15.66
N SER A 143 -10.81 6.04 14.90
CA SER A 143 -11.45 5.68 13.64
C SER A 143 -10.46 4.99 12.70
N VAL A 144 -9.46 5.75 12.25
CA VAL A 144 -8.45 5.21 11.35
C VAL A 144 -7.98 3.84 11.81
N GLN A 145 -7.77 3.69 13.11
CA GLN A 145 -7.32 2.42 13.68
C GLN A 145 -8.25 1.29 13.28
N HIS A 146 -9.55 1.54 13.35
CA HIS A 146 -10.55 0.54 12.99
C HIS A 146 -10.35 0.06 11.56
N VAL A 147 -10.52 0.97 10.60
CA VAL A 147 -10.35 0.64 9.19
C VAL A 147 -9.02 -0.08 8.95
N VAL A 148 -7.96 0.44 9.55
CA VAL A 148 -6.63 -0.15 9.40
C VAL A 148 -6.62 -1.60 9.87
N MET A 149 -7.23 -1.84 11.02
CA MET A 149 -7.30 -3.19 11.59
C MET A 149 -8.23 -4.08 10.78
N THR A 150 -9.29 -3.48 10.24
CA THR A 150 -10.26 -4.21 9.44
C THR A 150 -9.65 -4.69 8.12
N ALA A 151 -8.80 -3.84 7.54
CA ALA A 151 -8.15 -4.18 6.28
C ALA A 151 -7.46 -5.53 6.36
N ILE A 152 -6.73 -5.76 7.46
CA ILE A 152 -6.02 -7.01 7.65
C ILE A 152 -6.97 -8.20 7.60
N GLN A 153 -8.05 -8.13 8.38
CA GLN A 153 -9.04 -9.19 8.42
C GLN A 153 -9.54 -9.52 7.02
N GLU A 154 -9.80 -8.49 6.23
CA GLU A 154 -10.30 -8.67 4.87
C GLU A 154 -9.22 -9.30 3.98
N LEU A 155 -7.97 -8.92 4.22
CA LEU A 155 -6.85 -9.45 3.44
C LEU A 155 -6.71 -10.95 3.63
N MET A 156 -6.82 -11.39 4.89
CA MET A 156 -6.71 -12.81 5.20
C MET A 156 -7.91 -13.58 4.64
N SER A 157 -9.09 -12.99 4.71
CA SER A 157 -10.30 -13.62 4.22
C SER A 157 -10.28 -13.72 2.69
N LYS A 158 -9.84 -12.65 2.05
CA LYS A 158 -9.77 -12.62 0.58
C LYS A 158 -8.64 -13.52 0.09
N SER A 159 -7.51 -13.47 0.76
CA SER A 159 -6.35 -14.29 0.39
C SER A 159 -6.75 -15.75 0.22
N GLY A 160 -6.57 -16.28 -1.00
CA GLY A 160 -6.91 -17.67 -1.26
C GLY A 160 -5.81 -18.63 -0.87
N PRO A 161 -6.19 -19.87 -0.52
CA PRO A 161 -5.24 -20.91 -0.11
C PRO A 161 -4.39 -21.39 -1.28
N SER A 162 -3.56 -22.39 -1.02
CA SER A 162 -2.68 -22.95 -2.04
C SER A 162 -3.19 -24.32 -2.50
N SER A 163 -2.69 -24.78 -3.64
CA SER A 163 -3.08 -26.07 -4.19
C SER A 163 -3.19 -27.11 -3.09
N GLY A 164 -4.22 -27.95 -3.18
CA GLY A 164 -4.41 -28.99 -2.17
C GLY A 164 -4.13 -28.51 -0.77
N GLY A 1 -10.02 25.99 -2.95
CA GLY A 1 -8.92 25.82 -2.03
C GLY A 1 -8.71 24.37 -1.65
N SER A 2 -8.62 24.11 -0.35
CA SER A 2 -8.41 22.74 0.15
C SER A 2 -9.71 22.15 0.67
N SER A 3 -9.80 20.82 0.65
CA SER A 3 -11.00 20.13 1.11
C SER A 3 -10.76 19.49 2.48
N GLY A 4 -9.89 18.49 2.51
CA GLY A 4 -9.59 17.81 3.77
C GLY A 4 -9.42 16.32 3.59
N SER A 5 -8.54 15.92 2.68
CA SER A 5 -8.30 14.51 2.42
C SER A 5 -9.60 13.76 2.21
N SER A 6 -10.48 14.34 1.39
CA SER A 6 -11.77 13.72 1.11
C SER A 6 -11.60 12.36 0.46
N GLY A 7 -12.53 11.45 0.75
CA GLY A 7 -12.46 10.11 0.19
C GLY A 7 -13.01 9.06 1.14
N LEU A 8 -13.20 7.84 0.63
CA LEU A 8 -13.73 6.76 1.44
C LEU A 8 -12.82 6.47 2.64
N PRO A 9 -13.32 5.65 3.57
CA PRO A 9 -12.58 5.29 4.79
C PRO A 9 -11.39 4.37 4.48
N LEU A 10 -11.66 3.30 3.75
CA LEU A 10 -10.60 2.35 3.39
C LEU A 10 -9.33 3.08 2.95
N CYS A 11 -9.51 4.28 2.41
CA CYS A 11 -8.38 5.07 1.94
C CYS A 11 -8.10 6.23 2.90
N ASP A 12 -9.16 6.83 3.43
CA ASP A 12 -9.03 7.94 4.36
C ASP A 12 -8.27 7.51 5.61
N SER A 13 -8.16 6.20 5.81
CA SER A 13 -7.47 5.66 6.98
C SER A 13 -6.03 5.28 6.62
N LEU A 14 -5.88 4.36 5.68
CA LEU A 14 -4.56 3.91 5.25
C LEU A 14 -3.58 5.08 5.18
N ILE A 15 -3.94 6.11 4.43
CA ILE A 15 -3.10 7.28 4.28
C ILE A 15 -2.46 7.67 5.61
N ILE A 16 -3.29 7.79 6.65
CA ILE A 16 -2.79 8.15 7.97
C ILE A 16 -1.72 7.19 8.44
N TRP A 17 -1.93 5.90 8.18
CA TRP A 17 -0.97 4.88 8.59
C TRP A 17 0.32 5.01 7.78
N LEU A 18 0.19 5.17 6.47
CA LEU A 18 1.35 5.31 5.59
C LEU A 18 2.21 6.50 6.01
N GLN A 19 1.56 7.56 6.48
CA GLN A 19 2.27 8.75 6.92
C GLN A 19 3.43 8.40 7.83
N THR A 20 3.22 7.41 8.69
CA THR A 20 4.26 6.98 9.63
C THR A 20 5.61 6.87 8.93
N PHE A 21 5.58 6.65 7.63
CA PHE A 21 6.81 6.53 6.84
C PHE A 21 7.19 7.87 6.22
N LYS A 22 8.21 8.51 6.80
CA LYS A 22 8.68 9.80 6.29
C LYS A 22 9.62 9.61 5.12
N THR A 23 9.40 8.55 4.34
CA THR A 23 10.24 8.26 3.18
C THR A 23 10.47 9.53 2.34
N ALA A 24 11.50 9.49 1.51
CA ALA A 24 11.83 10.62 0.65
C ALA A 24 10.56 11.27 0.10
N SER A 25 9.50 10.49 0.00
CA SER A 25 8.23 10.99 -0.51
C SER A 25 7.14 10.94 0.56
N PRO A 26 6.60 12.12 0.90
CA PRO A 26 5.55 12.23 1.91
C PRO A 26 4.22 11.63 1.45
N CYS A 27 3.27 11.54 2.37
CA CYS A 27 1.96 10.98 2.06
C CYS A 27 0.85 11.85 2.64
N GLN A 28 0.27 12.71 1.79
CA GLN A 28 -0.80 13.60 2.22
C GLN A 28 -2.14 13.09 1.73
N ASP A 29 -2.42 13.28 0.45
CA ASP A 29 -3.68 12.84 -0.14
C ASP A 29 -3.45 11.68 -1.10
N VAL A 30 -4.53 11.19 -1.70
CA VAL A 30 -4.45 10.08 -2.64
C VAL A 30 -3.64 10.47 -3.88
N LYS A 31 -3.90 11.66 -4.40
CA LYS A 31 -3.19 12.15 -5.57
C LYS A 31 -1.70 12.24 -5.31
N GLN A 32 -1.32 12.21 -4.04
CA GLN A 32 0.08 12.30 -3.65
C GLN A 32 0.71 10.91 -3.58
N LEU A 33 -0.10 9.91 -3.29
CA LEU A 33 0.39 8.53 -3.20
C LEU A 33 0.27 7.83 -4.54
N THR A 34 -0.57 8.37 -5.42
CA THR A 34 -0.76 7.79 -6.75
C THR A 34 0.56 7.61 -7.48
N ASN A 35 1.56 8.40 -7.09
CA ASN A 35 2.87 8.33 -7.70
C ASN A 35 3.43 6.91 -7.63
N GLY A 36 3.43 6.34 -6.43
CA GLY A 36 3.94 4.99 -6.26
C GLY A 36 5.23 4.95 -5.49
N VAL A 37 6.05 5.98 -5.66
CA VAL A 37 7.34 6.06 -4.97
C VAL A 37 7.16 5.90 -3.47
N THR A 38 6.18 6.59 -2.91
CA THR A 38 5.91 6.52 -1.48
C THR A 38 5.65 5.08 -1.04
N MET A 39 4.74 4.41 -1.73
CA MET A 39 4.40 3.03 -1.41
C MET A 39 5.63 2.12 -1.54
N ALA A 40 6.39 2.32 -2.61
CA ALA A 40 7.59 1.53 -2.86
C ALA A 40 8.60 1.70 -1.73
N GLN A 41 8.93 2.95 -1.43
CA GLN A 41 9.88 3.25 -0.36
C GLN A 41 9.47 2.60 0.95
N VAL A 42 8.16 2.58 1.21
CA VAL A 42 7.63 1.98 2.43
C VAL A 42 7.79 0.46 2.41
N LEU A 43 7.69 -0.13 1.22
CA LEU A 43 7.83 -1.57 1.07
C LEU A 43 9.25 -2.02 1.38
N HIS A 44 10.20 -1.10 1.25
CA HIS A 44 11.60 -1.41 1.51
C HIS A 44 11.85 -1.53 3.01
N GLN A 45 10.93 -0.98 3.81
CA GLN A 45 11.06 -1.02 5.26
C GLN A 45 10.39 -2.27 5.83
N ILE A 46 9.23 -2.62 5.26
CA ILE A 46 8.49 -3.79 5.71
C ILE A 46 9.36 -5.05 5.64
N ASP A 47 9.76 -5.40 4.43
CA ASP A 47 10.58 -6.59 4.22
C ASP A 47 11.78 -6.27 3.31
N VAL A 48 12.78 -5.61 3.89
CA VAL A 48 13.98 -5.25 3.14
C VAL A 48 14.51 -6.43 2.33
N ALA A 49 14.13 -7.64 2.75
CA ALA A 49 14.57 -8.85 2.07
C ALA A 49 13.97 -8.93 0.67
N TRP A 50 12.67 -8.72 0.57
CA TRP A 50 11.97 -8.78 -0.71
C TRP A 50 12.02 -7.42 -1.42
N PHE A 51 12.11 -6.36 -0.63
CA PHE A 51 12.15 -5.01 -1.18
C PHE A 51 13.47 -4.32 -0.82
N SER A 52 14.50 -4.57 -1.63
CA SER A 52 15.81 -3.97 -1.40
C SER A 52 16.02 -2.74 -2.26
N GLU A 53 17.18 -2.11 -2.13
CA GLU A 53 17.51 -0.92 -2.90
C GLU A 53 17.51 -1.22 -4.40
N SER A 54 17.79 -2.48 -4.74
CA SER A 54 17.84 -2.90 -6.14
C SER A 54 16.47 -2.75 -6.80
N TRP A 55 15.42 -3.04 -6.03
CA TRP A 55 14.05 -2.94 -6.54
C TRP A 55 13.58 -1.49 -6.53
N LEU A 56 13.73 -0.83 -5.39
CA LEU A 56 13.32 0.56 -5.24
C LEU A 56 14.12 1.46 -6.17
N SER A 57 15.23 0.95 -6.68
CA SER A 57 16.09 1.71 -7.57
C SER A 57 15.44 1.87 -8.93
N ARG A 58 14.51 0.99 -9.26
CA ARG A 58 13.81 1.03 -10.54
C ARG A 58 12.63 2.00 -10.48
N ILE A 59 12.36 2.52 -9.29
CA ILE A 59 11.26 3.46 -9.10
C ILE A 59 11.73 4.90 -9.27
N LYS A 60 10.92 5.71 -9.95
CA LYS A 60 11.25 7.10 -10.18
C LYS A 60 10.24 8.03 -9.51
N ASP A 61 10.61 9.29 -9.33
CA ASP A 61 9.72 10.26 -8.71
C ASP A 61 9.37 11.38 -9.68
N ASP A 62 10.10 11.43 -10.80
CA ASP A 62 9.86 12.46 -11.81
C ASP A 62 8.38 12.53 -12.17
N VAL A 63 7.64 11.49 -11.83
CA VAL A 63 6.22 11.44 -12.11
C VAL A 63 5.56 12.80 -11.91
N GLY A 64 6.09 13.57 -10.96
CA GLY A 64 5.55 14.88 -10.68
C GLY A 64 4.95 15.54 -11.91
N ASP A 65 5.74 15.61 -12.98
CA ASP A 65 5.28 16.23 -14.22
C ASP A 65 4.99 15.16 -15.27
N ASN A 66 5.23 13.90 -14.92
CA ASN A 66 4.99 12.78 -15.82
C ASN A 66 3.98 11.81 -15.25
N TRP A 67 2.97 11.47 -16.04
CA TRP A 67 1.93 10.55 -15.60
C TRP A 67 2.28 9.12 -15.98
N ARG A 68 3.02 8.97 -17.08
CA ARG A 68 3.43 7.66 -17.56
C ARG A 68 4.36 6.98 -16.56
N ILE A 69 5.32 7.74 -16.05
CA ILE A 69 6.28 7.20 -15.09
C ILE A 69 5.57 6.55 -13.90
N LYS A 70 4.41 7.09 -13.55
CA LYS A 70 3.63 6.57 -12.44
C LYS A 70 3.26 5.10 -12.67
N ALA A 71 2.42 4.85 -13.67
CA ALA A 71 2.00 3.50 -14.00
C ALA A 71 3.17 2.52 -13.89
N SER A 72 4.31 2.90 -14.46
CA SER A 72 5.49 2.05 -14.43
C SER A 72 5.84 1.67 -12.99
N ASN A 73 5.70 2.62 -12.08
CA ASN A 73 6.01 2.39 -10.67
C ASN A 73 4.90 1.57 -10.00
N LEU A 74 3.70 2.14 -9.99
CA LEU A 74 2.56 1.46 -9.37
C LEU A 74 2.58 -0.03 -9.68
N LYS A 75 3.08 -0.38 -10.86
CA LYS A 75 3.15 -1.78 -11.27
C LYS A 75 4.09 -2.56 -10.36
N LYS A 76 5.34 -2.10 -10.26
CA LYS A 76 6.34 -2.76 -9.42
C LYS A 76 5.84 -2.86 -7.98
N VAL A 77 5.36 -1.75 -7.44
CA VAL A 77 4.84 -1.73 -6.07
C VAL A 77 3.81 -2.83 -5.85
N LEU A 78 2.89 -2.96 -6.79
CA LEU A 78 1.84 -3.97 -6.70
C LEU A 78 2.42 -5.37 -6.83
N HIS A 79 3.05 -5.63 -7.98
CA HIS A 79 3.66 -6.94 -8.24
C HIS A 79 4.59 -7.34 -7.09
N GLY A 80 5.24 -6.35 -6.48
CA GLY A 80 6.14 -6.63 -5.39
C GLY A 80 5.42 -7.21 -4.17
N ILE A 81 4.17 -6.81 -3.98
CA ILE A 81 3.40 -7.30 -2.86
C ILE A 81 2.78 -8.66 -3.16
N THR A 82 2.04 -8.75 -4.25
CA THR A 82 1.40 -9.99 -4.66
C THR A 82 2.41 -11.13 -4.72
N SER A 83 3.65 -10.80 -5.09
CA SER A 83 4.71 -11.79 -5.19
C SER A 83 5.13 -12.28 -3.81
N TYR A 84 5.04 -11.40 -2.82
CA TYR A 84 5.41 -11.74 -1.46
C TYR A 84 4.38 -12.66 -0.82
N TYR A 85 3.18 -12.68 -1.39
CA TYR A 85 2.10 -13.52 -0.88
C TYR A 85 2.16 -14.91 -1.50
N HIS A 86 2.73 -15.00 -2.70
CA HIS A 86 2.85 -16.28 -3.40
C HIS A 86 4.21 -16.91 -3.14
N GLU A 87 5.20 -16.08 -2.83
CA GLU A 87 6.55 -16.57 -2.56
C GLU A 87 6.77 -16.77 -1.06
N PHE A 88 6.82 -15.66 -0.33
CA PHE A 88 7.03 -15.71 1.11
C PHE A 88 5.92 -16.52 1.79
N LEU A 89 4.72 -15.95 1.83
CA LEU A 89 3.58 -16.61 2.44
C LEU A 89 3.17 -17.84 1.65
N GLY A 90 3.04 -17.68 0.33
CA GLY A 90 2.65 -18.80 -0.51
C GLY A 90 1.23 -18.68 -1.02
N GLN A 91 0.41 -17.91 -0.30
CA GLN A 91 -0.99 -17.71 -0.69
C GLN A 91 -1.10 -16.80 -1.90
N GLN A 92 -2.33 -16.51 -2.31
CA GLN A 92 -2.57 -15.65 -3.46
C GLN A 92 -3.48 -14.48 -3.08
N ILE A 93 -3.82 -13.67 -4.08
CA ILE A 93 -4.69 -12.52 -3.85
C ILE A 93 -5.93 -12.57 -4.73
N SER A 94 -7.09 -12.31 -4.14
CA SER A 94 -8.34 -12.34 -4.87
C SER A 94 -8.53 -11.07 -5.70
N GLU A 95 -9.17 -11.21 -6.85
CA GLU A 95 -9.40 -10.08 -7.73
C GLU A 95 -10.04 -8.92 -6.98
N GLU A 96 -10.58 -9.21 -5.80
CA GLU A 96 -11.23 -8.20 -4.99
C GLU A 96 -10.20 -7.22 -4.42
N LEU A 97 -8.99 -7.73 -4.15
CA LEU A 97 -7.92 -6.90 -3.61
C LEU A 97 -7.10 -6.27 -4.73
N ILE A 98 -6.98 -6.98 -5.84
CA ILE A 98 -6.23 -6.49 -6.99
C ILE A 98 -6.59 -5.04 -7.31
N PRO A 99 -5.69 -4.12 -6.96
CA PRO A 99 -5.89 -2.68 -7.20
C PRO A 99 -5.82 -2.33 -8.68
N ASP A 100 -6.54 -1.29 -9.07
CA ASP A 100 -6.55 -0.84 -10.45
C ASP A 100 -5.68 0.40 -10.64
N LEU A 101 -4.45 0.19 -11.06
CA LEU A 101 -3.51 1.29 -11.28
C LEU A 101 -3.95 2.15 -12.46
N ASN A 102 -4.38 1.49 -13.54
CA ASN A 102 -4.82 2.19 -14.74
C ASN A 102 -5.87 3.25 -14.39
N GLN A 103 -6.63 3.00 -13.34
CA GLN A 103 -7.66 3.93 -12.90
C GLN A 103 -7.12 4.88 -11.83
N ILE A 104 -6.01 4.50 -11.22
CA ILE A 104 -5.40 5.31 -10.17
C ILE A 104 -4.40 6.30 -10.77
N THR A 105 -3.89 5.99 -11.95
CA THR A 105 -2.93 6.86 -12.63
C THR A 105 -3.64 7.81 -13.58
N GLU A 106 -4.77 7.38 -14.12
CA GLU A 106 -5.54 8.21 -15.04
C GLU A 106 -6.65 8.96 -14.31
N CYS A 107 -7.23 8.30 -13.31
CA CYS A 107 -8.31 8.91 -12.53
C CYS A 107 -7.82 9.27 -11.12
N ALA A 108 -7.12 8.32 -10.49
CA ALA A 108 -6.61 8.53 -9.15
C ALA A 108 -7.73 8.43 -8.11
N ASP A 109 -8.78 7.71 -8.45
CA ASP A 109 -9.91 7.54 -7.55
C ASP A 109 -9.44 7.11 -6.17
N PRO A 110 -10.11 7.64 -5.13
CA PRO A 110 -9.78 7.32 -3.72
C PRO A 110 -10.14 5.89 -3.35
N VAL A 111 -11.12 5.33 -4.06
CA VAL A 111 -11.56 3.97 -3.80
C VAL A 111 -10.53 2.95 -4.31
N GLU A 112 -9.96 3.23 -5.48
CA GLU A 112 -8.98 2.34 -6.08
C GLU A 112 -7.63 2.49 -5.38
N LEU A 113 -7.21 3.74 -5.18
CA LEU A 113 -5.94 4.01 -4.52
C LEU A 113 -5.77 3.18 -3.27
N GLY A 114 -6.80 3.18 -2.42
CA GLY A 114 -6.75 2.41 -1.18
C GLY A 114 -6.43 0.95 -1.42
N ARG A 115 -6.94 0.41 -2.53
CA ARG A 115 -6.72 -0.98 -2.88
C ARG A 115 -5.22 -1.32 -2.82
N LEU A 116 -4.40 -0.44 -3.36
CA LEU A 116 -2.96 -0.63 -3.38
C LEU A 116 -2.39 -0.59 -1.96
N LEU A 117 -2.66 0.50 -1.26
CA LEU A 117 -2.18 0.67 0.12
C LEU A 117 -2.47 -0.58 0.95
N GLN A 118 -3.67 -1.13 0.79
CA GLN A 118 -4.07 -2.32 1.53
C GLN A 118 -3.04 -3.43 1.36
N LEU A 119 -2.68 -3.72 0.11
CA LEU A 119 -1.70 -4.76 -0.19
C LEU A 119 -0.45 -4.59 0.66
N ILE A 120 0.03 -3.37 0.77
CA ILE A 120 1.22 -3.08 1.56
C ILE A 120 0.99 -3.38 3.03
N LEU A 121 -0.16 -2.96 3.55
CA LEU A 121 -0.51 -3.20 4.94
C LEU A 121 -0.45 -4.68 5.28
N GLY A 122 -1.13 -5.50 4.46
CA GLY A 122 -1.15 -6.93 4.69
C GLY A 122 0.24 -7.49 4.92
N CYS A 123 1.15 -7.22 3.99
CA CYS A 123 2.52 -7.70 4.10
C CYS A 123 3.21 -7.12 5.33
N ALA A 124 2.73 -5.98 5.81
CA ALA A 124 3.29 -5.33 6.98
C ALA A 124 2.80 -5.99 8.26
N VAL A 125 1.80 -6.86 8.13
CA VAL A 125 1.24 -7.56 9.28
C VAL A 125 1.51 -9.06 9.20
N ASN A 126 2.36 -9.45 8.25
CA ASN A 126 2.71 -10.85 8.07
C ASN A 126 4.21 -11.03 7.92
N CYS A 127 4.98 -10.25 8.67
CA CYS A 127 6.43 -10.31 8.62
C CYS A 127 7.03 -10.41 10.02
N GLU A 128 8.35 -10.42 10.09
CA GLU A 128 9.04 -10.53 11.37
C GLU A 128 8.92 -9.23 12.16
N LYS A 129 8.98 -8.10 11.44
CA LYS A 129 8.87 -6.78 12.07
C LYS A 129 7.42 -6.35 12.17
N LYS A 130 6.53 -7.15 11.60
CA LYS A 130 5.10 -6.84 11.62
C LYS A 130 4.72 -6.10 12.90
N GLN A 131 5.09 -6.68 14.04
CA GLN A 131 4.79 -6.08 15.34
C GLN A 131 5.22 -4.62 15.37
N GLU A 132 6.43 -4.34 14.89
CA GLU A 132 6.95 -2.98 14.87
C GLU A 132 5.99 -2.04 14.14
N HIS A 133 5.17 -2.61 13.27
CA HIS A 133 4.21 -1.83 12.50
C HIS A 133 2.85 -1.82 13.20
N ILE A 134 2.47 -2.96 13.76
CA ILE A 134 1.20 -3.07 14.46
C ILE A 134 1.03 -1.95 15.48
N LYS A 135 2.10 -1.63 16.19
CA LYS A 135 2.08 -0.58 17.19
C LYS A 135 1.78 0.77 16.56
N ASN A 136 2.29 0.99 15.36
CA ASN A 136 2.07 2.24 14.64
C ASN A 136 0.58 2.48 14.41
N ILE A 137 -0.15 1.40 14.17
CA ILE A 137 -1.59 1.49 13.93
C ILE A 137 -2.32 1.96 15.18
N MET A 138 -1.93 1.44 16.33
CA MET A 138 -2.55 1.81 17.60
C MET A 138 -2.32 3.28 17.91
N THR A 139 -1.12 3.77 17.58
CA THR A 139 -0.76 5.17 17.82
C THR A 139 -1.66 6.10 17.02
N LEU A 140 -2.39 5.54 16.07
CA LEU A 140 -3.29 6.33 15.23
C LEU A 140 -4.59 6.64 15.96
N GLU A 141 -5.53 7.25 15.25
CA GLU A 141 -6.82 7.61 15.83
C GLU A 141 -7.74 6.39 15.86
N GLU A 142 -8.74 6.44 16.74
CA GLU A 142 -9.70 5.35 16.88
C GLU A 142 -10.29 4.97 15.53
N SER A 143 -10.89 5.95 14.86
CA SER A 143 -11.50 5.72 13.55
C SER A 143 -10.53 5.03 12.62
N VAL A 144 -9.47 5.74 12.23
CA VAL A 144 -8.46 5.19 11.33
C VAL A 144 -7.98 3.82 11.81
N GLN A 145 -7.91 3.66 13.13
CA GLN A 145 -7.46 2.40 13.71
C GLN A 145 -8.40 1.25 13.31
N HIS A 146 -9.68 1.56 13.18
CA HIS A 146 -10.66 0.56 12.80
C HIS A 146 -10.43 0.07 11.37
N VAL A 147 -10.48 0.99 10.42
CA VAL A 147 -10.27 0.65 9.02
C VAL A 147 -8.93 -0.05 8.82
N VAL A 148 -7.87 0.59 9.29
CA VAL A 148 -6.52 0.03 9.17
C VAL A 148 -6.48 -1.41 9.68
N MET A 149 -7.25 -1.68 10.73
CA MET A 149 -7.29 -3.02 11.31
C MET A 149 -8.19 -3.94 10.50
N THR A 150 -9.23 -3.37 9.89
CA THR A 150 -10.16 -4.13 9.08
C THR A 150 -9.48 -4.67 7.82
N ALA A 151 -8.88 -3.77 7.05
CA ALA A 151 -8.20 -4.15 5.82
C ALA A 151 -7.42 -5.45 6.01
N ILE A 152 -6.85 -5.63 7.20
CA ILE A 152 -6.08 -6.83 7.51
C ILE A 152 -6.97 -8.06 7.51
N GLN A 153 -8.12 -7.97 8.19
CA GLN A 153 -9.05 -9.08 8.27
C GLN A 153 -9.44 -9.57 6.89
N GLU A 154 -9.81 -8.64 6.02
CA GLU A 154 -10.20 -8.98 4.66
C GLU A 154 -9.06 -9.68 3.91
N LEU A 155 -7.84 -9.17 4.12
CA LEU A 155 -6.66 -9.73 3.46
C LEU A 155 -6.52 -11.21 3.80
N MET A 156 -6.96 -11.59 4.99
CA MET A 156 -6.88 -12.98 5.43
C MET A 156 -8.13 -13.75 5.03
N SER A 157 -9.18 -13.01 4.65
CA SER A 157 -10.43 -13.64 4.24
C SER A 157 -10.48 -13.83 2.74
N LYS A 158 -9.52 -13.23 2.04
CA LYS A 158 -9.45 -13.34 0.59
C LYS A 158 -8.33 -14.30 0.17
N SER A 159 -7.64 -14.86 1.16
CA SER A 159 -6.54 -15.79 0.90
C SER A 159 -7.00 -16.90 -0.05
N GLY A 160 -6.07 -17.80 -0.37
CA GLY A 160 -6.39 -18.91 -1.26
C GLY A 160 -5.52 -20.12 -1.00
N PRO A 161 -5.78 -20.83 0.11
CA PRO A 161 -5.03 -22.03 0.49
C PRO A 161 -5.32 -23.20 -0.45
N SER A 162 -4.30 -23.60 -1.22
CA SER A 162 -4.44 -24.71 -2.15
C SER A 162 -4.42 -26.04 -1.41
N SER A 163 -5.11 -27.03 -1.97
CA SER A 163 -5.17 -28.36 -1.36
C SER A 163 -3.88 -29.12 -1.59
N GLY A 164 -3.67 -30.18 -0.81
CA GLY A 164 -2.47 -30.98 -0.94
C GLY A 164 -2.69 -32.43 -0.53
N GLY A 1 -5.12 20.25 13.82
CA GLY A 1 -3.92 19.71 13.21
C GLY A 1 -4.00 19.65 11.70
N SER A 2 -4.82 18.73 11.20
CA SER A 2 -4.98 18.57 9.76
C SER A 2 -6.19 19.36 9.26
N SER A 3 -6.36 19.40 7.94
CA SER A 3 -7.46 20.13 7.33
C SER A 3 -8.77 19.35 7.47
N GLY A 4 -8.79 18.13 6.94
CA GLY A 4 -9.97 17.31 7.02
C GLY A 4 -9.78 15.94 6.38
N SER A 5 -10.88 15.22 6.20
CA SER A 5 -10.82 13.90 5.59
C SER A 5 -11.79 13.79 4.41
N SER A 6 -11.28 13.29 3.29
CA SER A 6 -12.09 13.14 2.09
C SER A 6 -11.95 11.73 1.52
N GLY A 7 -12.94 11.31 0.74
CA GLY A 7 -12.93 9.99 0.14
C GLY A 7 -13.44 8.92 1.08
N LEU A 8 -13.42 7.68 0.63
CA LEU A 8 -13.89 6.56 1.44
C LEU A 8 -12.94 6.28 2.60
N PRO A 9 -13.40 5.45 3.54
CA PRO A 9 -12.60 5.08 4.72
C PRO A 9 -11.42 4.20 4.37
N LEU A 10 -11.68 3.13 3.62
CA LEU A 10 -10.64 2.19 3.21
C LEU A 10 -9.39 2.94 2.75
N CYS A 11 -9.60 4.15 2.23
CA CYS A 11 -8.49 4.97 1.74
C CYS A 11 -8.22 6.13 2.70
N ASP A 12 -9.28 6.67 3.28
CA ASP A 12 -9.16 7.78 4.22
C ASP A 12 -8.43 7.34 5.49
N SER A 13 -8.18 6.05 5.61
CA SER A 13 -7.51 5.50 6.78
C SER A 13 -6.06 5.12 6.44
N LEU A 14 -5.90 4.26 5.44
CA LEU A 14 -4.57 3.81 5.03
C LEU A 14 -3.58 4.97 5.05
N ILE A 15 -3.98 6.11 4.50
CA ILE A 15 -3.13 7.29 4.47
C ILE A 15 -2.56 7.59 5.85
N ILE A 16 -3.45 7.66 6.84
CA ILE A 16 -3.04 7.95 8.20
C ILE A 16 -1.93 7.00 8.66
N TRP A 17 -1.97 5.77 8.17
CA TRP A 17 -0.97 4.78 8.52
C TRP A 17 0.28 4.93 7.66
N LEU A 18 0.08 5.26 6.39
CA LEU A 18 1.20 5.44 5.47
C LEU A 18 1.99 6.71 5.82
N GLN A 19 1.33 7.66 6.48
CA GLN A 19 1.97 8.90 6.86
C GLN A 19 3.19 8.64 7.74
N THR A 20 3.06 7.68 8.65
CA THR A 20 4.16 7.33 9.55
C THR A 20 5.48 7.23 8.80
N PHE A 21 5.40 6.90 7.51
CA PHE A 21 6.58 6.76 6.68
C PHE A 21 6.95 8.10 6.04
N LYS A 22 7.98 8.74 6.58
CA LYS A 22 8.43 10.03 6.07
C LYS A 22 9.39 9.84 4.88
N THR A 23 9.26 8.70 4.21
CA THR A 23 10.10 8.40 3.05
C THR A 23 10.28 9.63 2.17
N ALA A 24 11.27 9.57 1.29
CA ALA A 24 11.55 10.67 0.38
C ALA A 24 10.27 11.27 -0.18
N SER A 25 9.25 10.43 -0.31
CA SER A 25 7.96 10.88 -0.84
C SER A 25 6.92 10.95 0.27
N PRO A 26 6.36 12.16 0.46
CA PRO A 26 5.33 12.40 1.49
C PRO A 26 4.01 11.72 1.16
N CYS A 27 3.12 11.68 2.14
CA CYS A 27 1.81 11.06 1.95
C CYS A 27 0.70 11.94 2.53
N GLN A 28 0.18 12.85 1.70
CA GLN A 28 -0.89 13.74 2.14
C GLN A 28 -2.23 13.30 1.59
N ASP A 29 -2.45 13.53 0.30
CA ASP A 29 -3.70 13.16 -0.35
C ASP A 29 -3.52 11.90 -1.19
N VAL A 30 -4.58 11.51 -1.89
CA VAL A 30 -4.54 10.32 -2.73
C VAL A 30 -3.78 10.58 -4.02
N LYS A 31 -3.97 11.77 -4.58
CA LYS A 31 -3.30 12.15 -5.82
C LYS A 31 -1.79 12.19 -5.63
N GLN A 32 -1.36 12.42 -4.39
CA GLN A 32 0.06 12.48 -4.08
C GLN A 32 0.66 11.08 -3.94
N LEU A 33 -0.19 10.11 -3.61
CA LEU A 33 0.25 8.73 -3.45
C LEU A 33 0.19 7.98 -4.77
N THR A 34 -0.73 8.40 -5.64
CA THR A 34 -0.89 7.77 -6.95
C THR A 34 0.46 7.61 -7.65
N ASN A 35 1.43 8.42 -7.24
CA ASN A 35 2.76 8.37 -7.83
C ASN A 35 3.35 6.96 -7.73
N GLY A 36 3.28 6.38 -6.53
CA GLY A 36 3.81 5.04 -6.33
C GLY A 36 5.06 5.04 -5.48
N VAL A 37 5.97 5.98 -5.76
CA VAL A 37 7.22 6.08 -5.01
C VAL A 37 6.99 5.89 -3.52
N THR A 38 6.18 6.76 -2.93
CA THR A 38 5.88 6.69 -1.51
C THR A 38 5.67 5.24 -1.07
N MET A 39 4.81 4.52 -1.78
CA MET A 39 4.52 3.13 -1.46
C MET A 39 5.78 2.28 -1.55
N ALA A 40 6.41 2.26 -2.73
CA ALA A 40 7.62 1.49 -2.95
C ALA A 40 8.61 1.71 -1.81
N GLN A 41 8.91 2.96 -1.51
CA GLN A 41 9.85 3.29 -0.45
C GLN A 41 9.41 2.65 0.87
N VAL A 42 8.13 2.74 1.17
CA VAL A 42 7.59 2.16 2.40
C VAL A 42 7.75 0.65 2.42
N LEU A 43 7.53 0.02 1.27
CA LEU A 43 7.66 -1.43 1.15
C LEU A 43 9.09 -1.88 1.43
N HIS A 44 10.04 -1.00 1.13
CA HIS A 44 11.46 -1.31 1.36
C HIS A 44 11.76 -1.38 2.84
N GLN A 45 10.83 -0.92 3.66
CA GLN A 45 11.01 -0.93 5.11
C GLN A 45 10.36 -2.17 5.72
N ILE A 46 9.17 -2.50 5.25
CA ILE A 46 8.44 -3.67 5.75
C ILE A 46 9.31 -4.91 5.71
N ASP A 47 9.73 -5.29 4.50
CA ASP A 47 10.57 -6.47 4.31
C ASP A 47 11.75 -6.16 3.40
N VAL A 48 12.77 -5.52 3.95
CA VAL A 48 13.95 -5.15 3.17
C VAL A 48 14.44 -6.33 2.34
N ALA A 49 14.07 -7.54 2.75
CA ALA A 49 14.47 -8.75 2.05
C ALA A 49 13.81 -8.83 0.68
N TRP A 50 12.50 -8.62 0.65
CA TRP A 50 11.75 -8.67 -0.60
C TRP A 50 11.78 -7.33 -1.31
N PHE A 51 11.96 -6.26 -0.53
CA PHE A 51 12.01 -4.91 -1.09
C PHE A 51 13.35 -4.24 -0.77
N SER A 52 14.39 -4.63 -1.50
CA SER A 52 15.72 -4.08 -1.28
C SER A 52 15.96 -2.89 -2.21
N GLU A 53 16.93 -2.05 -1.84
CA GLU A 53 17.26 -0.87 -2.64
C GLU A 53 17.23 -1.19 -4.12
N SER A 54 17.75 -2.36 -4.48
CA SER A 54 17.78 -2.78 -5.88
C SER A 54 16.41 -2.64 -6.52
N TRP A 55 15.40 -3.18 -5.87
CA TRP A 55 14.03 -3.10 -6.37
C TRP A 55 13.54 -1.66 -6.43
N LEU A 56 13.70 -0.95 -5.33
CA LEU A 56 13.27 0.45 -5.25
C LEU A 56 14.08 1.32 -6.21
N SER A 57 15.24 0.81 -6.63
CA SER A 57 16.10 1.55 -7.55
C SER A 57 15.41 1.75 -8.89
N ARG A 58 14.49 0.85 -9.23
CA ARG A 58 13.76 0.93 -10.48
C ARG A 58 12.59 1.91 -10.37
N ILE A 59 12.33 2.37 -9.15
CA ILE A 59 11.24 3.30 -8.91
C ILE A 59 11.71 4.75 -9.08
N LYS A 60 10.92 5.55 -9.78
CA LYS A 60 11.25 6.95 -10.01
C LYS A 60 10.21 7.87 -9.40
N ASP A 61 10.58 9.12 -9.17
CA ASP A 61 9.66 10.10 -8.60
C ASP A 61 9.42 11.26 -9.56
N ASP A 62 10.17 11.27 -10.66
CA ASP A 62 10.02 12.32 -11.67
C ASP A 62 8.58 12.47 -12.11
N VAL A 63 7.76 11.47 -11.79
CA VAL A 63 6.35 11.49 -12.15
C VAL A 63 5.76 12.89 -12.00
N GLY A 64 6.35 13.67 -11.09
CA GLY A 64 5.87 15.02 -10.86
C GLY A 64 5.27 15.65 -12.11
N ASP A 65 6.05 15.67 -13.19
CA ASP A 65 5.59 16.24 -14.45
C ASP A 65 5.25 15.13 -15.46
N ASN A 66 5.47 13.89 -15.05
CA ASN A 66 5.18 12.74 -15.92
C ASN A 66 4.11 11.86 -15.31
N TRP A 67 3.09 11.55 -16.11
CA TRP A 67 1.99 10.71 -15.64
C TRP A 67 2.25 9.24 -15.98
N ARG A 68 3.01 9.01 -17.04
CA ARG A 68 3.33 7.65 -17.47
C ARG A 68 4.27 6.98 -16.46
N ILE A 69 5.28 7.71 -16.01
CA ILE A 69 6.23 7.19 -15.05
C ILE A 69 5.53 6.62 -13.82
N LYS A 70 4.39 7.22 -13.47
CA LYS A 70 3.63 6.77 -12.31
C LYS A 70 3.25 5.29 -12.45
N ALA A 71 2.46 4.98 -13.47
CA ALA A 71 2.02 3.61 -13.71
C ALA A 71 3.18 2.63 -13.52
N SER A 72 4.24 2.82 -14.29
CA SER A 72 5.42 1.96 -14.21
C SER A 72 5.68 1.54 -12.76
N ASN A 73 5.78 2.53 -11.88
CA ASN A 73 6.04 2.28 -10.47
C ASN A 73 4.89 1.51 -9.84
N LEU A 74 3.69 2.07 -9.92
CA LEU A 74 2.51 1.43 -9.35
C LEU A 74 2.50 -0.07 -9.64
N LYS A 75 2.94 -0.43 -10.84
CA LYS A 75 3.00 -1.83 -11.25
C LYS A 75 3.94 -2.62 -10.35
N LYS A 76 5.20 -2.19 -10.31
CA LYS A 76 6.21 -2.85 -9.49
C LYS A 76 5.76 -2.94 -8.04
N VAL A 77 5.20 -1.85 -7.52
CA VAL A 77 4.72 -1.81 -6.15
C VAL A 77 3.63 -2.84 -5.91
N LEU A 78 2.76 -3.03 -6.90
CA LEU A 78 1.67 -3.98 -6.80
C LEU A 78 2.20 -5.42 -6.83
N HIS A 79 2.98 -5.73 -7.85
CA HIS A 79 3.56 -7.07 -7.99
C HIS A 79 4.50 -7.38 -6.83
N GLY A 80 5.18 -6.35 -6.34
CA GLY A 80 6.10 -6.53 -5.24
C GLY A 80 5.42 -7.08 -3.99
N ILE A 81 4.12 -6.84 -3.88
CA ILE A 81 3.35 -7.31 -2.74
C ILE A 81 2.70 -8.66 -3.03
N THR A 82 1.97 -8.74 -4.14
CA THR A 82 1.31 -9.97 -4.53
C THR A 82 2.25 -11.15 -4.46
N SER A 83 3.40 -11.03 -5.13
CA SER A 83 4.39 -12.09 -5.14
C SER A 83 4.75 -12.53 -3.72
N TYR A 84 4.82 -11.56 -2.82
CA TYR A 84 5.15 -11.84 -1.42
C TYR A 84 4.08 -12.70 -0.77
N TYR A 85 2.93 -12.81 -1.43
CA TYR A 85 1.81 -13.60 -0.91
C TYR A 85 1.82 -15.00 -1.51
N HIS A 86 2.30 -15.11 -2.74
CA HIS A 86 2.36 -16.40 -3.43
C HIS A 86 3.69 -17.09 -3.15
N GLU A 87 4.71 -16.31 -2.86
CA GLU A 87 6.03 -16.85 -2.57
C GLU A 87 6.24 -17.02 -1.07
N PHE A 88 6.37 -15.89 -0.36
CA PHE A 88 6.57 -15.91 1.08
C PHE A 88 5.43 -16.65 1.78
N LEU A 89 4.26 -16.03 1.78
CA LEU A 89 3.09 -16.62 2.43
C LEU A 89 2.62 -17.86 1.67
N GLY A 90 2.57 -17.75 0.34
CA GLY A 90 2.13 -18.87 -0.48
C GLY A 90 0.72 -18.69 -1.01
N GLN A 91 -0.08 -17.89 -0.31
CA GLN A 91 -1.45 -17.64 -0.71
C GLN A 91 -1.51 -16.71 -1.92
N GLN A 92 -2.71 -16.48 -2.43
CA GLN A 92 -2.90 -15.61 -3.58
C GLN A 92 -3.78 -14.41 -3.22
N ILE A 93 -4.09 -13.59 -4.22
CA ILE A 93 -4.92 -12.42 -4.01
C ILE A 93 -6.10 -12.40 -4.97
N SER A 94 -7.28 -12.10 -4.43
CA SER A 94 -8.50 -12.06 -5.24
C SER A 94 -8.59 -10.73 -6.01
N GLU A 95 -9.21 -10.79 -7.18
CA GLU A 95 -9.37 -9.60 -8.02
C GLU A 95 -10.00 -8.46 -7.22
N GLU A 96 -10.58 -8.80 -6.08
CA GLU A 96 -11.23 -7.80 -5.23
C GLU A 96 -10.18 -6.89 -4.58
N LEU A 97 -9.00 -7.44 -4.34
CA LEU A 97 -7.91 -6.68 -3.71
C LEU A 97 -7.00 -6.07 -4.78
N ILE A 98 -6.94 -6.72 -5.94
CA ILE A 98 -6.10 -6.23 -7.02
C ILE A 98 -6.40 -4.77 -7.34
N PRO A 99 -5.46 -3.89 -6.97
CA PRO A 99 -5.59 -2.44 -7.21
C PRO A 99 -5.49 -2.08 -8.69
N ASP A 100 -6.44 -1.31 -9.16
CA ASP A 100 -6.46 -0.89 -10.57
C ASP A 100 -5.58 0.35 -10.78
N LEU A 101 -4.29 0.12 -10.98
CA LEU A 101 -3.34 1.20 -11.20
C LEU A 101 -3.79 2.10 -12.34
N ASN A 102 -4.30 1.49 -13.42
CA ASN A 102 -4.77 2.23 -14.57
C ASN A 102 -5.80 3.27 -14.17
N GLN A 103 -6.61 2.94 -13.16
CA GLN A 103 -7.65 3.85 -12.69
C GLN A 103 -7.09 4.78 -11.62
N ILE A 104 -5.88 4.50 -11.16
CA ILE A 104 -5.24 5.32 -10.13
C ILE A 104 -4.27 6.32 -10.76
N THR A 105 -3.78 5.98 -11.96
CA THR A 105 -2.85 6.86 -12.67
C THR A 105 -3.59 7.75 -13.66
N GLU A 106 -4.67 7.23 -14.22
CA GLU A 106 -5.46 7.99 -15.20
C GLU A 106 -6.64 8.69 -14.52
N CYS A 107 -7.19 8.03 -13.50
CA CYS A 107 -8.33 8.58 -12.78
C CYS A 107 -7.92 9.02 -11.38
N ALA A 108 -7.11 8.20 -10.72
CA ALA A 108 -6.64 8.49 -9.37
C ALA A 108 -7.77 8.35 -8.35
N ASP A 109 -8.76 7.54 -8.68
CA ASP A 109 -9.89 7.30 -7.79
C ASP A 109 -9.42 6.91 -6.40
N PRO A 110 -10.13 7.42 -5.37
CA PRO A 110 -9.80 7.13 -3.97
C PRO A 110 -10.08 5.69 -3.60
N VAL A 111 -11.14 5.12 -4.19
CA VAL A 111 -11.51 3.75 -3.91
C VAL A 111 -10.44 2.77 -4.38
N GLU A 112 -9.85 3.06 -5.54
CA GLU A 112 -8.81 2.22 -6.11
C GLU A 112 -7.48 2.46 -5.41
N LEU A 113 -7.12 3.73 -5.23
CA LEU A 113 -5.88 4.10 -4.58
C LEU A 113 -5.65 3.28 -3.31
N GLY A 114 -6.71 3.12 -2.53
CA GLY A 114 -6.63 2.36 -1.30
C GLY A 114 -6.28 0.90 -1.54
N ARG A 115 -6.80 0.35 -2.63
CA ARG A 115 -6.54 -1.05 -2.96
C ARG A 115 -5.05 -1.35 -2.90
N LEU A 116 -4.24 -0.40 -3.35
CA LEU A 116 -2.79 -0.57 -3.35
C LEU A 116 -2.23 -0.45 -1.94
N LEU A 117 -2.60 0.62 -1.24
CA LEU A 117 -2.13 0.85 0.12
C LEU A 117 -2.49 -0.34 1.02
N GLN A 118 -3.65 -0.93 0.77
CA GLN A 118 -4.10 -2.07 1.56
C GLN A 118 -3.15 -3.25 1.40
N LEU A 119 -2.69 -3.47 0.18
CA LEU A 119 -1.76 -4.57 -0.10
C LEU A 119 -0.47 -4.42 0.68
N ILE A 120 0.01 -3.18 0.80
CA ILE A 120 1.23 -2.90 1.52
C ILE A 120 1.08 -3.23 3.00
N LEU A 121 -0.02 -2.78 3.60
CA LEU A 121 -0.28 -3.03 5.01
C LEU A 121 -0.48 -4.52 5.27
N GLY A 122 -0.84 -5.26 4.23
CA GLY A 122 -1.04 -6.69 4.37
C GLY A 122 0.25 -7.43 4.67
N CYS A 123 1.36 -6.93 4.14
CA CYS A 123 2.66 -7.55 4.36
C CYS A 123 3.30 -7.03 5.64
N ALA A 124 2.72 -5.97 6.20
CA ALA A 124 3.23 -5.39 7.43
C ALA A 124 2.61 -6.05 8.66
N VAL A 125 1.68 -6.96 8.42
CA VAL A 125 1.01 -7.67 9.50
C VAL A 125 1.31 -9.17 9.45
N ASN A 126 2.09 -9.57 8.45
CA ASN A 126 2.45 -10.98 8.29
C ASN A 126 3.95 -11.13 8.05
N CYS A 127 4.74 -10.33 8.75
CA CYS A 127 6.20 -10.38 8.63
C CYS A 127 6.86 -10.49 9.99
N GLU A 128 8.19 -10.55 10.00
CA GLU A 128 8.95 -10.67 11.23
C GLU A 128 8.90 -9.35 12.02
N LYS A 129 8.90 -8.24 11.29
CA LYS A 129 8.87 -6.92 11.90
C LYS A 129 7.43 -6.45 12.08
N LYS A 130 6.48 -7.23 11.57
CA LYS A 130 5.07 -6.89 11.67
C LYS A 130 4.78 -6.14 12.97
N GLN A 131 5.19 -6.73 14.09
CA GLN A 131 4.97 -6.12 15.40
C GLN A 131 5.45 -4.67 15.40
N GLU A 132 6.64 -4.44 14.87
CA GLU A 132 7.21 -3.10 14.82
C GLU A 132 6.25 -2.13 14.14
N HIS A 133 5.37 -2.67 13.30
CA HIS A 133 4.41 -1.85 12.58
C HIS A 133 3.08 -1.79 13.33
N ILE A 134 2.63 -2.95 13.79
CA ILE A 134 1.37 -3.04 14.54
C ILE A 134 1.20 -1.85 15.47
N LYS A 135 2.29 -1.46 16.13
CA LYS A 135 2.26 -0.34 17.06
C LYS A 135 1.93 0.96 16.33
N ASN A 136 2.45 1.11 15.11
CA ASN A 136 2.20 2.30 14.31
C ASN A 136 0.71 2.47 14.04
N ILE A 137 -0.04 1.39 14.21
CA ILE A 137 -1.49 1.42 13.98
C ILE A 137 -2.23 1.85 15.24
N MET A 138 -1.86 1.26 16.37
CA MET A 138 -2.49 1.58 17.64
C MET A 138 -2.25 3.04 18.01
N THR A 139 -1.09 3.56 17.66
CA THR A 139 -0.74 4.94 17.95
C THR A 139 -1.63 5.91 17.18
N LEU A 140 -2.40 5.37 16.25
CA LEU A 140 -3.31 6.19 15.44
C LEU A 140 -4.61 6.46 16.18
N GLU A 141 -5.55 7.11 15.50
CA GLU A 141 -6.83 7.43 16.10
C GLU A 141 -7.73 6.20 16.19
N GLU A 142 -8.81 6.31 16.94
CA GLU A 142 -9.75 5.20 17.12
C GLU A 142 -10.48 4.90 15.80
N SER A 143 -11.08 5.94 15.22
CA SER A 143 -11.82 5.78 13.98
C SER A 143 -10.94 5.13 12.91
N VAL A 144 -9.75 5.65 12.72
CA VAL A 144 -8.81 5.11 11.73
C VAL A 144 -8.34 3.72 12.13
N GLN A 145 -7.84 3.60 13.36
CA GLN A 145 -7.35 2.31 13.85
C GLN A 145 -8.25 1.17 13.39
N HIS A 146 -9.55 1.44 13.32
CA HIS A 146 -10.52 0.45 12.89
C HIS A 146 -10.23 -0.03 11.47
N VAL A 147 -10.37 0.88 10.51
CA VAL A 147 -10.12 0.56 9.11
C VAL A 147 -8.78 -0.13 8.94
N VAL A 148 -7.71 0.57 9.31
CA VAL A 148 -6.37 0.02 9.20
C VAL A 148 -6.31 -1.42 9.68
N MET A 149 -7.09 -1.73 10.71
CA MET A 149 -7.14 -3.07 11.27
C MET A 149 -8.02 -3.98 10.42
N THR A 150 -9.13 -3.42 9.94
CA THR A 150 -10.06 -4.19 9.12
C THR A 150 -9.38 -4.70 7.85
N ALA A 151 -8.70 -3.82 7.14
CA ALA A 151 -8.01 -4.18 5.92
C ALA A 151 -7.34 -5.55 6.06
N ILE A 152 -6.66 -5.76 7.18
CA ILE A 152 -5.98 -7.02 7.44
C ILE A 152 -6.95 -8.19 7.40
N GLN A 153 -8.05 -8.06 8.12
CA GLN A 153 -9.06 -9.12 8.16
C GLN A 153 -9.56 -9.45 6.76
N GLU A 154 -9.74 -8.41 5.94
CA GLU A 154 -10.20 -8.59 4.57
C GLU A 154 -9.14 -9.26 3.71
N LEU A 155 -7.88 -9.00 4.04
CA LEU A 155 -6.77 -9.56 3.29
C LEU A 155 -6.65 -11.07 3.54
N MET A 156 -6.75 -11.46 4.80
CA MET A 156 -6.66 -12.87 5.18
C MET A 156 -7.87 -13.64 4.67
N SER A 157 -9.00 -12.94 4.55
CA SER A 157 -10.23 -13.57 4.08
C SER A 157 -10.11 -13.97 2.62
N LYS A 158 -9.58 -13.06 1.80
CA LYS A 158 -9.41 -13.32 0.37
C LYS A 158 -8.35 -14.38 0.13
N SER A 159 -7.24 -14.28 0.87
CA SER A 159 -6.14 -15.23 0.73
C SER A 159 -6.63 -16.66 0.98
N GLY A 160 -6.59 -17.48 -0.06
CA GLY A 160 -7.02 -18.86 0.06
C GLY A 160 -6.37 -19.58 1.22
N PRO A 161 -6.81 -20.81 1.49
CA PRO A 161 -6.27 -21.63 2.59
C PRO A 161 -4.85 -22.09 2.30
N SER A 162 -4.00 -22.06 3.33
CA SER A 162 -2.61 -22.48 3.19
C SER A 162 -2.40 -23.87 3.78
N SER A 163 -1.54 -24.66 3.15
CA SER A 163 -1.24 -26.01 3.62
C SER A 163 -0.56 -25.97 4.99
N GLY A 164 0.57 -25.28 5.06
CA GLY A 164 1.30 -25.18 6.31
C GLY A 164 1.48 -23.75 6.77
#